data_7DRS
#
_entry.id   7DRS
#
_cell.length_a   111.082
_cell.length_b   138.150
_cell.length_c   293.691
_cell.angle_alpha   90.000
_cell.angle_beta   90.000
_cell.angle_gamma   90.000
#
_symmetry.space_group_name_H-M   'P 21 21 21'
#
_entity_poly.entity_id   1
_entity_poly.type   'polypeptide(L)'
_entity_poly.pdbx_seq_one_letter_code
;METKEIFDAAPLSVSQFLSETGQGLYIPPYQRAYSWELPKIRRLLSDVAHGLDQLAEFEDSICFLGTVIALRDINYTTVE
PKYRSQVPSKVMTIIDGQQRMTTLLLLTTVLHEEIRVRAEKLTRDDEPSVWCYNQALDVTGRLSNCFEEDMRYGEHRYYP
RLIRSYYDVWSRNKGEARYRSPIGYYLESYGAYARDPDAVKPYRHVPIDPDKTDGVDLEAYRHLDRMRDQMRSMLRKAVG
AGVKREDDIQLPTGTDIGQSQNLQFALFNSEFPPSVVEQLEDDAKMTPLTRLIVFANYLLHRVTVAVVTAKREDYGFDMF
EALNTTGQPLTAIETFKPRAIKEEGLDEWQESESKLHFDVVEAYLDREGSSSADKRQTVTSSVLLPFAMFQDGTKLTKRL
NDQRRYLRTVFDKDPDIVARRKVLAGLAQVARFYEGPWGSPTKVPSCDDATLRTQAGIALAALREGGHDIVVGLLTRYFA
AHRLSSPETVESSARQFLLAARSCAAFYALWRGSFGSTAGIDGVYRSLMTHVVEEGMPRFARFERDLTEVPPVEALQSYL
KEQLRSEGIYDKQQWVARAAMTPVYQHSKPLTRLLLLAASQNSTPDSATPGLVVRGKSGLLETLELERWNDEAFATIEHV
APQAPSSNGSWNADLYEDPELINRIGNLTLLPAVENASASNRAWHLKRLMFRALSAATVEEAEKTLADAEAQGLRLGSGA
GEIVRQARYLPLVAALAQREEEWTAEFVEARSQRLCSLAWDALTPWLGFEP
;
_entity_poly.pdbx_strand_id   D,A,B,C
#
# COMPACT_ATOMS: atom_id res chain seq x y z
N MET A 1 -0.32 -1.36 -17.50
CA MET A 1 -0.30 -2.81 -17.32
C MET A 1 1.14 -3.26 -17.03
N GLU A 2 1.49 -3.34 -15.74
CA GLU A 2 2.79 -3.90 -15.34
C GLU A 2 2.72 -4.53 -13.95
N THR A 3 2.14 -3.84 -12.98
CA THR A 3 1.57 -4.52 -11.83
C THR A 3 0.07 -4.35 -11.87
N LYS A 4 -0.46 -3.85 -12.99
CA LYS A 4 -1.85 -3.43 -13.21
C LYS A 4 -2.87 -4.22 -12.39
N GLU A 5 -2.86 -4.00 -11.05
CA GLU A 5 -3.46 -4.82 -10.00
C GLU A 5 -2.80 -6.20 -10.04
N ILE A 6 -3.06 -7.00 -11.08
CA ILE A 6 -2.80 -8.44 -11.09
C ILE A 6 -3.36 -9.02 -9.80
N PHE A 7 -2.69 -8.76 -8.69
CA PHE A 7 -3.00 -9.39 -7.42
C PHE A 7 -2.79 -8.41 -6.29
N ASP A 8 -3.11 -8.86 -5.10
CA ASP A 8 -3.20 -7.86 -4.06
C ASP A 8 -3.24 -8.61 -2.74
N ALA A 9 -2.15 -8.56 -2.02
CA ALA A 9 -1.96 -9.42 -0.87
C ALA A 9 -1.93 -8.63 0.41
N ALA A 10 -2.56 -9.17 1.46
CA ALA A 10 -2.59 -8.52 2.77
C ALA A 10 -2.76 -9.54 3.89
N PRO A 11 -2.15 -9.31 5.05
CA PRO A 11 -2.36 -10.23 6.18
C PRO A 11 -3.50 -9.79 7.07
N LEU A 12 -4.32 -10.72 7.50
CA LEU A 12 -5.38 -10.32 8.39
C LEU A 12 -5.58 -11.37 9.48
N SER A 13 -5.78 -10.91 10.71
CA SER A 13 -6.22 -11.82 11.75
C SER A 13 -7.52 -12.44 11.32
N VAL A 14 -7.75 -13.68 11.74
CA VAL A 14 -8.96 -14.33 11.29
C VAL A 14 -10.16 -13.48 11.64
N SER A 15 -10.06 -12.65 12.67
CA SER A 15 -11.18 -11.78 12.96
C SER A 15 -11.34 -10.72 11.89
N GLN A 16 -10.25 -10.05 11.52
CA GLN A 16 -10.45 -9.03 10.50
C GLN A 16 -10.69 -9.65 9.13
N PHE A 17 -10.32 -10.90 8.92
CA PHE A 17 -10.72 -11.47 7.65
C PHE A 17 -12.20 -11.79 7.65
N LEU A 18 -12.68 -12.54 8.64
CA LEU A 18 -14.02 -13.09 8.55
C LEU A 18 -15.11 -12.06 8.83
N SER A 19 -14.95 -11.26 9.87
CA SER A 19 -16.06 -10.45 10.35
C SER A 19 -16.15 -9.06 9.69
N GLU A 20 -15.51 -8.86 8.52
CA GLU A 20 -15.67 -7.62 7.77
C GLU A 20 -17.13 -7.43 7.37
N THR A 21 -17.63 -6.19 7.50
CA THR A 21 -19.06 -5.92 7.56
C THR A 21 -19.83 -6.14 6.28
N GLY A 22 -19.24 -6.09 5.10
CA GLY A 22 -20.12 -6.39 3.99
C GLY A 22 -19.76 -7.61 3.14
N GLN A 23 -18.98 -8.56 3.66
CA GLN A 23 -18.28 -9.52 2.83
C GLN A 23 -19.05 -10.84 2.79
N GLY A 24 -18.88 -11.56 1.70
CA GLY A 24 -19.44 -12.89 1.56
C GLY A 24 -18.33 -13.80 1.12
N LEU A 25 -18.15 -14.96 1.75
CA LEU A 25 -17.14 -15.91 1.28
C LEU A 25 -17.90 -16.92 0.47
N TYR A 26 -17.46 -17.16 -0.77
CA TYR A 26 -18.29 -17.91 -1.72
C TYR A 26 -17.43 -19.01 -2.29
N ILE A 27 -17.84 -20.26 -2.10
CA ILE A 27 -17.07 -21.40 -2.61
C ILE A 27 -17.52 -21.67 -4.05
N PRO A 28 -16.69 -21.40 -5.05
CA PRO A 28 -17.11 -21.58 -6.43
C PRO A 28 -17.44 -23.02 -6.73
N PRO A 29 -18.06 -23.33 -7.87
CA PRO A 29 -18.63 -24.66 -8.06
C PRO A 29 -17.67 -25.77 -8.53
N TYR A 30 -16.37 -25.52 -8.70
CA TYR A 30 -15.43 -26.57 -9.02
C TYR A 30 -14.64 -27.02 -7.79
N GLN A 31 -14.97 -26.52 -6.62
CA GLN A 31 -14.29 -26.99 -5.42
C GLN A 31 -14.82 -28.35 -5.01
N ARG A 32 -13.93 -29.17 -4.45
CA ARG A 32 -14.37 -30.39 -3.80
C ARG A 32 -15.29 -30.01 -2.66
N ALA A 33 -16.00 -30.99 -2.11
CA ALA A 33 -16.80 -30.66 -0.93
C ALA A 33 -15.86 -30.76 0.26
N TYR A 34 -16.40 -30.72 1.48
CA TYR A 34 -15.52 -30.56 2.64
C TYR A 34 -14.68 -31.80 2.87
N SER A 35 -13.36 -31.69 2.73
CA SER A 35 -12.53 -32.89 2.78
C SER A 35 -11.94 -33.09 4.17
N TRP A 36 -10.75 -32.56 4.39
CA TRP A 36 -10.04 -32.57 5.66
C TRP A 36 -10.43 -33.66 6.67
N GLU A 37 -9.58 -34.67 6.76
CA GLU A 37 -9.70 -35.67 7.81
C GLU A 37 -9.19 -35.11 9.13
N LEU A 38 -9.71 -35.64 10.24
CA LEU A 38 -9.50 -35.19 11.62
C LEU A 38 -8.04 -34.99 12.01
N PRO A 39 -7.12 -35.78 11.51
CA PRO A 39 -5.71 -35.45 11.77
C PRO A 39 -5.37 -34.03 11.35
N LYS A 40 -5.84 -33.60 10.17
CA LYS A 40 -5.57 -32.23 9.72
C LYS A 40 -6.19 -31.19 10.66
N ILE A 41 -7.45 -31.39 11.07
CA ILE A 41 -8.13 -30.44 11.95
C ILE A 41 -7.42 -30.34 13.29
N ARG A 42 -7.06 -31.49 13.84
CA ARG A 42 -6.36 -31.48 15.11
C ARG A 42 -5.01 -30.78 14.98
N ARG A 43 -4.29 -31.03 13.87
CA ARG A 43 -3.07 -30.26 13.63
C ARG A 43 -3.37 -28.78 13.63
N LEU A 44 -4.45 -28.37 12.99
CA LEU A 44 -4.81 -26.95 12.92
C LEU A 44 -4.93 -26.35 14.31
N LEU A 45 -5.84 -26.94 15.10
CA LEU A 45 -6.09 -26.42 16.43
C LEU A 45 -4.80 -26.42 17.23
N SER A 46 -3.96 -27.42 17.03
CA SER A 46 -2.72 -27.46 17.78
C SER A 46 -1.80 -26.33 17.34
N ASP A 47 -1.84 -25.99 16.06
CA ASP A 47 -1.01 -24.91 15.58
C ASP A 47 -1.35 -23.62 16.33
N VAL A 48 -2.65 -23.31 16.41
CA VAL A 48 -3.04 -22.07 17.07
C VAL A 48 -2.76 -22.17 18.57
N ALA A 49 -3.04 -23.34 19.18
CA ALA A 49 -2.80 -23.49 20.62
C ALA A 49 -1.32 -23.37 20.93
N HIS A 50 -0.49 -23.82 20.02
CA HIS A 50 0.92 -23.64 20.17
C HIS A 50 1.27 -22.18 20.08
N GLY A 51 0.67 -21.49 19.12
CA GLY A 51 0.92 -20.06 19.01
C GLY A 51 0.62 -19.35 20.31
N LEU A 52 -0.50 -19.72 20.95
CA LEU A 52 -0.87 -19.14 22.23
C LEU A 52 0.19 -19.41 23.26
N ASP A 53 0.56 -20.69 23.37
CA ASP A 53 1.48 -21.08 24.40
C ASP A 53 2.78 -20.30 24.23
N GLN A 54 3.19 -20.10 22.98
CA GLN A 54 4.45 -19.41 22.74
C GLN A 54 4.32 -17.89 22.81
N LEU A 55 3.10 -17.38 22.79
CA LEU A 55 2.88 -15.94 23.04
C LEU A 55 3.13 -15.63 24.49
N ALA A 56 2.84 -16.60 25.36
CA ALA A 56 3.14 -16.42 26.78
C ALA A 56 4.62 -16.04 27.00
N GLU A 57 5.53 -16.79 26.38
CA GLU A 57 6.95 -16.49 26.34
C GLU A 57 7.26 -15.20 25.59
N PHE A 58 7.18 -15.25 24.26
CA PHE A 58 7.46 -14.10 23.41
C PHE A 58 6.17 -13.32 23.17
N GLU A 59 6.13 -12.08 23.65
CA GLU A 59 4.95 -11.22 23.59
C GLU A 59 4.62 -10.80 22.17
N ASP A 60 5.48 -11.12 21.22
CA ASP A 60 5.26 -10.73 19.85
C ASP A 60 4.92 -11.89 18.93
N SER A 61 5.28 -13.12 19.28
CA SER A 61 5.05 -14.28 18.43
C SER A 61 3.66 -14.26 17.84
N ILE A 62 3.60 -14.13 16.50
CA ILE A 62 2.35 -14.19 15.76
C ILE A 62 2.26 -15.58 15.15
N CYS A 63 1.06 -16.14 15.18
CA CYS A 63 0.80 -17.45 14.63
C CYS A 63 0.16 -17.27 13.27
N PHE A 64 0.69 -18.00 12.28
CA PHE A 64 0.27 -17.96 10.88
C PHE A 64 -0.68 -19.10 10.56
N LEU A 65 -1.37 -19.00 9.44
CA LEU A 65 -2.32 -20.02 9.07
C LEU A 65 -2.32 -20.30 7.57
N GLY A 66 -1.35 -19.80 6.85
CA GLY A 66 -1.35 -20.00 5.42
C GLY A 66 -2.07 -18.90 4.65
N THR A 67 -2.48 -19.29 3.44
CA THR A 67 -3.00 -18.38 2.45
C THR A 67 -4.40 -18.81 2.07
N VAL A 68 -5.23 -17.83 1.78
CA VAL A 68 -6.45 -18.07 1.02
C VAL A 68 -6.39 -17.12 -0.15
N ILE A 69 -6.56 -17.69 -1.34
CA ILE A 69 -6.55 -16.97 -2.61
C ILE A 69 -7.98 -16.84 -3.06
N ALA A 70 -8.42 -15.64 -3.35
CA ALA A 70 -9.80 -15.43 -3.70
C ALA A 70 -9.98 -14.41 -4.82
N LEU A 71 -11.05 -14.59 -5.56
CA LEU A 71 -11.38 -13.69 -6.63
C LEU A 71 -12.39 -12.70 -6.07
N ARG A 72 -12.07 -11.41 -6.13
CA ARG A 72 -12.99 -10.38 -5.66
C ARG A 72 -14.00 -10.29 -6.76
N ASP A 73 -15.13 -10.93 -6.60
CA ASP A 73 -16.07 -10.92 -7.71
C ASP A 73 -16.82 -9.62 -7.69
N ILE A 74 -16.53 -8.78 -8.68
CA ILE A 74 -16.88 -7.39 -8.56
C ILE A 74 -18.24 -7.15 -9.17
N ASN A 75 -18.59 -7.89 -10.23
CA ASN A 75 -19.92 -7.84 -10.81
C ASN A 75 -20.72 -9.10 -10.54
N TYR A 76 -20.34 -9.86 -9.53
CA TYR A 76 -21.09 -11.03 -9.14
C TYR A 76 -21.26 -11.97 -10.33
N THR A 77 -20.18 -12.16 -11.08
CA THR A 77 -20.31 -13.06 -12.22
C THR A 77 -20.12 -14.53 -11.82
N THR A 78 -19.74 -14.84 -10.60
CA THR A 78 -19.54 -16.22 -10.22
C THR A 78 -20.52 -16.69 -9.17
N VAL A 79 -21.42 -15.83 -8.66
CA VAL A 79 -22.45 -16.27 -7.71
C VAL A 79 -23.52 -16.98 -8.54
N GLU A 80 -23.49 -18.32 -8.56
CA GLU A 80 -23.94 -18.92 -9.80
C GLU A 80 -25.46 -19.06 -9.88
N PRO A 81 -26.17 -19.24 -8.73
CA PRO A 81 -27.61 -18.84 -8.70
C PRO A 81 -27.81 -17.57 -7.87
N LYS A 82 -28.23 -16.39 -8.42
CA LYS A 82 -28.17 -15.18 -7.60
C LYS A 82 -29.42 -14.30 -7.60
N TYR A 83 -29.65 -13.64 -6.48
CA TYR A 83 -30.62 -12.54 -6.36
C TYR A 83 -29.86 -11.26 -6.16
N ARG A 84 -29.66 -10.50 -7.25
CA ARG A 84 -28.81 -9.31 -7.14
C ARG A 84 -29.37 -8.30 -6.16
N SER A 85 -30.72 -8.17 -6.06
CA SER A 85 -31.36 -7.31 -5.06
C SER A 85 -30.50 -7.31 -3.85
N GLN A 86 -30.16 -8.49 -3.37
CA GLN A 86 -29.34 -8.41 -2.21
C GLN A 86 -28.36 -9.57 -2.13
N VAL A 87 -27.52 -9.60 -3.14
CA VAL A 87 -26.23 -10.28 -3.08
C VAL A 87 -25.53 -9.41 -2.04
N PRO A 88 -24.62 -9.90 -1.20
CA PRO A 88 -23.88 -9.01 -0.31
C PRO A 88 -22.96 -8.15 -1.13
N SER A 89 -22.48 -7.08 -0.49
CA SER A 89 -21.85 -6.02 -1.23
C SER A 89 -20.48 -6.41 -1.73
N LYS A 90 -19.84 -7.32 -1.04
CA LYS A 90 -18.49 -7.72 -1.44
C LYS A 90 -18.42 -9.23 -1.39
N VAL A 91 -18.44 -9.97 -2.57
CA VAL A 91 -18.23 -11.42 -2.50
C VAL A 91 -16.81 -11.72 -2.89
N MET A 92 -16.25 -12.70 -2.22
CA MET A 92 -14.89 -13.11 -2.43
C MET A 92 -15.09 -14.60 -2.66
N THR A 93 -15.09 -14.99 -3.94
CA THR A 93 -15.09 -16.40 -4.31
C THR A 93 -13.70 -16.93 -4.11
N ILE A 94 -13.64 -18.02 -3.36
CA ILE A 94 -12.42 -18.59 -2.85
C ILE A 94 -11.89 -19.66 -3.81
N ILE A 95 -10.81 -19.33 -4.50
CA ILE A 95 -10.16 -20.27 -5.38
C ILE A 95 -9.43 -21.32 -4.57
N ASP A 96 -8.72 -20.89 -3.53
CA ASP A 96 -7.93 -21.82 -2.73
C ASP A 96 -8.01 -21.47 -1.27
N GLY A 97 -8.13 -22.50 -0.42
CA GLY A 97 -8.21 -22.33 1.00
C GLY A 97 -9.59 -22.62 1.58
N GLN A 98 -10.62 -22.82 0.76
CA GLN A 98 -11.94 -23.09 1.31
C GLN A 98 -11.94 -24.23 2.32
N GLN A 99 -10.91 -25.05 2.33
CA GLN A 99 -10.89 -26.08 3.34
C GLN A 99 -10.57 -25.50 4.70
N ARG A 100 -9.44 -24.77 4.84
CA ARG A 100 -9.12 -24.00 6.05
C ARG A 100 -10.25 -23.09 6.47
N MET A 101 -10.77 -22.32 5.55
CA MET A 101 -11.83 -21.40 5.87
C MET A 101 -13.04 -22.14 6.42
N THR A 102 -13.41 -23.28 5.82
CA THR A 102 -14.54 -24.04 6.35
C THR A 102 -14.25 -24.52 7.76
N THR A 103 -13.03 -25.03 7.97
CA THR A 103 -12.67 -25.45 9.31
C THR A 103 -12.82 -24.30 10.29
N LEU A 104 -12.27 -23.14 9.91
CA LEU A 104 -12.24 -21.97 10.76
C LEU A 104 -13.62 -21.56 11.17
N LEU A 105 -14.53 -21.38 10.21
CA LEU A 105 -15.88 -20.99 10.58
C LEU A 105 -16.48 -22.04 11.53
N LEU A 106 -16.27 -23.33 11.25
CA LEU A 106 -16.79 -24.33 12.16
C LEU A 106 -16.24 -24.12 13.57
N LEU A 107 -14.92 -23.88 13.66
CA LEU A 107 -14.23 -23.70 14.94
C LEU A 107 -14.87 -22.60 15.73
N THR A 108 -15.13 -21.48 15.07
CA THR A 108 -15.80 -20.37 15.76
C THR A 108 -17.14 -20.83 16.25
N THR A 109 -17.82 -21.64 15.46
CA THR A 109 -19.10 -22.07 15.94
C THR A 109 -18.97 -22.86 17.23
N VAL A 110 -17.90 -23.68 17.36
CA VAL A 110 -17.79 -24.54 18.56
C VAL A 110 -17.38 -23.72 19.79
N LEU A 111 -16.43 -22.79 19.61
CA LEU A 111 -15.96 -21.92 20.70
C LEU A 111 -17.10 -21.05 21.19
N HIS A 112 -17.93 -20.59 20.27
CA HIS A 112 -19.10 -19.83 20.61
C HIS A 112 -20.03 -20.68 21.45
N GLU A 113 -20.22 -21.93 21.05
CA GLU A 113 -21.10 -22.84 21.82
C GLU A 113 -20.55 -23.06 23.21
N GLU A 114 -19.29 -23.47 23.30
CA GLU A 114 -18.72 -23.76 24.58
C GLU A 114 -18.76 -22.55 25.49
N ILE A 115 -18.30 -21.40 25.00
CA ILE A 115 -18.21 -20.22 25.87
C ILE A 115 -19.60 -19.77 26.30
N ARG A 116 -20.57 -19.87 25.41
CA ARG A 116 -21.93 -19.55 25.75
C ARG A 116 -22.40 -20.35 26.94
N VAL A 117 -22.36 -21.67 26.81
CA VAL A 117 -23.03 -22.49 27.82
C VAL A 117 -22.22 -22.52 29.12
N ARG A 118 -20.89 -22.60 29.01
CA ARG A 118 -20.04 -22.52 30.18
C ARG A 118 -20.19 -21.18 30.91
N ALA A 119 -20.44 -20.09 30.22
CA ALA A 119 -20.66 -18.87 30.99
C ALA A 119 -22.05 -18.81 31.59
N GLU A 120 -23.00 -19.65 31.14
CA GLU A 120 -24.28 -19.58 31.85
C GLU A 120 -24.23 -20.20 33.24
N LYS A 121 -23.32 -21.13 33.46
CA LYS A 121 -22.98 -21.75 34.74
C LYS A 121 -22.26 -20.81 35.66
N LEU A 122 -22.13 -19.53 35.34
CA LEU A 122 -21.37 -18.61 36.17
C LEU A 122 -22.26 -18.04 37.27
N THR A 123 -21.72 -18.01 38.47
CA THR A 123 -22.31 -17.33 39.63
C THR A 123 -22.05 -15.86 39.50
N ARG A 124 -23.00 -15.08 39.00
CA ARG A 124 -22.65 -13.73 38.57
C ARG A 124 -22.85 -12.71 39.68
N ASP A 125 -22.08 -12.87 40.77
CA ASP A 125 -22.27 -12.11 42.00
C ASP A 125 -20.99 -12.17 42.81
N ASP A 126 -19.89 -11.79 42.19
CA ASP A 126 -18.63 -12.32 42.65
C ASP A 126 -17.41 -11.52 42.19
N GLU A 127 -17.60 -10.40 41.46
CA GLU A 127 -16.53 -9.55 40.89
C GLU A 127 -15.62 -10.29 39.89
N PRO A 128 -14.69 -11.21 40.23
CA PRO A 128 -14.09 -12.03 39.14
C PRO A 128 -15.10 -12.83 38.34
N SER A 129 -16.19 -13.28 38.95
CA SER A 129 -17.20 -13.89 38.12
C SER A 129 -17.78 -12.91 37.10
N VAL A 130 -18.09 -11.67 37.52
CA VAL A 130 -18.73 -10.74 36.58
C VAL A 130 -17.75 -10.32 35.49
N TRP A 131 -16.47 -10.16 35.82
CA TRP A 131 -15.43 -10.01 34.82
C TRP A 131 -15.43 -11.16 33.84
N CYS A 132 -15.57 -12.38 34.35
CA CYS A 132 -15.49 -13.45 33.38
C CYS A 132 -16.73 -13.46 32.54
N TYR A 133 -17.89 -13.23 33.15
CA TYR A 133 -19.11 -13.23 32.37
C TYR A 133 -19.09 -12.17 31.27
N ASN A 134 -18.69 -10.95 31.62
CA ASN A 134 -18.57 -9.92 30.59
C ASN A 134 -17.58 -10.38 29.53
N GLN A 135 -16.33 -10.70 29.92
CA GLN A 135 -15.32 -11.09 28.95
C GLN A 135 -15.83 -12.15 27.98
N ALA A 136 -16.65 -13.07 28.50
CA ALA A 136 -17.32 -14.08 27.69
C ALA A 136 -18.31 -13.45 26.72
N LEU A 137 -19.14 -12.53 27.20
CA LEU A 137 -20.03 -11.78 26.32
C LEU A 137 -19.26 -11.13 25.17
N ASP A 138 -18.15 -10.46 25.50
CA ASP A 138 -17.34 -9.84 24.49
C ASP A 138 -16.93 -10.83 23.38
N VAL A 139 -16.23 -11.91 23.73
CA VAL A 139 -15.80 -12.83 22.66
C VAL A 139 -16.99 -13.53 22.02
N THR A 140 -18.08 -13.71 22.77
CA THR A 140 -19.23 -14.41 22.22
C THR A 140 -19.78 -13.63 21.05
N GLY A 141 -19.99 -12.34 21.24
CA GLY A 141 -20.41 -11.50 20.14
C GLY A 141 -19.37 -11.40 19.04
N ARG A 142 -18.09 -11.35 19.38
CA ARG A 142 -17.13 -11.16 18.30
C ARG A 142 -16.97 -12.42 17.45
N LEU A 143 -17.37 -13.57 17.97
CA LEU A 143 -17.46 -14.77 17.17
C LEU A 143 -18.75 -14.78 16.37
N SER A 144 -19.83 -14.38 17.01
CA SER A 144 -21.08 -14.34 16.30
C SER A 144 -20.95 -13.49 15.05
N ASN A 145 -20.49 -12.24 15.19
CA ASN A 145 -20.43 -11.54 13.88
C ASN A 145 -19.15 -11.99 12.99
N CYS A 146 -18.56 -13.04 13.52
CA CYS A 146 -17.51 -13.73 12.77
C CYS A 146 -18.10 -14.78 11.82
N PHE A 147 -19.11 -15.56 12.22
CA PHE A 147 -19.61 -16.56 11.25
C PHE A 147 -20.83 -16.13 10.44
N GLU A 148 -21.73 -15.32 11.00
CA GLU A 148 -22.88 -14.81 10.28
C GLU A 148 -22.86 -13.31 10.33
N GLU A 149 -23.78 -12.69 9.57
CA GLU A 149 -23.82 -11.24 9.48
C GLU A 149 -25.26 -10.71 9.36
N ASP A 150 -25.53 -9.62 10.06
CA ASP A 150 -26.89 -9.11 10.18
C ASP A 150 -27.21 -8.17 8.99
N MET A 151 -27.63 -8.73 7.85
CA MET A 151 -28.42 -7.88 6.95
C MET A 151 -29.71 -7.53 7.71
N ARG A 152 -30.39 -6.45 7.38
CA ARG A 152 -31.19 -5.92 8.48
C ARG A 152 -32.68 -6.21 8.49
N TYR A 153 -33.29 -6.82 7.49
CA TYR A 153 -34.74 -6.99 7.52
C TYR A 153 -35.13 -8.32 6.84
N GLY A 154 -36.37 -8.75 7.09
CA GLY A 154 -36.99 -9.89 6.44
C GLY A 154 -36.76 -11.22 7.16
N GLU A 155 -37.53 -12.26 6.76
CA GLU A 155 -37.09 -13.55 7.27
C GLU A 155 -35.81 -13.93 6.57
N HIS A 156 -35.05 -14.84 7.15
CA HIS A 156 -33.66 -15.06 6.72
C HIS A 156 -32.89 -13.74 6.75
N ARG A 157 -33.12 -12.99 7.82
CA ARG A 157 -32.51 -11.70 8.05
C ARG A 157 -31.02 -11.86 8.29
N TYR A 158 -30.55 -13.09 8.52
CA TYR A 158 -29.13 -13.34 8.80
C TYR A 158 -28.47 -14.11 7.65
N TYR A 159 -27.29 -13.61 7.24
CA TYR A 159 -26.49 -14.20 6.17
C TYR A 159 -25.36 -14.98 6.79
N PRO A 160 -25.09 -16.19 6.28
CA PRO A 160 -23.86 -16.93 6.59
C PRO A 160 -22.56 -16.26 6.16
N ARG A 161 -21.46 -16.91 6.17
CA ARG A 161 -20.40 -16.65 5.23
C ARG A 161 -20.07 -18.05 4.72
N LEU A 162 -19.27 -18.19 3.67
CA LEU A 162 -19.15 -19.54 3.12
C LEU A 162 -20.49 -20.01 2.59
N ILE A 163 -20.50 -20.29 1.30
CA ILE A 163 -21.82 -20.59 0.83
C ILE A 163 -21.94 -21.60 -0.33
N ARG A 164 -20.87 -21.91 -1.07
CA ARG A 164 -21.03 -22.88 -2.17
C ARG A 164 -21.97 -22.41 -3.28
N SER A 165 -21.59 -22.58 -4.53
CA SER A 165 -22.50 -22.16 -5.55
C SER A 165 -23.53 -23.23 -5.79
N TYR A 166 -24.49 -22.93 -6.65
CA TYR A 166 -25.47 -23.92 -7.03
C TYR A 166 -26.47 -24.22 -5.91
N TYR A 167 -26.08 -24.95 -4.87
CA TYR A 167 -26.82 -24.93 -3.62
C TYR A 167 -26.46 -23.66 -2.87
N ASP A 168 -27.42 -23.05 -2.17
CA ASP A 168 -27.22 -21.81 -1.38
C ASP A 168 -27.26 -20.49 -2.17
N VAL A 169 -28.26 -19.66 -1.87
CA VAL A 169 -28.36 -18.30 -2.36
C VAL A 169 -28.49 -17.36 -1.18
N TRP A 170 -27.54 -16.40 -1.03
CA TRP A 170 -27.77 -15.31 -0.08
C TRP A 170 -29.01 -14.57 -0.51
N SER A 171 -29.96 -14.41 0.40
CA SER A 171 -30.93 -13.31 0.33
C SER A 171 -31.72 -13.24 1.65
N ARG A 172 -32.41 -12.13 1.84
CA ARG A 172 -33.20 -11.98 3.03
C ARG A 172 -34.66 -12.13 2.77
N ASN A 173 -35.06 -12.49 1.58
CA ASN A 173 -36.50 -12.53 1.40
C ASN A 173 -37.04 -13.95 1.54
N LYS A 174 -38.36 -14.06 1.62
CA LYS A 174 -38.92 -15.15 2.39
C LYS A 174 -38.96 -16.48 1.66
N GLY A 175 -39.31 -16.50 0.38
CA GLY A 175 -38.94 -17.59 -0.50
C GLY A 175 -37.47 -17.44 -0.86
N GLU A 176 -36.96 -18.13 -1.86
CA GLU A 176 -35.80 -17.53 -2.55
C GLU A 176 -34.44 -17.49 -1.83
N ALA A 177 -34.40 -17.67 -0.51
CA ALA A 177 -33.16 -17.78 0.24
C ALA A 177 -32.89 -19.23 0.57
N ARG A 178 -31.80 -19.77 0.06
CA ARG A 178 -31.43 -21.12 0.42
C ARG A 178 -30.07 -21.22 1.09
N TYR A 179 -29.91 -22.12 2.08
CA TYR A 179 -28.59 -22.50 2.62
C TYR A 179 -28.60 -24.00 2.83
N ARG A 180 -28.13 -24.74 1.81
CA ARG A 180 -28.29 -26.20 1.75
C ARG A 180 -27.01 -26.96 1.57
N SER A 181 -25.90 -26.30 1.35
CA SER A 181 -24.66 -27.01 1.31
C SER A 181 -24.36 -27.53 2.71
N PRO A 182 -23.36 -28.43 2.87
CA PRO A 182 -22.93 -28.80 4.22
C PRO A 182 -22.57 -27.60 5.10
N ILE A 183 -21.66 -26.71 4.64
CA ILE A 183 -21.27 -25.57 5.48
C ILE A 183 -22.36 -24.56 5.55
N GLY A 184 -22.94 -24.21 4.42
CA GLY A 184 -24.05 -23.28 4.42
C GLY A 184 -25.12 -23.68 5.39
N TYR A 185 -25.60 -24.91 5.29
CA TYR A 185 -26.61 -25.35 6.23
C TYR A 185 -26.09 -25.29 7.66
N TYR A 186 -24.85 -25.74 7.89
CA TYR A 186 -24.39 -25.73 9.27
C TYR A 186 -24.45 -24.33 9.85
N LEU A 187 -23.89 -23.37 9.13
CA LEU A 187 -23.83 -22.00 9.61
C LEU A 187 -25.22 -21.47 9.84
N GLU A 188 -26.13 -21.70 8.88
CA GLU A 188 -27.47 -21.19 9.07
C GLU A 188 -28.10 -21.70 10.35
N SER A 189 -28.05 -23.01 10.55
CA SER A 189 -28.77 -23.59 11.67
C SER A 189 -28.10 -23.24 12.98
N TYR A 190 -26.78 -23.36 13.05
CA TYR A 190 -26.09 -22.97 14.27
C TYR A 190 -26.41 -21.55 14.65
N GLY A 191 -26.41 -20.66 13.67
CA GLY A 191 -26.75 -19.29 13.95
C GLY A 191 -28.10 -19.18 14.58
N ALA A 192 -29.08 -19.89 14.03
CA ALA A 192 -30.39 -19.82 14.64
C ALA A 192 -30.34 -20.24 16.10
N TYR A 193 -29.57 -21.28 16.39
CA TYR A 193 -29.44 -21.74 17.77
C TYR A 193 -28.85 -20.64 18.63
N ALA A 194 -27.80 -20.00 18.15
CA ALA A 194 -27.17 -18.94 18.91
C ALA A 194 -28.16 -17.84 19.19
N ARG A 195 -29.00 -17.50 18.23
CA ARG A 195 -29.95 -16.40 18.41
C ARG A 195 -31.24 -16.80 19.12
N ASP A 196 -31.34 -18.04 19.58
CA ASP A 196 -32.50 -18.49 20.37
C ASP A 196 -32.52 -17.86 21.77
N PRO A 197 -33.55 -17.11 22.10
CA PRO A 197 -33.80 -16.80 23.51
C PRO A 197 -34.20 -18.05 24.25
N ASP A 198 -34.12 -17.99 25.58
CA ASP A 198 -34.61 -19.10 26.42
C ASP A 198 -34.00 -20.42 25.99
N ALA A 199 -32.72 -20.42 25.69
CA ALA A 199 -32.07 -21.62 25.19
C ALA A 199 -31.07 -22.07 26.23
N VAL A 200 -29.79 -22.03 25.89
CA VAL A 200 -28.70 -22.13 26.84
C VAL A 200 -28.37 -23.60 27.05
N LYS A 201 -29.13 -24.51 26.47
CA LYS A 201 -28.63 -25.87 26.34
C LYS A 201 -27.54 -25.89 25.27
N PRO A 202 -26.60 -26.83 25.33
CA PRO A 202 -25.61 -26.94 24.24
C PRO A 202 -26.30 -27.30 22.92
N TYR A 203 -25.57 -27.13 21.84
CA TYR A 203 -26.18 -27.27 20.53
C TYR A 203 -26.41 -28.74 20.20
N ARG A 204 -27.65 -29.12 19.82
CA ARG A 204 -27.94 -30.49 19.38
C ARG A 204 -27.54 -30.68 17.93
N HIS A 205 -28.40 -30.24 17.02
CA HIS A 205 -28.18 -30.16 15.57
C HIS A 205 -29.04 -31.17 14.82
N VAL A 206 -29.75 -30.72 13.80
CA VAL A 206 -30.78 -31.59 13.23
C VAL A 206 -30.50 -31.79 11.75
N PRO A 207 -29.62 -32.72 11.36
CA PRO A 207 -28.92 -32.58 10.09
C PRO A 207 -29.76 -32.66 8.81
N ILE A 208 -30.25 -31.49 8.33
CA ILE A 208 -30.61 -31.23 6.93
C ILE A 208 -31.74 -32.16 6.50
N ASP A 209 -32.09 -32.11 5.23
CA ASP A 209 -32.98 -32.99 4.47
C ASP A 209 -34.21 -33.48 5.22
N PRO A 210 -35.14 -32.61 5.60
CA PRO A 210 -36.41 -33.12 6.12
C PRO A 210 -37.13 -33.97 5.11
N ASP A 211 -36.82 -33.83 3.81
CA ASP A 211 -37.19 -34.80 2.79
C ASP A 211 -36.56 -34.47 1.42
N LYS A 212 -35.48 -33.67 1.40
CA LYS A 212 -35.03 -33.11 0.14
C LYS A 212 -33.52 -32.93 0.00
N THR A 213 -33.14 -31.91 -0.77
CA THR A 213 -31.79 -31.43 -0.89
C THR A 213 -30.79 -32.56 -1.12
N ASP A 214 -31.04 -33.34 -2.17
CA ASP A 214 -30.16 -34.43 -2.60
C ASP A 214 -29.36 -34.07 -3.83
N GLY A 215 -29.07 -32.80 -4.00
CA GLY A 215 -28.03 -32.50 -4.96
C GLY A 215 -26.65 -32.96 -4.51
N VAL A 216 -26.50 -33.36 -3.25
CA VAL A 216 -25.19 -33.75 -2.75
C VAL A 216 -25.18 -35.20 -2.33
N ASP A 217 -24.20 -35.55 -1.52
CA ASP A 217 -23.85 -36.93 -1.28
C ASP A 217 -24.48 -37.49 -0.01
N LEU A 218 -25.02 -36.64 0.86
CA LEU A 218 -25.54 -37.08 2.15
C LEU A 218 -24.43 -37.59 3.03
N GLU A 219 -23.31 -38.01 2.45
CA GLU A 219 -22.16 -38.29 3.27
C GLU A 219 -21.40 -37.02 3.57
N ALA A 220 -21.39 -36.06 2.63
CA ALA A 220 -20.70 -34.81 2.89
C ALA A 220 -21.25 -34.15 4.15
N TYR A 221 -22.56 -34.15 4.30
CA TYR A 221 -23.17 -33.60 5.50
C TYR A 221 -22.71 -34.37 6.73
N ARG A 222 -22.68 -35.69 6.63
CA ARG A 222 -22.21 -36.54 7.72
C ARG A 222 -20.81 -36.14 8.14
N HIS A 223 -19.88 -36.09 7.16
CA HIS A 223 -18.50 -35.78 7.47
C HIS A 223 -18.36 -34.42 8.12
N LEU A 224 -19.00 -33.40 7.55
CA LEU A 224 -18.86 -32.06 8.10
C LEU A 224 -19.46 -31.97 9.49
N ASP A 225 -20.72 -32.37 9.63
CA ASP A 225 -21.36 -32.35 10.94
C ASP A 225 -20.48 -33.05 11.97
N ARG A 226 -19.88 -34.18 11.57
CA ARG A 226 -19.02 -34.94 12.48
C ARG A 226 -17.75 -34.17 12.82
N MET A 227 -17.07 -33.64 11.83
CA MET A 227 -15.87 -32.89 12.13
C MET A 227 -16.16 -31.75 13.10
N ARG A 228 -17.32 -31.10 12.94
CA ARG A 228 -17.70 -30.04 13.88
C ARG A 228 -17.77 -30.59 15.29
N ASP A 229 -18.64 -31.60 15.50
CA ASP A 229 -18.80 -32.10 16.86
C ASP A 229 -17.52 -32.67 17.43
N GLN A 230 -16.57 -33.04 16.61
CA GLN A 230 -15.32 -33.40 17.24
C GLN A 230 -14.35 -32.25 17.46
N MET A 231 -14.45 -31.15 16.72
CA MET A 231 -13.76 -29.95 17.19
C MET A 231 -14.27 -29.62 18.59
N ARG A 232 -15.59 -29.69 18.76
CA ARG A 232 -16.23 -29.39 20.03
C ARG A 232 -15.75 -30.33 21.11
N SER A 233 -15.69 -31.62 20.80
CA SER A 233 -15.22 -32.55 21.82
C SER A 233 -13.75 -32.33 22.14
N MET A 234 -12.90 -32.10 21.12
CA MET A 234 -11.48 -31.83 21.33
C MET A 234 -11.27 -30.73 22.35
N LEU A 235 -11.92 -29.58 22.15
CA LEU A 235 -11.74 -28.49 23.12
C LEU A 235 -12.27 -28.90 24.49
N ARG A 236 -13.51 -29.39 24.53
CA ARG A 236 -14.14 -29.79 25.78
C ARG A 236 -13.15 -30.58 26.64
N LYS A 237 -12.44 -31.49 25.99
CA LYS A 237 -11.48 -32.31 26.69
C LYS A 237 -10.19 -31.57 26.96
N ALA A 238 -9.87 -30.54 26.21
CA ALA A 238 -8.58 -29.92 26.51
C ALA A 238 -8.66 -28.94 27.64
N VAL A 239 -9.87 -28.58 28.10
CA VAL A 239 -10.00 -27.70 29.26
C VAL A 239 -10.74 -28.34 30.42
N GLY A 240 -11.22 -29.56 30.27
CA GLY A 240 -12.14 -30.17 31.22
C GLY A 240 -11.46 -31.09 32.21
N ALA A 241 -11.66 -32.41 32.01
CA ALA A 241 -11.30 -33.47 32.96
C ALA A 241 -9.79 -33.54 33.13
N GLY A 242 -9.25 -34.73 33.38
CA GLY A 242 -7.81 -34.77 33.60
C GLY A 242 -7.08 -35.90 32.92
N VAL A 243 -7.80 -36.64 32.06
CA VAL A 243 -7.26 -37.84 31.42
C VAL A 243 -6.03 -37.54 30.56
N LYS A 244 -5.94 -36.36 29.95
CA LYS A 244 -4.75 -35.84 29.28
C LYS A 244 -3.99 -36.88 28.48
N ARG A 245 -4.59 -37.31 27.37
CA ARG A 245 -3.96 -38.24 26.43
C ARG A 245 -2.88 -37.53 25.61
N GLU A 246 -2.11 -38.35 24.87
CA GLU A 246 -0.81 -37.93 24.36
C GLU A 246 -0.93 -36.72 23.45
N ASP A 247 -1.91 -36.74 22.54
CA ASP A 247 -2.17 -35.60 21.68
C ASP A 247 -2.95 -34.50 22.42
N ASP A 248 -4.26 -34.65 22.55
CA ASP A 248 -5.13 -33.62 23.16
C ASP A 248 -4.72 -32.33 22.45
N ILE A 249 -4.94 -31.17 23.06
CA ILE A 249 -4.51 -29.88 22.51
C ILE A 249 -4.04 -29.03 23.69
N GLN A 250 -2.75 -28.76 23.75
CA GLN A 250 -2.20 -28.15 24.95
C GLN A 250 -2.40 -26.64 24.93
N LEU A 251 -3.37 -26.15 25.72
CA LEU A 251 -3.48 -24.72 25.97
C LEU A 251 -3.35 -24.38 27.47
N PRO A 252 -2.77 -23.22 27.79
CA PRO A 252 -2.41 -22.89 29.17
C PRO A 252 -3.57 -22.92 30.16
N THR A 253 -3.20 -23.08 31.43
CA THR A 253 -4.10 -23.22 32.57
C THR A 253 -4.24 -21.90 33.31
N GLY A 254 -5.31 -21.78 34.10
CA GLY A 254 -5.63 -20.58 34.83
C GLY A 254 -4.42 -19.88 35.42
N THR A 255 -3.55 -20.65 36.04
CA THR A 255 -2.34 -20.08 36.61
C THR A 255 -1.40 -19.56 35.52
N ASP A 256 -1.12 -20.40 34.51
CA ASP A 256 -0.29 -19.98 33.38
C ASP A 256 -0.69 -18.60 32.94
N ILE A 257 -1.97 -18.52 32.58
CA ILE A 257 -2.61 -17.34 32.06
C ILE A 257 -2.43 -16.20 33.04
N GLY A 258 -2.98 -16.38 34.23
CA GLY A 258 -3.00 -15.40 35.31
C GLY A 258 -1.69 -14.74 35.66
N GLN A 259 -0.57 -15.39 35.38
CA GLN A 259 0.70 -14.81 35.80
C GLN A 259 1.57 -14.33 34.65
N SER A 260 1.10 -14.49 33.41
CA SER A 260 1.77 -14.01 32.19
C SER A 260 1.16 -12.69 31.76
N GLN A 261 1.88 -11.61 32.03
CA GLN A 261 1.39 -10.28 31.70
C GLN A 261 1.14 -10.17 30.21
N ASN A 262 2.13 -10.54 29.42
CA ASN A 262 2.11 -10.31 27.99
C ASN A 262 0.92 -10.97 27.33
N LEU A 263 0.52 -12.15 27.82
CA LEU A 263 -0.68 -12.80 27.32
C LEU A 263 -1.91 -11.96 27.58
N GLN A 264 -2.01 -11.37 28.78
CA GLN A 264 -3.16 -10.53 29.12
C GLN A 264 -3.18 -9.23 28.32
N PHE A 265 -2.04 -8.55 28.20
CA PHE A 265 -2.05 -7.38 27.33
C PHE A 265 -2.44 -7.78 25.94
N ALA A 266 -1.75 -8.74 25.36
CA ALA A 266 -1.90 -8.97 23.95
C ALA A 266 -3.25 -9.57 23.58
N LEU A 267 -4.00 -10.13 24.53
CA LEU A 267 -5.33 -10.58 24.14
C LEU A 267 -6.45 -9.75 24.74
N PHE A 268 -6.20 -8.99 25.80
CA PHE A 268 -7.20 -8.18 26.48
C PHE A 268 -6.73 -6.75 26.68
N ASN A 269 -5.71 -6.33 25.95
CA ASN A 269 -5.23 -4.95 25.92
C ASN A 269 -5.03 -4.40 27.29
N SER A 270 -4.94 -5.25 28.29
CA SER A 270 -4.95 -4.73 29.65
C SER A 270 -4.54 -5.83 30.60
N GLU A 271 -4.08 -5.44 31.78
CA GLU A 271 -3.73 -6.44 32.77
C GLU A 271 -5.00 -6.85 33.51
N PHE A 272 -5.12 -8.13 33.81
CA PHE A 272 -6.30 -8.63 34.48
C PHE A 272 -6.43 -7.96 35.84
N PRO A 273 -7.62 -7.81 36.36
CA PRO A 273 -7.75 -7.47 37.75
C PRO A 273 -7.16 -8.57 38.59
N PRO A 274 -6.46 -8.22 39.67
CA PRO A 274 -5.83 -9.27 40.49
C PRO A 274 -6.82 -10.24 41.09
N SER A 275 -8.03 -9.80 41.45
CA SER A 275 -9.06 -10.71 41.94
C SER A 275 -9.22 -11.88 40.99
N VAL A 276 -9.00 -11.63 39.71
CA VAL A 276 -9.15 -12.65 38.69
C VAL A 276 -7.93 -13.54 38.62
N VAL A 277 -6.72 -12.97 38.65
CA VAL A 277 -5.57 -13.85 38.63
C VAL A 277 -5.57 -14.76 39.86
N GLU A 278 -6.07 -14.25 40.98
CA GLU A 278 -6.16 -15.03 42.21
C GLU A 278 -7.12 -16.19 42.01
N GLN A 279 -8.42 -15.91 41.77
CA GLN A 279 -9.35 -17.00 41.52
C GLN A 279 -8.87 -17.93 40.42
N LEU A 280 -7.96 -17.47 39.56
CA LEU A 280 -7.53 -18.32 38.47
C LEU A 280 -6.48 -19.32 38.91
N GLU A 281 -5.56 -18.88 39.76
CA GLU A 281 -4.41 -19.67 40.16
C GLU A 281 -4.76 -21.13 40.43
N ASP A 282 -5.99 -21.40 40.87
CA ASP A 282 -6.46 -22.75 41.10
C ASP A 282 -7.87 -22.82 40.55
N ASP A 283 -7.98 -23.31 39.31
CA ASP A 283 -9.22 -23.46 38.55
C ASP A 283 -10.46 -22.76 39.10
N ALA A 284 -11.05 -23.35 40.12
CA ALA A 284 -12.18 -22.75 40.82
C ALA A 284 -13.32 -22.47 39.87
N LYS A 285 -13.76 -23.52 39.19
CA LYS A 285 -15.07 -23.56 38.53
C LYS A 285 -15.14 -22.59 37.37
N MET A 286 -14.40 -21.49 37.42
CA MET A 286 -14.39 -20.56 36.31
C MET A 286 -13.14 -20.70 35.46
N THR A 287 -12.24 -21.59 35.78
CA THR A 287 -11.07 -21.50 34.92
C THR A 287 -11.22 -22.19 33.57
N PRO A 288 -11.98 -23.28 33.40
CA PRO A 288 -12.06 -23.83 32.04
C PRO A 288 -12.57 -22.77 31.08
N LEU A 289 -13.64 -22.06 31.50
CA LEU A 289 -14.21 -21.00 30.66
C LEU A 289 -13.14 -19.98 30.27
N THR A 290 -12.36 -19.52 31.24
CA THR A 290 -11.32 -18.55 30.94
C THR A 290 -10.30 -19.11 29.97
N ARG A 291 -9.92 -20.36 30.13
CA ARG A 291 -8.96 -20.92 29.20
C ARG A 291 -9.52 -20.88 27.80
N LEU A 292 -10.79 -21.25 27.67
CA LEU A 292 -11.46 -21.26 26.37
C LEU A 292 -11.54 -19.86 25.75
N ILE A 293 -11.86 -18.85 26.58
CA ILE A 293 -11.93 -17.45 26.15
C ILE A 293 -10.58 -16.95 25.69
N VAL A 294 -9.53 -17.22 26.46
CA VAL A 294 -8.17 -16.88 26.03
C VAL A 294 -7.86 -17.53 24.70
N PHE A 295 -8.25 -18.81 24.52
CA PHE A 295 -7.98 -19.47 23.26
C PHE A 295 -8.73 -18.80 22.12
N ALA A 296 -10.01 -18.51 22.32
CA ALA A 296 -10.80 -17.86 21.27
C ALA A 296 -10.20 -16.49 20.93
N ASN A 297 -9.79 -15.70 21.90
CA ASN A 297 -9.25 -14.42 21.53
C ASN A 297 -7.93 -14.58 20.78
N TYR A 298 -7.08 -15.54 21.19
CA TYR A 298 -5.88 -15.76 20.38
C TYR A 298 -6.27 -16.14 18.95
N LEU A 299 -7.27 -17.01 18.82
CA LEU A 299 -7.75 -17.36 17.50
C LEU A 299 -8.13 -16.09 16.74
N LEU A 300 -8.92 -15.22 17.36
CA LEU A 300 -9.51 -14.07 16.67
C LEU A 300 -8.46 -13.06 16.26
N HIS A 301 -7.52 -12.75 17.15
CA HIS A 301 -6.67 -11.59 16.90
C HIS A 301 -5.21 -11.92 16.62
N ARG A 302 -4.75 -13.14 16.86
CA ARG A 302 -3.34 -13.39 16.63
C ARG A 302 -3.06 -14.49 15.63
N VAL A 303 -4.06 -15.27 15.28
CA VAL A 303 -3.93 -16.08 14.09
C VAL A 303 -4.15 -15.17 12.90
N THR A 304 -3.22 -15.15 11.96
CA THR A 304 -3.41 -14.28 10.81
C THR A 304 -3.12 -15.05 9.54
N VAL A 305 -4.05 -14.98 8.60
CA VAL A 305 -3.91 -15.63 7.30
C VAL A 305 -3.53 -14.59 6.29
N ALA A 306 -2.80 -15.02 5.28
CA ALA A 306 -2.47 -14.13 4.18
C ALA A 306 -3.56 -14.25 3.12
N VAL A 307 -4.20 -13.14 2.77
CA VAL A 307 -5.32 -13.16 1.83
C VAL A 307 -4.83 -12.54 0.53
N VAL A 308 -4.89 -13.30 -0.55
CA VAL A 308 -4.44 -12.90 -1.88
C VAL A 308 -5.66 -12.69 -2.74
N THR A 309 -5.83 -11.50 -3.31
CA THR A 309 -7.05 -11.15 -4.03
C THR A 309 -6.78 -10.90 -5.51
N ALA A 310 -7.40 -11.66 -6.38
CA ALA A 310 -7.30 -11.35 -7.80
C ALA A 310 -8.58 -10.76 -8.36
N LYS A 311 -8.45 -9.99 -9.45
CA LYS A 311 -9.62 -9.35 -10.04
C LYS A 311 -10.18 -10.10 -11.24
N ARG A 312 -9.35 -10.94 -11.88
CA ARG A 312 -9.77 -11.89 -12.91
C ARG A 312 -9.59 -13.31 -12.41
N GLU A 313 -10.47 -14.21 -12.84
CA GLU A 313 -10.37 -15.56 -12.31
C GLU A 313 -9.11 -16.26 -12.83
N ASP A 314 -8.79 -16.09 -14.11
CA ASP A 314 -7.65 -16.82 -14.65
C ASP A 314 -6.36 -16.32 -14.04
N TYR A 315 -6.25 -15.02 -13.75
CA TYR A 315 -5.13 -14.58 -12.94
C TYR A 315 -5.05 -15.36 -11.64
N GLY A 316 -6.18 -15.59 -10.98
CA GLY A 316 -6.15 -16.31 -9.73
C GLY A 316 -5.65 -17.75 -9.88
N PHE A 317 -6.08 -18.40 -10.95
CA PHE A 317 -5.61 -19.75 -11.17
C PHE A 317 -4.10 -19.74 -11.38
N ASP A 318 -3.59 -18.85 -12.25
CA ASP A 318 -2.15 -18.84 -12.50
C ASP A 318 -1.36 -18.50 -11.25
N MET A 319 -1.95 -17.71 -10.38
CA MET A 319 -1.31 -17.41 -9.11
C MET A 319 -1.19 -18.65 -8.24
N PHE A 320 -2.34 -19.29 -7.99
CA PHE A 320 -2.39 -20.55 -7.27
C PHE A 320 -1.30 -21.48 -7.76
N GLU A 321 -1.20 -21.62 -9.08
CA GLU A 321 -0.14 -22.39 -9.72
C GLU A 321 1.24 -21.92 -9.22
N ALA A 322 1.49 -20.60 -9.29
CA ALA A 322 2.79 -20.03 -8.94
C ALA A 322 3.14 -20.14 -7.47
N LEU A 323 2.16 -20.36 -6.60
CA LEU A 323 2.38 -20.48 -5.16
C LEU A 323 2.48 -21.93 -4.68
N ASN A 324 2.11 -22.89 -5.52
CA ASN A 324 2.43 -24.29 -5.36
C ASN A 324 3.89 -24.60 -5.67
N THR A 325 4.63 -23.64 -6.21
CA THR A 325 6.03 -23.79 -6.59
C THR A 325 6.83 -22.84 -5.70
N THR A 326 7.17 -23.33 -4.51
CA THR A 326 7.68 -22.48 -3.47
C THR A 326 8.72 -23.22 -2.65
N GLY A 327 9.82 -23.65 -3.30
CA GLY A 327 10.95 -24.17 -2.56
C GLY A 327 10.71 -25.31 -1.57
N GLN A 328 11.74 -25.63 -0.79
CA GLN A 328 11.80 -26.88 -0.02
C GLN A 328 12.52 -26.58 1.30
N PRO A 329 11.78 -26.25 2.36
CA PRO A 329 12.39 -25.53 3.48
C PRO A 329 13.44 -26.38 4.17
N LEU A 330 14.25 -25.71 4.99
CA LEU A 330 15.49 -26.24 5.52
C LEU A 330 15.37 -26.68 6.97
N THR A 331 16.11 -27.74 7.34
CA THR A 331 16.07 -28.20 8.73
C THR A 331 16.64 -27.16 9.67
N ALA A 332 16.14 -27.22 10.90
CA ALA A 332 16.56 -26.25 11.91
C ALA A 332 18.07 -26.20 12.04
N ILE A 333 18.74 -27.27 11.68
CA ILE A 333 20.19 -27.28 11.78
C ILE A 333 20.80 -26.39 10.71
N GLU A 334 20.32 -26.48 9.46
CA GLU A 334 20.94 -25.70 8.40
C GLU A 334 20.87 -24.20 8.69
N THR A 335 19.71 -23.73 9.15
CA THR A 335 19.47 -22.32 9.49
C THR A 335 20.17 -21.87 10.79
N PHE A 336 20.84 -22.76 11.49
CA PHE A 336 21.53 -22.40 12.71
C PHE A 336 23.04 -22.35 12.52
N LYS A 337 23.57 -23.14 11.58
CA LYS A 337 25.00 -23.11 11.22
C LYS A 337 25.63 -21.73 11.18
N PRO A 338 25.03 -20.72 10.53
CA PRO A 338 25.69 -19.40 10.55
C PRO A 338 26.00 -18.93 11.97
N ARG A 339 25.05 -19.10 12.89
CA ARG A 339 25.14 -18.47 14.19
C ARG A 339 26.21 -19.10 15.06
N ALA A 340 26.82 -20.18 14.60
CA ALA A 340 28.02 -20.76 15.19
C ALA A 340 29.25 -20.57 14.32
N ILE A 341 29.04 -20.26 13.03
CA ILE A 341 30.14 -19.74 12.22
C ILE A 341 30.61 -18.39 12.75
N LYS A 342 29.69 -17.58 13.25
CA LYS A 342 30.04 -16.26 13.78
C LYS A 342 30.26 -16.27 15.27
N GLU A 343 30.79 -17.35 15.79
CA GLU A 343 31.38 -17.30 17.10
C GLU A 343 32.70 -18.00 17.06
N GLU A 344 33.16 -18.46 15.89
CA GLU A 344 34.36 -19.30 15.81
C GLU A 344 35.32 -18.80 14.73
N GLY A 345 36.12 -17.81 15.09
CA GLY A 345 35.74 -16.95 16.18
C GLY A 345 34.94 -15.98 15.36
N LEU A 346 35.59 -15.53 14.29
CA LEU A 346 34.99 -14.76 13.22
C LEU A 346 34.71 -15.71 12.03
N ASP A 347 35.20 -15.43 10.84
CA ASP A 347 35.09 -16.26 9.67
C ASP A 347 36.32 -17.12 9.44
N GLU A 348 37.34 -17.01 10.29
CA GLU A 348 38.47 -17.91 10.14
C GLU A 348 38.12 -19.18 10.93
N TRP A 349 37.31 -20.01 10.27
CA TRP A 349 36.93 -21.34 10.74
C TRP A 349 37.18 -22.30 9.59
N GLN A 350 37.62 -23.51 9.91
CA GLN A 350 37.99 -24.55 8.96
C GLN A 350 38.88 -25.51 9.73
N GLU A 351 39.53 -24.97 10.74
CA GLU A 351 40.39 -25.68 11.64
C GLU A 351 40.07 -25.06 13.00
N SER A 352 38.83 -25.30 13.46
CA SER A 352 38.28 -24.58 14.61
C SER A 352 37.13 -25.39 15.21
N GLU A 353 37.42 -26.06 16.33
CA GLU A 353 36.51 -26.91 17.10
C GLU A 353 35.13 -27.10 16.50
N SER A 354 34.35 -26.02 16.44
CA SER A 354 32.96 -26.13 16.06
C SER A 354 32.80 -26.71 14.67
N LYS A 355 33.68 -26.34 13.74
CA LYS A 355 33.71 -26.98 12.42
C LYS A 355 33.67 -28.51 12.52
N LEU A 356 34.50 -29.08 13.39
CA LEU A 356 34.53 -30.53 13.60
C LEU A 356 33.17 -31.09 14.00
N HIS A 357 32.57 -30.54 15.07
CA HIS A 357 31.25 -31.01 15.50
C HIS A 357 30.26 -30.97 14.35
N PHE A 358 30.22 -29.83 13.65
CA PHE A 358 29.25 -29.70 12.58
C PHE A 358 29.53 -30.67 11.45
N ASP A 359 30.80 -30.91 11.16
CA ASP A 359 31.12 -31.91 10.14
C ASP A 359 30.57 -33.26 10.52
N VAL A 360 30.74 -33.65 11.79
CA VAL A 360 30.14 -34.88 12.28
C VAL A 360 28.62 -34.88 12.06
N VAL A 361 27.92 -33.87 12.60
CA VAL A 361 26.46 -33.90 12.56
C VAL A 361 25.97 -33.86 11.12
N GLU A 362 26.61 -33.04 10.30
CA GLU A 362 26.32 -32.97 8.87
C GLU A 362 26.56 -34.29 8.17
N ALA A 363 27.69 -34.94 8.45
CA ALA A 363 27.97 -36.24 7.86
C ALA A 363 26.83 -37.18 8.15
N TYR A 364 26.50 -37.32 9.44
CA TYR A 364 25.42 -38.21 9.82
C TYR A 364 24.11 -37.84 9.11
N LEU A 365 23.80 -36.55 8.99
CA LEU A 365 22.59 -36.16 8.26
C LEU A 365 22.68 -36.57 6.80
N ASP A 366 23.76 -36.18 6.12
CA ASP A 366 23.87 -36.48 4.70
C ASP A 366 23.84 -37.99 4.46
N ARG A 367 24.29 -38.76 5.43
CA ARG A 367 24.27 -40.20 5.27
C ARG A 367 22.86 -40.72 5.36
N GLU A 368 22.20 -40.50 6.48
CA GLU A 368 20.92 -41.15 6.70
C GLU A 368 19.76 -40.38 6.11
N GLY A 369 19.91 -39.06 5.95
CA GLY A 369 18.91 -38.27 5.26
C GLY A 369 19.08 -38.44 3.78
N SER A 370 19.43 -37.36 3.07
CA SER A 370 19.72 -37.48 1.66
C SER A 370 18.51 -37.94 0.83
N SER A 371 18.04 -39.19 1.05
CA SER A 371 17.04 -39.94 0.28
C SER A 371 15.84 -39.10 -0.14
N SER A 372 15.38 -38.21 0.75
CA SER A 372 14.36 -37.25 0.34
C SER A 372 14.69 -35.88 0.90
N ALA A 373 13.69 -35.04 1.12
CA ALA A 373 13.84 -33.71 1.69
C ALA A 373 13.18 -33.57 3.06
N ASP A 374 11.97 -34.12 3.23
CA ASP A 374 11.38 -34.24 4.56
C ASP A 374 11.86 -35.46 5.32
N LYS A 375 12.39 -36.48 4.63
CA LYS A 375 13.19 -37.44 5.34
C LYS A 375 14.40 -36.78 5.96
N ARG A 376 15.00 -35.81 5.29
CA ARG A 376 16.12 -35.10 5.91
C ARG A 376 15.68 -34.34 7.16
N GLN A 377 14.50 -33.73 7.12
CA GLN A 377 14.07 -33.07 8.34
C GLN A 377 13.67 -34.11 9.39
N THR A 378 13.15 -35.27 8.98
CA THR A 378 12.83 -36.27 10.00
C THR A 378 14.09 -36.87 10.61
N VAL A 379 15.17 -36.96 9.85
CA VAL A 379 16.42 -37.38 10.44
C VAL A 379 16.89 -36.33 11.42
N THR A 380 16.81 -35.06 11.02
CA THR A 380 17.23 -34.00 11.92
C THR A 380 16.41 -34.02 13.21
N SER A 381 15.11 -34.29 13.11
CA SER A 381 14.32 -34.40 14.34
C SER A 381 14.82 -35.54 15.21
N SER A 382 15.16 -36.68 14.57
CA SER A 382 15.63 -37.83 15.33
C SER A 382 16.90 -37.49 16.08
N VAL A 383 17.74 -36.63 15.53
CA VAL A 383 18.93 -36.26 16.29
C VAL A 383 18.67 -35.06 17.20
N LEU A 384 17.61 -34.32 16.97
CA LEU A 384 17.45 -33.11 17.78
C LEU A 384 16.67 -33.31 19.07
N LEU A 385 15.65 -34.18 19.11
CA LEU A 385 14.89 -34.30 20.35
C LEU A 385 15.74 -34.85 21.50
N PRO A 386 16.46 -35.95 21.32
CA PRO A 386 17.36 -36.39 22.39
C PRO A 386 18.42 -35.36 22.72
N PHE A 387 19.03 -34.72 21.73
CA PHE A 387 19.99 -33.66 22.09
C PHE A 387 19.34 -32.70 23.07
N ALA A 388 18.06 -32.40 22.86
CA ALA A 388 17.33 -31.55 23.78
C ALA A 388 17.28 -32.18 25.16
N MET A 389 17.12 -33.52 25.22
CA MET A 389 17.25 -34.16 26.53
C MET A 389 18.64 -33.95 27.12
N PHE A 390 19.65 -34.50 26.45
CA PHE A 390 21.06 -34.40 26.83
C PHE A 390 21.45 -33.01 27.32
N GLN A 391 21.49 -32.03 26.43
CA GLN A 391 22.15 -30.79 26.81
C GLN A 391 21.27 -29.89 27.66
N ASP A 392 20.08 -30.34 28.03
CA ASP A 392 19.19 -29.41 28.70
C ASP A 392 18.12 -30.07 29.53
N GLY A 393 17.46 -31.07 28.96
CA GLY A 393 16.39 -31.80 29.63
C GLY A 393 14.97 -31.40 29.28
N THR A 394 14.76 -31.04 28.02
CA THR A 394 13.50 -30.48 27.53
C THR A 394 12.87 -31.34 26.44
N LYS A 395 11.54 -31.34 26.36
CA LYS A 395 10.88 -32.06 25.28
C LYS A 395 10.84 -31.06 24.13
N LEU A 396 11.70 -31.27 23.14
CA LEU A 396 11.70 -30.51 21.91
C LEU A 396 10.55 -31.01 21.03
N THR A 397 9.88 -30.08 20.36
CA THR A 397 8.75 -30.53 19.54
C THR A 397 9.21 -30.78 18.11
N LYS A 398 8.36 -31.41 17.33
CA LYS A 398 8.86 -31.73 16.01
C LYS A 398 8.69 -30.58 15.04
N ARG A 399 8.34 -29.40 15.54
CA ARG A 399 8.05 -28.23 14.71
C ARG A 399 9.26 -27.31 14.58
N LEU A 400 9.37 -26.72 13.39
CA LEU A 400 10.59 -26.08 12.94
C LEU A 400 11.00 -24.89 13.81
N ASN A 401 10.08 -23.93 13.99
CA ASN A 401 10.43 -22.75 14.80
C ASN A 401 10.87 -23.16 16.19
N ASP A 402 10.28 -24.23 16.72
CA ASP A 402 10.66 -24.71 18.04
C ASP A 402 12.10 -25.19 18.04
N GLN A 403 12.48 -25.95 17.03
CA GLN A 403 13.85 -26.45 16.94
C GLN A 403 14.84 -25.30 16.81
N ARG A 404 14.57 -24.38 15.89
CA ARG A 404 15.43 -23.21 15.70
C ARG A 404 15.59 -22.42 16.98
N ARG A 405 14.47 -22.14 17.64
CA ARG A 405 14.46 -21.37 18.87
C ARG A 405 15.24 -22.07 19.97
N TYR A 406 15.05 -23.37 20.12
CA TYR A 406 15.78 -24.08 21.15
C TYR A 406 17.28 -24.03 20.87
N LEU A 407 17.69 -24.26 19.62
CA LEU A 407 19.10 -24.17 19.28
C LEU A 407 19.67 -22.79 19.59
N ARG A 408 18.93 -21.74 19.26
CA ARG A 408 19.45 -20.41 19.56
C ARG A 408 19.54 -20.20 21.06
N THR A 409 18.52 -20.66 21.80
CA THR A 409 18.49 -20.49 23.25
C THR A 409 19.69 -21.15 23.91
N VAL A 410 19.84 -22.44 23.65
CA VAL A 410 20.90 -23.23 24.26
C VAL A 410 22.27 -22.74 23.83
N PHE A 411 22.47 -22.56 22.51
CA PHE A 411 23.80 -22.18 22.04
C PHE A 411 24.25 -20.87 22.64
N ASP A 412 23.29 -19.98 22.88
CA ASP A 412 23.57 -18.67 23.45
C ASP A 412 23.20 -18.57 24.92
N LYS A 413 23.61 -19.53 25.72
CA LYS A 413 23.42 -19.24 27.13
C LYS A 413 24.73 -18.69 27.66
N ASP A 414 25.71 -19.57 27.82
CA ASP A 414 27.04 -19.24 28.33
C ASP A 414 27.84 -18.67 27.16
N PRO A 415 27.75 -17.40 26.96
CA PRO A 415 28.01 -16.83 25.65
C PRO A 415 29.49 -16.71 25.33
N ASP A 416 30.30 -17.56 25.92
CA ASP A 416 31.73 -17.43 25.70
C ASP A 416 32.02 -18.01 24.34
N ILE A 417 32.50 -19.24 24.43
CA ILE A 417 32.94 -20.16 23.42
C ILE A 417 33.49 -21.21 24.36
N VAL A 418 33.76 -22.42 23.91
CA VAL A 418 34.17 -23.52 24.80
C VAL A 418 33.01 -23.88 25.73
N ALA A 419 32.28 -22.89 26.22
CA ALA A 419 30.94 -23.16 26.73
C ALA A 419 29.99 -23.47 25.57
N ARG A 420 30.00 -22.61 24.56
CA ARG A 420 29.18 -22.84 23.38
C ARG A 420 29.67 -24.03 22.57
N ARG A 421 30.97 -24.07 22.29
CA ARG A 421 31.36 -25.15 21.40
C ARG A 421 31.30 -26.50 22.10
N LYS A 422 31.19 -26.51 23.43
CA LYS A 422 30.78 -27.72 24.13
C LYS A 422 29.33 -28.09 23.81
N VAL A 423 28.46 -27.08 23.77
CA VAL A 423 27.07 -27.29 23.38
C VAL A 423 26.98 -28.02 22.04
N LEU A 424 27.80 -27.61 21.06
CA LEU A 424 27.86 -28.29 19.76
C LEU A 424 28.45 -29.69 19.87
N ALA A 425 29.48 -29.84 20.70
CA ALA A 425 30.01 -31.17 20.96
C ALA A 425 28.87 -32.10 21.35
N GLY A 426 27.88 -31.57 22.05
CA GLY A 426 26.67 -32.31 22.36
C GLY A 426 26.02 -32.95 21.15
N LEU A 427 25.70 -32.14 20.13
CA LEU A 427 25.05 -32.66 18.94
C LEU A 427 25.91 -33.72 18.28
N ALA A 428 27.20 -33.42 18.12
CA ALA A 428 28.10 -34.41 17.51
C ALA A 428 27.99 -35.77 18.23
N GLN A 429 27.96 -35.75 19.57
CA GLN A 429 27.88 -37.01 20.32
C GLN A 429 26.56 -37.73 20.10
N VAL A 430 25.44 -37.01 19.99
CA VAL A 430 24.19 -37.71 19.71
C VAL A 430 24.30 -38.47 18.39
N ALA A 431 24.84 -37.82 17.36
CA ALA A 431 25.02 -38.51 16.08
C ALA A 431 25.93 -39.72 16.25
N ARG A 432 27.03 -39.57 16.97
CA ARG A 432 27.95 -40.69 17.02
C ARG A 432 27.35 -41.85 17.81
N PHE A 433 26.61 -41.55 18.87
CA PHE A 433 25.86 -42.60 19.54
C PHE A 433 24.94 -43.30 18.58
N TYR A 434 24.27 -42.54 17.72
CA TYR A 434 23.45 -43.22 16.73
C TYR A 434 24.32 -44.08 15.80
N GLU A 435 25.59 -43.75 15.65
CA GLU A 435 26.44 -44.55 14.78
C GLU A 435 26.99 -45.78 15.47
N GLY A 436 27.26 -45.74 16.77
CA GLY A 436 27.83 -46.87 17.45
C GLY A 436 26.82 -47.94 17.85
N PRO A 437 26.38 -47.90 19.11
CA PRO A 437 25.49 -48.95 19.62
C PRO A 437 24.08 -48.92 19.08
N TRP A 438 23.65 -47.95 18.28
CA TRP A 438 22.29 -48.10 17.78
C TRP A 438 22.22 -48.64 16.36
N GLY A 439 23.25 -48.45 15.55
CA GLY A 439 23.17 -48.93 14.16
C GLY A 439 23.15 -50.44 14.12
N SER A 440 24.22 -51.01 14.64
CA SER A 440 24.27 -52.42 14.96
C SER A 440 24.77 -52.44 16.41
N PRO A 441 24.00 -52.97 17.35
CA PRO A 441 24.36 -52.81 18.75
C PRO A 441 25.68 -53.46 19.06
N THR A 442 26.17 -54.31 18.16
CA THR A 442 27.27 -55.22 18.45
C THR A 442 28.58 -54.49 18.70
N LYS A 443 28.69 -53.22 18.30
CA LYS A 443 29.92 -52.48 18.58
C LYS A 443 30.06 -52.23 20.07
N VAL A 444 28.98 -51.77 20.71
CA VAL A 444 28.92 -51.42 22.14
C VAL A 444 30.16 -50.56 22.41
N PRO A 445 30.74 -50.48 23.63
CA PRO A 445 32.13 -50.02 23.68
C PRO A 445 33.12 -51.19 23.79
N SER A 446 34.26 -51.00 24.43
CA SER A 446 35.21 -52.08 24.52
C SER A 446 34.98 -52.93 25.77
N CYS A 447 35.91 -52.83 26.73
CA CYS A 447 35.79 -53.46 28.04
C CYS A 447 35.90 -54.99 27.97
N ASP A 448 36.24 -55.62 29.11
CA ASP A 448 36.26 -57.07 29.22
C ASP A 448 34.86 -57.53 29.62
N ASP A 449 34.70 -58.08 30.83
CA ASP A 449 33.39 -58.32 31.45
C ASP A 449 32.41 -58.93 30.46
N ALA A 450 32.95 -59.56 29.41
CA ALA A 450 32.32 -59.81 28.11
C ALA A 450 30.85 -60.23 28.15
N THR A 451 30.34 -60.56 29.34
CA THR A 451 28.91 -60.74 29.49
C THR A 451 28.20 -59.39 29.46
N LEU A 452 28.79 -58.36 30.05
CA LEU A 452 28.20 -57.03 29.93
C LEU A 452 28.05 -56.63 28.48
N ARG A 453 28.99 -56.99 27.62
CA ARG A 453 28.90 -56.54 26.24
C ARG A 453 27.64 -57.08 25.57
N THR A 454 27.43 -58.40 25.51
CA THR A 454 26.16 -58.82 24.89
C THR A 454 24.95 -58.63 25.79
N GLN A 455 25.10 -58.35 27.08
CA GLN A 455 23.92 -58.06 27.88
C GLN A 455 23.39 -56.66 27.61
N ALA A 456 24.24 -55.64 27.74
CA ALA A 456 23.87 -54.31 27.30
C ALA A 456 23.60 -54.27 25.81
N GLY A 457 24.15 -55.19 25.04
CA GLY A 457 23.82 -55.28 23.63
C GLY A 457 22.39 -55.72 23.38
N ILE A 458 21.90 -56.70 24.15
CA ILE A 458 20.48 -56.98 23.99
C ILE A 458 19.66 -55.83 24.56
N ALA A 459 20.15 -55.18 25.64
CA ALA A 459 19.48 -53.99 26.15
C ALA A 459 19.24 -52.99 25.03
N LEU A 460 20.29 -52.68 24.27
CA LEU A 460 20.19 -51.72 23.18
C LEU A 460 19.30 -52.23 22.06
N ALA A 461 19.65 -53.37 21.48
CA ALA A 461 18.81 -53.83 20.39
C ALA A 461 17.34 -53.90 20.77
N ALA A 462 17.03 -54.01 22.06
CA ALA A 462 15.66 -54.06 22.54
C ALA A 462 15.06 -52.68 22.70
N LEU A 463 15.86 -51.72 23.15
CA LEU A 463 15.36 -50.35 23.27
C LEU A 463 15.12 -49.72 21.89
N ARG A 464 15.93 -50.09 20.89
CA ARG A 464 15.73 -49.58 19.54
C ARG A 464 14.43 -50.14 19.00
N GLU A 465 14.36 -51.44 18.72
CA GLU A 465 13.08 -52.02 18.29
C GLU A 465 12.03 -51.76 19.34
N GLY A 466 10.84 -51.37 18.91
CA GLY A 466 9.84 -51.00 19.89
C GLY A 466 10.27 -49.71 20.54
N GLY A 467 9.38 -48.73 20.56
CA GLY A 467 9.83 -47.35 20.60
C GLY A 467 10.95 -47.00 21.55
N HIS A 468 10.55 -46.39 22.66
CA HIS A 468 11.42 -46.07 23.78
C HIS A 468 12.73 -45.43 23.34
N ASP A 469 12.62 -44.36 22.54
CA ASP A 469 13.75 -43.49 22.30
C ASP A 469 14.03 -42.57 23.49
N ILE A 470 13.07 -42.42 24.39
CA ILE A 470 13.09 -41.42 25.47
C ILE A 470 14.43 -41.47 26.18
N VAL A 471 15.06 -42.64 26.13
CA VAL A 471 16.32 -42.98 26.76
C VAL A 471 17.53 -42.35 26.06
N VAL A 472 17.44 -42.08 24.75
CA VAL A 472 18.66 -41.77 23.97
C VAL A 472 19.45 -40.65 24.60
N GLY A 473 18.78 -39.73 25.30
CA GLY A 473 19.47 -38.70 26.05
C GLY A 473 20.51 -39.31 26.96
N LEU A 474 20.03 -39.89 28.05
CA LEU A 474 20.86 -40.56 29.03
C LEU A 474 22.05 -41.28 28.43
N LEU A 475 21.76 -42.27 27.58
CA LEU A 475 22.80 -43.15 27.08
C LEU A 475 23.84 -42.40 26.26
N THR A 476 23.41 -41.43 25.44
CA THR A 476 24.40 -40.62 24.74
C THR A 476 25.24 -39.88 25.76
N ARG A 477 24.55 -39.30 26.72
CA ARG A 477 25.09 -38.68 27.91
C ARG A 477 26.23 -39.53 28.48
N TYR A 478 26.03 -40.87 28.53
CA TYR A 478 27.04 -41.78 29.04
C TYR A 478 28.08 -42.16 28.00
N PHE A 479 27.63 -42.52 26.80
CA PHE A 479 28.57 -42.88 25.74
C PHE A 479 29.68 -41.85 25.60
N ALA A 480 29.37 -40.59 25.89
CA ALA A 480 30.35 -39.52 25.80
C ALA A 480 31.52 -39.79 26.72
N ALA A 481 31.23 -40.05 27.98
CA ALA A 481 32.29 -40.29 28.93
C ALA A 481 33.19 -41.43 28.48
N HIS A 482 32.69 -42.40 27.68
CA HIS A 482 33.59 -43.48 27.28
C HIS A 482 34.61 -43.02 26.25
N ARG A 483 34.25 -42.04 25.43
CA ARG A 483 35.16 -41.48 24.44
C ARG A 483 35.88 -40.26 24.96
N LEU A 484 35.52 -39.78 26.14
CA LEU A 484 36.19 -38.65 26.77
C LEU A 484 36.61 -39.12 28.16
N SER A 485 37.84 -39.62 28.28
CA SER A 485 38.30 -40.17 29.53
C SER A 485 39.82 -40.16 29.58
N SER A 486 40.36 -39.76 30.71
CA SER A 486 41.77 -39.93 31.00
C SER A 486 42.12 -41.39 30.71
N PRO A 487 43.10 -41.67 29.84
CA PRO A 487 43.25 -43.05 29.30
C PRO A 487 43.14 -44.17 30.33
N GLU A 488 43.29 -43.84 31.63
CA GLU A 488 43.14 -44.85 32.68
C GLU A 488 41.67 -45.21 32.93
N THR A 489 40.78 -44.21 33.02
CA THR A 489 39.37 -44.46 33.33
C THR A 489 38.52 -44.72 32.08
N VAL A 490 39.12 -45.22 31.01
CA VAL A 490 38.36 -45.77 29.88
C VAL A 490 37.49 -46.93 30.33
N GLU A 491 38.09 -47.87 31.07
CA GLU A 491 37.34 -49.06 31.47
C GLU A 491 36.19 -48.71 32.40
N SER A 492 36.45 -47.81 33.36
CA SER A 492 35.39 -47.37 34.27
C SER A 492 34.21 -46.83 33.49
N SER A 493 34.47 -45.90 32.56
CA SER A 493 33.44 -45.35 31.69
C SER A 493 32.69 -46.44 30.94
N ALA A 494 33.37 -47.19 30.06
CA ALA A 494 32.75 -48.26 29.28
C ALA A 494 31.79 -49.09 30.12
N ARG A 495 32.17 -49.32 31.37
CA ARG A 495 31.34 -50.12 32.27
C ARG A 495 30.10 -49.33 32.67
N GLN A 496 30.29 -48.06 33.10
CA GLN A 496 29.17 -47.18 33.40
C GLN A 496 28.12 -47.22 32.31
N PHE A 497 28.58 -46.98 31.09
CA PHE A 497 27.73 -46.97 29.89
C PHE A 497 26.94 -48.27 29.74
N LEU A 498 27.66 -49.40 29.72
CA LEU A 498 27.00 -50.70 29.58
C LEU A 498 25.91 -50.89 30.62
N LEU A 499 26.20 -50.49 31.87
CA LEU A 499 25.23 -50.62 32.96
C LEU A 499 24.04 -49.67 32.80
N ALA A 500 24.29 -48.43 32.37
CA ALA A 500 23.21 -47.53 31.98
C ALA A 500 22.25 -48.21 31.01
N ALA A 501 22.81 -48.81 29.95
CA ALA A 501 22.03 -49.51 28.92
C ALA A 501 21.16 -50.61 29.50
N ARG A 502 21.78 -51.47 30.30
CA ARG A 502 21.04 -52.53 30.96
C ARG A 502 19.91 -51.95 31.81
N SER A 503 20.25 -50.99 32.70
CA SER A 503 19.26 -50.49 33.64
C SER A 503 18.07 -49.93 32.90
N CYS A 504 18.31 -49.30 31.75
CA CYS A 504 17.24 -48.72 30.95
C CYS A 504 16.36 -49.80 30.34
N ALA A 505 16.99 -50.88 29.85
CA ALA A 505 16.21 -52.00 29.34
C ALA A 505 15.38 -52.63 30.46
N ALA A 506 15.93 -52.65 31.66
CA ALA A 506 15.22 -53.18 32.81
C ALA A 506 14.00 -52.32 33.13
N PHE A 507 14.24 -51.04 33.40
CA PHE A 507 13.16 -50.12 33.75
C PHE A 507 12.10 -50.11 32.66
N TYR A 508 12.52 -50.22 31.40
CA TYR A 508 11.59 -50.35 30.30
C TYR A 508 10.76 -51.62 30.44
N ALA A 509 11.45 -52.76 30.55
CA ALA A 509 10.74 -54.03 30.58
C ALA A 509 9.70 -54.01 31.69
N LEU A 510 10.10 -53.54 32.86
CA LEU A 510 9.16 -53.49 33.98
C LEU A 510 8.03 -52.51 33.69
N TRP A 511 8.36 -51.29 33.26
CA TRP A 511 7.38 -50.23 33.23
C TRP A 511 6.30 -50.51 32.19
N ARG A 512 6.68 -50.91 30.98
CA ARG A 512 5.64 -51.27 30.04
C ARG A 512 5.10 -52.68 30.25
N GLY A 513 5.74 -53.52 31.08
CA GLY A 513 5.11 -54.77 31.46
C GLY A 513 3.97 -54.53 32.43
N SER A 514 4.22 -53.73 33.47
CA SER A 514 3.24 -53.56 34.54
C SER A 514 2.16 -52.59 34.12
N PHE A 515 2.54 -51.37 33.76
CA PHE A 515 1.55 -50.44 33.24
C PHE A 515 1.11 -50.87 31.85
N GLY A 516 0.12 -50.17 31.32
CA GLY A 516 -0.35 -50.43 29.97
C GLY A 516 0.21 -49.55 28.88
N SER A 517 1.20 -48.71 29.15
CA SER A 517 1.52 -47.65 28.20
C SER A 517 2.77 -46.94 28.66
N THR A 518 3.36 -46.16 27.75
CA THR A 518 4.44 -45.24 28.08
C THR A 518 3.93 -44.06 28.91
N ALA A 519 3.05 -44.35 29.87
CA ALA A 519 2.32 -43.34 30.59
C ALA A 519 3.24 -42.26 31.15
N GLY A 520 3.99 -42.60 32.18
CA GLY A 520 4.84 -41.60 32.81
C GLY A 520 6.26 -41.61 32.31
N ILE A 521 6.69 -42.76 31.76
CA ILE A 521 8.11 -43.02 31.55
C ILE A 521 8.79 -41.83 30.89
N ASP A 522 8.10 -41.17 29.96
CA ASP A 522 8.74 -40.04 29.31
C ASP A 522 9.03 -38.96 30.34
N GLY A 523 8.01 -38.58 31.09
CA GLY A 523 8.22 -37.63 32.15
C GLY A 523 9.22 -38.12 33.17
N VAL A 524 9.27 -39.42 33.40
CA VAL A 524 10.21 -39.95 34.38
C VAL A 524 11.66 -39.70 33.94
N TYR A 525 11.99 -40.04 32.69
CA TYR A 525 13.35 -39.85 32.19
C TYR A 525 13.72 -38.39 32.10
N ARG A 526 12.75 -37.55 31.77
CA ARG A 526 13.00 -36.11 31.77
C ARG A 526 13.26 -35.59 33.19
N SER A 527 12.42 -36.05 34.13
CA SER A 527 12.57 -35.70 35.54
C SER A 527 13.96 -36.00 36.03
N LEU A 528 14.47 -37.21 35.75
CA LEU A 528 15.86 -37.51 36.09
C LEU A 528 16.81 -36.52 35.43
N MET A 529 16.56 -36.16 34.15
CA MET A 529 17.48 -35.26 33.47
C MET A 529 17.53 -33.87 34.07
N THR A 530 16.48 -33.45 34.79
CA THR A 530 16.49 -32.12 35.41
C THR A 530 16.84 -32.10 36.90
N HIS A 531 16.45 -33.13 37.65
CA HIS A 531 16.60 -33.13 39.10
C HIS A 531 18.01 -32.81 39.57
N VAL A 532 18.08 -32.11 40.71
CA VAL A 532 19.34 -31.91 41.42
C VAL A 532 19.71 -33.21 42.11
N VAL A 533 20.95 -33.66 41.91
CA VAL A 533 21.41 -34.92 42.47
C VAL A 533 22.70 -34.61 43.20
N GLU A 534 22.73 -34.89 44.50
CA GLU A 534 23.89 -34.67 45.37
C GLU A 534 24.36 -33.20 45.35
N GLU A 535 23.47 -32.33 45.84
CA GLU A 535 23.77 -30.92 46.08
C GLU A 535 24.42 -30.23 44.88
N GLY A 536 25.69 -29.86 45.05
CA GLY A 536 26.44 -29.13 44.06
C GLY A 536 27.47 -29.95 43.33
N MET A 537 27.45 -31.27 43.46
CA MET A 537 28.41 -32.01 42.65
C MET A 537 28.05 -31.91 41.16
N PRO A 538 27.05 -32.64 40.61
CA PRO A 538 26.80 -32.45 39.19
C PRO A 538 25.34 -32.18 38.95
N ARG A 539 24.92 -32.52 37.74
CA ARG A 539 23.52 -32.51 37.36
C ARG A 539 23.33 -33.55 36.28
N PHE A 540 22.23 -34.31 36.34
CA PHE A 540 22.20 -35.61 35.67
C PHE A 540 22.41 -35.50 34.16
N ALA A 541 21.55 -34.76 33.47
CA ALA A 541 21.71 -34.52 32.05
C ALA A 541 22.48 -33.23 31.84
N ARG A 542 23.71 -33.36 31.32
CA ARG A 542 24.67 -32.27 31.11
C ARG A 542 23.99 -30.93 30.92
N PHE A 543 24.38 -29.95 31.72
CA PHE A 543 23.67 -28.69 31.82
C PHE A 543 24.79 -27.66 31.93
N GLU A 544 25.27 -27.18 30.77
CA GLU A 544 26.61 -26.61 30.69
C GLU A 544 27.60 -27.64 31.21
N ARG A 545 28.05 -27.53 32.45
CA ARG A 545 29.04 -28.49 33.06
C ARG A 545 30.22 -28.71 32.11
N ASP A 546 30.67 -29.96 31.87
CA ASP A 546 31.92 -30.15 31.14
C ASP A 546 32.06 -31.49 30.41
N LEU A 547 30.94 -32.12 30.02
CA LEU A 547 30.88 -33.23 29.07
C LEU A 547 31.52 -34.52 29.57
N THR A 548 32.82 -34.50 29.91
CA THR A 548 33.44 -35.73 30.46
C THR A 548 32.82 -36.09 31.80
N GLU A 549 32.77 -35.14 32.73
CA GLU A 549 32.30 -35.40 34.09
C GLU A 549 30.80 -35.76 34.06
N VAL A 550 30.31 -36.24 35.20
CA VAL A 550 28.87 -36.28 35.49
C VAL A 550 28.21 -37.44 34.75
N PRO A 551 27.28 -38.21 35.39
CA PRO A 551 26.71 -38.20 36.74
C PRO A 551 27.42 -39.21 37.67
N PRO A 552 26.90 -40.47 37.97
CA PRO A 552 27.85 -41.48 38.45
C PRO A 552 27.92 -42.65 37.50
N VAL A 553 27.32 -43.75 37.94
CA VAL A 553 27.25 -44.99 37.18
C VAL A 553 25.89 -45.57 37.49
N GLU A 554 25.35 -45.20 38.65
CA GLU A 554 24.36 -46.03 39.32
C GLU A 554 23.35 -45.20 40.09
N ALA A 555 23.52 -43.88 40.17
CA ALA A 555 22.41 -43.10 40.69
C ALA A 555 21.18 -43.28 39.82
N LEU A 556 21.39 -43.61 38.53
CA LEU A 556 20.31 -44.09 37.68
C LEU A 556 19.48 -45.12 38.41
N GLN A 557 20.15 -46.19 38.85
CA GLN A 557 19.41 -47.30 39.45
C GLN A 557 18.65 -46.81 40.67
N SER A 558 19.32 -46.08 41.55
CA SER A 558 18.67 -45.62 42.78
C SER A 558 17.47 -44.73 42.46
N TYR A 559 17.60 -43.85 41.47
CA TYR A 559 16.50 -42.95 41.16
C TYR A 559 15.35 -43.69 40.51
N LEU A 560 15.67 -44.46 39.47
CA LEU A 560 14.66 -45.27 38.81
C LEU A 560 13.95 -46.17 39.81
N LYS A 561 14.69 -46.72 40.78
CA LYS A 561 14.08 -47.57 41.80
C LYS A 561 13.15 -46.77 42.68
N GLU A 562 13.66 -45.67 43.28
CA GLU A 562 12.82 -44.81 44.12
C GLU A 562 11.56 -44.43 43.39
N GLN A 563 11.61 -44.43 42.06
CA GLN A 563 10.44 -44.10 41.26
C GLN A 563 9.56 -45.32 41.04
N LEU A 564 10.17 -46.48 40.81
CA LEU A 564 9.41 -47.72 40.71
C LEU A 564 8.48 -47.90 41.89
N ARG A 565 8.74 -47.22 43.01
CA ARG A 565 7.79 -47.13 44.10
C ARG A 565 6.59 -46.35 43.58
N SER A 566 6.19 -45.31 44.33
CA SER A 566 5.15 -44.38 43.90
C SER A 566 4.05 -45.09 43.12
N GLU A 567 3.77 -44.58 41.92
CA GLU A 567 2.89 -45.28 40.98
C GLU A 567 3.73 -46.13 40.04
N GLY A 568 4.43 -47.07 40.64
CA GLY A 568 5.27 -47.95 39.85
C GLY A 568 5.01 -49.37 40.29
N ILE A 569 4.98 -49.56 41.61
CA ILE A 569 4.77 -50.86 42.25
C ILE A 569 5.91 -51.81 41.85
N TYR A 570 6.66 -52.29 42.85
CA TYR A 570 7.82 -53.11 42.51
C TYR A 570 8.04 -54.31 43.40
N ASP A 571 7.30 -54.48 44.48
CA ASP A 571 7.37 -55.75 45.18
C ASP A 571 6.97 -56.83 44.22
N LYS A 572 7.86 -57.81 44.05
CA LYS A 572 7.66 -58.89 43.09
C LYS A 572 6.20 -59.30 43.05
N GLN A 573 5.58 -59.36 44.24
CA GLN A 573 4.16 -59.66 44.36
C GLN A 573 3.33 -58.69 43.54
N GLN A 574 3.46 -57.40 43.87
CA GLN A 574 2.68 -56.37 43.20
C GLN A 574 2.94 -56.38 41.70
N TRP A 575 4.20 -56.51 41.30
CA TRP A 575 4.52 -56.36 39.89
C TRP A 575 3.93 -57.51 39.09
N VAL A 576 4.10 -58.74 39.58
CA VAL A 576 3.53 -59.89 38.89
C VAL A 576 2.02 -59.81 38.87
N ALA A 577 1.41 -59.24 39.91
CA ALA A 577 -0.02 -59.03 39.88
C ALA A 577 -0.39 -58.18 38.69
N ARG A 578 0.27 -57.03 38.55
CA ARG A 578 -0.04 -56.15 37.44
C ARG A 578 0.26 -56.81 36.10
N ALA A 579 1.43 -57.43 35.98
CA ALA A 579 1.94 -57.79 34.65
C ALA A 579 1.31 -59.07 34.10
N ALA A 580 0.84 -59.99 34.96
CA ALA A 580 0.12 -61.16 34.47
C ALA A 580 -1.15 -60.77 33.72
N MET A 581 -1.68 -59.58 34.00
CA MET A 581 -2.94 -59.13 33.45
C MET A 581 -2.77 -57.97 32.47
N THR A 582 -1.67 -57.95 31.71
CA THR A 582 -1.51 -56.95 30.66
C THR A 582 -1.21 -57.75 29.41
N PRO A 583 -2.01 -57.64 28.37
CA PRO A 583 -1.70 -58.34 27.12
C PRO A 583 -0.51 -57.72 26.43
N VAL A 584 0.68 -58.31 26.64
CA VAL A 584 1.90 -57.68 26.18
C VAL A 584 2.09 -57.86 24.68
N TYR A 585 1.54 -58.93 24.08
CA TYR A 585 1.63 -59.03 22.63
C TYR A 585 0.90 -57.85 21.97
N GLN A 586 -0.12 -57.32 22.66
CA GLN A 586 -0.84 -56.17 22.15
C GLN A 586 0.05 -54.94 22.09
N HIS A 587 0.88 -54.72 23.12
CA HIS A 587 1.65 -53.49 23.13
C HIS A 587 2.82 -53.54 22.17
N SER A 588 4.03 -53.66 22.67
CA SER A 588 5.16 -53.74 21.77
C SER A 588 5.59 -55.20 21.72
N LYS A 589 5.68 -55.76 20.52
CA LYS A 589 6.16 -57.13 20.40
C LYS A 589 7.60 -57.28 20.89
N PRO A 590 8.51 -56.36 20.63
CA PRO A 590 9.82 -56.48 21.27
C PRO A 590 9.78 -56.50 22.79
N LEU A 591 8.78 -55.91 23.43
CA LEU A 591 8.65 -56.05 24.89
C LEU A 591 8.40 -57.50 25.28
N THR A 592 7.48 -58.17 24.58
CA THR A 592 7.24 -59.57 24.90
C THR A 592 8.49 -60.38 24.62
N ARG A 593 9.23 -60.06 23.56
CA ARG A 593 10.48 -60.77 23.33
C ARG A 593 11.43 -60.59 24.50
N LEU A 594 11.59 -59.35 24.96
CA LEU A 594 12.42 -59.11 26.13
C LEU A 594 11.93 -59.89 27.34
N LEU A 595 10.61 -59.94 27.56
CA LEU A 595 10.08 -60.59 28.76
C LEU A 595 10.16 -62.12 28.69
N LEU A 596 9.92 -62.71 27.53
CA LEU A 596 10.09 -64.14 27.40
C LEU A 596 11.57 -64.50 27.50
N LEU A 597 12.44 -63.77 26.80
CA LEU A 597 13.87 -64.05 26.91
C LEU A 597 14.43 -63.82 28.30
N ALA A 598 13.81 -62.96 29.10
CA ALA A 598 14.25 -62.90 30.48
C ALA A 598 13.55 -63.95 31.32
N ALA A 599 12.39 -64.43 30.88
CA ALA A 599 11.69 -65.43 31.67
C ALA A 599 12.25 -66.82 31.46
N SER A 600 13.00 -67.05 30.39
CA SER A 600 13.63 -68.35 30.19
C SER A 600 15.14 -68.27 30.39
N GLN A 601 15.62 -67.35 31.24
CA GLN A 601 17.06 -67.32 31.47
C GLN A 601 17.50 -68.61 32.15
N ASN A 602 18.34 -69.37 31.43
CA ASN A 602 18.75 -70.73 31.79
C ASN A 602 17.61 -71.46 32.52
N SER A 603 16.49 -71.61 31.86
CA SER A 603 15.29 -72.15 32.47
C SER A 603 15.10 -73.62 32.06
N THR A 604 14.23 -74.33 32.79
CA THR A 604 14.00 -75.76 32.58
C THR A 604 12.52 -76.07 32.71
N PRO A 605 12.03 -77.04 31.93
CA PRO A 605 10.63 -77.43 32.04
C PRO A 605 10.34 -77.91 33.44
N ASP A 606 9.18 -77.54 33.97
CA ASP A 606 8.82 -77.91 35.34
C ASP A 606 8.06 -79.21 35.34
N SER A 607 8.46 -80.11 36.25
CA SER A 607 7.81 -81.41 36.39
C SER A 607 6.69 -81.37 37.40
N ALA A 608 6.83 -80.53 38.42
CA ALA A 608 5.82 -80.46 39.48
C ALA A 608 4.47 -80.11 38.89
N THR A 609 4.44 -79.17 37.96
CA THR A 609 3.23 -78.82 37.24
C THR A 609 3.51 -78.91 35.75
N PRO A 610 2.75 -79.69 35.01
CA PRO A 610 3.14 -79.99 33.63
C PRO A 610 2.93 -78.79 32.73
N GLY A 611 4.02 -78.13 32.35
CA GLY A 611 3.97 -77.02 31.42
C GLY A 611 4.55 -75.70 31.92
N LEU A 612 4.74 -75.53 33.22
CA LEU A 612 5.45 -74.34 33.68
C LEU A 612 6.94 -74.61 33.59
N VAL A 613 7.74 -73.72 34.17
CA VAL A 613 9.20 -73.80 34.07
C VAL A 613 9.79 -73.22 35.35
N VAL A 614 11.01 -73.66 35.68
CA VAL A 614 11.72 -73.16 36.85
C VAL A 614 13.20 -72.99 36.53
N ARG A 615 13.86 -72.19 37.35
CA ARG A 615 15.23 -71.76 37.08
C ARG A 615 16.17 -72.44 38.03
N GLY A 616 17.46 -72.19 37.81
CA GLY A 616 18.43 -72.61 38.78
C GLY A 616 19.71 -73.19 38.23
N LYS A 617 19.89 -73.17 36.91
CA LYS A 617 21.09 -73.78 36.35
C LYS A 617 22.15 -72.72 36.02
N SER A 618 22.23 -71.66 36.84
CA SER A 618 23.08 -70.46 36.73
C SER A 618 23.61 -70.17 35.33
N GLY A 619 24.22 -71.14 34.67
CA GLY A 619 24.64 -70.94 33.30
C GLY A 619 24.25 -72.10 32.41
N LEU A 620 22.98 -72.52 32.45
CA LEU A 620 22.58 -73.61 31.58
C LEU A 620 22.74 -73.16 30.14
N LEU A 621 21.78 -72.41 29.65
CA LEU A 621 21.91 -71.70 28.38
C LEU A 621 21.20 -70.37 28.62
N GLU A 622 22.02 -69.34 28.83
CA GLU A 622 21.63 -68.01 29.26
C GLU A 622 21.28 -67.13 28.06
N THR A 623 20.09 -66.55 28.09
CA THR A 623 19.46 -65.95 26.93
C THR A 623 19.65 -64.44 26.83
N LEU A 624 19.88 -63.73 27.93
CA LEU A 624 20.01 -62.30 27.79
C LEU A 624 21.36 -61.91 27.17
N GLU A 625 21.57 -62.30 25.90
CA GLU A 625 22.78 -61.97 25.14
C GLU A 625 22.36 -61.50 23.76
N LEU A 626 22.90 -60.35 23.34
CA LEU A 626 22.51 -59.75 22.07
C LEU A 626 22.62 -60.74 20.93
N GLU A 627 23.55 -61.69 21.06
CA GLU A 627 23.66 -62.74 20.08
C GLU A 627 22.41 -63.59 20.06
N ARG A 628 21.57 -63.49 21.09
CA ARG A 628 20.35 -64.27 21.15
C ARG A 628 19.10 -63.45 20.98
N TRP A 629 19.21 -62.13 20.87
CA TRP A 629 18.09 -61.37 20.38
C TRP A 629 17.83 -61.75 18.93
N ASN A 630 18.81 -61.49 18.09
CA ASN A 630 18.73 -61.93 16.71
C ASN A 630 18.72 -63.44 16.58
N ASP A 631 19.09 -64.20 17.62
CA ASP A 631 19.19 -65.66 17.49
C ASP A 631 17.87 -66.23 17.01
N GLU A 632 17.69 -66.24 15.70
CA GLU A 632 16.47 -66.73 15.09
C GLU A 632 16.42 -68.25 15.20
N ALA A 633 17.19 -68.81 16.14
CA ALA A 633 16.81 -70.08 16.73
C ALA A 633 15.38 -69.89 17.20
N PHE A 634 15.24 -69.38 18.40
CA PHE A 634 13.95 -69.06 19.03
C PHE A 634 13.69 -67.56 18.89
N ALA A 635 13.01 -67.20 17.81
CA ALA A 635 12.65 -65.85 17.45
C ALA A 635 11.38 -65.91 16.61
N THR A 636 10.29 -66.38 17.21
CA THR A 636 8.94 -66.22 16.69
C THR A 636 8.00 -66.26 17.88
N ILE A 637 7.13 -65.26 17.99
CA ILE A 637 6.15 -65.24 19.06
C ILE A 637 4.99 -66.13 18.66
N GLU A 638 4.89 -67.31 19.28
CA GLU A 638 3.77 -68.20 19.01
C GLU A 638 2.78 -68.13 20.16
N HIS A 639 1.53 -67.84 19.80
CA HIS A 639 0.40 -67.99 20.72
C HIS A 639 0.07 -69.46 20.85
N VAL A 640 -0.17 -69.93 22.07
CA VAL A 640 -0.72 -71.26 22.19
C VAL A 640 -2.15 -71.22 21.67
N ALA A 641 -3.04 -70.62 22.43
CA ALA A 641 -4.40 -70.47 21.96
C ALA A 641 -4.41 -69.39 20.90
N PRO A 642 -4.94 -69.66 19.72
CA PRO A 642 -4.80 -68.72 18.62
C PRO A 642 -5.71 -67.53 18.77
N GLN A 643 -5.27 -66.43 18.16
CA GLN A 643 -6.13 -65.28 18.02
C GLN A 643 -7.28 -65.56 17.07
N ALA A 644 -7.05 -66.38 16.04
CA ALA A 644 -8.06 -66.71 15.05
C ALA A 644 -8.67 -68.09 15.33
N PRO A 645 -9.89 -68.16 15.90
CA PRO A 645 -10.71 -69.37 15.75
C PRO A 645 -12.18 -69.03 15.54
N SER A 646 -12.54 -68.48 14.38
CA SER A 646 -13.83 -67.81 14.21
C SER A 646 -15.00 -68.78 14.36
N SER A 647 -14.86 -70.00 13.84
CA SER A 647 -15.85 -71.04 14.04
C SER A 647 -15.42 -72.02 15.11
N ASN A 648 -14.39 -71.67 15.89
CA ASN A 648 -13.78 -72.56 16.88
C ASN A 648 -13.17 -73.75 16.16
N GLY A 649 -11.87 -73.67 15.88
CA GLY A 649 -11.13 -74.83 15.38
C GLY A 649 -11.33 -75.99 16.32
N SER A 650 -11.72 -75.62 17.54
CA SER A 650 -12.28 -76.41 18.63
C SER A 650 -12.12 -75.52 19.84
N TRP A 651 -10.98 -75.67 20.50
CA TRP A 651 -10.45 -74.70 21.46
C TRP A 651 -11.39 -74.46 22.63
N ASN A 652 -11.06 -73.50 23.48
CA ASN A 652 -11.79 -73.26 24.72
C ASN A 652 -12.17 -71.79 24.81
N ALA A 653 -13.46 -71.50 24.78
CA ALA A 653 -13.95 -70.14 24.88
C ALA A 653 -13.81 -69.53 26.29
N ASP A 654 -13.34 -70.28 27.30
CA ASP A 654 -12.94 -69.65 28.56
C ASP A 654 -11.91 -68.56 28.33
N LEU A 655 -11.06 -68.76 27.33
CA LEU A 655 -9.99 -67.83 26.97
C LEU A 655 -10.50 -66.64 26.17
N TYR A 656 -11.78 -66.65 25.75
CA TYR A 656 -12.31 -65.63 24.86
C TYR A 656 -13.42 -64.83 25.51
N GLU A 657 -13.75 -65.12 26.77
CA GLU A 657 -14.59 -64.18 27.51
C GLU A 657 -13.90 -62.83 27.61
N ASP A 658 -12.59 -62.84 27.83
CA ASP A 658 -11.79 -61.62 27.95
C ASP A 658 -10.80 -61.63 26.79
N PRO A 659 -10.92 -60.72 25.83
CA PRO A 659 -10.03 -60.76 24.67
C PRO A 659 -8.59 -60.40 25.00
N GLU A 660 -8.31 -59.93 26.22
CA GLU A 660 -6.93 -59.70 26.63
C GLU A 660 -6.25 -60.98 27.08
N LEU A 661 -7.01 -62.06 27.26
CA LEU A 661 -6.40 -63.29 27.72
C LEU A 661 -5.39 -63.78 26.70
N ILE A 662 -5.85 -63.94 25.46
CA ILE A 662 -5.13 -64.57 24.35
C ILE A 662 -3.76 -63.94 24.12
N ASN A 663 -3.51 -62.79 24.75
CA ASN A 663 -2.30 -62.04 24.43
C ASN A 663 -1.40 -61.79 25.64
N ARG A 664 -1.58 -62.55 26.71
CA ARG A 664 -0.65 -62.44 27.82
C ARG A 664 0.49 -63.46 27.66
N ILE A 665 1.57 -63.29 28.47
CA ILE A 665 2.74 -64.16 28.34
C ILE A 665 2.35 -65.61 28.42
N GLY A 666 1.42 -65.94 29.32
CA GLY A 666 1.05 -67.33 29.52
C GLY A 666 0.52 -68.00 28.27
N ASN A 667 0.33 -67.25 27.20
CA ASN A 667 -0.11 -67.82 25.94
C ASN A 667 0.95 -67.76 24.84
N LEU A 668 2.15 -67.30 25.14
CA LEU A 668 3.15 -67.06 24.11
C LEU A 668 4.45 -67.74 24.47
N THR A 669 5.18 -68.22 23.46
CA THR A 669 6.60 -68.56 23.65
C THR A 669 7.38 -68.13 22.43
N LEU A 670 8.66 -68.48 22.49
CA LEU A 670 9.61 -68.23 21.42
C LEU A 670 9.76 -69.53 20.62
N LEU A 671 9.31 -69.53 19.39
CA LEU A 671 9.36 -70.65 18.46
C LEU A 671 10.35 -70.39 17.34
N PRO A 672 11.20 -71.30 17.10
CA PRO A 672 11.94 -71.31 15.86
C PRO A 672 11.10 -71.46 14.58
N ALA A 673 11.84 -71.65 13.48
CA ALA A 673 11.33 -71.95 12.15
C ALA A 673 10.09 -71.12 11.81
N VAL A 674 8.97 -71.75 11.87
CA VAL A 674 7.75 -71.22 11.26
C VAL A 674 7.01 -70.29 12.24
N GLU A 675 6.38 -69.26 11.67
CA GLU A 675 5.34 -68.49 12.37
C GLU A 675 4.01 -69.08 11.94
N ASN A 676 3.47 -68.57 10.82
CA ASN A 676 2.27 -69.08 10.16
C ASN A 676 2.46 -69.04 8.64
N ALA A 677 3.68 -69.34 8.16
CA ALA A 677 4.07 -69.14 6.76
C ALA A 677 4.51 -70.41 6.07
N SER A 678 5.40 -71.18 6.70
CA SER A 678 5.87 -72.48 6.19
C SER A 678 4.93 -73.62 6.56
N ALA A 679 5.04 -74.11 7.80
CA ALA A 679 4.17 -75.16 8.33
C ALA A 679 3.77 -74.81 9.75
N SER A 680 2.47 -74.69 10.03
CA SER A 680 2.13 -74.18 11.35
C SER A 680 0.71 -74.51 11.81
N ASN A 681 0.55 -74.58 13.15
CA ASN A 681 -0.67 -74.34 13.94
C ASN A 681 -1.73 -75.43 13.80
N ARG A 682 -2.83 -75.27 14.57
CA ARG A 682 -4.17 -75.78 14.29
C ARG A 682 -5.10 -75.63 15.49
N ALA A 683 -5.56 -76.77 16.02
CA ALA A 683 -6.37 -76.83 17.24
C ALA A 683 -5.54 -77.51 18.32
N TRP A 684 -5.92 -77.29 19.59
CA TRP A 684 -5.04 -77.68 20.69
C TRP A 684 -4.90 -79.18 20.82
N HIS A 685 -3.97 -79.73 20.05
CA HIS A 685 -3.68 -81.15 19.98
C HIS A 685 -2.58 -81.20 18.95
N LEU A 686 -2.94 -80.76 17.76
CA LEU A 686 -1.94 -80.45 16.77
C LEU A 686 -0.95 -79.41 17.31
N LYS A 687 -1.44 -78.47 18.12
CA LYS A 687 -0.51 -77.55 18.78
C LYS A 687 0.32 -78.30 19.82
N ARG A 688 -0.31 -79.22 20.57
CA ARG A 688 0.45 -80.10 21.46
C ARG A 688 1.54 -80.80 20.67
N LEU A 689 1.18 -81.35 19.51
CA LEU A 689 2.11 -82.13 18.70
C LEU A 689 3.26 -81.29 18.19
N MET A 690 2.96 -80.07 17.74
CA MET A 690 3.99 -79.17 17.26
C MET A 690 4.97 -78.84 18.39
N PHE A 691 4.47 -78.64 19.61
CA PHE A 691 5.38 -78.36 20.73
C PHE A 691 6.18 -79.60 21.11
N ARG A 692 5.58 -80.78 20.95
CA ARG A 692 6.30 -82.02 21.21
C ARG A 692 7.36 -82.25 20.16
N ALA A 693 7.12 -81.82 18.92
CA ALA A 693 8.08 -81.99 17.84
C ALA A 693 9.42 -81.35 18.19
N LEU A 694 9.43 -80.03 18.37
CA LEU A 694 10.66 -79.34 18.73
C LEU A 694 10.73 -79.32 20.26
N SER A 695 11.26 -80.41 20.80
CA SER A 695 11.61 -80.51 22.21
C SER A 695 12.35 -81.84 22.33
N ALA A 696 12.58 -82.52 21.20
CA ALA A 696 13.10 -83.88 21.22
C ALA A 696 14.60 -83.89 21.52
N ALA A 697 15.00 -84.70 22.51
CA ALA A 697 16.40 -84.81 22.95
C ALA A 697 17.17 -85.93 22.27
N THR A 698 16.57 -86.56 21.25
CA THR A 698 17.19 -87.60 20.44
C THR A 698 16.62 -87.54 19.04
N VAL A 699 17.35 -88.11 18.09
CA VAL A 699 16.81 -88.15 16.74
C VAL A 699 15.72 -89.20 16.63
N GLU A 700 15.83 -90.25 17.43
CA GLU A 700 14.80 -91.26 17.57
C GLU A 700 13.68 -90.85 18.46
N GLU A 701 13.56 -89.56 18.70
CA GLU A 701 12.29 -88.97 19.05
C GLU A 701 11.96 -87.90 18.06
N ALA A 702 12.96 -87.39 17.36
CA ALA A 702 12.74 -86.36 16.34
C ALA A 702 11.92 -86.91 15.19
N GLU A 703 12.43 -87.96 14.51
CA GLU A 703 11.70 -88.52 13.38
C GLU A 703 10.41 -89.19 13.84
N LYS A 704 10.46 -89.83 15.00
CA LYS A 704 9.28 -90.51 15.49
C LYS A 704 8.14 -89.52 15.69
N THR A 705 8.40 -88.38 16.35
CA THR A 705 7.31 -87.44 16.61
C THR A 705 7.02 -86.54 15.40
N LEU A 706 8.01 -86.32 14.54
CA LEU A 706 7.75 -85.69 13.26
C LEU A 706 6.69 -86.45 12.46
N ALA A 707 6.86 -87.77 12.29
CA ALA A 707 5.84 -88.55 11.57
C ALA A 707 4.56 -88.71 12.40
N ASP A 708 4.68 -88.79 13.73
CA ASP A 708 3.50 -88.76 14.60
C ASP A 708 2.59 -87.62 14.21
N ALA A 709 3.15 -86.43 14.05
CA ALA A 709 2.36 -85.26 13.76
C ALA A 709 2.02 -85.14 12.28
N GLU A 710 2.78 -85.79 11.39
CA GLU A 710 2.33 -85.82 10.00
C GLU A 710 1.09 -86.69 9.85
N ALA A 711 0.82 -87.57 10.82
CA ALA A 711 -0.41 -88.35 10.78
C ALA A 711 -1.63 -87.42 10.78
N GLN A 712 -1.75 -86.57 11.80
CA GLN A 712 -2.69 -85.46 11.74
C GLN A 712 -2.24 -84.39 10.74
N GLY A 713 -0.94 -84.35 10.40
CA GLY A 713 -0.42 -83.37 9.46
C GLY A 713 0.39 -82.21 9.98
N LEU A 714 1.67 -82.41 10.32
CA LEU A 714 2.56 -81.27 10.60
C LEU A 714 3.07 -80.62 9.33
N ARG A 715 3.19 -81.39 8.25
CA ARG A 715 3.57 -80.85 6.95
C ARG A 715 2.40 -80.10 6.31
N LEU A 716 2.10 -78.92 6.89
CA LEU A 716 1.03 -78.04 6.43
C LEU A 716 1.62 -76.93 5.57
N GLY A 717 1.10 -76.78 4.34
CA GLY A 717 1.58 -75.79 3.39
C GLY A 717 2.40 -76.38 2.26
N SER A 718 3.18 -77.43 2.54
CA SER A 718 3.97 -78.16 1.56
C SER A 718 4.47 -79.48 2.15
N GLY A 719 5.53 -79.41 2.95
CA GLY A 719 6.07 -80.58 3.62
C GLY A 719 6.87 -80.26 4.87
N ALA A 720 6.32 -79.41 5.74
CA ALA A 720 6.99 -78.93 6.95
C ALA A 720 8.31 -78.23 6.61
N GLY A 721 8.33 -76.90 6.73
CA GLY A 721 9.41 -76.05 6.25
C GLY A 721 10.85 -76.49 6.46
N GLU A 722 11.51 -75.97 7.48
CA GLU A 722 12.85 -76.44 7.86
C GLU A 722 12.78 -77.44 9.01
N ILE A 723 12.12 -78.57 8.73
CA ILE A 723 11.65 -79.49 9.77
C ILE A 723 12.14 -80.90 9.38
N VAL A 724 13.36 -81.26 9.78
CA VAL A 724 13.81 -82.65 9.61
C VAL A 724 14.55 -83.21 10.83
N ARG A 725 15.74 -82.69 11.13
CA ARG A 725 16.62 -83.25 12.17
C ARG A 725 17.25 -82.12 13.00
N GLN A 726 16.39 -81.36 13.70
CA GLN A 726 16.80 -80.17 14.44
C GLN A 726 17.26 -80.51 15.85
N ALA A 727 18.48 -80.09 16.20
CA ALA A 727 18.88 -80.05 17.60
C ALA A 727 17.97 -79.07 18.32
N ARG A 728 18.57 -78.06 18.94
CA ARG A 728 17.92 -76.86 19.48
C ARG A 728 17.17 -77.10 20.79
N TYR A 729 17.44 -76.20 21.72
CA TYR A 729 16.93 -76.25 23.07
C TYR A 729 16.10 -74.98 23.39
N LEU A 730 14.80 -75.20 23.65
CA LEU A 730 13.83 -74.14 23.93
C LEU A 730 13.08 -74.59 25.17
N PRO A 731 13.63 -74.34 26.35
CA PRO A 731 13.03 -74.89 27.58
C PRO A 731 11.53 -74.67 27.67
N LEU A 732 11.04 -73.59 27.11
CA LEU A 732 9.64 -73.29 27.27
C LEU A 732 8.76 -74.28 26.50
N VAL A 733 9.25 -74.78 25.36
CA VAL A 733 8.40 -75.59 24.49
C VAL A 733 8.30 -77.01 25.00
N ALA A 734 9.34 -77.48 25.66
CA ALA A 734 9.29 -78.75 26.35
C ALA A 734 8.15 -78.70 27.37
N ALA A 735 8.26 -77.86 28.38
CA ALA A 735 7.14 -77.69 29.27
C ALA A 735 5.99 -76.99 28.58
N LEU A 736 5.48 -77.62 27.53
CA LEU A 736 4.30 -77.18 26.81
C LEU A 736 3.85 -78.40 26.04
N ALA A 737 4.87 -79.18 25.66
CA ALA A 737 4.69 -80.57 25.28
C ALA A 737 4.41 -81.47 26.48
N GLN A 738 4.62 -80.95 27.69
CA GLN A 738 4.50 -81.72 28.91
C GLN A 738 3.17 -81.55 29.62
N ARG A 739 2.28 -80.69 29.15
CA ARG A 739 0.95 -80.60 29.74
C ARG A 739 -0.02 -81.39 28.87
N GLU A 740 -0.68 -82.38 29.48
CA GLU A 740 -1.83 -82.95 28.81
C GLU A 740 -3.05 -82.18 29.27
N GLU A 741 -3.99 -82.85 29.92
CA GLU A 741 -5.22 -82.19 30.34
C GLU A 741 -5.85 -81.39 29.21
N GLU A 742 -5.83 -80.07 29.32
CA GLU A 742 -6.41 -79.18 28.31
C GLU A 742 -5.85 -77.78 28.54
N TRP A 743 -6.10 -76.87 27.57
CA TRP A 743 -5.62 -75.48 27.60
C TRP A 743 -6.70 -74.58 28.19
N THR A 744 -6.70 -74.47 29.52
CA THR A 744 -7.68 -73.67 30.25
C THR A 744 -7.25 -72.20 30.43
N ALA A 745 -8.27 -71.36 30.72
CA ALA A 745 -8.02 -69.97 31.08
C ALA A 745 -7.33 -69.87 32.43
N GLU A 746 -7.71 -70.75 33.36
CA GLU A 746 -7.07 -70.82 34.67
C GLU A 746 -5.58 -71.18 34.54
N PHE A 747 -5.25 -72.14 33.68
CA PHE A 747 -3.85 -72.50 33.52
C PHE A 747 -3.07 -71.42 32.81
N VAL A 748 -3.69 -70.72 31.86
CA VAL A 748 -3.01 -69.61 31.20
C VAL A 748 -2.69 -68.51 32.22
N GLU A 749 -3.62 -68.26 33.16
CA GLU A 749 -3.30 -67.34 34.24
C GLU A 749 -2.10 -67.86 35.03
N ALA A 750 -2.10 -69.15 35.37
CA ALA A 750 -1.00 -69.70 36.17
C ALA A 750 0.33 -69.60 35.42
N ARG A 751 0.27 -69.81 34.11
CA ARG A 751 1.48 -69.86 33.31
C ARG A 751 2.10 -68.48 33.20
N SER A 752 1.26 -67.49 32.89
CA SER A 752 1.71 -66.10 32.83
C SER A 752 2.22 -65.63 34.19
N GLN A 753 1.56 -66.06 35.27
CA GLN A 753 2.01 -65.67 36.59
C GLN A 753 3.42 -66.19 36.85
N ARG A 754 3.68 -67.46 36.57
CA ARG A 754 5.03 -67.99 36.82
C ARG A 754 6.07 -67.38 35.90
N LEU A 755 5.74 -67.22 34.61
CA LEU A 755 6.69 -66.62 33.68
C LEU A 755 7.08 -65.22 34.12
N CYS A 756 6.09 -64.44 34.59
CA CYS A 756 6.35 -63.08 35.08
C CYS A 756 7.25 -63.12 36.29
N SER A 757 6.96 -64.05 37.22
CA SER A 757 7.80 -64.20 38.40
C SER A 757 9.23 -64.42 37.99
N LEU A 758 9.43 -65.30 37.02
CA LEU A 758 10.78 -65.62 36.60
C LEU A 758 11.45 -64.42 35.96
N ALA A 759 10.76 -63.74 35.05
CA ALA A 759 11.37 -62.58 34.39
C ALA A 759 11.71 -61.50 35.39
N TRP A 760 10.81 -61.27 36.35
CA TRP A 760 11.09 -60.27 37.36
C TRP A 760 12.37 -60.62 38.09
N ASP A 761 12.49 -61.90 38.47
CA ASP A 761 13.72 -62.39 39.09
C ASP A 761 14.92 -62.14 38.19
N ALA A 762 14.78 -62.44 36.89
CA ALA A 762 15.92 -62.40 35.98
C ALA A 762 16.39 -60.99 35.69
N LEU A 763 15.50 -59.99 35.70
CA LEU A 763 15.83 -58.63 35.26
C LEU A 763 16.16 -57.67 36.38
N THR A 764 15.38 -57.68 37.49
CA THR A 764 15.55 -56.68 38.55
C THR A 764 17.01 -56.57 39.01
N PRO A 765 17.83 -57.62 38.85
CA PRO A 765 19.28 -57.45 39.06
C PRO A 765 19.93 -56.47 38.15
N TRP A 766 19.29 -56.07 37.07
CA TRP A 766 19.90 -55.10 36.18
C TRP A 766 19.85 -53.70 36.75
N LEU A 767 18.86 -53.43 37.60
CA LEU A 767 18.80 -52.25 38.42
C LEU A 767 19.54 -52.42 39.73
N GLY A 768 20.24 -53.54 39.92
CA GLY A 768 20.98 -53.81 41.14
C GLY A 768 20.07 -53.72 42.33
N PHE A 769 19.03 -54.55 42.34
CA PHE A 769 17.86 -54.26 43.14
C PHE A 769 18.15 -54.47 44.64
N GLU A 770 17.81 -53.45 45.45
CA GLU A 770 17.69 -53.52 46.91
C GLU A 770 16.44 -52.77 47.36
N PRO A 771 16.25 -51.49 46.99
CA PRO A 771 14.82 -51.12 46.97
C PRO A 771 14.06 -51.94 45.91
N MET B 1 -0.26 -4.30 16.84
CA MET B 1 0.20 -5.62 16.45
C MET B 1 -0.97 -6.53 16.06
N GLU B 2 -1.32 -6.53 14.76
CA GLU B 2 -2.30 -7.46 14.20
C GLU B 2 -2.04 -7.74 12.72
N THR B 3 -1.91 -6.66 11.97
CA THR B 3 -1.28 -6.70 10.66
C THR B 3 0.03 -5.94 10.68
N LYS B 4 0.49 -5.56 11.88
CA LYS B 4 1.58 -4.63 12.15
C LYS B 4 2.76 -4.88 11.21
N GLU B 5 2.55 -4.58 9.92
CA GLU B 5 3.30 -4.99 8.72
C GLU B 5 3.17 -6.51 8.56
N ILE B 6 3.67 -7.31 9.51
CA ILE B 6 3.89 -8.73 9.34
C ILE B 6 4.60 -9.00 8.03
N PHE B 7 3.84 -9.01 6.94
CA PHE B 7 4.39 -9.41 5.66
C PHE B 7 3.80 -8.54 4.58
N ASP B 8 4.34 -8.69 3.40
CA ASP B 8 4.11 -7.58 2.48
C ASP B 8 4.41 -8.04 1.05
N ALA B 9 3.34 -8.28 0.31
CA ALA B 9 3.47 -8.87 -1.00
C ALA B 9 2.98 -7.87 -2.02
N ALA B 10 3.68 -7.85 -3.15
CA ALA B 10 3.35 -7.01 -4.29
C ALA B 10 3.90 -7.68 -5.54
N PRO B 11 3.28 -7.48 -6.70
CA PRO B 11 3.74 -8.13 -7.91
C PRO B 11 4.69 -7.24 -8.67
N LEU B 12 5.73 -7.82 -9.25
CA LEU B 12 6.62 -6.99 -10.03
C LEU B 12 7.07 -7.75 -11.26
N SER B 13 7.10 -7.02 -12.37
CA SER B 13 7.82 -7.50 -13.54
C SER B 13 9.29 -7.64 -13.17
N VAL B 14 9.99 -8.57 -13.81
CA VAL B 14 11.37 -8.79 -13.45
C VAL B 14 12.22 -7.54 -13.69
N SER B 15 11.79 -6.65 -14.59
CA SER B 15 12.53 -5.41 -14.78
C SER B 15 12.36 -4.49 -13.58
N GLN B 16 11.10 -4.26 -13.16
CA GLN B 16 10.92 -3.39 -12.01
C GLN B 16 11.43 -4.02 -10.73
N PHE B 17 11.59 -5.36 -10.70
CA PHE B 17 12.17 -6.05 -9.55
C PHE B 17 13.69 -6.01 -9.55
N LEU B 18 14.30 -6.40 -10.64
CA LEU B 18 15.74 -6.53 -10.60
C LEU B 18 16.41 -5.18 -10.66
N SER B 19 15.91 -4.27 -11.48
CA SER B 19 16.63 -3.04 -11.80
C SER B 19 16.29 -1.84 -10.91
N GLU B 20 15.63 -2.05 -9.76
CA GLU B 20 15.37 -0.96 -8.82
C GLU B 20 16.70 -0.35 -8.47
N THR B 21 16.75 0.97 -8.45
CA THR B 21 18.05 1.63 -8.54
C THR B 21 18.94 1.36 -7.33
N GLY B 22 18.41 1.15 -6.12
CA GLY B 22 19.38 1.06 -5.03
C GLY B 22 19.55 -0.26 -4.29
N GLN B 23 19.22 -1.36 -4.96
CA GLN B 23 18.95 -2.62 -4.28
C GLN B 23 20.07 -3.61 -4.49
N GLY B 24 20.23 -4.49 -3.51
CA GLY B 24 21.11 -5.62 -3.65
C GLY B 24 20.41 -6.89 -3.26
N LEU B 25 20.47 -7.91 -4.12
CA LEU B 25 19.84 -9.19 -3.81
C LEU B 25 20.91 -10.06 -3.16
N TYR B 26 20.58 -10.65 -2.01
CA TYR B 26 21.61 -11.25 -1.17
C TYR B 26 21.21 -12.66 -0.77
N ILE B 27 22.02 -13.65 -1.14
CA ILE B 27 21.72 -15.05 -0.85
C ILE B 27 22.20 -15.33 0.56
N PRO B 28 21.32 -15.58 1.53
CA PRO B 28 21.76 -15.74 2.93
C PRO B 28 22.69 -16.93 3.03
N PRO B 29 23.41 -17.08 4.13
CA PRO B 29 24.51 -18.06 4.16
C PRO B 29 24.11 -19.52 4.42
N TYR B 30 22.83 -19.86 4.59
CA TYR B 30 22.40 -21.25 4.74
C TYR B 30 21.83 -21.82 3.45
N GLN B 31 21.78 -21.04 2.38
CA GLN B 31 21.24 -21.57 1.15
C GLN B 31 22.23 -22.52 0.52
N ARG B 32 21.71 -23.61 -0.07
CA ARG B 32 22.50 -24.48 -0.92
C ARG B 32 23.00 -23.68 -2.12
N ALA B 33 23.91 -24.28 -2.88
CA ALA B 33 24.40 -23.61 -4.08
C ALA B 33 23.42 -23.85 -5.23
N TYR B 34 23.82 -23.43 -6.41
CA TYR B 34 22.90 -23.45 -7.52
C TYR B 34 22.64 -24.90 -7.93
N SER B 35 21.39 -25.37 -7.81
CA SER B 35 21.09 -26.76 -8.16
C SER B 35 20.50 -26.79 -9.56
N TRP B 36 19.18 -26.63 -9.62
CA TRP B 36 18.38 -26.58 -10.86
C TRP B 36 19.01 -27.23 -12.09
N GLU B 37 18.65 -28.48 -12.32
CA GLU B 37 19.06 -29.20 -13.51
C GLU B 37 18.38 -28.60 -14.75
N LEU B 38 19.04 -28.75 -15.90
CA LEU B 38 18.64 -28.04 -17.11
C LEU B 38 17.17 -28.22 -17.49
N PRO B 39 16.52 -29.34 -17.21
CA PRO B 39 15.06 -29.39 -17.41
C PRO B 39 14.27 -28.34 -16.67
N LYS B 40 14.61 -28.02 -15.41
CA LYS B 40 13.92 -26.92 -14.72
C LYS B 40 14.12 -25.59 -15.46
N ILE B 41 15.35 -25.38 -15.98
CA ILE B 41 15.68 -24.18 -16.78
C ILE B 41 14.87 -24.14 -18.06
N ARG B 42 14.77 -25.26 -18.77
CA ARG B 42 14.00 -25.29 -20.00
C ARG B 42 12.53 -25.02 -19.73
N ARG B 43 11.96 -25.63 -18.68
CA ARG B 43 10.59 -25.28 -18.33
C ARG B 43 10.46 -23.79 -18.12
N LEU B 44 11.45 -23.18 -17.44
CA LEU B 44 11.43 -21.73 -17.19
C LEU B 44 11.32 -20.95 -18.49
N LEU B 45 12.31 -21.12 -19.36
CA LEU B 45 12.33 -20.35 -20.60
C LEU B 45 11.11 -20.66 -21.45
N SER B 46 10.66 -21.90 -21.47
CA SER B 46 9.53 -22.24 -22.32
C SER B 46 8.25 -21.64 -21.77
N ASP B 47 8.18 -21.43 -20.44
CA ASP B 47 7.03 -20.76 -19.82
C ASP B 47 6.91 -19.35 -20.32
N VAL B 48 8.00 -18.59 -20.21
CA VAL B 48 7.94 -17.20 -20.65
C VAL B 48 7.76 -17.15 -22.16
N ALA B 49 8.38 -18.07 -22.89
CA ALA B 49 8.21 -18.10 -24.34
C ALA B 49 6.77 -18.39 -24.70
N HIS B 50 6.14 -19.27 -23.93
CA HIS B 50 4.74 -19.58 -24.18
C HIS B 50 3.85 -18.37 -23.91
N GLY B 51 4.03 -17.74 -22.76
CA GLY B 51 3.23 -16.56 -22.44
C GLY B 51 3.37 -15.50 -23.51
N LEU B 52 4.59 -15.32 -24.04
CA LEU B 52 4.85 -14.39 -25.13
C LEU B 52 4.07 -14.78 -26.36
N ASP B 53 4.18 -16.05 -26.74
CA ASP B 53 3.54 -16.54 -27.94
C ASP B 53 2.02 -16.37 -27.88
N GLN B 54 1.46 -16.52 -26.69
CA GLN B 54 0.04 -16.35 -26.40
C GLN B 54 -0.35 -14.90 -26.23
N LEU B 55 0.64 -13.99 -26.10
CA LEU B 55 0.35 -12.57 -25.99
C LEU B 55 -0.20 -11.99 -27.27
N ALA B 56 0.26 -12.48 -28.43
CA ALA B 56 -0.29 -11.98 -29.68
C ALA B 56 -1.81 -12.06 -29.66
N GLU B 57 -2.31 -13.23 -29.28
CA GLU B 57 -3.74 -13.49 -29.13
C GLU B 57 -4.36 -12.61 -28.07
N PHE B 58 -4.09 -12.93 -26.80
CA PHE B 58 -4.69 -12.25 -25.66
C PHE B 58 -3.78 -11.10 -25.22
N GLU B 59 -4.26 -9.87 -25.41
CA GLU B 59 -3.44 -8.67 -25.21
C GLU B 59 -3.12 -8.36 -23.76
N ASP B 60 -3.77 -9.01 -22.80
CA ASP B 60 -3.48 -8.71 -21.40
C ASP B 60 -2.75 -9.84 -20.70
N SER B 61 -2.65 -11.04 -21.30
CA SER B 61 -1.97 -12.20 -20.72
C SER B 61 -0.62 -11.89 -20.07
N ILE B 62 -0.59 -12.05 -18.74
CA ILE B 62 0.61 -11.91 -17.94
C ILE B 62 1.11 -13.29 -17.57
N CYS B 63 2.42 -13.44 -17.64
CA CYS B 63 3.12 -14.67 -17.31
C CYS B 63 3.72 -14.55 -15.92
N PHE B 64 3.49 -15.58 -15.10
CA PHE B 64 3.96 -15.65 -13.71
C PHE B 64 5.23 -16.46 -13.58
N LEU B 65 6.00 -16.15 -12.54
CA LEU B 65 7.30 -16.78 -12.41
C LEU B 65 7.53 -17.28 -11.00
N GLY B 66 6.48 -17.36 -10.21
CA GLY B 66 6.55 -17.79 -8.82
C GLY B 66 6.68 -16.68 -7.83
N THR B 67 7.25 -17.05 -6.71
CA THR B 67 7.33 -16.22 -5.52
C THR B 67 8.80 -16.06 -5.20
N VAL B 68 9.21 -14.90 -4.67
CA VAL B 68 10.45 -14.86 -3.92
C VAL B 68 10.12 -14.23 -2.60
N ILE B 69 10.52 -14.91 -1.52
CA ILE B 69 10.30 -14.47 -0.13
C ILE B 69 11.64 -13.97 0.38
N ALA B 70 11.66 -12.74 0.88
CA ALA B 70 12.90 -12.11 1.24
C ALA B 70 12.73 -11.28 2.50
N LEU B 71 13.84 -11.09 3.17
CA LEU B 71 13.90 -10.25 4.35
C LEU B 71 14.44 -8.92 3.89
N ARG B 72 13.70 -7.84 4.16
CA ARG B 72 14.21 -6.50 3.85
C ARG B 72 15.14 -6.17 4.99
N ASP B 73 16.42 -6.43 4.79
CA ASP B 73 17.38 -6.25 5.88
C ASP B 73 17.77 -4.79 5.99
N ILE B 74 17.34 -4.16 7.07
CA ILE B 74 17.38 -2.72 7.12
C ILE B 74 18.63 -2.27 7.87
N ASN B 75 19.08 -3.05 8.85
CA ASN B 75 20.32 -2.77 9.56
C ASN B 75 21.47 -3.66 9.09
N TYR B 76 21.35 -4.23 7.87
CA TYR B 76 22.43 -4.97 7.23
C TYR B 76 23.03 -5.99 8.19
N THR B 77 22.17 -6.62 8.97
CA THR B 77 22.63 -7.57 9.95
C THR B 77 22.85 -8.93 9.34
N THR B 78 22.48 -9.14 8.08
CA THR B 78 22.64 -10.45 7.48
C THR B 78 23.71 -10.47 6.43
N VAL B 79 24.30 -9.34 6.10
CA VAL B 79 25.41 -9.30 5.16
C VAL B 79 26.66 -9.64 5.97
N GLU B 80 27.09 -10.88 5.88
CA GLU B 80 27.82 -11.39 7.02
C GLU B 80 29.27 -10.91 6.89
N PRO B 81 29.85 -10.86 5.66
CA PRO B 81 31.04 -10.03 5.45
C PRO B 81 30.70 -8.76 4.72
N LYS B 82 30.58 -7.65 5.45
CA LYS B 82 30.08 -6.40 4.89
C LYS B 82 31.05 -5.26 5.18
N TYR B 83 31.04 -4.29 4.30
CA TYR B 83 31.67 -3.02 4.55
C TYR B 83 30.55 -2.00 4.63
N ARG B 84 30.15 -1.65 5.86
CA ARG B 84 29.03 -0.72 5.99
C ARG B 84 29.34 0.59 5.29
N SER B 85 30.62 0.95 5.26
CA SER B 85 31.15 2.06 4.50
C SER B 85 30.28 2.29 3.27
N GLN B 86 30.04 1.25 2.48
CA GLN B 86 29.17 1.33 1.30
C GLN B 86 28.57 -0.04 0.90
N VAL B 87 27.76 -0.62 1.78
CA VAL B 87 26.76 -1.63 1.39
C VAL B 87 25.69 -0.90 0.60
N PRO B 88 24.94 -1.59 -0.27
CA PRO B 88 23.80 -0.94 -0.92
C PRO B 88 22.71 -0.52 0.07
N SER B 89 21.82 0.33 -0.44
CA SER B 89 20.85 1.05 0.38
C SER B 89 19.65 0.21 0.78
N LYS B 90 19.31 -0.78 -0.02
CA LYS B 90 18.22 -1.69 0.29
C LYS B 90 18.73 -3.06 -0.10
N VAL B 91 19.04 -3.91 0.91
CA VAL B 91 19.39 -5.30 0.63
C VAL B 91 18.18 -6.16 0.92
N MET B 92 17.98 -7.15 0.07
CA MET B 92 16.84 -8.03 0.16
C MET B 92 17.52 -9.37 0.22
N THR B 93 17.67 -9.90 1.43
CA THR B 93 18.18 -11.25 1.56
C THR B 93 17.08 -12.18 1.16
N ILE B 94 17.40 -13.09 0.24
CA ILE B 94 16.42 -13.95 -0.38
C ILE B 94 16.23 -15.22 0.47
N ILE B 95 15.13 -15.33 1.18
CA ILE B 95 14.91 -16.52 1.98
C ILE B 95 14.57 -17.71 1.09
N ASP B 96 13.69 -17.50 0.10
CA ASP B 96 13.28 -18.57 -0.81
C ASP B 96 13.11 -18.06 -2.22
N GLY B 97 13.53 -18.88 -3.17
CA GLY B 97 13.42 -18.58 -4.59
C GLY B 97 14.74 -18.26 -5.22
N GLN B 98 15.79 -18.11 -4.43
CA GLN B 98 17.12 -17.75 -4.94
C GLN B 98 17.57 -18.60 -6.12
N GLN B 99 16.93 -19.75 -6.34
CA GLN B 99 17.27 -20.55 -7.51
C GLN B 99 16.74 -19.88 -8.78
N ARG B 100 15.43 -19.55 -8.78
CA ARG B 100 14.83 -18.74 -9.83
C ARG B 100 15.59 -17.46 -10.06
N MET B 101 15.91 -16.73 -9.00
CA MET B 101 16.56 -15.44 -9.22
C MET B 101 17.92 -15.64 -9.90
N THR B 102 18.68 -16.66 -9.45
CA THR B 102 19.96 -16.96 -10.10
C THR B 102 19.74 -17.29 -11.57
N THR B 103 18.76 -18.13 -11.84
CA THR B 103 18.43 -18.44 -13.21
C THR B 103 18.09 -17.18 -13.99
N LEU B 104 17.30 -16.30 -13.39
CA LEU B 104 16.84 -15.08 -14.05
C LEU B 104 18.00 -14.18 -14.47
N LEU B 105 18.84 -13.81 -13.50
CA LEU B 105 19.97 -12.95 -13.81
C LEU B 105 20.79 -13.55 -14.92
N LEU B 106 21.02 -14.87 -14.86
CA LEU B 106 21.75 -15.54 -15.93
C LEU B 106 21.01 -15.39 -17.26
N LEU B 107 19.69 -15.54 -17.24
CA LEU B 107 18.90 -15.41 -18.46
C LEU B 107 19.14 -14.05 -19.08
N THR B 108 19.11 -13.01 -18.26
CA THR B 108 19.40 -11.69 -18.80
C THR B 108 20.80 -11.61 -19.36
N THR B 109 21.77 -12.28 -18.73
CA THR B 109 23.13 -12.19 -19.25
C THR B 109 23.20 -12.78 -20.67
N VAL B 110 22.51 -13.88 -20.91
CA VAL B 110 22.59 -14.40 -22.28
C VAL B 110 21.76 -13.56 -23.24
N LEU B 111 20.58 -13.07 -22.82
CA LEU B 111 19.80 -12.23 -23.74
C LEU B 111 20.61 -10.99 -24.12
N HIS B 112 21.37 -10.49 -23.17
CA HIS B 112 22.25 -9.36 -23.39
C HIS B 112 23.35 -9.69 -24.40
N GLU B 113 24.04 -10.82 -24.21
CA GLU B 113 25.11 -11.18 -25.13
C GLU B 113 24.58 -11.34 -26.54
N GLU B 114 23.54 -12.15 -26.69
CA GLU B 114 23.05 -12.38 -28.04
C GLU B 114 22.59 -11.09 -28.69
N ILE B 115 21.78 -10.29 -27.98
CA ILE B 115 21.23 -9.11 -28.65
C ILE B 115 22.33 -8.11 -29.01
N ARG B 116 23.30 -7.92 -28.12
CA ARG B 116 24.45 -7.08 -28.44
C ARG B 116 25.15 -7.53 -29.72
N VAL B 117 25.60 -8.79 -29.75
CA VAL B 117 26.52 -9.19 -30.80
C VAL B 117 25.81 -9.32 -32.13
N ARG B 118 24.59 -9.88 -32.16
CA ARG B 118 23.86 -9.88 -33.42
C ARG B 118 23.58 -8.46 -33.89
N ALA B 119 23.43 -7.51 -32.96
CA ALA B 119 23.15 -6.14 -33.33
C ALA B 119 24.35 -5.41 -33.90
N GLU B 120 25.57 -5.81 -33.55
CA GLU B 120 26.68 -5.17 -34.22
C GLU B 120 26.85 -5.68 -35.65
N LYS B 121 26.42 -6.91 -35.91
CA LYS B 121 26.36 -7.40 -37.27
C LYS B 121 25.28 -6.64 -38.15
N LEU B 122 24.69 -5.56 -37.67
CA LEU B 122 23.62 -4.86 -38.39
C LEU B 122 24.21 -3.77 -39.30
N THR B 123 23.66 -3.69 -40.52
CA THR B 123 23.95 -2.63 -41.49
C THR B 123 23.19 -1.35 -41.15
N ARG B 124 23.86 -0.37 -40.55
CA ARG B 124 23.18 0.77 -39.97
C ARG B 124 22.95 1.87 -41.01
N ASP B 125 22.21 1.51 -42.07
CA ASP B 125 22.00 2.36 -43.25
C ASP B 125 20.83 1.87 -44.09
N ASP B 126 19.72 1.63 -43.48
CA ASP B 126 18.69 0.77 -44.06
C ASP B 126 17.33 1.13 -43.48
N GLU B 127 17.25 2.10 -42.60
CA GLU B 127 16.10 2.61 -41.88
C GLU B 127 15.50 1.53 -40.97
N PRO B 128 14.72 0.53 -41.43
CA PRO B 128 14.43 -0.58 -40.51
C PRO B 128 15.66 -1.23 -39.90
N SER B 129 16.78 -1.36 -40.61
CA SER B 129 17.94 -1.93 -39.93
C SER B 129 18.40 -1.04 -38.77
N VAL B 130 18.39 0.28 -38.95
CA VAL B 130 18.77 1.15 -37.83
C VAL B 130 17.70 1.13 -36.75
N TRP B 131 16.42 1.03 -37.14
CA TRP B 131 15.37 0.85 -36.14
C TRP B 131 15.68 -0.33 -35.25
N CYS B 132 16.12 -1.40 -35.86
CA CYS B 132 16.42 -2.58 -35.09
C CYS B 132 17.66 -2.35 -34.25
N TYR B 133 18.67 -1.69 -34.81
CA TYR B 133 19.85 -1.43 -34.00
C TYR B 133 19.49 -0.60 -32.79
N ASN B 134 18.68 0.44 -32.99
CA ASN B 134 18.25 1.28 -31.86
C ASN B 134 17.46 0.46 -30.84
N GLN B 135 16.44 -0.26 -31.28
CA GLN B 135 15.69 -1.09 -30.34
C GLN B 135 16.63 -1.97 -29.53
N ALA B 136 17.64 -2.54 -30.19
CA ALA B 136 18.62 -3.37 -29.50
C ALA B 136 19.39 -2.59 -28.45
N LEU B 137 19.91 -1.42 -28.79
CA LEU B 137 20.59 -0.60 -27.79
C LEU B 137 19.73 -0.42 -26.56
N ASP B 138 18.46 -0.11 -26.80
CA ASP B 138 17.50 0.09 -25.73
C ASP B 138 17.46 -1.09 -24.78
N VAL B 139 17.15 -2.26 -25.32
CA VAL B 139 17.05 -3.44 -24.47
C VAL B 139 18.39 -3.83 -23.90
N THR B 140 19.49 -3.54 -24.61
CA THR B 140 20.82 -3.85 -24.09
C THR B 140 21.09 -3.06 -22.82
N GLY B 141 20.93 -1.75 -22.88
CA GLY B 141 21.11 -0.97 -21.67
C GLY B 141 20.15 -1.38 -20.56
N ARG B 142 18.91 -1.72 -20.93
CA ARG B 142 17.92 -1.97 -19.90
C ARG B 142 18.15 -3.32 -19.21
N LEU B 143 18.83 -4.25 -19.87
CA LEU B 143 19.27 -5.46 -19.19
C LEU B 143 20.53 -5.21 -18.40
N SER B 144 21.41 -4.39 -18.97
CA SER B 144 22.65 -4.05 -18.32
C SER B 144 22.37 -3.51 -16.93
N ASN B 145 21.47 -2.53 -16.80
CA ASN B 145 21.15 -2.09 -15.46
C ASN B 145 20.16 -3.03 -14.77
N CYS B 146 19.85 -4.18 -15.37
CA CYS B 146 19.09 -5.20 -14.67
C CYS B 146 19.98 -6.15 -13.85
N PHE B 147 21.11 -6.61 -14.40
CA PHE B 147 21.89 -7.53 -13.57
C PHE B 147 22.94 -6.86 -12.68
N GLU B 148 23.54 -5.74 -13.13
CA GLU B 148 24.51 -4.98 -12.37
C GLU B 148 24.05 -3.54 -12.17
N GLU B 149 24.77 -2.84 -11.33
CA GLU B 149 24.36 -1.48 -10.99
C GLU B 149 25.57 -0.56 -10.82
N ASP B 150 25.48 0.63 -11.41
CA ASP B 150 26.62 1.55 -11.47
C ASP B 150 26.62 2.33 -10.15
N MET B 151 27.24 1.72 -9.12
CA MET B 151 27.76 2.55 -8.04
C MET B 151 28.85 3.44 -8.63
N ARG B 152 29.09 4.59 -8.01
CA ARG B 152 29.60 5.63 -8.88
C ARG B 152 31.10 5.91 -8.83
N TYR B 153 31.88 5.29 -7.95
CA TYR B 153 33.29 5.64 -7.92
C TYR B 153 34.14 4.40 -7.65
N GLY B 154 35.45 4.52 -7.92
CA GLY B 154 36.40 3.47 -7.58
C GLY B 154 36.64 2.44 -8.67
N GLU B 155 37.57 1.53 -8.38
CA GLU B 155 37.69 0.26 -9.09
C GLU B 155 36.65 -0.70 -8.54
N HIS B 156 36.33 -1.73 -9.31
CA HIS B 156 35.10 -2.47 -9.02
C HIS B 156 33.95 -1.50 -8.90
N ARG B 157 33.80 -0.69 -9.94
CA ARG B 157 32.78 0.34 -9.92
C ARG B 157 31.37 -0.23 -10.02
N TYR B 158 31.21 -1.44 -10.51
CA TYR B 158 29.89 -2.00 -10.74
C TYR B 158 29.61 -3.11 -9.74
N TYR B 159 28.43 -3.08 -9.15
CA TYR B 159 27.99 -4.08 -8.19
C TYR B 159 27.20 -5.15 -8.92
N PRO B 160 27.36 -6.43 -8.64
CA PRO B 160 26.42 -7.40 -9.21
C PRO B 160 25.02 -7.21 -8.65
N ARG B 161 24.13 -8.14 -8.91
CA ARG B 161 23.02 -8.45 -8.00
C ARG B 161 23.10 -9.96 -7.71
N LEU B 162 22.47 -10.39 -6.61
CA LEU B 162 22.72 -11.75 -6.16
C LEU B 162 24.19 -11.84 -5.75
N ILE B 163 24.50 -12.62 -4.70
CA ILE B 163 25.84 -12.47 -4.15
C ILE B 163 26.29 -13.58 -3.18
N ARG B 164 25.36 -14.15 -2.38
CA ARG B 164 25.74 -15.16 -1.39
C ARG B 164 26.50 -14.55 -0.22
N SER B 165 26.32 -15.06 1.00
CA SER B 165 27.19 -14.53 2.03
C SER B 165 28.54 -15.21 1.94
N TYR B 166 29.48 -14.71 2.74
CA TYR B 166 30.79 -15.31 2.85
C TYR B 166 31.64 -15.10 1.60
N TYR B 167 31.44 -15.89 0.54
CA TYR B 167 32.05 -15.49 -0.71
C TYR B 167 31.27 -14.28 -1.24
N ASP B 168 32.01 -13.28 -1.71
CA ASP B 168 31.45 -12.02 -2.24
C ASP B 168 31.07 -11.00 -1.16
N VAL B 169 31.74 -9.86 -1.19
CA VAL B 169 31.35 -8.71 -0.39
C VAL B 169 31.11 -7.54 -1.33
N TRP B 170 29.90 -6.96 -1.25
CA TRP B 170 29.68 -5.71 -1.96
C TRP B 170 30.66 -4.70 -1.39
N SER B 171 31.41 -4.08 -2.30
CA SER B 171 32.07 -2.81 -2.10
C SER B 171 32.57 -2.26 -3.43
N ARG B 172 32.78 -0.96 -3.48
CA ARG B 172 33.26 -0.36 -4.72
C ARG B 172 34.72 0.02 -4.64
N ASN B 173 35.39 -0.35 -3.56
CA ASN B 173 36.78 0.02 -3.37
C ASN B 173 37.74 -1.09 -3.77
N LYS B 174 39.01 -0.73 -3.77
CA LYS B 174 40.00 -1.41 -4.58
C LYS B 174 40.53 -2.66 -3.89
N GLY B 175 40.78 -2.60 -2.59
CA GLY B 175 40.77 -3.81 -1.80
C GLY B 175 39.33 -4.21 -1.55
N GLU B 176 39.16 -5.21 -0.67
CA GLU B 176 37.92 -5.32 0.10
C GLU B 176 36.69 -5.76 -0.70
N ALA B 177 36.73 -5.70 -2.02
CA ALA B 177 35.61 -6.14 -2.85
C ALA B 177 35.88 -7.54 -3.40
N ARG B 178 35.07 -8.53 -3.00
CA ARG B 178 35.14 -9.86 -3.62
C ARG B 178 33.87 -10.19 -4.39
N TYR B 179 34.05 -10.86 -5.53
CA TYR B 179 32.97 -11.55 -6.23
C TYR B 179 33.53 -12.91 -6.63
N ARG B 180 33.25 -13.88 -5.74
CA ARG B 180 33.81 -15.20 -5.77
C ARG B 180 32.80 -16.34 -5.68
N SER B 181 31.54 -16.07 -5.35
CA SER B 181 30.56 -17.13 -5.41
C SER B 181 30.31 -17.47 -6.88
N PRO B 182 29.64 -18.60 -7.16
CA PRO B 182 29.28 -18.92 -8.56
C PRO B 182 28.56 -17.78 -9.27
N ILE B 183 27.44 -17.29 -8.74
CA ILE B 183 26.75 -16.18 -9.38
C ILE B 183 27.51 -14.89 -9.19
N GLY B 184 28.01 -14.65 -7.98
CA GLY B 184 28.82 -13.48 -7.77
C GLY B 184 29.93 -13.36 -8.80
N TYR B 185 30.75 -14.38 -8.90
CA TYR B 185 31.83 -14.34 -9.89
C TYR B 185 31.28 -14.22 -11.31
N TYR B 186 30.24 -15.01 -11.64
CA TYR B 186 29.74 -14.98 -13.01
C TYR B 186 29.33 -13.58 -13.40
N LEU B 187 28.49 -12.96 -12.58
CA LEU B 187 27.98 -11.63 -12.93
C LEU B 187 29.10 -10.60 -12.95
N GLU B 188 30.02 -10.66 -12.01
CA GLU B 188 31.16 -9.74 -12.09
C GLU B 188 31.84 -9.83 -13.44
N SER B 189 32.14 -11.06 -13.87
CA SER B 189 32.92 -11.25 -15.08
C SER B 189 32.14 -10.86 -16.33
N TYR B 190 30.88 -11.29 -16.43
CA TYR B 190 30.11 -10.85 -17.60
C TYR B 190 30.02 -9.34 -17.63
N GLY B 191 29.77 -8.72 -16.48
CA GLY B 191 29.61 -7.28 -16.46
C GLY B 191 30.83 -6.58 -17.01
N ALA B 192 32.01 -6.93 -16.50
CA ALA B 192 33.22 -6.35 -17.08
C ALA B 192 33.32 -6.64 -18.56
N TYR B 193 32.84 -7.81 -19.01
CA TYR B 193 32.94 -8.09 -20.45
C TYR B 193 32.11 -7.11 -21.27
N ALA B 194 30.87 -6.86 -20.84
CA ALA B 194 29.99 -6.03 -21.67
C ALA B 194 30.60 -4.67 -21.88
N ARG B 195 31.22 -4.11 -20.85
CA ARG B 195 31.76 -2.76 -20.94
C ARG B 195 33.06 -2.70 -21.71
N ASP B 196 33.47 -3.79 -22.38
CA ASP B 196 34.65 -3.71 -23.22
C ASP B 196 34.39 -2.71 -24.31
N PRO B 197 35.14 -1.62 -24.38
CA PRO B 197 35.17 -0.86 -25.64
C PRO B 197 35.77 -1.77 -26.69
N ASP B 198 35.42 -1.54 -27.96
CA ASP B 198 35.97 -2.36 -29.05
C ASP B 198 35.76 -3.85 -28.74
N ALA B 199 34.52 -4.20 -28.43
CA ALA B 199 34.21 -5.55 -27.98
C ALA B 199 33.56 -6.33 -29.10
N VAL B 200 32.28 -6.65 -28.95
CA VAL B 200 31.47 -7.09 -30.09
C VAL B 200 31.87 -8.48 -30.56
N LYS B 201 32.89 -9.04 -29.94
CA LYS B 201 33.05 -10.48 -30.06
C LYS B 201 32.11 -11.18 -29.07
N PRO B 202 31.62 -12.38 -29.39
CA PRO B 202 30.77 -13.10 -28.44
C PRO B 202 31.49 -13.42 -27.15
N TYR B 203 30.72 -13.74 -26.10
CA TYR B 203 31.30 -13.85 -24.78
C TYR B 203 31.97 -15.21 -24.60
N ARG B 204 33.22 -15.16 -24.12
CA ARG B 204 33.96 -16.36 -23.80
C ARG B 204 33.55 -16.90 -22.45
N HIS B 205 34.22 -16.37 -21.42
CA HIS B 205 34.09 -16.66 -19.99
C HIS B 205 35.33 -17.40 -19.50
N VAL B 206 35.92 -16.91 -18.42
CA VAL B 206 37.25 -17.31 -17.96
C VAL B 206 37.10 -17.91 -16.56
N PRO B 207 36.77 -19.18 -16.48
CA PRO B 207 36.14 -19.69 -15.25
C PRO B 207 37.06 -19.75 -14.04
N ILE B 208 37.20 -18.61 -13.36
CA ILE B 208 37.46 -18.52 -11.92
C ILE B 208 38.73 -19.20 -11.47
N ASP B 209 38.97 -19.17 -10.13
CA ASP B 209 40.06 -19.83 -9.42
C ASP B 209 41.35 -19.72 -10.21
N PRO B 210 41.87 -18.51 -10.37
CA PRO B 210 43.22 -18.39 -10.93
C PRO B 210 44.26 -19.06 -10.05
N ASP B 211 43.97 -19.23 -8.75
CA ASP B 211 44.74 -20.11 -7.88
C ASP B 211 44.14 -20.21 -6.48
N LYS B 212 42.83 -19.98 -6.34
CA LYS B 212 42.31 -19.77 -5.00
C LYS B 212 40.90 -20.31 -4.85
N THR B 213 40.11 -19.62 -4.02
CA THR B 213 38.66 -19.75 -3.95
C THR B 213 38.16 -21.19 -3.95
N ASP B 214 38.60 -21.95 -2.95
CA ASP B 214 38.02 -23.26 -2.71
C ASP B 214 37.04 -23.18 -1.55
N GLY B 215 36.43 -22.01 -1.38
CA GLY B 215 35.29 -21.90 -0.51
C GLY B 215 34.04 -22.58 -1.03
N VAL B 216 34.02 -23.00 -2.30
CA VAL B 216 32.92 -23.81 -2.81
C VAL B 216 33.48 -25.08 -3.43
N ASP B 217 32.69 -25.72 -4.30
CA ASP B 217 32.99 -27.08 -4.69
C ASP B 217 33.85 -27.18 -5.94
N LEU B 218 33.99 -26.12 -6.72
CA LEU B 218 34.63 -26.14 -8.04
C LEU B 218 33.77 -26.94 -9.00
N GLU B 219 32.97 -27.82 -8.44
CA GLU B 219 31.95 -28.50 -9.20
C GLU B 219 30.73 -27.60 -9.29
N ALA B 220 30.52 -26.79 -8.26
CA ALA B 220 29.47 -25.77 -8.30
C ALA B 220 29.71 -24.80 -9.44
N TYR B 221 30.95 -24.33 -9.58
CA TYR B 221 31.28 -23.42 -10.66
C TYR B 221 31.03 -24.08 -12.00
N ARG B 222 31.44 -25.33 -12.13
CA ARG B 222 31.19 -26.09 -13.35
C ARG B 222 29.72 -26.06 -13.70
N HIS B 223 28.88 -26.41 -12.72
CA HIS B 223 27.44 -26.50 -12.96
C HIS B 223 26.86 -25.15 -13.38
N LEU B 224 27.19 -24.08 -12.65
CA LEU B 224 26.57 -22.80 -12.96
C LEU B 224 27.00 -22.32 -14.32
N ASP B 225 28.31 -22.31 -14.58
CA ASP B 225 28.81 -21.94 -15.90
C ASP B 225 28.13 -22.74 -17.02
N ARG B 226 28.00 -24.06 -16.84
CA ARG B 226 27.40 -24.88 -17.89
C ARG B 226 25.94 -24.51 -18.08
N MET B 227 25.22 -24.34 -16.98
CA MET B 227 23.82 -24.00 -17.07
C MET B 227 23.62 -22.70 -17.83
N ARG B 228 24.41 -21.67 -17.52
CA ARG B 228 24.31 -20.41 -18.25
C ARG B 228 24.55 -20.63 -19.74
N ASP B 229 25.69 -21.22 -20.07
CA ASP B 229 26.05 -21.42 -21.46
C ASP B 229 25.02 -22.26 -22.21
N GLN B 230 24.25 -23.06 -21.52
CA GLN B 230 23.22 -23.77 -22.26
C GLN B 230 21.94 -22.95 -22.39
N MET B 231 21.69 -22.01 -21.49
CA MET B 231 20.67 -21.03 -21.78
C MET B 231 21.03 -20.32 -23.08
N ARG B 232 22.30 -19.91 -23.18
CA ARG B 232 22.76 -19.24 -24.39
C ARG B 232 22.57 -20.11 -25.63
N SER B 233 22.88 -21.41 -25.53
CA SER B 233 22.68 -22.27 -26.69
C SER B 233 21.20 -22.43 -27.03
N MET B 234 20.35 -22.71 -26.02
CA MET B 234 18.91 -22.84 -26.26
C MET B 234 18.39 -21.67 -27.04
N LEU B 235 18.67 -20.46 -26.56
CA LEU B 235 18.17 -19.30 -27.27
C LEU B 235 18.77 -19.20 -28.66
N ARG B 236 20.09 -19.29 -28.76
CA ARG B 236 20.73 -19.16 -30.06
C ARG B 236 19.98 -19.98 -31.10
N LYS B 237 19.63 -21.21 -30.70
CA LYS B 237 18.95 -22.17 -31.57
C LYS B 237 17.47 -21.87 -31.73
N ALA B 238 16.87 -21.13 -30.81
CA ALA B 238 15.44 -20.94 -30.92
C ALA B 238 15.06 -19.95 -31.99
N VAL B 239 16.03 -19.23 -32.55
CA VAL B 239 15.79 -18.31 -33.66
C VAL B 239 16.54 -18.70 -34.91
N GLY B 240 17.35 -19.75 -34.87
CA GLY B 240 18.33 -19.94 -35.91
C GLY B 240 17.80 -20.81 -37.03
N ALA B 241 18.27 -22.06 -37.10
CA ALA B 241 18.07 -22.90 -38.26
C ALA B 241 16.60 -23.26 -38.50
N GLY B 242 16.36 -24.50 -38.89
CA GLY B 242 15.01 -24.94 -39.10
C GLY B 242 14.84 -26.38 -38.66
N VAL B 243 15.90 -26.94 -38.08
CA VAL B 243 15.84 -28.34 -37.66
C VAL B 243 14.74 -28.49 -36.62
N LYS B 244 14.52 -27.46 -35.82
CA LYS B 244 13.33 -27.25 -35.00
C LYS B 244 12.87 -28.54 -34.35
N ARG B 245 13.71 -29.05 -33.45
CA ARG B 245 13.40 -30.29 -32.74
C ARG B 245 12.29 -30.06 -31.72
N GLU B 246 11.74 -31.16 -31.21
CA GLU B 246 10.38 -31.13 -30.71
C GLU B 246 10.21 -30.20 -29.51
N ASP B 247 11.10 -30.29 -28.52
CA ASP B 247 10.94 -29.30 -27.47
C ASP B 247 11.62 -27.99 -27.93
N ASP B 248 12.94 -27.80 -27.73
CA ASP B 248 13.59 -26.51 -28.06
C ASP B 248 12.73 -25.39 -27.48
N ILE B 249 12.80 -24.15 -27.98
CA ILE B 249 11.94 -23.14 -27.36
C ILE B 249 11.32 -22.26 -28.45
N GLN B 250 10.04 -22.44 -28.68
CA GLN B 250 9.35 -21.76 -29.77
C GLN B 250 8.86 -20.40 -29.31
N LEU B 251 9.48 -19.31 -29.82
CA LEU B 251 8.88 -17.98 -29.68
C LEU B 251 8.50 -17.43 -31.05
N PRO B 252 7.45 -16.59 -31.13
CA PRO B 252 6.87 -16.22 -32.43
C PRO B 252 7.86 -15.69 -33.46
N THR B 253 7.47 -15.80 -34.72
CA THR B 253 8.33 -15.58 -35.88
C THR B 253 8.17 -14.17 -36.41
N GLY B 254 9.12 -13.78 -37.25
CA GLY B 254 9.06 -12.47 -37.88
C GLY B 254 7.70 -12.09 -38.38
N THR B 255 7.08 -13.00 -39.14
CA THR B 255 5.74 -12.72 -39.62
C THR B 255 4.77 -12.60 -38.46
N ASP B 256 4.82 -13.56 -37.53
CA ASP B 256 4.03 -13.50 -36.29
C ASP B 256 4.13 -12.11 -35.66
N ILE B 257 5.35 -11.67 -35.35
CA ILE B 257 5.53 -10.38 -34.69
C ILE B 257 4.94 -9.27 -35.55
N GLY B 258 5.53 -9.08 -36.73
CA GLY B 258 5.13 -7.96 -37.57
C GLY B 258 3.64 -7.79 -37.74
N GLN B 259 2.87 -8.86 -37.61
CA GLN B 259 1.45 -8.74 -37.92
C GLN B 259 0.58 -8.69 -36.68
N SER B 260 1.18 -8.77 -35.50
CA SER B 260 0.45 -8.68 -34.24
C SER B 260 0.55 -7.28 -33.69
N GLN B 261 -0.50 -6.49 -33.86
CA GLN B 261 -0.45 -5.14 -33.33
C GLN B 261 -0.26 -5.20 -31.82
N ASN B 262 -1.08 -6.02 -31.14
CA ASN B 262 -1.10 -6.06 -29.68
C ASN B 262 0.25 -6.44 -29.12
N LEU B 263 0.95 -7.35 -29.78
CA LEU B 263 2.29 -7.68 -29.33
C LEU B 263 3.19 -6.46 -29.39
N GLN B 264 3.09 -5.69 -30.47
CA GLN B 264 3.91 -4.51 -30.64
C GLN B 264 3.61 -3.46 -29.58
N PHE B 265 2.34 -3.15 -29.37
CA PHE B 265 2.01 -2.15 -28.36
C PHE B 265 2.51 -2.60 -27.00
N ALA B 266 2.18 -3.83 -26.60
CA ALA B 266 2.44 -4.21 -25.22
C ALA B 266 3.92 -4.44 -24.95
N LEU B 267 4.76 -4.58 -25.96
CA LEU B 267 6.18 -4.69 -25.66
C LEU B 267 7.01 -3.48 -26.04
N PHE B 268 6.51 -2.62 -26.94
CA PHE B 268 7.21 -1.43 -27.41
C PHE B 268 6.37 -0.16 -27.36
N ASN B 269 5.24 -0.17 -26.67
CA ASN B 269 4.36 0.98 -26.46
C ASN B 269 4.04 1.74 -27.73
N SER B 270 4.15 1.11 -28.88
CA SER B 270 4.00 1.83 -30.13
C SER B 270 3.82 0.82 -31.25
N GLU B 271 3.24 1.28 -32.36
CA GLU B 271 3.12 0.38 -33.50
C GLU B 271 4.37 0.48 -34.35
N PHE B 272 4.76 -0.67 -34.88
CA PHE B 272 5.98 -0.79 -35.66
C PHE B 272 5.95 0.04 -36.94
N PRO B 273 7.12 0.53 -37.37
CA PRO B 273 7.23 1.15 -38.68
C PRO B 273 6.92 0.15 -39.78
N PRO B 274 6.11 0.53 -40.77
CA PRO B 274 5.70 -0.45 -41.77
C PRO B 274 6.85 -1.02 -42.53
N SER B 275 7.90 -0.22 -42.73
CA SER B 275 9.11 -0.75 -43.33
C SER B 275 9.58 -1.99 -42.58
N VAL B 276 9.33 -2.05 -41.26
CA VAL B 276 9.83 -3.15 -40.46
C VAL B 276 8.91 -4.37 -40.54
N VAL B 277 7.59 -4.20 -40.47
CA VAL B 277 6.76 -5.38 -40.66
C VAL B 277 7.03 -5.97 -42.05
N GLU B 278 7.40 -5.14 -43.02
CA GLU B 278 7.84 -5.71 -44.29
C GLU B 278 9.12 -6.52 -44.10
N GLN B 279 10.21 -5.87 -43.65
CA GLN B 279 11.48 -6.57 -43.48
C GLN B 279 11.37 -7.86 -42.67
N LEU B 280 10.37 -7.95 -41.78
CA LEU B 280 10.18 -9.10 -40.91
C LEU B 280 9.32 -10.20 -41.54
N GLU B 281 8.28 -9.82 -42.30
CA GLU B 281 7.38 -10.77 -42.97
C GLU B 281 8.14 -11.93 -43.59
N ASP B 282 9.40 -11.69 -43.98
CA ASP B 282 10.28 -12.71 -44.56
C ASP B 282 11.67 -12.57 -43.95
N ASP B 283 11.93 -13.32 -42.88
CA ASP B 283 13.17 -13.31 -42.10
C ASP B 283 14.15 -12.17 -42.42
N ALA B 284 14.85 -12.27 -43.54
CA ALA B 284 15.71 -11.18 -44.02
C ALA B 284 16.75 -10.75 -42.98
N LYS B 285 17.51 -11.72 -42.50
CA LYS B 285 18.79 -11.44 -41.86
C LYS B 285 18.68 -10.71 -40.54
N MET B 286 17.67 -9.87 -40.38
CA MET B 286 17.45 -9.15 -39.12
C MET B 286 16.32 -9.77 -38.32
N THR B 287 15.73 -10.84 -38.78
CA THR B 287 14.59 -11.26 -37.99
C THR B 287 15.06 -12.00 -36.75
N PRO B 288 16.15 -12.76 -36.77
CA PRO B 288 16.58 -13.38 -35.50
C PRO B 288 16.85 -12.36 -34.40
N LEU B 289 17.61 -11.30 -34.68
CA LEU B 289 17.88 -10.29 -33.65
C LEU B 289 16.59 -9.68 -33.10
N THR B 290 15.67 -9.32 -33.99
CA THR B 290 14.39 -8.76 -33.57
C THR B 290 13.56 -9.74 -32.74
N ARG B 291 13.56 -11.02 -33.13
CA ARG B 291 12.84 -11.99 -32.32
C ARG B 291 13.45 -12.10 -30.93
N LEU B 292 14.78 -12.11 -30.85
CA LEU B 292 15.44 -12.15 -29.54
C LEU B 292 15.08 -10.92 -28.69
N ILE B 293 14.99 -9.75 -29.32
CA ILE B 293 14.61 -8.53 -28.59
C ILE B 293 13.16 -8.56 -28.11
N VAL B 294 12.24 -8.99 -28.97
CA VAL B 294 10.85 -9.12 -28.51
C VAL B 294 10.79 -10.08 -27.34
N PHE B 295 11.50 -11.20 -27.43
CA PHE B 295 11.51 -12.09 -26.28
C PHE B 295 12.06 -11.34 -25.08
N ALA B 296 13.10 -10.53 -25.32
CA ALA B 296 13.73 -9.77 -24.23
C ALA B 296 12.73 -8.86 -23.55
N ASN B 297 11.99 -8.12 -24.32
CA ASN B 297 11.07 -7.18 -23.72
C ASN B 297 9.94 -7.88 -22.99
N TYR B 298 9.44 -8.98 -23.55
CA TYR B 298 8.44 -9.73 -22.80
C TYR B 298 8.99 -10.20 -21.48
N LEU B 299 10.24 -10.68 -21.48
CA LEU B 299 10.86 -11.07 -20.23
C LEU B 299 10.87 -9.90 -19.26
N LEU B 300 11.28 -8.74 -19.72
CA LEU B 300 11.45 -7.62 -18.80
C LEU B 300 10.12 -7.10 -18.24
N HIS B 301 9.12 -6.90 -19.09
CA HIS B 301 7.96 -6.10 -18.69
C HIS B 301 6.67 -6.86 -18.54
N ARG B 302 6.65 -8.14 -18.91
CA ARG B 302 5.41 -8.91 -18.81
C ARG B 302 5.50 -10.20 -18.00
N VAL B 303 6.71 -10.69 -17.71
CA VAL B 303 6.92 -11.74 -16.72
C VAL B 303 6.98 -11.11 -15.35
N THR B 304 6.25 -11.67 -14.40
CA THR B 304 6.18 -11.09 -13.08
C THR B 304 6.46 -12.16 -12.03
N VAL B 305 7.25 -11.80 -11.04
CA VAL B 305 7.41 -12.61 -9.85
C VAL B 305 6.64 -11.91 -8.74
N ALA B 306 6.15 -12.71 -7.78
CA ALA B 306 5.44 -12.19 -6.62
C ALA B 306 6.45 -11.99 -5.52
N VAL B 307 6.62 -10.76 -5.04
CA VAL B 307 7.67 -10.50 -4.06
C VAL B 307 7.06 -10.28 -2.69
N VAL B 308 7.45 -11.14 -1.75
CA VAL B 308 6.97 -11.10 -0.39
C VAL B 308 8.11 -10.62 0.48
N THR B 309 7.91 -9.51 1.20
CA THR B 309 8.96 -8.89 1.99
C THR B 309 8.57 -9.02 3.44
N ALA B 310 9.38 -9.69 4.22
CA ALA B 310 9.17 -9.70 5.66
C ALA B 310 10.21 -8.80 6.31
N LYS B 311 9.84 -8.25 7.46
CA LYS B 311 10.74 -7.32 8.14
C LYS B 311 11.54 -7.99 9.21
N ARG B 312 11.03 -9.06 9.80
CA ARG B 312 11.79 -9.86 10.76
C ARG B 312 12.06 -11.22 10.12
N GLU B 313 13.25 -11.79 10.39
CA GLU B 313 13.64 -13.05 9.74
C GLU B 313 12.81 -14.23 10.26
N ASP B 314 12.47 -14.23 11.57
CA ASP B 314 11.74 -15.37 12.09
C ASP B 314 10.33 -15.42 11.52
N TYR B 315 9.68 -14.26 11.38
CA TYR B 315 8.44 -14.21 10.62
C TYR B 315 8.67 -14.73 9.22
N GLY B 316 9.82 -14.42 8.63
CA GLY B 316 10.08 -14.86 7.25
C GLY B 316 10.10 -16.37 7.10
N PHE B 317 10.76 -17.07 8.03
CA PHE B 317 10.77 -18.53 7.96
C PHE B 317 9.37 -19.10 8.17
N ASP B 318 8.64 -18.59 9.17
CA ASP B 318 7.27 -19.07 9.34
C ASP B 318 6.41 -18.77 8.12
N MET B 319 6.72 -17.70 7.38
CA MET B 319 6.03 -17.39 6.13
C MET B 319 6.31 -18.45 5.07
N PHE B 320 7.59 -18.69 4.83
CA PHE B 320 8.02 -19.77 3.93
C PHE B 320 7.26 -21.04 4.22
N GLU B 321 7.23 -21.46 5.48
CA GLU B 321 6.47 -22.63 5.89
C GLU B 321 5.01 -22.52 5.47
N ALA B 322 4.34 -21.42 5.85
CA ALA B 322 2.91 -21.29 5.55
C ALA B 322 2.63 -21.27 4.05
N LEU B 323 3.64 -20.97 3.24
CA LEU B 323 3.47 -20.95 1.79
C LEU B 323 3.93 -22.23 1.10
N ASN B 324 4.70 -23.09 1.78
CA ASN B 324 4.92 -24.42 1.25
C ASN B 324 3.71 -25.34 1.44
N THR B 325 2.70 -24.91 2.21
CA THR B 325 1.49 -25.67 2.50
C THR B 325 0.29 -24.91 1.93
N THR B 326 -0.02 -25.16 0.66
CA THR B 326 -1.01 -24.35 -0.04
C THR B 326 -1.78 -25.24 -1.04
N GLY B 327 -2.58 -26.19 -0.52
CA GLY B 327 -3.56 -26.95 -1.35
C GLY B 327 -3.05 -27.79 -2.52
N GLN B 328 -4.04 -28.18 -3.39
CA GLN B 328 -3.85 -29.25 -4.39
C GLN B 328 -4.63 -28.93 -5.68
N PRO B 329 -3.95 -28.40 -6.70
CA PRO B 329 -4.65 -27.67 -7.78
C PRO B 329 -5.54 -28.60 -8.59
N LEU B 330 -6.43 -28.00 -9.41
CA LEU B 330 -7.50 -28.74 -10.09
C LEU B 330 -7.24 -28.94 -11.60
N THR B 331 -7.57 -30.11 -12.12
CA THR B 331 -7.34 -30.33 -13.52
C THR B 331 -8.22 -29.39 -14.32
N ALA B 332 -7.75 -29.10 -15.54
CA ALA B 332 -8.46 -28.21 -16.47
C ALA B 332 -9.90 -28.66 -16.76
N ILE B 333 -10.21 -29.93 -16.57
CA ILE B 333 -11.57 -30.37 -16.75
C ILE B 333 -12.43 -29.86 -15.60
N GLU B 334 -11.94 -30.00 -14.38
CA GLU B 334 -12.73 -29.58 -13.22
C GLU B 334 -13.08 -28.10 -13.29
N THR B 335 -12.07 -27.27 -13.62
CA THR B 335 -12.24 -25.82 -13.72
C THR B 335 -13.01 -25.40 -14.95
N PHE B 336 -13.32 -26.34 -15.84
CA PHE B 336 -14.01 -26.03 -17.08
C PHE B 336 -15.46 -26.47 -17.04
N LYS B 337 -15.75 -27.59 -16.36
CA LYS B 337 -17.13 -28.00 -16.07
C LYS B 337 -18.10 -26.86 -15.73
N PRO B 338 -17.77 -25.90 -14.88
CA PRO B 338 -18.74 -24.82 -14.66
C PRO B 338 -19.16 -24.18 -15.95
N ARG B 339 -18.23 -24.05 -16.90
CA ARG B 339 -18.55 -23.28 -18.10
C ARG B 339 -19.48 -24.01 -19.04
N ALA B 340 -19.74 -25.28 -18.81
CA ALA B 340 -20.77 -25.99 -19.54
C ALA B 340 -21.97 -26.31 -18.69
N ILE B 341 -21.81 -26.35 -17.36
CA ILE B 341 -22.97 -26.31 -16.49
C ILE B 341 -23.77 -25.06 -16.78
N LYS B 342 -23.07 -23.97 -17.09
CA LYS B 342 -23.71 -22.68 -17.35
C LYS B 342 -24.00 -22.45 -18.80
N GLU B 343 -24.20 -23.53 -19.58
CA GLU B 343 -24.78 -23.40 -20.91
C GLU B 343 -25.78 -24.51 -21.18
N GLU B 344 -26.15 -25.31 -20.17
CA GLU B 344 -26.97 -26.50 -20.42
C GLU B 344 -28.14 -26.64 -19.44
N GLY B 345 -29.20 -25.93 -19.73
CA GLY B 345 -29.06 -24.75 -20.56
C GLY B 345 -28.69 -23.79 -19.46
N LEU B 346 -29.47 -23.86 -18.39
CA LEU B 346 -29.23 -23.18 -17.13
C LEU B 346 -28.52 -24.13 -16.17
N ASP B 347 -29.04 -24.35 -14.98
CA ASP B 347 -28.59 -25.33 -14.03
C ASP B 347 -29.47 -26.58 -14.06
N GLU B 348 -30.49 -26.59 -14.92
CA GLU B 348 -31.26 -27.81 -15.13
C GLU B 348 -30.45 -28.63 -16.14
N TRP B 349 -29.45 -29.31 -15.62
CA TRP B 349 -28.70 -30.30 -16.36
C TRP B 349 -28.56 -31.53 -15.46
N GLN B 350 -28.69 -32.73 -16.02
CA GLN B 350 -28.64 -33.96 -15.24
C GLN B 350 -29.05 -35.05 -16.19
N GLU B 351 -29.94 -34.67 -17.08
CA GLU B 351 -30.44 -35.52 -18.11
C GLU B 351 -30.51 -34.59 -19.32
N SER B 352 -29.32 -34.15 -19.76
CA SER B 352 -29.21 -33.10 -20.78
C SER B 352 -27.82 -33.23 -21.41
N GLU B 353 -27.78 -33.90 -22.56
CA GLU B 353 -26.57 -34.23 -23.34
C GLU B 353 -25.25 -34.10 -22.59
N SER B 354 -24.83 -32.85 -22.35
CA SER B 354 -23.48 -32.60 -21.84
C SER B 354 -23.20 -33.37 -20.57
N LYS B 355 -24.18 -33.47 -19.67
CA LYS B 355 -24.05 -34.33 -18.49
C LYS B 355 -23.55 -35.73 -18.85
N LEU B 356 -24.13 -36.35 -19.89
CA LEU B 356 -23.66 -37.69 -20.31
C LEU B 356 -22.20 -37.67 -20.75
N HIS B 357 -21.83 -36.77 -21.66
CA HIS B 357 -20.43 -36.65 -22.06
C HIS B 357 -19.53 -36.51 -20.83
N PHE B 358 -19.84 -35.56 -19.94
CA PHE B 358 -19.02 -35.33 -18.77
C PHE B 358 -19.03 -36.54 -17.83
N ASP B 359 -20.15 -37.24 -17.74
CA ASP B 359 -20.16 -38.48 -16.99
C ASP B 359 -19.06 -39.38 -17.54
N VAL B 360 -18.97 -39.45 -18.88
CA VAL B 360 -17.93 -40.25 -19.55
C VAL B 360 -16.53 -39.82 -19.11
N VAL B 361 -16.20 -38.56 -19.35
CA VAL B 361 -14.83 -38.11 -19.13
C VAL B 361 -14.47 -38.24 -17.65
N GLU B 362 -15.38 -37.85 -16.76
CA GLU B 362 -15.14 -37.96 -15.33
C GLU B 362 -14.96 -39.41 -14.92
N ALA B 363 -15.79 -40.30 -15.44
CA ALA B 363 -15.65 -41.72 -15.16
C ALA B 363 -14.24 -42.19 -15.49
N TYR B 364 -13.79 -41.93 -16.72
CA TYR B 364 -12.46 -42.36 -17.14
C TYR B 364 -11.39 -41.78 -16.20
N LEU B 365 -11.53 -40.50 -15.85
CA LEU B 365 -10.55 -39.83 -14.99
C LEU B 365 -10.52 -40.43 -13.59
N ASP B 366 -11.69 -40.59 -12.98
CA ASP B 366 -11.69 -41.18 -11.64
C ASP B 366 -11.12 -42.58 -11.67
N ARG B 367 -11.24 -43.26 -12.80
CA ARG B 367 -10.76 -44.63 -12.88
C ARG B 367 -9.24 -44.69 -12.94
N GLU B 368 -8.66 -44.08 -13.98
CA GLU B 368 -7.21 -44.20 -14.21
C GLU B 368 -6.38 -43.22 -13.39
N GLY B 369 -6.96 -42.11 -12.94
CA GLY B 369 -6.33 -41.24 -12.00
C GLY B 369 -6.51 -41.79 -10.60
N SER B 370 -7.28 -41.07 -9.79
CA SER B 370 -7.64 -41.56 -8.47
C SER B 370 -6.42 -41.68 -7.56
N SER B 371 -5.51 -42.59 -7.92
CA SER B 371 -4.36 -43.01 -7.10
C SER B 371 -3.62 -41.85 -6.45
N SER B 372 -3.42 -40.74 -7.18
CA SER B 372 -2.82 -39.56 -6.56
C SER B 372 -3.48 -38.27 -7.02
N ALA B 373 -2.71 -37.18 -7.03
CA ALA B 373 -3.20 -35.89 -7.49
C ALA B 373 -2.56 -35.44 -8.79
N ASP B 374 -1.25 -35.57 -8.94
CA ASP B 374 -0.66 -35.34 -10.26
C ASP B 374 -0.74 -36.57 -11.16
N LYS B 375 -0.99 -37.76 -10.62
CA LYS B 375 -1.42 -38.82 -11.52
C LYS B 375 -2.72 -38.42 -12.18
N ARG B 376 -3.64 -37.84 -11.40
CA ARG B 376 -4.90 -37.38 -11.97
C ARG B 376 -4.68 -36.30 -13.03
N GLN B 377 -3.71 -35.42 -12.82
CA GLN B 377 -3.45 -34.42 -13.85
C GLN B 377 -2.77 -35.02 -15.07
N THR B 378 -1.88 -35.99 -14.90
CA THR B 378 -1.28 -36.55 -16.10
C THR B 378 -2.26 -37.42 -16.89
N VAL B 379 -3.21 -38.05 -16.22
CA VAL B 379 -4.29 -38.68 -16.97
C VAL B 379 -5.07 -37.62 -17.73
N THR B 380 -5.41 -36.50 -17.07
CA THR B 380 -6.18 -35.48 -17.74
C THR B 380 -5.43 -34.94 -18.94
N SER B 381 -4.12 -34.76 -18.82
CA SER B 381 -3.34 -34.34 -19.98
C SER B 381 -3.41 -35.41 -21.08
N SER B 382 -3.39 -36.67 -20.66
CA SER B 382 -3.45 -37.76 -21.60
C SER B 382 -4.74 -37.73 -22.42
N VAL B 383 -5.87 -37.38 -21.81
CA VAL B 383 -7.10 -37.38 -22.60
C VAL B 383 -7.32 -36.03 -23.28
N LEU B 384 -6.60 -34.98 -22.87
CA LEU B 384 -6.80 -33.68 -23.50
C LEU B 384 -5.97 -33.46 -24.74
N LEU B 385 -4.75 -34.00 -24.82
CA LEU B 385 -3.97 -33.69 -26.02
C LEU B 385 -4.55 -34.36 -27.26
N PRO B 386 -4.90 -35.65 -27.25
CA PRO B 386 -5.50 -36.24 -28.45
C PRO B 386 -6.72 -35.44 -28.90
N PHE B 387 -7.48 -34.96 -27.93
CA PHE B 387 -8.61 -34.11 -28.22
C PHE B 387 -8.21 -32.84 -28.95
N ALA B 388 -7.12 -32.21 -28.53
CA ALA B 388 -6.69 -30.99 -29.20
C ALA B 388 -6.40 -31.24 -30.67
N MET B 389 -5.69 -32.34 -30.97
CA MET B 389 -5.49 -32.76 -32.37
C MET B 389 -6.82 -32.94 -33.05
N PHE B 390 -7.63 -33.86 -32.51
CA PHE B 390 -8.97 -34.21 -32.94
C PHE B 390 -9.79 -32.96 -33.30
N GLN B 391 -10.20 -32.17 -32.33
CA GLN B 391 -11.26 -31.18 -32.57
C GLN B 391 -10.77 -29.88 -33.21
N ASP B 392 -9.52 -29.80 -33.63
CA ASP B 392 -8.97 -28.47 -33.85
C ASP B 392 -7.73 -28.49 -34.72
N GLY B 393 -6.83 -29.40 -34.36
CA GLY B 393 -5.54 -29.55 -34.99
C GLY B 393 -4.35 -28.86 -34.34
N THR B 394 -4.39 -28.62 -33.02
CA THR B 394 -3.36 -27.83 -32.34
C THR B 394 -2.61 -28.66 -31.31
N LYS B 395 -1.34 -28.33 -31.13
CA LYS B 395 -0.57 -29.06 -30.16
C LYS B 395 -0.85 -28.39 -28.84
N LEU B 396 -1.57 -29.11 -27.96
CA LEU B 396 -1.81 -28.70 -26.58
C LEU B 396 -0.61 -29.00 -25.69
N THR B 397 -0.37 -28.12 -24.73
CA THR B 397 0.72 -28.37 -23.78
C THR B 397 0.21 -28.99 -22.50
N LYS B 398 1.19 -29.37 -21.71
CA LYS B 398 0.99 -30.03 -20.45
C LYS B 398 0.84 -29.03 -19.32
N ARG B 399 0.70 -27.73 -19.64
CA ARG B 399 0.61 -26.67 -18.64
C ARG B 399 -0.83 -26.27 -18.42
N LEU B 400 -1.16 -25.99 -17.15
CA LEU B 400 -2.56 -25.93 -16.73
C LEU B 400 -3.31 -24.81 -17.44
N ASN B 401 -2.77 -23.59 -17.39
CA ASN B 401 -3.47 -22.46 -17.98
C ASN B 401 -3.81 -22.71 -19.45
N ASP B 402 -2.92 -23.40 -20.19
CA ASP B 402 -3.20 -23.70 -21.59
C ASP B 402 -4.38 -24.61 -21.76
N GLN B 403 -4.42 -25.67 -20.98
CA GLN B 403 -5.53 -26.58 -21.10
C GLN B 403 -6.83 -25.86 -20.77
N ARG B 404 -6.82 -25.08 -19.69
CA ARG B 404 -7.98 -24.29 -19.29
C ARG B 404 -8.43 -23.37 -20.41
N ARG B 405 -7.46 -22.62 -20.95
CA ARG B 405 -7.68 -21.60 -21.96
C ARG B 405 -8.13 -22.21 -23.30
N TYR B 406 -7.54 -23.33 -23.71
CA TYR B 406 -7.96 -24.00 -24.94
C TYR B 406 -9.37 -24.55 -24.79
N LEU B 407 -9.68 -25.23 -23.69
CA LEU B 407 -11.06 -25.68 -23.51
C LEU B 407 -12.02 -24.50 -23.57
N ARG B 408 -11.64 -23.38 -22.94
CA ARG B 408 -12.48 -22.19 -22.97
C ARG B 408 -12.63 -21.67 -24.38
N THR B 409 -11.54 -21.67 -25.13
CA THR B 409 -11.56 -21.16 -26.49
C THR B 409 -12.44 -22.02 -27.38
N VAL B 410 -12.16 -23.31 -27.46
CA VAL B 410 -12.91 -24.21 -28.32
C VAL B 410 -14.37 -24.21 -27.92
N PHE B 411 -14.67 -24.25 -26.63
CA PHE B 411 -16.06 -24.32 -26.25
C PHE B 411 -16.79 -23.04 -26.68
N ASP B 412 -16.10 -21.91 -26.68
CA ASP B 412 -16.64 -20.58 -27.05
C ASP B 412 -16.29 -20.17 -28.47
N LYS B 413 -16.37 -21.07 -29.45
CA LYS B 413 -16.29 -20.63 -30.84
C LYS B 413 -17.71 -20.59 -31.38
N ASP B 414 -18.28 -21.78 -31.60
CA ASP B 414 -19.63 -22.01 -32.09
C ASP B 414 -20.59 -21.90 -30.92
N PRO B 415 -21.12 -20.72 -30.66
CA PRO B 415 -21.71 -20.46 -29.35
C PRO B 415 -23.10 -21.05 -29.13
N ASP B 416 -23.47 -22.14 -29.80
CA ASP B 416 -24.81 -22.67 -29.62
C ASP B 416 -24.93 -23.69 -28.49
N ILE B 417 -25.14 -24.90 -28.92
CA ILE B 417 -25.47 -26.06 -28.14
C ILE B 417 -25.84 -26.93 -29.32
N VAL B 418 -25.78 -28.26 -29.17
CA VAL B 418 -25.85 -29.13 -30.33
C VAL B 418 -24.57 -28.84 -31.10
N ALA B 419 -24.22 -27.55 -31.24
CA ALA B 419 -22.88 -27.13 -31.64
C ALA B 419 -21.84 -27.29 -30.54
N ARG B 420 -22.08 -26.73 -29.36
CA ARG B 420 -21.12 -26.93 -28.27
C ARG B 420 -21.13 -28.37 -27.77
N ARG B 421 -22.31 -28.96 -27.59
CA ARG B 421 -22.30 -30.28 -26.98
C ARG B 421 -21.67 -31.31 -27.93
N LYS B 422 -21.46 -30.94 -29.20
CA LYS B 422 -20.59 -31.69 -30.10
C LYS B 422 -19.11 -31.55 -29.69
N VAL B 423 -18.69 -30.34 -29.32
CA VAL B 423 -17.34 -30.16 -28.77
C VAL B 423 -17.13 -31.10 -27.59
N LEU B 424 -18.08 -31.13 -26.65
CA LEU B 424 -17.93 -32.03 -25.50
C LEU B 424 -18.01 -33.48 -25.93
N ALA B 425 -18.87 -33.80 -26.91
CA ALA B 425 -18.91 -35.12 -27.47
C ALA B 425 -17.53 -35.57 -27.94
N GLY B 426 -16.72 -34.64 -28.44
CA GLY B 426 -15.33 -34.93 -28.77
C GLY B 426 -14.52 -35.57 -27.64
N LEU B 427 -14.49 -34.89 -26.50
CA LEU B 427 -13.77 -35.38 -25.32
C LEU B 427 -14.34 -36.72 -24.86
N ALA B 428 -15.66 -36.84 -24.83
CA ALA B 428 -16.30 -38.10 -24.50
C ALA B 428 -15.75 -39.21 -25.36
N GLN B 429 -15.68 -38.95 -26.67
CA GLN B 429 -15.28 -40.03 -27.56
C GLN B 429 -13.80 -40.39 -27.35
N VAL B 430 -12.87 -39.42 -27.20
CA VAL B 430 -11.46 -39.78 -26.93
C VAL B 430 -11.35 -40.66 -25.67
N ALA B 431 -12.12 -40.35 -24.65
CA ALA B 431 -12.16 -41.25 -23.51
C ALA B 431 -12.60 -42.64 -23.94
N ARG B 432 -13.64 -42.71 -24.80
CA ARG B 432 -14.22 -44.00 -25.18
C ARG B 432 -13.25 -44.84 -26.00
N PHE B 433 -12.50 -44.17 -26.87
CA PHE B 433 -11.38 -44.77 -27.59
C PHE B 433 -10.34 -45.36 -26.63
N TYR B 434 -10.00 -44.65 -25.57
CA TYR B 434 -9.05 -45.21 -24.60
C TYR B 434 -9.62 -46.44 -23.91
N GLU B 435 -10.93 -46.57 -23.87
CA GLU B 435 -11.46 -47.70 -23.13
C GLU B 435 -11.45 -48.97 -23.96
N GLY B 436 -11.69 -48.84 -25.26
CA GLY B 436 -11.76 -49.97 -26.15
C GLY B 436 -10.42 -50.47 -26.65
N PRO B 437 -10.02 -49.93 -27.80
CA PRO B 437 -8.84 -50.47 -28.49
C PRO B 437 -7.51 -50.21 -27.81
N TRP B 438 -7.42 -49.39 -26.77
CA TRP B 438 -6.09 -49.24 -26.21
C TRP B 438 -5.91 -50.01 -24.93
N GLY B 439 -7.01 -50.37 -24.26
CA GLY B 439 -6.95 -51.07 -22.98
C GLY B 439 -6.46 -52.47 -23.13
N SER B 440 -7.24 -53.20 -23.93
CA SER B 440 -6.85 -54.48 -24.45
C SER B 440 -7.19 -54.33 -25.93
N PRO B 441 -6.21 -54.42 -26.84
CA PRO B 441 -6.47 -54.02 -28.24
C PRO B 441 -7.51 -54.88 -28.93
N THR B 442 -7.88 -56.03 -28.36
CA THR B 442 -8.68 -57.02 -29.08
C THR B 442 -10.11 -56.59 -29.35
N LYS B 443 -10.61 -55.53 -28.69
CA LYS B 443 -11.95 -55.06 -29.02
C LYS B 443 -11.97 -54.49 -30.44
N VAL B 444 -11.04 -53.60 -30.75
CA VAL B 444 -10.94 -52.92 -32.05
C VAL B 444 -12.37 -52.48 -32.36
N PRO B 445 -12.92 -52.63 -33.57
CA PRO B 445 -14.38 -52.69 -33.66
C PRO B 445 -14.84 -54.07 -34.01
N SER B 446 -16.05 -54.15 -34.58
CA SER B 446 -16.63 -55.44 -34.94
C SER B 446 -16.11 -55.79 -36.32
N CYS B 447 -16.98 -55.73 -37.31
CA CYS B 447 -16.62 -56.01 -38.70
C CYS B 447 -16.31 -57.49 -38.86
N ASP B 448 -16.44 -58.00 -40.08
CA ASP B 448 -16.06 -59.38 -40.36
C ASP B 448 -14.58 -59.40 -40.68
N ASP B 449 -14.20 -59.64 -41.95
CA ASP B 449 -12.85 -59.41 -42.48
C ASP B 449 -11.75 -59.94 -41.56
N ALA B 450 -12.08 -60.93 -40.73
CA ALA B 450 -11.39 -61.26 -39.48
C ALA B 450 -9.87 -61.19 -39.52
N THR B 451 -9.27 -61.11 -40.72
CA THR B 451 -7.88 -60.72 -40.76
C THR B 451 -7.72 -59.22 -40.49
N LEU B 452 -8.66 -58.40 -40.96
CA LEU B 452 -8.59 -56.97 -40.64
C LEU B 452 -8.63 -56.74 -39.14
N ARG B 453 -9.45 -57.49 -38.41
CA ARG B 453 -9.56 -57.25 -36.98
C ARG B 453 -8.21 -57.44 -36.31
N THR B 454 -7.61 -58.62 -36.42
CA THR B 454 -6.33 -58.75 -35.73
C THR B 454 -5.17 -58.06 -36.44
N GLN B 455 -5.30 -57.63 -37.70
CA GLN B 455 -4.21 -56.87 -38.30
C GLN B 455 -4.16 -55.44 -37.77
N ALA B 456 -5.30 -54.74 -37.84
CA ALA B 456 -5.39 -53.44 -37.20
C ALA B 456 -5.19 -53.54 -35.70
N GLY B 457 -5.49 -54.71 -35.12
CA GLY B 457 -5.21 -54.91 -33.71
C GLY B 457 -3.72 -54.98 -33.41
N ILE B 458 -2.94 -55.62 -34.27
CA ILE B 458 -1.53 -55.56 -33.98
C ILE B 458 -1.07 -54.13 -34.15
N ALA B 459 -1.63 -53.43 -35.13
CA ALA B 459 -1.30 -52.01 -35.29
C ALA B 459 -1.50 -51.27 -33.98
N LEU B 460 -2.64 -51.48 -33.33
CA LEU B 460 -2.90 -50.76 -32.09
C LEU B 460 -1.92 -51.19 -31.01
N ALA B 461 -1.88 -52.48 -30.69
CA ALA B 461 -1.00 -52.90 -29.62
C ALA B 461 0.45 -52.47 -29.83
N ALA B 462 0.87 -52.22 -31.06
CA ALA B 462 2.22 -51.70 -31.23
C ALA B 462 2.26 -50.19 -31.06
N LEU B 463 1.23 -49.49 -31.55
CA LEU B 463 1.22 -48.04 -31.42
C LEU B 463 1.11 -47.63 -29.96
N ARG B 464 0.45 -48.43 -29.12
CA ARG B 464 0.43 -48.12 -27.69
C ARG B 464 1.86 -48.21 -27.19
N GLU B 465 2.41 -49.41 -27.11
CA GLU B 465 3.77 -49.59 -26.65
C GLU B 465 4.74 -48.78 -27.51
N GLY B 466 5.62 -48.01 -26.88
CA GLY B 466 6.46 -47.14 -27.68
C GLY B 466 5.62 -46.01 -28.19
N GLY B 467 6.15 -44.80 -28.13
CA GLY B 467 5.34 -43.60 -28.04
C GLY B 467 4.14 -43.50 -28.95
N HIS B 468 4.27 -42.61 -29.93
CA HIS B 468 3.31 -42.43 -30.99
C HIS B 468 1.88 -42.30 -30.47
N ASP B 469 1.69 -41.35 -29.54
CA ASP B 469 0.35 -40.89 -29.22
C ASP B 469 -0.20 -39.97 -30.30
N ILE B 470 0.67 -39.33 -31.09
CA ILE B 470 0.28 -38.23 -31.96
C ILE B 470 -0.94 -38.67 -32.73
N VAL B 471 -1.02 -39.99 -32.89
CA VAL B 471 -2.02 -40.73 -33.63
C VAL B 471 -3.36 -40.78 -32.91
N VAL B 472 -3.37 -40.65 -31.57
CA VAL B 472 -4.65 -40.85 -30.89
C VAL B 472 -5.71 -39.89 -31.39
N GLY B 473 -5.30 -38.71 -31.86
CA GLY B 473 -6.22 -37.82 -32.55
C GLY B 473 -7.02 -38.41 -33.71
N LEU B 474 -6.41 -38.56 -34.87
CA LEU B 474 -7.01 -39.26 -36.01
C LEU B 474 -7.78 -40.53 -35.63
N LEU B 475 -7.13 -41.50 -35.00
CA LEU B 475 -7.81 -42.75 -34.78
C LEU B 475 -9.07 -42.58 -33.95
N THR B 476 -9.04 -41.67 -32.95
CA THR B 476 -10.29 -41.38 -32.22
C THR B 476 -11.31 -40.70 -33.13
N ARG B 477 -10.87 -39.78 -33.97
CA ARG B 477 -11.63 -39.16 -35.04
C ARG B 477 -12.49 -40.19 -35.81
N TYR B 478 -11.92 -41.37 -36.12
CA TYR B 478 -12.59 -42.47 -36.85
C TYR B 478 -13.36 -43.43 -35.91
N PHE B 479 -12.75 -43.86 -34.80
CA PHE B 479 -13.50 -44.64 -33.81
C PHE B 479 -14.80 -43.93 -33.49
N ALA B 480 -14.82 -42.60 -33.65
CA ALA B 480 -16.02 -41.80 -33.48
C ALA B 480 -17.07 -42.17 -34.52
N ALA B 481 -16.71 -42.06 -35.81
CA ALA B 481 -17.66 -42.38 -36.87
C ALA B 481 -18.17 -43.81 -36.83
N HIS B 482 -17.42 -44.76 -36.23
CA HIS B 482 -17.96 -46.13 -36.16
C HIS B 482 -19.12 -46.22 -35.19
N ARG B 483 -19.10 -45.42 -34.14
CA ARG B 483 -20.16 -45.39 -33.15
C ARG B 483 -21.16 -44.26 -33.37
N LEU B 484 -20.95 -43.42 -34.38
CA LEU B 484 -21.89 -42.39 -34.85
C LEU B 484 -22.15 -42.64 -36.33
N SER B 485 -23.18 -43.42 -36.64
CA SER B 485 -23.44 -43.75 -38.03
C SER B 485 -24.81 -44.37 -38.19
N SER B 486 -25.51 -44.04 -39.29
CA SER B 486 -26.79 -44.68 -39.62
C SER B 486 -26.69 -46.20 -39.58
N PRO B 487 -27.61 -46.90 -38.85
CA PRO B 487 -27.40 -48.32 -38.48
C PRO B 487 -26.87 -49.20 -39.62
N GLU B 488 -27.00 -48.72 -40.85
CA GLU B 488 -26.47 -49.45 -42.00
C GLU B 488 -24.94 -49.32 -42.12
N THR B 489 -24.40 -48.09 -41.99
CA THR B 489 -22.99 -47.86 -42.28
C THR B 489 -22.08 -48.17 -41.08
N VAL B 490 -22.51 -49.11 -40.23
CA VAL B 490 -21.62 -49.71 -39.23
C VAL B 490 -20.41 -50.35 -39.91
N GLU B 491 -20.66 -51.19 -40.92
CA GLU B 491 -19.57 -51.91 -41.57
C GLU B 491 -18.64 -50.97 -42.33
N SER B 492 -19.20 -50.00 -43.04
CA SER B 492 -18.38 -49.03 -43.77
C SER B 492 -17.42 -48.35 -42.81
N SER B 493 -17.93 -47.83 -41.70
CA SER B 493 -17.14 -47.22 -40.64
C SER B 493 -16.03 -48.15 -40.13
N ALA B 494 -16.43 -49.27 -39.50
CA ALA B 494 -15.50 -50.26 -38.96
C ALA B 494 -14.33 -50.46 -39.92
N ARG B 495 -14.62 -50.45 -41.21
CA ARG B 495 -13.55 -50.65 -42.18
C ARG B 495 -12.66 -49.41 -42.27
N GLN B 496 -13.25 -48.24 -42.49
CA GLN B 496 -12.41 -47.05 -42.54
C GLN B 496 -11.47 -46.96 -41.35
N PHE B 497 -12.04 -47.06 -40.14
CA PHE B 497 -11.28 -47.06 -38.89
C PHE B 497 -10.16 -48.10 -38.88
N LEU B 498 -10.49 -49.37 -39.14
CA LEU B 498 -9.49 -50.43 -39.18
C LEU B 498 -8.33 -50.12 -40.14
N LEU B 499 -8.66 -49.65 -41.35
CA LEU B 499 -7.63 -49.35 -42.33
C LEU B 499 -6.76 -48.19 -41.88
N ALA B 500 -7.40 -47.13 -41.37
CA ALA B 500 -6.71 -46.01 -40.76
C ALA B 500 -5.72 -46.48 -39.70
N ALA B 501 -6.16 -47.37 -38.83
CA ALA B 501 -5.27 -47.92 -37.81
C ALA B 501 -4.05 -48.57 -38.44
N ARG B 502 -4.29 -49.47 -39.40
CA ARG B 502 -3.20 -50.15 -40.06
C ARG B 502 -2.23 -49.14 -40.66
N SER B 503 -2.76 -48.21 -41.47
CA SER B 503 -1.92 -47.25 -42.18
C SER B 503 -1.12 -46.37 -41.20
N CYS B 504 -1.70 -46.04 -40.05
CA CYS B 504 -0.96 -45.21 -39.09
C CYS B 504 0.24 -45.97 -38.55
N ALA B 505 0.04 -47.26 -38.20
CA ALA B 505 1.13 -48.11 -37.72
C ALA B 505 2.17 -48.33 -38.82
N ALA B 506 1.71 -48.45 -40.05
CA ALA B 506 2.61 -48.65 -41.17
C ALA B 506 3.53 -47.45 -41.31
N PHE B 507 2.93 -46.26 -41.45
CA PHE B 507 3.66 -45.01 -41.56
C PHE B 507 4.58 -44.78 -40.37
N TYR B 508 4.13 -45.18 -39.19
CA TYR B 508 4.99 -45.19 -38.02
C TYR B 508 6.23 -46.01 -38.31
N ALA B 509 6.01 -47.27 -38.69
CA ALA B 509 7.10 -48.21 -38.93
C ALA B 509 8.09 -47.67 -39.94
N LEU B 510 7.60 -47.07 -41.02
CA LEU B 510 8.48 -46.52 -42.04
C LEU B 510 9.24 -45.29 -41.55
N TRP B 511 8.53 -44.35 -40.88
CA TRP B 511 9.14 -43.07 -40.51
C TRP B 511 10.22 -43.30 -39.46
N ARG B 512 9.90 -44.08 -38.43
CA ARG B 512 10.92 -44.40 -37.46
C ARG B 512 11.85 -45.51 -37.91
N GLY B 513 11.52 -46.26 -38.95
CA GLY B 513 12.51 -47.17 -39.51
C GLY B 513 13.62 -46.42 -40.22
N SER B 514 13.25 -45.42 -41.04
CA SER B 514 14.20 -44.71 -41.91
C SER B 514 14.98 -43.63 -41.17
N PHE B 515 14.28 -42.68 -40.57
CA PHE B 515 15.00 -41.71 -39.76
C PHE B 515 15.44 -42.38 -38.47
N GLY B 516 16.25 -41.70 -37.69
CA GLY B 516 16.56 -42.31 -36.42
C GLY B 516 15.64 -41.92 -35.26
N SER B 517 14.49 -41.32 -35.53
CA SER B 517 13.79 -40.56 -34.49
C SER B 517 12.41 -40.15 -34.98
N THR B 518 11.55 -39.72 -34.03
CA THR B 518 10.23 -39.13 -34.25
C THR B 518 10.27 -37.70 -34.80
N ALA B 519 11.21 -37.42 -35.72
CA ALA B 519 11.63 -36.07 -36.07
C ALA B 519 10.49 -35.08 -36.33
N GLY B 520 9.82 -35.22 -37.46
CA GLY B 520 8.74 -34.31 -37.78
C GLY B 520 7.38 -34.89 -37.48
N ILE B 521 7.30 -36.22 -37.49
CA ILE B 521 6.08 -36.99 -37.60
C ILE B 521 4.96 -36.38 -36.79
N ASP B 522 5.28 -35.85 -35.59
CA ASP B 522 4.25 -35.22 -34.81
C ASP B 522 3.69 -34.03 -35.57
N GLY B 523 4.58 -33.16 -36.08
CA GLY B 523 4.16 -32.06 -36.92
C GLY B 523 3.49 -32.48 -38.22
N VAL B 524 3.91 -33.59 -38.83
CA VAL B 524 3.29 -34.04 -40.06
C VAL B 524 1.83 -34.42 -39.83
N TYR B 525 1.55 -35.19 -38.78
CA TYR B 525 0.16 -35.50 -38.49
C TYR B 525 -0.61 -34.24 -38.14
N ARG B 526 0.06 -33.26 -37.52
CA ARG B 526 -0.60 -32.00 -37.19
C ARG B 526 -1.04 -31.28 -38.47
N SER B 527 -0.10 -31.13 -39.40
CA SER B 527 -0.38 -30.59 -40.73
C SER B 527 -1.49 -31.38 -41.42
N LEU B 528 -1.43 -32.71 -41.35
CA LEU B 528 -2.50 -33.52 -41.93
C LEU B 528 -3.84 -33.10 -41.35
N MET B 529 -3.90 -32.89 -40.03
CA MET B 529 -5.15 -32.56 -39.39
C MET B 529 -5.69 -31.19 -39.77
N THR B 530 -4.81 -30.28 -40.25
CA THR B 530 -5.29 -28.95 -40.68
C THR B 530 -5.41 -28.77 -42.19
N HIS B 531 -4.56 -29.42 -42.99
CA HIS B 531 -4.49 -29.18 -44.43
C HIS B 531 -5.87 -29.29 -45.09
N VAL B 532 -6.07 -28.50 -46.14
CA VAL B 532 -7.31 -28.53 -46.91
C VAL B 532 -7.40 -29.83 -47.70
N VAL B 533 -8.57 -30.47 -47.66
CA VAL B 533 -8.77 -31.75 -48.30
C VAL B 533 -9.99 -31.63 -49.20
N GLU B 534 -9.82 -31.91 -50.49
CA GLU B 534 -10.92 -31.94 -51.47
C GLU B 534 -11.72 -30.65 -51.48
N GLU B 535 -11.06 -29.57 -51.90
CA GLU B 535 -11.73 -28.29 -52.05
C GLU B 535 -12.42 -27.87 -50.77
N GLY B 536 -13.76 -27.84 -50.77
CA GLY B 536 -14.54 -27.39 -49.65
C GLY B 536 -15.33 -28.42 -48.88
N MET B 537 -15.18 -29.73 -49.18
CA MET B 537 -15.95 -30.76 -48.47
C MET B 537 -15.61 -30.94 -46.97
N PRO B 538 -14.51 -31.67 -46.55
CA PRO B 538 -14.29 -31.81 -45.12
C PRO B 538 -13.07 -31.04 -44.72
N ARG B 539 -12.58 -31.37 -43.54
CA ARG B 539 -11.32 -30.90 -43.03
C ARG B 539 -10.84 -32.01 -42.15
N PHE B 540 -9.55 -32.30 -42.21
CA PHE B 540 -9.10 -33.65 -41.86
C PHE B 540 -9.49 -34.05 -40.44
N ALA B 541 -9.08 -33.29 -39.44
CA ALA B 541 -9.51 -33.58 -38.09
C ALA B 541 -10.72 -32.71 -37.83
N ARG B 542 -11.90 -33.34 -37.66
CA ARG B 542 -13.19 -32.65 -37.50
C ARG B 542 -13.05 -31.26 -36.87
N PHE B 543 -13.61 -30.29 -37.55
CA PHE B 543 -13.26 -28.90 -37.31
C PHE B 543 -14.57 -28.13 -37.38
N GLU B 544 -15.19 -27.89 -36.24
CA GLU B 544 -16.61 -27.58 -36.24
C GLU B 544 -17.30 -28.74 -36.95
N ARG B 545 -17.78 -28.55 -38.18
CA ARG B 545 -18.41 -29.64 -38.94
C ARG B 545 -19.27 -30.50 -38.02
N ASP B 546 -19.17 -31.86 -38.06
CA ASP B 546 -20.23 -32.62 -37.40
C ASP B 546 -19.83 -33.99 -36.88
N LEU B 547 -18.55 -34.22 -36.61
CA LEU B 547 -18.13 -35.39 -35.82
C LEU B 547 -18.38 -36.72 -36.52
N THR B 548 -19.63 -36.96 -36.94
CA THR B 548 -19.95 -38.17 -37.71
C THR B 548 -19.23 -38.16 -39.05
N GLU B 549 -19.34 -37.06 -39.78
CA GLU B 549 -18.74 -36.94 -41.10
C GLU B 549 -17.22 -36.88 -41.00
N VAL B 550 -16.55 -37.03 -42.14
CA VAL B 550 -15.16 -36.63 -42.36
C VAL B 550 -14.15 -37.72 -42.00
N PRO B 551 -13.10 -37.95 -42.80
CA PRO B 551 -12.70 -37.31 -44.05
C PRO B 551 -13.07 -38.28 -45.17
N PRO B 552 -12.23 -39.30 -45.57
CA PRO B 552 -12.85 -40.51 -46.12
C PRO B 552 -12.50 -41.76 -45.33
N VAL B 553 -11.56 -42.52 -45.88
CA VAL B 553 -11.08 -43.79 -45.38
C VAL B 553 -9.59 -43.74 -45.63
N GLU B 554 -9.22 -42.89 -46.57
CA GLU B 554 -8.07 -43.17 -47.37
C GLU B 554 -7.32 -41.93 -47.81
N ALA B 555 -7.90 -40.73 -47.67
CA ALA B 555 -7.09 -39.54 -47.93
C ALA B 555 -5.88 -39.49 -47.02
N LEU B 556 -5.98 -40.16 -45.87
CA LEU B 556 -4.80 -40.51 -45.10
C LEU B 556 -3.73 -41.10 -45.98
N GLN B 557 -4.07 -42.21 -46.65
CA GLN B 557 -3.04 -42.97 -47.32
C GLN B 557 -2.34 -42.12 -48.36
N SER B 558 -3.12 -41.47 -49.24
CA SER B 558 -2.52 -40.65 -50.29
C SER B 558 -1.69 -39.50 -49.70
N TYR B 559 -2.14 -38.87 -48.61
CA TYR B 559 -1.38 -37.76 -48.04
C TYR B 559 -0.09 -38.21 -47.37
N LEU B 560 -0.18 -39.22 -46.50
CA LEU B 560 0.97 -39.82 -45.85
C LEU B 560 1.99 -40.30 -46.86
N LYS B 561 1.52 -40.87 -47.96
CA LYS B 561 2.43 -41.29 -49.00
C LYS B 561 3.07 -40.07 -49.65
N GLU B 562 2.25 -39.16 -50.20
CA GLU B 562 2.72 -37.95 -50.86
C GLU B 562 3.73 -37.24 -50.00
N GLN B 563 3.67 -37.49 -48.69
CA GLN B 563 4.63 -36.99 -47.73
C GLN B 563 5.84 -37.89 -47.64
N LEU B 564 5.62 -39.20 -47.64
CA LEU B 564 6.71 -40.15 -47.70
C LEU B 564 7.61 -39.83 -48.87
N ARG B 565 7.11 -39.12 -49.86
CA ARG B 565 7.99 -38.56 -50.88
C ARG B 565 8.86 -37.53 -50.16
N SER B 566 8.81 -36.26 -50.57
CA SER B 566 9.45 -35.14 -49.88
C SER B 566 10.71 -35.54 -49.11
N GLU B 567 10.80 -35.21 -47.82
CA GLU B 567 11.91 -35.69 -46.98
C GLU B 567 11.51 -36.94 -46.21
N GLY B 568 11.06 -37.92 -46.99
CA GLY B 568 10.60 -39.17 -46.44
C GLY B 568 11.18 -40.34 -47.21
N ILE B 569 11.06 -40.24 -48.55
CA ILE B 569 11.58 -41.27 -49.43
C ILE B 569 10.79 -42.58 -49.26
N TYR B 570 10.27 -43.12 -50.37
CA TYR B 570 9.37 -44.27 -50.31
C TYR B 570 9.63 -45.38 -51.31
N ASP B 571 10.55 -45.20 -52.28
CA ASP B 571 11.02 -46.34 -53.08
C ASP B 571 11.76 -47.34 -52.20
N LYS B 572 11.30 -48.61 -52.24
CA LYS B 572 11.86 -49.66 -51.39
C LYS B 572 13.37 -49.56 -51.37
N GLN B 573 13.99 -49.31 -52.51
CA GLN B 573 15.44 -49.13 -52.53
C GLN B 573 15.85 -48.01 -51.59
N GLN B 574 15.32 -46.80 -51.82
CA GLN B 574 15.68 -45.68 -50.97
C GLN B 574 15.32 -45.94 -49.53
N TRP B 575 14.14 -46.53 -49.29
CA TRP B 575 13.70 -46.70 -47.91
C TRP B 575 14.53 -47.73 -47.15
N VAL B 576 14.75 -48.92 -47.76
CA VAL B 576 15.57 -49.95 -47.14
C VAL B 576 17.00 -49.47 -47.03
N ALA B 577 17.42 -48.56 -47.92
CA ALA B 577 18.71 -47.92 -47.78
C ALA B 577 18.77 -47.19 -46.45
N ARG B 578 17.82 -46.30 -46.20
CA ARG B 578 17.86 -45.60 -44.92
C ARG B 578 17.72 -46.58 -43.75
N ALA B 579 16.85 -47.58 -43.85
CA ALA B 579 16.53 -48.34 -42.66
C ALA B 579 17.58 -49.40 -42.32
N ALA B 580 18.31 -49.91 -43.30
CA ALA B 580 19.38 -50.85 -42.99
C ALA B 580 20.49 -50.23 -42.16
N MET B 581 20.62 -48.90 -42.17
CA MET B 581 21.70 -48.22 -41.46
C MET B 581 21.19 -47.39 -40.28
N THR B 582 20.10 -47.81 -39.64
CA THR B 582 19.59 -47.08 -38.47
C THR B 582 19.49 -48.07 -37.31
N PRO B 583 20.13 -47.78 -36.19
CA PRO B 583 20.08 -48.69 -35.04
C PRO B 583 18.70 -48.74 -34.41
N VAL B 584 17.92 -49.74 -34.81
CA VAL B 584 16.50 -49.79 -34.43
C VAL B 584 16.32 -50.23 -32.98
N TYR B 585 17.20 -51.09 -32.49
CA TYR B 585 17.09 -51.47 -31.09
C TYR B 585 17.37 -50.28 -30.18
N GLN B 586 18.28 -49.39 -30.58
CA GLN B 586 18.56 -48.22 -29.73
C GLN B 586 17.31 -47.38 -29.59
N HIS B 587 16.50 -47.36 -30.65
CA HIS B 587 15.31 -46.53 -30.71
C HIS B 587 14.19 -47.19 -29.95
N SER B 588 13.13 -47.66 -30.59
CA SER B 588 12.09 -48.30 -29.80
C SER B 588 12.16 -49.80 -29.99
N LYS B 589 12.20 -50.55 -28.88
CA LYS B 589 12.17 -51.99 -29.00
C LYS B 589 10.86 -52.46 -29.64
N PRO B 590 9.69 -51.92 -29.33
CA PRO B 590 8.48 -52.33 -30.05
C PRO B 590 8.51 -52.03 -31.54
N LEU B 591 9.22 -51.00 -32.00
CA LEU B 591 9.39 -50.84 -33.44
C LEU B 591 10.17 -52.01 -34.05
N THR B 592 11.27 -52.43 -33.42
CA THR B 592 12.04 -53.53 -33.99
C THR B 592 11.20 -54.79 -33.97
N ARG B 593 10.36 -54.96 -32.96
CA ARG B 593 9.45 -56.11 -32.98
C ARG B 593 8.50 -56.04 -34.16
N LEU B 594 7.91 -54.87 -34.39
CA LEU B 594 7.02 -54.72 -35.55
C LEU B 594 7.78 -55.05 -36.81
N LEU B 595 9.03 -54.61 -36.90
CA LEU B 595 9.80 -54.77 -38.13
C LEU B 595 10.18 -56.24 -38.35
N LEU B 596 10.57 -56.95 -37.29
CA LEU B 596 10.92 -58.36 -37.42
C LEU B 596 9.69 -59.18 -37.74
N LEU B 597 8.58 -58.89 -37.06
CA LEU B 597 7.33 -59.58 -37.33
C LEU B 597 6.81 -59.29 -38.73
N ALA B 598 7.10 -58.13 -39.30
CA ALA B 598 6.74 -57.84 -40.67
C ALA B 598 7.74 -58.38 -41.66
N ALA B 599 8.97 -58.61 -41.23
CA ALA B 599 9.91 -59.17 -42.16
C ALA B 599 9.80 -60.67 -42.23
N SER B 600 9.25 -61.31 -41.22
CA SER B 600 9.13 -62.77 -41.26
C SER B 600 7.69 -63.23 -41.50
N GLN B 601 6.91 -62.42 -42.24
CA GLN B 601 5.56 -62.83 -42.64
C GLN B 601 5.62 -64.04 -43.56
N ASN B 602 5.04 -65.16 -43.09
CA ASN B 602 5.10 -66.45 -43.76
C ASN B 602 6.42 -66.65 -44.51
N SER B 603 7.52 -66.59 -43.77
CA SER B 603 8.86 -66.62 -44.33
C SER B 603 9.51 -67.98 -44.19
N THR B 604 10.59 -68.17 -44.95
CA THR B 604 11.31 -69.44 -44.92
C THR B 604 12.81 -69.19 -45.00
N PRO B 605 13.58 -70.07 -44.37
CA PRO B 605 15.04 -69.98 -44.47
C PRO B 605 15.51 -70.03 -45.91
N ASP B 606 16.52 -69.23 -46.22
CA ASP B 606 17.02 -69.14 -47.59
C ASP B 606 18.14 -70.15 -47.75
N SER B 607 18.11 -70.87 -48.89
CA SER B 607 19.06 -71.92 -49.23
C SER B 607 20.25 -71.38 -49.98
N ALA B 608 20.02 -70.38 -50.83
CA ALA B 608 21.10 -69.80 -51.62
C ALA B 608 22.13 -69.12 -50.74
N THR B 609 21.69 -68.35 -49.74
CA THR B 609 22.58 -67.67 -48.80
C THR B 609 22.27 -68.06 -47.37
N PRO B 610 23.22 -68.62 -46.65
CA PRO B 610 22.93 -69.25 -45.37
C PRO B 610 22.73 -68.20 -44.29
N GLY B 611 21.50 -67.99 -43.86
CA GLY B 611 21.19 -67.07 -42.79
C GLY B 611 20.23 -65.96 -43.17
N LEU B 612 20.01 -65.77 -44.46
CA LEU B 612 19.00 -64.83 -44.91
C LEU B 612 17.64 -65.51 -44.83
N VAL B 613 16.61 -64.87 -45.37
CA VAL B 613 15.24 -65.38 -45.32
C VAL B 613 14.55 -64.86 -46.57
N VAL B 614 13.48 -65.56 -46.99
CA VAL B 614 12.68 -65.13 -48.15
C VAL B 614 11.20 -65.44 -47.94
N ARG B 615 10.40 -64.89 -48.85
CA ARG B 615 8.96 -65.00 -48.82
C ARG B 615 8.47 -65.92 -49.91
N GLY B 616 7.16 -66.18 -49.90
CA GLY B 616 6.50 -66.80 -51.03
C GLY B 616 5.44 -67.81 -50.67
N LYS B 617 5.16 -67.98 -49.39
CA LYS B 617 4.19 -68.99 -48.98
C LYS B 617 2.84 -68.38 -48.60
N SER B 618 2.42 -67.30 -49.29
CA SER B 618 1.21 -66.50 -49.03
C SER B 618 0.71 -66.55 -47.60
N GLY B 619 0.40 -67.74 -47.08
CA GLY B 619 0.00 -67.83 -45.70
C GLY B 619 0.66 -68.94 -44.92
N LEU B 620 1.99 -69.04 -44.95
CA LEU B 620 2.68 -70.08 -44.19
C LEU B 620 2.37 -69.96 -42.71
N LEU B 621 3.00 -69.00 -42.05
CA LEU B 621 2.64 -68.60 -40.68
C LEU B 621 2.77 -67.09 -40.74
N GLU B 622 1.61 -66.42 -40.83
CA GLU B 622 1.50 -64.99 -41.06
C GLU B 622 1.58 -64.29 -39.72
N THR B 623 2.52 -63.37 -39.62
CA THR B 623 2.91 -62.86 -38.31
C THR B 623 2.22 -61.56 -37.92
N LEU B 624 1.77 -60.75 -38.89
CA LEU B 624 1.08 -59.50 -38.61
C LEU B 624 -0.34 -59.81 -38.11
N GLU B 625 -0.42 -60.49 -36.98
CA GLU B 625 -1.67 -60.80 -36.31
C GLU B 625 -1.44 -60.47 -34.85
N LEU B 626 -2.34 -59.66 -34.30
CA LEU B 626 -2.17 -59.16 -32.93
C LEU B 626 -1.91 -60.29 -31.97
N GLU B 627 -2.45 -61.47 -32.26
CA GLU B 627 -2.19 -62.61 -31.42
C GLU B 627 -0.74 -63.05 -31.46
N ARG B 628 0.02 -62.61 -32.47
CA ARG B 628 1.41 -63.00 -32.60
C ARG B 628 2.37 -61.91 -32.17
N TRP B 629 1.86 -60.75 -31.81
CA TRP B 629 2.66 -59.81 -31.03
C TRP B 629 2.90 -60.36 -29.64
N ASN B 630 1.80 -60.52 -28.89
CA ASN B 630 1.82 -61.06 -27.53
C ASN B 630 2.37 -62.48 -27.49
N ASP B 631 2.47 -63.14 -28.64
CA ASP B 631 2.93 -64.52 -28.73
C ASP B 631 4.27 -64.72 -28.05
N GLU B 632 4.23 -64.95 -26.73
CA GLU B 632 5.45 -65.22 -25.97
C GLU B 632 5.99 -66.60 -26.29
N ALA B 633 5.55 -67.13 -27.43
CA ALA B 633 6.38 -68.06 -28.16
C ALA B 633 7.69 -67.32 -28.34
N PHE B 634 7.80 -66.63 -29.46
CA PHE B 634 8.97 -65.88 -29.84
C PHE B 634 8.72 -64.40 -29.52
N ALA B 635 9.22 -63.98 -28.37
CA ALA B 635 9.05 -62.61 -27.93
C ALA B 635 10.23 -62.21 -27.06
N THR B 636 11.41 -62.20 -27.65
CA THR B 636 12.58 -61.58 -27.05
C THR B 636 13.43 -61.07 -28.19
N ILE B 637 13.79 -59.80 -28.17
CA ILE B 637 14.67 -59.32 -29.22
C ILE B 637 16.08 -59.72 -28.80
N GLU B 638 16.62 -60.74 -29.45
CA GLU B 638 17.96 -61.24 -29.16
C GLU B 638 18.91 -60.66 -30.18
N HIS B 639 20.00 -60.07 -29.68
CA HIS B 639 21.17 -59.73 -30.49
C HIS B 639 21.94 -60.99 -30.85
N VAL B 640 22.32 -61.12 -32.11
CA VAL B 640 23.28 -62.16 -32.43
C VAL B 640 24.62 -61.76 -31.81
N ALA B 641 25.27 -60.75 -32.38
CA ALA B 641 26.47 -60.25 -31.73
C ALA B 641 26.03 -59.46 -30.50
N PRO B 642 26.60 -59.73 -29.34
CA PRO B 642 26.11 -59.12 -28.12
C PRO B 642 26.51 -57.67 -28.06
N GLN B 643 25.76 -56.90 -27.28
CA GLN B 643 26.20 -55.52 -27.06
C GLN B 643 27.47 -55.47 -26.22
N ALA B 644 27.57 -56.32 -25.19
CA ALA B 644 28.72 -56.29 -24.28
C ALA B 644 29.70 -57.42 -24.58
N PRO B 645 30.86 -57.14 -25.21
CA PRO B 645 32.00 -58.06 -25.09
C PRO B 645 33.20 -57.35 -24.46
N SER B 646 33.18 -57.23 -23.13
CA SER B 646 34.08 -56.30 -22.44
C SER B 646 35.54 -56.72 -22.58
N SER B 647 35.82 -58.01 -22.45
CA SER B 647 37.14 -58.55 -22.76
C SER B 647 37.14 -59.32 -24.08
N ASN B 648 36.04 -59.20 -24.84
CA ASN B 648 35.83 -59.91 -26.09
C ASN B 648 35.83 -61.40 -25.83
N GLY B 649 34.65 -62.00 -25.66
CA GLY B 649 34.58 -63.44 -25.60
C GLY B 649 35.19 -64.11 -26.81
N SER B 650 35.28 -63.37 -27.93
CA SER B 650 36.03 -63.69 -29.14
C SER B 650 35.57 -62.76 -30.23
N TRP B 651 34.58 -63.21 -31.02
CA TRP B 651 33.81 -62.41 -31.96
C TRP B 651 34.70 -61.76 -33.01
N ASN B 652 34.13 -60.86 -33.80
CA ASN B 652 34.86 -60.23 -34.88
C ASN B 652 34.69 -58.74 -34.67
N ALA B 653 35.81 -58.05 -34.42
CA ALA B 653 35.73 -56.60 -34.13
C ALA B 653 35.32 -55.77 -35.34
N ASP B 654 35.16 -56.40 -36.52
CA ASP B 654 34.55 -55.72 -37.67
C ASP B 654 33.20 -55.12 -37.28
N LEU B 655 32.49 -55.76 -36.36
CA LEU B 655 31.16 -55.33 -35.98
C LEU B 655 31.16 -54.14 -35.04
N TYR B 656 32.31 -53.75 -34.50
CA TYR B 656 32.33 -52.75 -33.43
C TYR B 656 33.10 -51.47 -33.72
N GLU B 657 33.71 -51.32 -34.92
CA GLU B 657 34.20 -50.00 -35.30
C GLU B 657 33.07 -49.00 -35.31
N ASP B 658 31.88 -49.43 -35.72
CA ASP B 658 30.71 -48.57 -35.73
C ASP B 658 29.80 -49.10 -34.65
N PRO B 659 29.58 -48.34 -33.58
CA PRO B 659 28.80 -48.86 -32.45
C PRO B 659 27.34 -49.08 -32.75
N GLU B 660 26.82 -48.61 -33.89
CA GLU B 660 25.45 -48.85 -34.30
C GLU B 660 25.25 -50.18 -35.03
N LEU B 661 26.33 -50.85 -35.39
CA LEU B 661 26.20 -52.11 -36.11
C LEU B 661 25.36 -53.07 -35.28
N ILE B 662 25.75 -53.26 -34.03
CA ILE B 662 25.16 -54.21 -33.10
C ILE B 662 23.66 -53.99 -32.88
N ASN B 663 23.11 -52.87 -33.35
CA ASN B 663 21.73 -52.53 -33.05
C ASN B 663 20.82 -52.39 -34.26
N ARG B 664 21.23 -52.86 -35.43
CA ARG B 664 20.40 -52.85 -36.63
C ARG B 664 19.62 -54.17 -36.74
N ILE B 665 18.69 -54.24 -37.69
CA ILE B 665 17.89 -55.46 -37.85
C ILE B 665 18.80 -56.67 -38.02
N GLY B 666 19.82 -56.53 -38.88
CA GLY B 666 20.60 -57.68 -39.26
C GLY B 666 21.25 -58.38 -38.10
N ASN B 667 21.14 -57.83 -36.92
CA ASN B 667 21.77 -58.43 -35.76
C ASN B 667 20.78 -59.00 -34.77
N LEU B 668 19.49 -59.00 -35.07
CA LEU B 668 18.50 -59.39 -34.08
C LEU B 668 17.58 -60.42 -34.69
N THR B 669 17.02 -61.26 -33.83
CA THR B 669 15.78 -61.95 -34.19
C THR B 669 14.89 -62.02 -32.98
N LEU B 670 13.76 -62.66 -33.18
CA LEU B 670 12.83 -62.92 -32.09
C LEU B 670 13.05 -64.38 -31.69
N LEU B 671 13.56 -64.56 -30.46
CA LEU B 671 13.92 -65.80 -29.77
C LEU B 671 12.87 -66.06 -28.72
N PRO B 672 12.30 -67.25 -28.67
CA PRO B 672 11.43 -67.60 -27.54
C PRO B 672 12.08 -67.62 -26.17
N ALA B 673 11.31 -68.10 -25.18
CA ALA B 673 11.76 -68.42 -23.83
C ALA B 673 12.72 -67.40 -23.27
N VAL B 674 13.99 -67.72 -23.29
CA VAL B 674 14.97 -67.01 -22.48
C VAL B 674 15.45 -65.75 -23.19
N GLU B 675 15.74 -64.71 -22.38
CA GLU B 675 16.42 -63.48 -22.78
C GLU B 675 17.91 -63.50 -22.44
N ASN B 676 18.24 -63.01 -21.24
CA ASN B 676 19.57 -63.06 -20.62
C ASN B 676 19.45 -63.46 -19.14
N ALA B 677 18.48 -64.33 -18.83
CA ALA B 677 18.13 -64.60 -17.44
C ALA B 677 18.12 -66.08 -17.07
N SER B 678 17.41 -66.90 -17.85
CA SER B 678 17.33 -68.32 -17.56
C SER B 678 18.54 -69.06 -18.08
N ALA B 679 18.54 -69.42 -19.36
CA ALA B 679 19.66 -70.07 -20.01
C ALA B 679 19.88 -69.36 -21.34
N SER B 680 21.04 -68.73 -21.53
CA SER B 680 21.16 -67.90 -22.72
C SER B 680 22.61 -67.60 -23.09
N ASN B 681 22.79 -67.29 -24.40
CA ASN B 681 23.87 -66.49 -24.98
C ASN B 681 25.22 -67.19 -25.04
N ARG B 682 26.20 -66.48 -25.62
CA ARG B 682 27.64 -66.55 -25.35
C ARG B 682 28.40 -65.91 -26.52
N ALA B 683 29.25 -66.68 -27.22
CA ALA B 683 30.00 -66.24 -28.40
C ALA B 683 29.51 -66.99 -29.64
N TRP B 684 29.88 -66.49 -30.83
CA TRP B 684 29.27 -67.00 -32.07
C TRP B 684 29.64 -68.44 -32.34
N HIS B 685 28.87 -69.34 -31.75
CA HIS B 685 29.04 -70.77 -31.88
C HIS B 685 28.05 -71.34 -30.89
N LEU B 686 28.27 -71.02 -29.62
CA LEU B 686 27.21 -71.21 -28.65
C LEU B 686 25.95 -70.48 -29.09
N LYS B 687 26.11 -69.34 -29.73
CA LYS B 687 24.94 -68.71 -30.32
C LYS B 687 24.43 -69.52 -31.51
N ARG B 688 25.34 -69.99 -32.36
CA ARG B 688 24.95 -70.89 -33.44
C ARG B 688 24.17 -72.06 -32.89
N LEU B 689 24.72 -72.70 -31.86
CA LEU B 689 24.11 -73.89 -31.31
C LEU B 689 22.76 -73.59 -30.69
N MET B 690 22.66 -72.49 -29.95
CA MET B 690 21.39 -72.15 -29.34
C MET B 690 20.31 -71.97 -30.39
N PHE B 691 20.67 -71.36 -31.53
CA PHE B 691 19.70 -71.23 -32.60
C PHE B 691 19.42 -72.58 -33.25
N ARG B 692 20.43 -73.44 -33.30
CA ARG B 692 20.28 -74.78 -33.86
C ARG B 692 19.35 -75.61 -32.98
N ALA B 693 19.38 -75.34 -31.68
CA ALA B 693 18.47 -76.01 -30.76
C ALA B 693 17.04 -75.80 -31.20
N LEU B 694 16.61 -74.54 -31.22
CA LEU B 694 15.25 -74.20 -31.59
C LEU B 694 15.24 -73.99 -33.09
N SER B 695 15.04 -75.07 -33.85
CA SER B 695 14.83 -75.01 -35.30
C SER B 695 14.60 -76.40 -35.89
N ALA B 696 14.68 -77.45 -35.07
CA ALA B 696 14.62 -78.83 -35.53
C ALA B 696 13.18 -79.27 -35.78
N ALA B 697 12.98 -79.99 -36.88
CA ALA B 697 11.64 -80.48 -37.26
C ALA B 697 11.31 -81.90 -36.77
N THR B 698 12.14 -82.51 -35.91
CA THR B 698 11.79 -83.79 -35.29
C THR B 698 12.38 -83.85 -33.89
N VAL B 699 11.76 -84.66 -33.03
CA VAL B 699 12.23 -84.79 -31.65
C VAL B 699 13.53 -85.56 -31.62
N GLU B 700 13.72 -86.45 -32.61
CA GLU B 700 14.97 -87.15 -32.87
C GLU B 700 16.01 -86.25 -33.54
N GLU B 701 15.80 -84.93 -33.52
CA GLU B 701 16.87 -83.93 -33.58
C GLU B 701 16.79 -82.94 -32.45
N ALA B 702 15.61 -82.74 -31.85
CA ALA B 702 15.47 -81.81 -30.75
C ALA B 702 16.29 -82.25 -29.54
N GLU B 703 16.07 -83.47 -29.07
CA GLU B 703 16.89 -83.97 -27.98
C GLU B 703 18.33 -84.15 -28.41
N LYS B 704 18.55 -84.53 -29.66
CA LYS B 704 19.91 -84.70 -30.14
C LYS B 704 20.70 -83.40 -30.04
N THR B 705 20.09 -82.27 -30.46
CA THR B 705 20.76 -80.98 -30.46
C THR B 705 20.73 -80.29 -29.11
N LEU B 706 19.71 -80.52 -28.28
CA LEU B 706 19.80 -80.11 -26.89
C LEU B 706 21.07 -80.70 -26.28
N ALA B 707 21.30 -81.99 -26.53
CA ALA B 707 22.50 -82.63 -26.02
C ALA B 707 23.76 -82.12 -26.72
N ASP B 708 23.67 -81.87 -28.03
CA ASP B 708 24.78 -81.27 -28.78
C ASP B 708 25.31 -80.04 -28.07
N ALA B 709 24.41 -79.14 -27.69
CA ALA B 709 24.78 -77.88 -27.09
C ALA B 709 25.07 -78.00 -25.60
N GLU B 710 24.61 -79.06 -24.94
CA GLU B 710 24.96 -79.22 -23.52
C GLU B 710 26.44 -79.53 -23.30
N ALA B 711 27.15 -79.98 -24.33
CA ALA B 711 28.58 -80.26 -24.18
C ALA B 711 29.36 -79.01 -23.81
N GLN B 712 29.25 -77.95 -24.63
CA GLN B 712 29.80 -76.65 -24.27
C GLN B 712 29.07 -75.99 -23.10
N GLY B 713 27.87 -76.45 -22.77
CA GLY B 713 27.08 -75.90 -21.68
C GLY B 713 25.92 -75.06 -22.16
N LEU B 714 24.90 -75.72 -22.72
CA LEU B 714 23.64 -75.06 -23.02
C LEU B 714 22.74 -74.93 -21.81
N ARG B 715 22.81 -75.89 -20.90
CA ARG B 715 22.08 -75.80 -19.65
C ARG B 715 22.80 -74.80 -18.76
N LEU B 716 22.70 -73.52 -19.10
CA LEU B 716 23.35 -72.44 -18.36
C LEU B 716 22.37 -71.84 -17.36
N GLY B 717 22.80 -71.78 -16.10
CA GLY B 717 21.95 -71.27 -15.05
C GLY B 717 21.46 -72.37 -14.13
N SER B 718 21.19 -73.54 -14.70
CA SER B 718 20.76 -74.74 -13.98
C SER B 718 20.67 -75.94 -14.92
N GLY B 719 19.63 -75.96 -15.77
CA GLY B 719 19.44 -77.03 -16.73
C GLY B 719 18.60 -76.66 -17.95
N ALA B 720 18.92 -75.53 -18.59
CA ALA B 720 18.21 -75.01 -19.76
C ALA B 720 16.73 -74.75 -19.47
N GLY B 721 16.31 -73.49 -19.63
CA GLY B 721 14.99 -72.99 -19.22
C GLY B 721 13.77 -73.86 -19.40
N GLU B 722 12.87 -73.47 -20.30
CA GLU B 722 11.76 -74.35 -20.69
C GLU B 722 12.18 -75.13 -21.92
N ILE B 723 13.25 -75.90 -21.72
CA ILE B 723 14.06 -76.45 -22.81
C ILE B 723 14.17 -77.97 -22.65
N VAL B 724 13.17 -78.69 -23.14
CA VAL B 724 13.19 -80.15 -23.24
C VAL B 724 12.62 -80.62 -24.59
N ARG B 725 11.34 -80.33 -24.84
CA ARG B 725 10.67 -80.78 -26.08
C ARG B 725 9.79 -79.69 -26.69
N GLN B 726 10.41 -78.58 -27.12
CA GLN B 726 9.68 -77.47 -27.72
C GLN B 726 9.54 -77.71 -29.22
N ALA B 727 8.30 -77.69 -29.71
CA ALA B 727 8.06 -77.59 -31.14
C ALA B 727 8.43 -76.17 -31.59
N ARG B 728 7.54 -75.53 -32.36
CA ARG B 728 7.57 -74.11 -32.77
C ARG B 728 8.45 -73.81 -33.97
N TYR B 729 7.94 -72.93 -34.81
CA TYR B 729 8.53 -72.57 -36.10
C TYR B 729 8.97 -71.10 -36.13
N LEU B 730 10.27 -70.87 -36.33
CA LEU B 730 10.89 -69.54 -36.27
C LEU B 730 11.77 -69.33 -37.49
N PRO B 731 11.21 -68.88 -38.62
CA PRO B 731 11.99 -68.85 -39.87
C PRO B 731 13.36 -68.18 -39.76
N LEU B 732 13.46 -67.11 -38.96
CA LEU B 732 14.72 -66.37 -38.90
C LEU B 732 15.79 -67.16 -38.16
N VAL B 733 15.38 -67.93 -37.13
CA VAL B 733 16.35 -68.63 -36.28
C VAL B 733 16.80 -69.91 -37.00
N ALA B 734 15.90 -70.52 -37.77
CA ALA B 734 16.23 -71.61 -38.67
C ALA B 734 17.28 -71.11 -39.64
N ALA B 735 16.94 -70.16 -40.50
CA ALA B 735 18.00 -69.56 -41.32
C ALA B 735 18.91 -68.63 -40.53
N LEU B 736 19.59 -69.18 -39.53
CA LEU B 736 20.62 -68.47 -38.77
C LEU B 736 21.41 -69.59 -38.10
N ALA B 737 20.70 -70.69 -37.85
CA ALA B 737 21.35 -71.97 -37.59
C ALA B 737 21.99 -72.57 -38.85
N GLN B 738 21.69 -72.03 -40.02
CA GLN B 738 22.19 -72.61 -41.26
C GLN B 738 23.43 -71.92 -41.80
N ARG B 739 23.92 -70.89 -41.11
CA ARG B 739 25.14 -70.22 -41.54
C ARG B 739 26.30 -70.72 -40.69
N GLU B 740 27.33 -71.23 -41.35
CA GLU B 740 28.62 -71.37 -40.67
C GLU B 740 29.48 -70.16 -40.96
N GLU B 741 30.62 -70.36 -41.63
CA GLU B 741 31.55 -69.29 -41.92
C GLU B 741 31.91 -68.53 -40.65
N GLU B 742 31.38 -67.32 -40.50
CA GLU B 742 31.56 -66.54 -39.28
C GLU B 742 30.55 -65.40 -39.29
N TRP B 743 30.48 -64.68 -38.18
CA TRP B 743 29.58 -63.54 -38.03
C TRP B 743 30.33 -62.29 -38.49
N THR B 744 30.24 -62.02 -39.77
CA THR B 744 30.92 -60.87 -40.35
C THR B 744 30.08 -59.59 -40.19
N ALA B 745 30.78 -58.46 -40.26
CA ALA B 745 30.09 -57.18 -40.30
C ALA B 745 29.36 -57.02 -41.62
N GLU B 746 30.00 -57.44 -42.71
CA GLU B 746 29.33 -57.44 -44.01
C GLU B 746 28.06 -58.25 -43.95
N PHE B 747 28.10 -59.35 -43.21
CA PHE B 747 26.91 -60.19 -43.17
C PHE B 747 25.78 -59.52 -42.41
N VAL B 748 26.07 -58.79 -41.33
CA VAL B 748 24.98 -58.08 -40.68
C VAL B 748 24.43 -57.00 -41.61
N GLU B 749 25.32 -56.35 -42.40
CA GLU B 749 24.85 -55.37 -43.37
C GLU B 749 23.89 -56.00 -44.36
N ALA B 750 24.29 -57.10 -44.98
CA ALA B 750 23.39 -57.75 -45.92
C ALA B 750 22.14 -58.27 -45.22
N ARG B 751 22.26 -58.68 -43.95
CA ARG B 751 21.10 -59.26 -43.29
C ARG B 751 20.06 -58.20 -42.98
N SER B 752 20.51 -57.06 -42.43
CA SER B 752 19.61 -55.94 -42.16
C SER B 752 19.02 -55.44 -43.47
N GLN B 753 19.80 -55.48 -44.54
CA GLN B 753 19.24 -55.14 -45.84
C GLN B 753 18.08 -56.07 -46.18
N ARG B 754 18.31 -57.37 -46.08
CA ARG B 754 17.29 -58.31 -46.51
C ARG B 754 16.04 -58.20 -45.64
N LEU B 755 16.25 -58.07 -44.33
CA LEU B 755 15.13 -58.01 -43.40
C LEU B 755 14.28 -56.78 -43.63
N CYS B 756 14.90 -55.63 -43.87
CA CYS B 756 14.13 -54.42 -44.11
C CYS B 756 13.29 -54.54 -45.35
N SER B 757 13.91 -55.06 -46.44
CA SER B 757 13.19 -55.27 -47.70
C SER B 757 11.98 -56.17 -47.51
N LEU B 758 12.13 -57.26 -46.76
CA LEU B 758 10.95 -58.10 -46.55
C LEU B 758 9.89 -57.35 -45.79
N ALA B 759 10.26 -56.61 -44.74
CA ALA B 759 9.24 -55.91 -44.00
C ALA B 759 8.53 -54.89 -44.87
N TRP B 760 9.29 -54.15 -45.67
CA TRP B 760 8.70 -53.13 -46.52
C TRP B 760 7.69 -53.71 -47.47
N ASP B 761 8.05 -54.79 -48.13
CA ASP B 761 7.10 -55.48 -48.98
C ASP B 761 5.87 -55.91 -48.17
N ALA B 762 6.08 -56.40 -46.95
CA ALA B 762 4.94 -56.92 -46.19
C ALA B 762 3.96 -55.84 -45.76
N LEU B 763 4.45 -54.63 -45.50
CA LEU B 763 3.61 -53.61 -44.87
C LEU B 763 3.01 -52.64 -45.86
N THR B 764 3.82 -52.12 -46.81
CA THR B 764 3.40 -50.99 -47.65
C THR B 764 2.06 -51.20 -48.35
N PRO B 765 1.54 -52.42 -48.52
CA PRO B 765 0.11 -52.56 -48.89
C PRO B 765 -0.85 -51.98 -47.87
N TRP B 766 -0.37 -51.65 -46.67
CA TRP B 766 -1.20 -51.08 -45.63
C TRP B 766 -1.46 -49.61 -45.85
N LEU B 767 -0.52 -48.93 -46.50
CA LEU B 767 -0.78 -47.61 -47.03
C LEU B 767 -1.41 -47.67 -48.43
N GLY B 768 -1.71 -48.87 -48.95
CA GLY B 768 -2.26 -49.04 -50.30
C GLY B 768 -1.39 -48.46 -51.40
N PHE B 769 -0.16 -48.96 -51.51
CA PHE B 769 0.90 -48.26 -52.22
C PHE B 769 0.69 -48.35 -53.74
N GLU B 770 0.81 -47.19 -54.43
CA GLU B 770 1.01 -47.07 -55.89
C GLU B 770 1.88 -45.84 -56.19
N PRO B 771 1.73 -44.72 -55.44
CA PRO B 771 2.83 -43.75 -55.33
C PRO B 771 4.06 -44.36 -54.66
N MET C 1 -16.64 0.25 -6.64
CA MET C 1 -16.62 1.70 -6.70
C MET C 1 -16.94 2.27 -5.33
N GLU C 2 -15.91 2.54 -4.50
CA GLU C 2 -16.09 3.28 -3.23
C GLU C 2 -14.81 4.01 -2.80
N THR C 3 -13.69 3.30 -2.77
CA THR C 3 -12.36 3.89 -2.86
C THR C 3 -11.71 3.52 -4.16
N LYS C 4 -12.47 2.92 -5.09
CA LYS C 4 -12.02 2.32 -6.34
C LYS C 4 -10.80 3.01 -6.96
N GLU C 5 -9.66 3.01 -6.23
CA GLU C 5 -8.50 3.89 -6.33
C GLU C 5 -8.89 5.32 -5.93
N ILE C 6 -9.80 6.00 -6.64
CA ILE C 6 -9.96 7.47 -6.60
C ILE C 6 -8.63 8.18 -6.62
N PHE C 7 -7.85 8.00 -5.57
CA PHE C 7 -6.67 8.79 -5.44
C PHE C 7 -5.60 7.94 -4.77
N ASP C 8 -4.42 8.49 -4.62
CA ASP C 8 -3.37 7.60 -4.21
C ASP C 8 -2.13 8.36 -3.75
N ALA C 9 -1.91 8.40 -2.45
CA ALA C 9 -0.93 9.30 -1.89
C ALA C 9 0.22 8.54 -1.28
N ALA C 10 1.40 9.13 -1.37
CA ALA C 10 2.60 8.54 -0.80
C ALA C 10 3.62 9.61 -0.50
N PRO C 11 4.48 9.41 0.46
CA PRO C 11 5.56 10.37 0.64
C PRO C 11 6.75 9.86 -0.13
N LEU C 12 7.47 10.79 -0.78
CA LEU C 12 8.70 10.39 -1.44
C LEU C 12 9.78 11.43 -1.23
N SER C 13 10.98 10.96 -0.93
CA SER C 13 12.13 11.84 -0.96
C SER C 13 12.24 12.41 -2.35
N VAL C 14 12.83 13.61 -2.45
CA VAL C 14 12.93 14.16 -3.79
C VAL C 14 13.74 13.26 -4.68
N SER C 15 14.63 12.43 -4.12
CA SER C 15 15.33 11.49 -4.97
C SER C 15 14.36 10.45 -5.52
N GLN C 16 13.57 9.82 -4.67
CA GLN C 16 12.70 8.83 -5.29
C GLN C 16 11.56 9.46 -6.09
N PHE C 17 11.25 10.74 -5.88
CA PHE C 17 10.28 11.34 -6.78
C PHE C 17 10.89 11.73 -8.11
N LEU C 18 12.01 12.48 -8.08
CA LEU C 18 12.55 13.05 -9.30
C LEU C 18 13.29 12.04 -10.16
N SER C 19 14.07 11.13 -9.56
CA SER C 19 14.92 10.24 -10.33
C SER C 19 14.29 8.88 -10.61
N GLU C 20 12.98 8.73 -10.46
CA GLU C 20 12.42 7.45 -10.87
C GLU C 20 12.69 7.21 -12.34
N THR C 21 13.12 6.00 -12.66
CA THR C 21 13.78 5.76 -13.92
C THR C 21 12.85 5.91 -15.12
N GLY C 22 11.54 5.71 -14.98
CA GLY C 22 10.77 5.78 -16.22
C GLY C 22 9.74 6.88 -16.33
N GLN C 23 9.93 7.94 -15.56
CA GLN C 23 8.90 8.92 -15.29
C GLN C 23 9.19 10.22 -16.04
N GLY C 24 8.12 10.91 -16.43
CA GLY C 24 8.26 12.25 -16.96
C GLY C 24 7.27 13.14 -16.25
N LEU C 25 7.68 14.32 -15.75
CA LEU C 25 6.76 15.26 -15.12
C LEU C 25 6.34 16.28 -16.16
N TYR C 26 5.04 16.48 -16.38
CA TYR C 26 4.54 17.21 -17.56
C TYR C 26 3.60 18.30 -17.08
N ILE C 27 3.90 19.56 -17.41
CA ILE C 27 3.08 20.68 -16.92
C ILE C 27 1.89 20.87 -17.86
N PRO C 28 0.67 20.63 -17.43
CA PRO C 28 -0.47 20.67 -18.35
C PRO C 28 -0.61 22.04 -18.99
N PRO C 29 -1.40 22.19 -20.05
CA PRO C 29 -1.31 23.41 -20.87
C PRO C 29 -2.07 24.59 -20.34
N TYR C 30 -2.74 24.48 -19.19
CA TYR C 30 -3.45 25.59 -18.56
C TYR C 30 -2.65 26.17 -17.40
N GLN C 31 -1.48 25.63 -17.13
CA GLN C 31 -0.75 26.19 -16.01
C GLN C 31 -0.22 27.56 -16.35
N ARG C 32 -0.18 28.43 -15.34
CA ARG C 32 0.55 29.69 -15.46
C ARG C 32 2.02 29.41 -15.73
N ALA C 33 2.76 30.44 -16.13
CA ALA C 33 4.17 30.16 -16.33
C ALA C 33 4.89 30.35 -15.02
N TYR C 34 6.20 30.18 -15.01
CA TYR C 34 6.88 30.11 -13.72
C TYR C 34 6.89 31.45 -13.05
N SER C 35 6.25 31.56 -11.89
CA SER C 35 6.12 32.83 -11.19
C SER C 35 7.17 32.92 -10.09
N TRP C 36 6.83 32.45 -8.90
CA TRP C 36 7.71 32.42 -7.74
C TRP C 36 8.83 33.48 -7.70
N GLU C 37 8.55 34.62 -7.07
CA GLU C 37 9.58 35.60 -6.80
C GLU C 37 10.59 35.06 -5.78
N LEU C 38 11.78 35.65 -5.82
CA LEU C 38 12.96 35.24 -5.08
C LEU C 38 12.73 35.03 -3.59
N PRO C 39 11.86 35.79 -2.92
CA PRO C 39 11.51 35.43 -1.55
C PRO C 39 10.99 34.00 -1.35
N LYS C 40 10.10 33.50 -2.21
CA LYS C 40 9.65 32.12 -2.06
C LYS C 40 10.80 31.15 -2.22
N ILE C 41 11.65 31.38 -3.22
CA ILE C 41 12.80 30.50 -3.41
C ILE C 41 13.71 30.54 -2.21
N ARG C 42 13.92 31.74 -1.68
CA ARG C 42 14.80 31.88 -0.54
C ARG C 42 14.21 31.12 0.64
N ARG C 43 12.93 31.32 0.90
CA ARG C 43 12.28 30.56 1.96
C ARG C 43 12.45 29.06 1.74
N LEU C 44 12.33 28.61 0.49
CA LEU C 44 12.49 27.20 0.16
C LEU C 44 13.85 26.68 0.63
N LEU C 45 14.91 27.30 0.13
CA LEU C 45 16.24 26.87 0.51
C LEU C 45 16.41 26.97 2.01
N SER C 46 15.84 28.01 2.62
CA SER C 46 16.06 28.23 4.03
C SER C 46 15.37 27.16 4.85
N ASP C 47 14.23 26.67 4.35
CA ASP C 47 13.52 25.59 4.99
C ASP C 47 14.30 24.29 4.95
N VAL C 48 14.79 23.93 3.76
CA VAL C 48 15.52 22.67 3.64
C VAL C 48 16.82 22.76 4.42
N ALA C 49 17.47 23.91 4.41
CA ALA C 49 18.66 24.07 5.23
C ALA C 49 18.31 23.99 6.70
N HIS C 50 17.14 24.52 7.06
CA HIS C 50 16.73 24.49 8.44
C HIS C 50 16.54 23.06 8.90
N GLY C 51 15.81 22.29 8.10
CA GLY C 51 15.64 20.88 8.40
C GLY C 51 16.96 20.15 8.55
N LEU C 52 17.94 20.46 7.69
CA LEU C 52 19.26 19.84 7.78
C LEU C 52 19.91 20.16 9.10
N ASP C 53 20.01 21.45 9.40
CA ASP C 53 20.68 21.89 10.60
C ASP C 53 20.00 21.30 11.83
N GLN C 54 18.67 21.12 11.78
CA GLN C 54 17.91 20.50 12.83
C GLN C 54 17.99 18.98 12.80
N LEU C 55 18.47 18.41 11.72
CA LEU C 55 18.73 16.99 11.69
C LEU C 55 19.94 16.67 12.52
N ALA C 56 20.90 17.60 12.53
CA ALA C 56 22.12 17.34 13.28
C ALA C 56 21.82 16.87 14.70
N GLU C 57 20.96 17.62 15.40
CA GLU C 57 20.43 17.36 16.74
C GLU C 57 19.54 16.12 16.83
N PHE C 58 18.33 16.22 16.28
CA PHE C 58 17.35 15.14 16.33
C PHE C 58 17.56 14.27 15.10
N GLU C 59 17.98 13.03 15.32
CA GLU C 59 18.35 12.08 14.27
C GLU C 59 17.15 11.63 13.44
N ASP C 60 15.95 12.00 13.84
CA ASP C 60 14.71 11.59 13.18
C ASP C 60 14.01 12.71 12.40
N SER C 61 14.33 13.97 12.65
CA SER C 61 13.71 15.10 11.93
C SER C 61 13.73 14.95 10.41
N ILE C 62 12.56 14.74 9.85
CA ILE C 62 12.40 14.76 8.40
C ILE C 62 11.73 16.08 8.05
N CYS C 63 12.18 16.65 6.94
CA CYS C 63 11.73 17.96 6.46
C CYS C 63 10.69 17.80 5.36
N PHE C 64 9.60 18.53 5.48
CA PHE C 64 8.56 18.41 4.49
C PHE C 64 8.69 19.50 3.43
N LEU C 65 7.97 19.31 2.33
CA LEU C 65 8.05 20.27 1.23
C LEU C 65 6.70 20.56 0.60
N GLY C 66 5.60 20.10 1.20
CA GLY C 66 4.27 20.30 0.69
C GLY C 66 3.84 19.18 -0.23
N THR C 67 2.83 19.48 -1.02
CA THR C 67 2.11 18.49 -1.80
C THR C 67 2.27 18.79 -3.26
N VAL C 68 2.35 17.75 -4.09
CA VAL C 68 2.13 17.85 -5.53
C VAL C 68 1.04 16.90 -5.88
N ILE C 69 0.05 17.37 -6.63
CA ILE C 69 -1.05 16.56 -7.13
C ILE C 69 -0.77 16.26 -8.59
N ALA C 70 -0.86 15.02 -8.97
CA ALA C 70 -0.56 14.70 -10.34
C ALA C 70 -1.57 13.70 -10.85
N LEU C 71 -1.76 13.75 -12.17
CA LEU C 71 -2.61 12.81 -12.89
C LEU C 71 -1.67 11.81 -13.51
N ARG C 72 -1.88 10.53 -13.23
CA ARG C 72 -1.08 9.49 -13.90
C ARG C 72 -1.74 9.32 -15.25
N ASP C 73 -1.19 10.00 -16.23
CA ASP C 73 -1.78 9.98 -17.56
C ASP C 73 -1.28 8.73 -18.21
N ILE C 74 -2.16 7.74 -18.32
CA ILE C 74 -1.72 6.39 -18.59
C ILE C 74 -1.83 6.13 -20.07
N ASN C 75 -2.82 6.73 -20.72
CA ASN C 75 -2.90 6.65 -22.17
C ASN C 75 -2.41 7.93 -22.82
N TYR C 76 -1.64 8.73 -22.10
CA TYR C 76 -0.93 9.89 -22.66
C TYR C 76 -1.87 10.82 -23.41
N THR C 77 -3.03 11.09 -22.85
CA THR C 77 -4.00 11.95 -23.51
C THR C 77 -3.81 13.43 -23.18
N THR C 78 -2.87 13.79 -22.34
CA THR C 78 -2.68 15.18 -22.03
C THR C 78 -1.37 15.70 -22.60
N VAL C 79 -0.60 14.85 -23.28
CA VAL C 79 0.65 15.24 -23.94
C VAL C 79 0.28 15.77 -25.32
N GLU C 80 0.25 17.08 -25.47
CA GLU C 80 -0.64 17.62 -26.49
C GLU C 80 0.01 17.64 -27.85
N PRO C 81 1.34 17.75 -27.91
CA PRO C 81 2.03 17.28 -29.14
C PRO C 81 2.91 16.09 -28.81
N LYS C 82 2.54 14.87 -29.21
CA LYS C 82 3.22 13.69 -28.73
C LYS C 82 3.77 12.86 -29.86
N TYR C 83 4.82 12.12 -29.58
CA TYR C 83 5.25 11.03 -30.46
C TYR C 83 5.15 9.77 -29.62
N ARG C 84 4.06 9.00 -29.80
CA ARG C 84 3.85 7.85 -28.92
C ARG C 84 5.00 6.87 -29.01
N SER C 85 5.56 6.72 -30.23
CA SER C 85 6.74 5.92 -30.56
C SER C 85 7.65 5.82 -29.34
N GLN C 86 8.00 6.96 -28.77
CA GLN C 86 8.75 6.93 -27.54
C GLN C 86 8.46 8.20 -26.75
N VAL C 87 7.22 8.35 -26.35
CA VAL C 87 6.88 9.20 -25.22
C VAL C 87 7.46 8.44 -24.04
N PRO C 88 7.80 9.04 -22.88
CA PRO C 88 8.25 8.23 -21.73
C PRO C 88 7.12 7.33 -21.27
N SER C 89 7.50 6.27 -20.53
CA SER C 89 6.54 5.19 -20.28
C SER C 89 5.49 5.53 -19.23
N LYS C 90 5.78 6.46 -18.34
CA LYS C 90 4.87 6.91 -17.31
C LYS C 90 5.00 8.43 -17.27
N VAL C 91 4.00 9.17 -17.77
CA VAL C 91 4.01 10.62 -17.56
C VAL C 91 3.06 10.92 -16.42
N MET C 92 3.42 11.96 -15.68
CA MET C 92 2.67 12.42 -14.53
C MET C 92 2.45 13.90 -14.85
N THR C 93 1.28 14.21 -15.37
CA THR C 93 0.95 15.62 -15.59
C THR C 93 0.63 16.28 -14.25
N ILE C 94 1.38 17.33 -13.94
CA ILE C 94 1.39 17.91 -12.60
C ILE C 94 0.22 18.88 -12.48
N ILE C 95 -0.89 18.43 -11.86
CA ILE C 95 -2.05 19.30 -11.69
C ILE C 95 -1.76 20.41 -10.72
N ASP C 96 -1.07 20.11 -9.60
CA ASP C 96 -0.76 21.19 -8.70
C ASP C 96 0.63 21.01 -8.12
N GLY C 97 1.35 22.13 -7.98
CA GLY C 97 2.65 22.15 -7.37
C GLY C 97 3.81 22.38 -8.32
N GLN C 98 3.59 22.34 -9.61
CA GLN C 98 4.68 22.50 -10.58
C GLN C 98 5.57 23.71 -10.34
N GLN C 99 5.12 24.63 -9.48
CA GLN C 99 5.96 25.77 -9.16
C GLN C 99 7.12 25.35 -8.27
N ARG C 100 6.80 24.67 -7.15
CA ARG C 100 7.80 23.96 -6.35
C ARG C 100 8.66 23.06 -7.22
N MET C 101 8.02 22.25 -8.04
CA MET C 101 8.78 21.30 -8.83
C MET C 101 9.81 22.02 -9.72
N THR C 102 9.41 23.12 -10.35
CA THR C 102 10.40 23.83 -11.15
C THR C 102 11.53 24.37 -10.27
N THR C 103 11.16 24.97 -9.13
CA THR C 103 12.19 25.48 -8.22
C THR C 103 13.13 24.39 -7.79
N LEU C 104 12.57 23.23 -7.42
CA LEU C 104 13.38 22.10 -7.01
C LEU C 104 14.35 21.69 -8.11
N LEU C 105 13.84 21.43 -9.31
CA LEU C 105 14.70 20.96 -10.37
C LEU C 105 15.87 21.92 -10.59
N LEU C 106 15.55 23.20 -10.68
CA LEU C 106 16.59 24.20 -10.86
C LEU C 106 17.59 24.16 -9.68
N LEU C 107 17.08 24.06 -8.43
CA LEU C 107 17.96 23.94 -7.28
C LEU C 107 18.94 22.77 -7.45
N THR C 108 18.44 21.61 -7.89
CA THR C 108 19.33 20.47 -8.08
C THR C 108 20.36 20.80 -9.12
N THR C 109 19.94 21.56 -10.14
CA THR C 109 20.88 21.94 -11.20
C THR C 109 21.99 22.84 -10.68
N VAL C 110 21.67 23.71 -9.76
CA VAL C 110 22.74 24.57 -9.28
C VAL C 110 23.68 23.77 -8.37
N LEU C 111 23.13 22.90 -7.51
CA LEU C 111 24.01 22.11 -6.66
C LEU C 111 24.92 21.23 -7.48
N HIS C 112 24.41 20.67 -8.59
CA HIS C 112 25.24 19.89 -9.48
C HIS C 112 26.37 20.75 -10.04
N GLU C 113 26.05 21.96 -10.48
CA GLU C 113 27.10 22.83 -11.01
C GLU C 113 28.17 23.10 -9.96
N GLU C 114 27.74 23.54 -8.78
CA GLU C 114 28.69 23.93 -7.76
C GLU C 114 29.54 22.75 -7.33
N ILE C 115 28.91 21.60 -7.06
CA ILE C 115 29.67 20.45 -6.59
C ILE C 115 30.62 19.97 -7.67
N ARG C 116 30.19 20.04 -8.91
CA ARG C 116 31.05 19.69 -10.01
C ARG C 116 32.34 20.51 -9.98
N VAL C 117 32.20 21.85 -10.03
CA VAL C 117 33.38 22.69 -10.28
C VAL C 117 34.28 22.71 -9.05
N ARG C 118 33.71 22.79 -7.85
CA ARG C 118 34.55 22.71 -6.66
C ARG C 118 35.27 21.36 -6.58
N ALA C 119 34.67 20.30 -7.13
CA ALA C 119 35.34 19.01 -7.08
C ALA C 119 36.48 18.92 -8.07
N GLU C 120 36.48 19.70 -9.15
CA GLU C 120 37.67 19.59 -9.97
C GLU C 120 38.86 20.36 -9.39
N LYS C 121 38.60 21.38 -8.55
CA LYS C 121 39.60 22.09 -7.74
C LYS C 121 40.20 21.20 -6.66
N LEU C 122 40.00 19.90 -6.73
CA LEU C 122 40.50 18.99 -5.73
C LEU C 122 41.91 18.51 -6.07
N THR C 123 42.80 18.56 -5.07
CA THR C 123 44.10 17.87 -5.14
C THR C 123 43.83 16.42 -4.79
N ARG C 124 43.75 15.57 -5.81
CA ARG C 124 43.23 14.20 -5.69
C ARG C 124 44.36 13.20 -5.39
N ASP C 125 44.95 13.34 -4.20
CA ASP C 125 46.13 12.57 -3.85
C ASP C 125 46.34 12.60 -2.35
N ASP C 126 45.32 12.28 -1.57
CA ASP C 126 45.36 12.90 -0.26
C ASP C 126 44.54 12.21 0.81
N GLU C 127 43.87 11.09 0.47
CA GLU C 127 42.97 10.27 1.31
C GLU C 127 41.72 11.08 1.68
N PRO C 128 41.69 12.02 2.67
CA PRO C 128 40.48 12.85 2.78
C PRO C 128 40.08 13.58 1.50
N SER C 129 41.04 14.07 0.72
CA SER C 129 40.65 14.73 -0.51
C SER C 129 39.97 13.73 -1.46
N VAL C 130 40.56 12.55 -1.66
CA VAL C 130 39.93 11.63 -2.62
C VAL C 130 38.61 11.09 -2.08
N TRP C 131 38.48 10.90 -0.77
CA TRP C 131 37.16 10.65 -0.21
C TRP C 131 36.17 11.72 -0.64
N CYS C 132 36.60 12.99 -0.63
CA CYS C 132 35.69 14.07 -0.97
C CYS C 132 35.35 14.06 -2.46
N TYR C 133 36.35 13.86 -3.30
CA TYR C 133 36.07 13.79 -4.73
C TYR C 133 35.12 12.64 -5.05
N ASN C 134 35.34 11.48 -4.43
CA ASN C 134 34.42 10.37 -4.63
C ASN C 134 33.00 10.76 -4.25
N GLN C 135 32.81 11.24 -3.02
CA GLN C 135 31.49 11.63 -2.58
C GLN C 135 30.85 12.60 -3.54
N ALA C 136 31.65 13.50 -4.08
CA ALA C 136 31.19 14.45 -5.06
C ALA C 136 30.68 13.76 -6.32
N LEU C 137 31.48 12.84 -6.88
CA LEU C 137 31.02 12.05 -8.03
C LEU C 137 29.66 11.38 -7.77
N ASP C 138 29.52 10.77 -6.58
CA ASP C 138 28.27 10.10 -6.17
C ASP C 138 27.09 11.07 -6.23
N VAL C 139 27.18 12.20 -5.50
CA VAL C 139 26.04 13.13 -5.50
C VAL C 139 25.83 13.75 -6.87
N THR C 140 26.91 13.96 -7.61
CA THR C 140 26.82 14.56 -8.92
C THR C 140 25.98 13.71 -9.86
N GLY C 141 26.31 12.42 -9.95
CA GLY C 141 25.47 11.54 -10.74
C GLY C 141 24.05 11.46 -10.19
N ARG C 142 23.88 11.47 -8.86
CA ARG C 142 22.54 11.27 -8.39
C ARG C 142 21.65 12.47 -8.58
N LEU C 143 22.23 13.65 -8.69
CA LEU C 143 21.43 14.79 -9.11
C LEU C 143 21.24 14.73 -10.63
N SER C 144 22.28 14.30 -11.32
CA SER C 144 22.28 14.16 -12.76
C SER C 144 21.07 13.38 -13.21
N ASN C 145 20.94 12.16 -12.74
CA ASN C 145 19.73 11.42 -13.07
C ASN C 145 18.47 11.90 -12.27
N CYS C 146 18.64 13.02 -11.58
CA CYS C 146 17.49 13.70 -10.99
C CYS C 146 16.81 14.68 -11.95
N PHE C 147 17.59 15.48 -12.75
CA PHE C 147 16.97 16.45 -13.66
C PHE C 147 16.77 15.99 -15.11
N GLU C 148 17.64 15.15 -15.67
CA GLU C 148 17.46 14.54 -16.99
C GLU C 148 17.52 13.01 -16.86
N GLU C 149 17.12 12.31 -17.90
CA GLU C 149 17.09 10.85 -17.85
C GLU C 149 17.51 10.24 -19.18
N ASP C 150 18.32 9.20 -19.10
CA ASP C 150 19.00 8.66 -20.26
C ASP C 150 18.08 7.70 -21.01
N MET C 151 17.23 8.23 -21.89
CA MET C 151 16.78 7.36 -22.98
C MET C 151 18.01 7.00 -23.81
N ARG C 152 17.96 5.90 -24.55
CA ARG C 152 19.26 5.29 -24.82
C ARG C 152 19.85 5.56 -26.21
N TYR C 153 19.10 6.14 -27.15
CA TYR C 153 19.65 6.27 -28.50
C TYR C 153 19.17 7.57 -29.17
N GLY C 154 19.86 7.96 -30.25
CA GLY C 154 19.49 9.10 -31.07
C GLY C 154 20.19 10.38 -30.65
N GLU C 155 20.01 11.42 -31.47
CA GLU C 155 20.30 12.76 -30.97
C GLU C 155 19.14 13.13 -30.08
N HIS C 156 19.37 14.08 -29.19
CA HIS C 156 18.42 14.31 -28.09
C HIS C 156 18.12 13.00 -27.38
N ARG C 157 19.19 12.26 -27.09
CA ARG C 157 19.13 10.98 -26.39
C ARG C 157 18.79 11.18 -24.94
N TYR C 158 19.00 12.37 -24.41
CA TYR C 158 18.73 12.64 -23.00
C TYR C 158 17.44 13.42 -22.90
N TYR C 159 16.57 12.99 -21.99
CA TYR C 159 15.28 13.56 -21.73
C TYR C 159 15.32 14.50 -20.52
N PRO C 160 14.65 15.65 -20.55
CA PRO C 160 14.47 16.40 -19.31
C PRO C 160 13.61 15.67 -18.30
N ARG C 161 13.16 16.34 -17.27
CA ARG C 161 11.89 16.10 -16.58
C ARG C 161 11.26 17.47 -16.55
N LEU C 162 9.96 17.54 -16.30
CA LEU C 162 9.34 18.86 -16.51
C LEU C 162 9.41 19.29 -17.98
N ILE C 163 8.28 19.73 -18.51
CA ILE C 163 8.37 19.87 -19.93
C ILE C 163 7.37 20.89 -20.52
N ARG C 164 6.21 21.12 -19.88
CA ARG C 164 5.21 22.04 -20.43
C ARG C 164 4.56 21.46 -21.69
N SER C 165 3.27 21.56 -21.83
CA SER C 165 2.68 21.06 -23.04
C SER C 165 2.72 22.14 -24.09
N TYR C 166 2.32 21.78 -25.29
CA TYR C 166 2.31 22.68 -26.44
C TYR C 166 3.76 22.98 -26.82
N TYR C 167 4.45 23.87 -26.08
CA TYR C 167 5.90 23.93 -26.19
C TYR C 167 6.48 22.71 -25.52
N ASP C 168 7.46 22.05 -26.15
CA ASP C 168 8.16 20.82 -25.70
C ASP C 168 7.50 19.46 -25.95
N VAL C 169 8.22 18.61 -26.70
CA VAL C 169 7.90 17.21 -26.89
C VAL C 169 9.06 16.31 -26.49
N TRP C 170 8.81 15.35 -25.60
CA TRP C 170 9.77 14.29 -25.41
C TRP C 170 9.96 13.54 -26.74
N SER C 171 11.21 13.39 -27.17
CA SER C 171 11.57 12.26 -28.02
C SER C 171 13.09 12.25 -28.18
N ARG C 172 13.59 11.15 -28.73
CA ARG C 172 15.00 11.01 -29.03
C ARG C 172 15.26 11.09 -30.54
N ASN C 173 14.27 11.46 -31.32
CA ASN C 173 14.53 11.48 -32.74
C ASN C 173 15.02 12.87 -33.12
N LYS C 174 15.58 12.97 -34.31
CA LYS C 174 16.52 14.06 -34.52
C LYS C 174 15.81 15.32 -34.97
N GLY C 175 14.86 15.20 -35.87
CA GLY C 175 13.86 16.23 -35.91
C GLY C 175 12.94 16.00 -34.73
N GLU C 176 11.86 16.77 -34.71
CA GLU C 176 10.63 16.38 -33.98
C GLU C 176 10.64 16.46 -32.47
N ALA C 177 11.80 16.50 -31.80
CA ALA C 177 11.86 16.64 -30.35
C ALA C 177 12.14 18.10 -30.04
N ARG C 178 11.19 18.78 -29.40
CA ARG C 178 11.41 20.17 -28.99
C ARG C 178 11.52 20.32 -27.47
N TYR C 179 12.39 21.22 -27.02
CA TYR C 179 12.34 21.69 -25.64
C TYR C 179 12.56 23.20 -25.68
N ARG C 180 11.44 23.93 -25.70
CA ARG C 180 11.40 25.37 -25.92
C ARG C 180 10.72 26.17 -24.81
N SER C 181 10.12 25.52 -23.82
CA SER C 181 9.59 26.24 -22.67
C SER C 181 10.75 26.80 -21.85
N PRO C 182 10.46 27.74 -20.90
CA PRO C 182 11.54 28.21 -20.02
C PRO C 182 12.27 27.08 -19.30
N ILE C 183 11.52 26.22 -18.59
CA ILE C 183 12.12 25.11 -17.84
C ILE C 183 12.59 24.05 -18.78
N GLY C 184 11.81 23.77 -19.81
CA GLY C 184 12.30 22.81 -20.77
C GLY C 184 13.67 23.18 -21.28
N TYR C 185 13.77 24.38 -21.86
CA TYR C 185 15.04 24.80 -22.42
C TYR C 185 16.13 24.80 -21.37
N TYR C 186 15.85 25.28 -20.16
CA TYR C 186 16.92 25.28 -19.17
C TYR C 186 17.41 23.87 -18.90
N LEU C 187 16.51 22.92 -18.69
CA LEU C 187 16.99 21.59 -18.36
C LEU C 187 17.77 20.99 -19.51
N GLU C 188 17.25 21.11 -20.73
CA GLU C 188 17.99 20.57 -21.85
C GLU C 188 19.39 21.18 -21.88
N SER C 189 19.46 22.49 -21.63
CA SER C 189 20.70 23.25 -21.74
C SER C 189 21.68 22.90 -20.65
N TYR C 190 21.23 22.92 -19.39
CA TYR C 190 22.12 22.55 -18.29
C TYR C 190 22.63 21.14 -18.48
N GLY C 191 21.74 20.21 -18.86
CA GLY C 191 22.16 18.83 -19.04
C GLY C 191 23.20 18.66 -20.11
N ALA C 192 22.95 19.26 -21.27
CA ALA C 192 23.93 19.21 -22.33
C ALA C 192 25.26 19.77 -21.85
N TYR C 193 25.22 20.83 -21.06
CA TYR C 193 26.47 21.35 -20.51
C TYR C 193 27.10 20.37 -19.53
N ALA C 194 26.30 19.78 -18.66
CA ALA C 194 26.85 18.88 -17.67
C ALA C 194 27.57 17.71 -18.33
N ARG C 195 26.99 17.15 -19.38
CA ARG C 195 27.59 15.98 -20.02
C ARG C 195 28.71 16.36 -20.96
N ASP C 196 29.06 17.64 -20.99
CA ASP C 196 30.13 18.14 -21.83
C ASP C 196 31.48 17.63 -21.30
N PRO C 197 32.22 16.86 -22.10
CA PRO C 197 33.64 16.66 -21.82
C PRO C 197 34.43 17.94 -22.04
N ASP C 198 35.68 17.93 -21.55
CA ASP C 198 36.62 19.05 -21.70
C ASP C 198 36.02 20.33 -21.18
N ALA C 199 35.33 20.24 -20.04
CA ALA C 199 34.62 21.40 -19.51
C ALA C 199 35.20 21.75 -18.15
N VAL C 200 34.37 21.73 -17.09
CA VAL C 200 34.73 21.97 -15.70
C VAL C 200 34.89 23.49 -15.47
N LYS C 201 34.40 24.33 -16.47
CA LYS C 201 34.08 25.75 -16.26
C LYS C 201 32.69 25.92 -15.64
N PRO C 202 32.45 26.97 -14.84
CA PRO C 202 31.10 27.20 -14.32
C PRO C 202 30.13 27.41 -15.46
N TYR C 203 28.84 27.34 -15.16
CA TYR C 203 27.83 27.33 -16.23
C TYR C 203 27.58 28.75 -16.73
N ARG C 204 27.73 28.96 -18.05
CA ARG C 204 27.44 30.28 -18.58
C ARG C 204 25.94 30.45 -18.76
N HIS C 205 25.39 30.01 -19.90
CA HIS C 205 23.96 29.98 -20.27
C HIS C 205 23.61 30.89 -21.43
N VAL C 206 22.78 30.37 -22.31
CA VAL C 206 22.56 30.94 -23.63
C VAL C 206 21.10 31.26 -23.81
N PRO C 207 20.59 32.36 -23.34
CA PRO C 207 19.13 32.43 -23.18
C PRO C 207 18.38 32.43 -24.50
N ILE C 208 18.37 31.25 -25.13
CA ILE C 208 17.36 30.74 -26.06
C ILE C 208 17.21 31.66 -27.27
N ASP C 209 16.13 31.48 -28.04
CA ASP C 209 15.69 32.35 -29.13
C ASP C 209 16.83 32.86 -29.97
N PRO C 210 17.61 31.99 -30.64
CA PRO C 210 18.56 32.48 -31.65
C PRO C 210 17.85 33.15 -32.82
N ASP C 211 16.57 32.81 -33.07
CA ASP C 211 15.72 33.61 -33.94
C ASP C 211 14.26 33.14 -33.94
N LYS C 212 13.79 32.50 -32.85
CA LYS C 212 12.46 31.90 -32.86
C LYS C 212 11.77 31.89 -31.50
N THR C 213 10.97 30.84 -31.31
CA THR C 213 10.33 30.43 -30.05
C THR C 213 9.70 31.59 -29.29
N ASP C 214 8.77 32.28 -29.94
CA ASP C 214 8.01 33.36 -29.31
C ASP C 214 6.55 33.01 -29.08
N GLY C 215 6.26 31.73 -28.80
CA GLY C 215 4.95 31.43 -28.28
C GLY C 215 4.67 31.94 -26.87
N VAL C 216 5.67 32.44 -26.14
CA VAL C 216 5.49 32.99 -24.79
C VAL C 216 5.96 34.44 -24.71
N ASP C 217 6.31 34.87 -23.50
CA ASP C 217 6.48 36.27 -23.15
C ASP C 217 7.89 36.81 -23.31
N LEU C 218 8.91 35.96 -23.37
CA LEU C 218 10.30 36.41 -23.36
C LEU C 218 10.69 37.05 -22.04
N GLU C 219 9.75 37.62 -21.31
CA GLU C 219 10.13 38.03 -19.97
C GLU C 219 10.05 36.85 -19.05
N ALA C 220 9.17 35.91 -19.33
CA ALA C 220 9.13 34.73 -18.50
C ALA C 220 10.50 34.03 -18.45
N TYR C 221 11.16 33.85 -19.60
CA TYR C 221 12.48 33.25 -19.59
C TYR C 221 13.44 34.13 -18.83
N ARG C 222 13.33 35.45 -19.00
CA ARG C 222 14.16 36.36 -18.21
C ARG C 222 14.04 35.97 -16.75
N HIS C 223 12.80 35.89 -16.27
CA HIS C 223 12.58 35.69 -14.86
C HIS C 223 13.16 34.38 -14.37
N LEU C 224 12.86 33.29 -15.07
CA LEU C 224 13.33 31.99 -14.60
C LEU C 224 14.84 31.91 -14.67
N ASP C 225 15.42 32.30 -15.79
CA ASP C 225 16.87 32.31 -15.91
C ASP C 225 17.49 33.05 -14.72
N ARG C 226 16.90 34.18 -14.33
CA ARG C 226 17.41 34.93 -13.18
C ARG C 226 17.26 34.12 -11.92
N MET C 227 16.07 33.55 -11.69
CA MET C 227 15.84 32.82 -10.46
C MET C 227 16.83 31.69 -10.30
N ARG C 228 17.10 30.96 -11.37
CA ARG C 228 18.11 29.91 -11.25
C ARG C 228 19.44 30.54 -10.85
N ASP C 229 19.91 31.53 -11.63
CA ASP C 229 21.20 32.11 -11.32
C ASP C 229 21.26 32.69 -9.91
N GLN C 230 20.13 33.04 -9.34
CA GLN C 230 20.18 33.57 -8.00
C GLN C 230 20.10 32.50 -6.93
N MET C 231 19.49 31.36 -7.21
CA MET C 231 19.73 30.20 -6.36
C MET C 231 21.23 29.90 -6.30
N ARG C 232 21.87 29.88 -7.47
CA ARG C 232 23.29 29.58 -7.51
C ARG C 232 24.05 30.59 -6.68
N SER C 233 23.70 31.86 -6.79
CA SER C 233 24.40 32.86 -6.00
C SER C 233 24.11 32.68 -4.52
N MET C 234 22.85 32.41 -4.17
CA MET C 234 22.47 32.20 -2.78
C MET C 234 23.40 31.16 -2.13
N LEU C 235 23.50 30.00 -2.76
CA LEU C 235 24.33 28.92 -2.23
C LEU C 235 25.80 29.31 -2.23
N ARG C 236 26.30 29.77 -3.38
CA ARG C 236 27.71 30.16 -3.47
C ARG C 236 28.09 30.99 -2.25
N LYS C 237 27.24 31.97 -1.93
CA LYS C 237 27.49 32.86 -0.81
C LYS C 237 27.20 32.19 0.51
N ALA C 238 26.41 31.14 0.51
CA ALA C 238 26.12 30.48 1.77
C ALA C 238 27.28 29.63 2.25
N VAL C 239 28.29 29.39 1.39
CA VAL C 239 29.50 28.75 1.87
C VAL C 239 30.74 29.61 1.71
N GLY C 240 30.61 30.84 1.21
CA GLY C 240 31.81 31.54 0.77
C GLY C 240 32.50 32.46 1.74
N ALA C 241 32.40 33.77 1.50
CA ALA C 241 33.25 34.78 2.14
C ALA C 241 33.05 34.88 3.66
N GLY C 242 32.90 36.10 4.15
CA GLY C 242 32.69 36.30 5.57
C GLY C 242 31.66 37.38 5.83
N VAL C 243 31.04 37.85 4.74
CA VAL C 243 30.15 39.00 4.82
C VAL C 243 28.96 38.73 5.73
N LYS C 244 28.42 37.52 5.70
CA LYS C 244 27.42 36.99 6.63
C LYS C 244 26.33 38.01 7.02
N ARG C 245 25.54 38.39 6.02
CA ARG C 245 24.36 39.22 6.25
C ARG C 245 23.24 38.36 6.84
N GLU C 246 22.21 39.03 7.35
CA GLU C 246 21.33 38.41 8.34
C GLU C 246 20.53 37.25 7.75
N ASP C 247 19.95 37.41 6.57
CA ASP C 247 19.16 36.30 6.05
C ASP C 247 20.07 35.18 5.54
N ASP C 248 20.56 35.30 4.30
CA ASP C 248 21.37 34.25 3.68
C ASP C 248 20.69 32.92 3.85
N ILE C 249 21.48 31.86 3.77
CA ILE C 249 20.98 30.52 3.98
C ILE C 249 22.03 29.84 4.84
N GLN C 250 21.67 29.52 6.07
CA GLN C 250 22.63 29.03 7.05
C GLN C 250 22.74 27.51 6.88
N LEU C 251 23.85 27.05 6.32
CA LEU C 251 24.01 25.61 6.43
C LEU C 251 25.27 25.24 7.21
N PRO C 252 25.25 24.09 7.89
CA PRO C 252 26.32 23.72 8.82
C PRO C 252 27.72 23.68 8.24
N THR C 253 28.68 23.84 9.16
CA THR C 253 30.09 24.01 8.88
C THR C 253 30.85 22.71 9.08
N GLY C 254 32.07 22.69 8.55
CA GLY C 254 32.97 21.55 8.63
C GLY C 254 33.04 20.86 9.98
N THR C 255 33.15 21.65 11.04
CA THR C 255 33.16 21.08 12.39
C THR C 255 31.80 20.44 12.75
N ASP C 256 30.70 21.17 12.50
CA ASP C 256 29.36 20.63 12.71
C ASP C 256 29.26 19.22 12.17
N ILE C 257 29.55 19.11 10.88
CA ILE C 257 29.48 17.84 10.18
C ILE C 257 30.44 16.85 10.82
N GLY C 258 31.75 17.13 10.74
CA GLY C 258 32.80 16.27 11.22
C GLY C 258 32.58 15.67 12.60
N GLN C 259 31.77 16.31 13.44
CA GLN C 259 31.51 15.81 14.79
C GLN C 259 30.08 15.40 15.08
N SER C 260 29.14 15.52 14.12
CA SER C 260 27.77 15.01 14.31
C SER C 260 27.66 13.65 13.64
N GLN C 261 27.80 12.59 14.43
CA GLN C 261 27.79 11.24 13.88
C GLN C 261 26.47 10.93 13.18
N ASN C 262 25.35 11.21 13.84
CA ASN C 262 24.06 10.78 13.33
C ASN C 262 23.79 11.36 11.94
N LEU C 263 24.23 12.60 11.71
CA LEU C 263 24.12 13.20 10.38
C LEU C 263 24.93 12.43 9.36
N GLN C 264 26.15 12.02 9.72
CA GLN C 264 26.95 11.26 8.78
C GLN C 264 26.23 9.97 8.42
N PHE C 265 25.68 9.28 9.41
CA PHE C 265 24.94 8.07 9.08
C PHE C 265 23.76 8.37 8.17
N ALA C 266 22.94 9.36 8.54
CA ALA C 266 21.68 9.57 7.84
C ALA C 266 21.86 10.19 6.45
N LEU C 267 23.05 10.68 6.10
CA LEU C 267 23.28 11.14 4.73
C LEU C 267 24.23 10.27 3.92
N PHE C 268 25.09 9.46 4.56
CA PHE C 268 26.09 8.63 3.87
C PHE C 268 26.12 7.19 4.35
N ASN C 269 25.12 6.76 5.11
CA ASN C 269 25.00 5.37 5.58
C ASN C 269 26.26 4.84 6.30
N SER C 270 27.16 5.69 6.78
CA SER C 270 28.44 5.23 7.31
C SER C 270 29.13 6.41 8.03
N GLU C 271 30.07 6.10 8.92
CA GLU C 271 30.83 7.15 9.59
C GLU C 271 32.05 7.56 8.76
N PHE C 272 32.38 8.84 8.83
CA PHE C 272 33.49 9.37 8.04
C PHE C 272 34.79 8.73 8.51
N PRO C 273 35.75 8.52 7.62
CA PRO C 273 37.09 8.15 8.08
C PRO C 273 37.65 9.29 8.92
N PRO C 274 38.40 8.96 9.97
CA PRO C 274 38.84 10.02 10.89
C PRO C 274 39.63 11.11 10.18
N SER C 275 40.35 10.74 9.12
CA SER C 275 41.07 11.73 8.31
C SER C 275 40.17 12.86 7.87
N VAL C 276 38.91 12.54 7.62
CA VAL C 276 38.01 13.57 7.13
C VAL C 276 37.45 14.40 8.28
N VAL C 277 37.07 13.76 9.40
CA VAL C 277 36.60 14.57 10.53
C VAL C 277 37.71 15.53 10.96
N GLU C 278 38.96 15.10 10.80
CA GLU C 278 40.11 15.97 11.02
C GLU C 278 40.14 17.11 10.01
N GLN C 279 40.29 16.79 8.71
CA GLN C 279 40.38 17.82 7.68
C GLN C 279 39.22 18.83 7.74
N LEU C 280 38.07 18.41 8.28
CA LEU C 280 36.89 19.27 8.34
C LEU C 280 36.85 20.14 9.58
N GLU C 281 37.29 19.63 10.75
CA GLU C 281 37.24 20.41 11.98
C GLU C 281 37.68 21.87 11.78
N ASP C 282 38.56 22.13 10.80
CA ASP C 282 39.03 23.47 10.44
C ASP C 282 39.07 23.58 8.92
N ASP C 283 37.99 24.08 8.31
CA ASP C 283 37.74 24.14 6.86
C ASP C 283 38.80 23.50 5.96
N ALA C 284 39.99 24.09 5.89
CA ALA C 284 41.11 23.54 5.12
C ALA C 284 40.75 23.33 3.64
N LYS C 285 40.18 24.39 3.04
CA LYS C 285 40.05 24.53 1.60
C LYS C 285 39.08 23.54 0.94
N MET C 286 38.84 22.37 1.55
CA MET C 286 37.89 21.41 0.98
C MET C 286 36.53 21.46 1.65
N THR C 287 36.31 22.37 2.58
CA THR C 287 35.09 22.33 3.35
C THR C 287 33.87 22.90 2.63
N PRO C 288 33.98 23.93 1.78
CA PRO C 288 32.78 24.34 1.03
C PRO C 288 32.20 23.21 0.17
N LEU C 289 33.05 22.50 -0.57
CA LEU C 289 32.56 21.38 -1.38
C LEU C 289 31.85 20.36 -0.52
N THR C 290 32.45 19.99 0.62
CA THR C 290 31.80 19.03 1.52
C THR C 290 30.50 19.58 2.08
N ARG C 291 30.47 20.86 2.47
CA ARG C 291 29.23 21.42 2.99
C ARG C 291 28.14 21.33 1.94
N LEU C 292 28.47 21.71 0.71
CA LEU C 292 27.50 21.62 -0.35
C LEU C 292 27.09 20.16 -0.56
N ILE C 293 28.01 19.22 -0.42
CA ILE C 293 27.62 17.83 -0.58
C ILE C 293 26.59 17.46 0.45
N VAL C 294 26.83 17.86 1.70
CA VAL C 294 25.87 17.53 2.75
C VAL C 294 24.52 18.14 2.45
N PHE C 295 24.51 19.41 2.06
CA PHE C 295 23.22 20.03 1.76
C PHE C 295 22.51 19.29 0.64
N ALA C 296 23.26 18.95 -0.42
CA ALA C 296 22.65 18.25 -1.55
C ALA C 296 22.05 16.92 -1.11
N ASN C 297 22.79 16.13 -0.33
CA ASN C 297 22.26 14.83 0.09
C ASN C 297 21.05 15.00 0.99
N TYR C 298 21.03 16.03 1.82
CA TYR C 298 19.81 16.25 2.58
C TYR C 298 18.65 16.51 1.65
N LEU C 299 18.83 17.36 0.63
CA LEU C 299 17.74 17.59 -0.31
C LEU C 299 17.28 16.26 -0.89
N LEU C 300 18.23 15.46 -1.36
CA LEU C 300 17.87 14.27 -2.11
C LEU C 300 17.12 13.28 -1.24
N HIS C 301 17.61 13.00 -0.04
CA HIS C 301 17.11 11.87 0.73
C HIS C 301 16.26 12.22 1.93
N ARG C 302 16.25 13.46 2.39
CA ARG C 302 15.51 13.76 3.61
C ARG C 302 14.46 14.83 3.46
N VAL C 303 14.45 15.58 2.37
CA VAL C 303 13.31 16.40 2.02
C VAL C 303 12.30 15.47 1.36
N THR C 304 11.05 15.54 1.78
CA THR C 304 10.08 14.63 1.21
C THR C 304 8.87 15.43 0.80
N VAL C 305 8.39 15.20 -0.41
CA VAL C 305 7.17 15.82 -0.90
C VAL C 305 6.05 14.81 -0.82
N ALA C 306 4.85 15.28 -0.54
CA ALA C 306 3.69 14.41 -0.45
C ALA C 306 3.10 14.34 -1.83
N VAL C 307 3.04 13.15 -2.43
CA VAL C 307 2.63 13.04 -3.83
C VAL C 307 1.26 12.39 -3.90
N VAL C 308 0.29 13.10 -4.44
CA VAL C 308 -1.07 12.62 -4.61
C VAL C 308 -1.33 12.33 -6.09
N THR C 309 -1.71 11.08 -6.41
CA THR C 309 -1.89 10.67 -7.81
C THR C 309 -3.34 10.34 -8.06
N ALA C 310 -3.96 11.07 -8.94
CA ALA C 310 -5.30 10.73 -9.32
C ALA C 310 -5.27 10.05 -10.66
N LYS C 311 -6.30 9.23 -10.91
CA LYS C 311 -6.33 8.49 -12.17
C LYS C 311 -7.23 9.10 -13.21
N ARG C 312 -8.20 9.94 -12.85
CA ARG C 312 -8.89 10.76 -13.82
C ARG C 312 -8.55 12.22 -13.57
N GLU C 313 -8.51 13.03 -14.63
CA GLU C 313 -8.18 14.45 -14.43
C GLU C 313 -9.28 15.20 -13.68
N ASP C 314 -10.54 14.93 -13.93
CA ASP C 314 -11.51 15.73 -13.21
C ASP C 314 -11.52 15.38 -11.72
N TYR C 315 -11.27 14.11 -11.35
CA TYR C 315 -11.03 13.82 -9.93
C TYR C 315 -9.88 14.66 -9.41
N GLY C 316 -8.82 14.82 -10.21
CA GLY C 316 -7.69 15.61 -9.79
C GLY C 316 -8.06 17.05 -9.52
N PHE C 317 -8.97 17.59 -10.32
CA PHE C 317 -9.44 18.93 -10.01
C PHE C 317 -10.25 18.92 -8.72
N ASP C 318 -11.16 17.97 -8.60
CA ASP C 318 -11.99 17.99 -7.41
C ASP C 318 -11.17 17.78 -6.15
N MET C 319 -10.08 17.05 -6.25
CA MET C 319 -9.13 16.93 -5.15
C MET C 319 -8.50 18.28 -4.82
N PHE C 320 -7.83 18.91 -5.79
CA PHE C 320 -7.23 20.22 -5.57
C PHE C 320 -8.17 21.14 -4.86
N GLU C 321 -9.41 21.26 -5.36
CA GLU C 321 -10.40 22.09 -4.69
C GLU C 321 -10.52 21.71 -3.21
N ALA C 322 -10.67 20.41 -2.92
CA ALA C 322 -10.89 19.95 -1.55
C ALA C 322 -9.70 20.11 -0.61
N LEU C 323 -8.48 20.16 -1.11
CA LEU C 323 -7.34 20.26 -0.19
C LEU C 323 -6.88 21.69 -0.02
N ASN C 324 -7.44 22.62 -0.80
CA ASN C 324 -7.33 24.04 -0.52
C ASN C 324 -8.13 24.45 0.71
N THR C 325 -8.92 23.54 1.27
CA THR C 325 -9.76 23.77 2.46
C THR C 325 -9.29 22.80 3.55
N THR C 326 -8.26 23.22 4.28
CA THR C 326 -7.54 22.33 5.18
C THR C 326 -7.08 23.11 6.42
N GLY C 327 -8.04 23.65 7.16
CA GLY C 327 -7.84 24.25 8.49
C GLY C 327 -6.81 25.40 8.61
N GLN C 328 -6.56 25.78 9.86
CA GLN C 328 -5.85 27.02 10.22
C GLN C 328 -4.99 26.74 11.45
N PRO C 329 -3.72 26.42 11.24
CA PRO C 329 -2.95 25.64 12.24
C PRO C 329 -2.78 26.39 13.57
N LEU C 330 -2.20 25.69 14.53
CA LEU C 330 -2.22 26.09 15.92
C LEU C 330 -0.87 26.64 16.36
N THR C 331 -0.93 27.72 17.15
CA THR C 331 0.25 28.37 17.68
C THR C 331 0.99 27.42 18.59
N ALA C 332 2.30 27.63 18.73
CA ALA C 332 3.09 26.74 19.58
C ALA C 332 2.58 26.70 20.99
N ILE C 333 1.93 27.77 21.42
CA ILE C 333 1.39 27.82 22.76
C ILE C 333 0.18 26.91 22.87
N GLU C 334 -0.72 26.97 21.89
CA GLU C 334 -1.90 26.13 21.96
C GLU C 334 -1.53 24.65 22.02
N THR C 335 -0.59 24.22 21.19
CA THR C 335 -0.17 22.83 21.17
C THR C 335 0.71 22.44 22.35
N PHE C 336 1.00 23.35 23.27
CA PHE C 336 1.88 23.07 24.41
C PHE C 336 1.16 23.01 25.76
N LYS C 337 0.08 23.76 25.94
CA LYS C 337 -0.74 23.69 27.13
C LYS C 337 -1.04 22.27 27.62
N PRO C 338 -1.50 21.32 26.78
CA PRO C 338 -1.76 19.96 27.31
C PRO C 338 -0.58 19.44 28.08
N ARG C 339 0.62 19.76 27.61
CA ARG C 339 1.83 19.23 28.19
C ARG C 339 2.20 19.91 29.48
N ALA C 340 1.50 20.97 29.87
CA ALA C 340 1.68 21.59 31.18
C ALA C 340 0.52 21.33 32.11
N ILE C 341 -0.66 21.10 31.54
CA ILE C 341 -1.75 20.50 32.29
C ILE C 341 -1.32 19.15 32.80
N LYS C 342 -0.57 18.40 32.00
CA LYS C 342 -0.24 17.03 32.39
C LYS C 342 1.07 16.93 33.14
N GLU C 343 1.44 17.96 33.88
CA GLU C 343 2.43 17.89 34.93
C GLU C 343 1.90 18.58 36.17
N GLU C 344 0.60 18.86 36.18
CA GLU C 344 -0.03 19.69 37.21
C GLU C 344 -1.28 19.04 37.74
N GLY C 345 -1.12 18.16 38.71
CA GLY C 345 0.10 17.39 38.92
C GLY C 345 -0.32 16.26 37.98
N LEU C 346 -1.59 15.93 38.16
CA LEU C 346 -2.37 15.15 37.22
C LEU C 346 -3.19 16.14 36.32
N ASP C 347 -4.49 15.98 36.22
CA ASP C 347 -5.40 16.87 35.57
C ASP C 347 -6.14 17.75 36.55
N GLU C 348 -5.94 17.56 37.86
CA GLU C 348 -6.59 18.40 38.85
C GLU C 348 -5.74 19.69 38.99
N TRP C 349 -5.90 20.53 37.97
CA TRP C 349 -5.31 21.85 37.80
C TRP C 349 -6.50 22.75 37.66
N GLN C 350 -6.37 24.00 38.10
CA GLN C 350 -7.40 25.04 38.05
C GLN C 350 -7.10 25.96 39.21
N GLU C 351 -6.53 25.35 40.24
CA GLU C 351 -6.14 26.00 41.48
C GLU C 351 -4.76 25.42 41.74
N SER C 352 -3.87 25.80 40.82
CA SER C 352 -2.61 25.11 40.66
C SER C 352 -1.71 26.07 39.88
N GLU C 353 -0.79 26.72 40.60
CA GLU C 353 0.20 27.63 40.04
C GLU C 353 0.08 27.93 38.55
N SER C 354 0.42 26.93 37.70
CA SER C 354 0.58 27.15 36.25
C SER C 354 -0.65 27.70 35.58
N LYS C 355 -1.82 27.19 35.94
CA LYS C 355 -3.07 27.74 35.44
C LYS C 355 -3.00 29.24 35.51
N LEU C 356 -2.64 29.76 36.68
CA LEU C 356 -2.53 31.19 36.90
C LEU C 356 -1.61 31.82 35.86
N HIS C 357 -0.36 31.32 35.72
CA HIS C 357 0.56 31.85 34.70
C HIS C 357 -0.04 31.81 33.31
N PHE C 358 -0.55 30.63 32.90
CA PHE C 358 -1.11 30.50 31.56
C PHE C 358 -2.28 31.43 31.38
N ASP C 359 -3.07 31.64 32.42
CA ASP C 359 -4.19 32.54 32.25
C ASP C 359 -3.68 33.90 31.80
N VAL C 360 -2.59 34.37 32.41
CA VAL C 360 -1.94 35.59 31.97
C VAL C 360 -1.68 35.53 30.48
N VAL C 361 -0.90 34.54 30.04
CA VAL C 361 -0.50 34.50 28.64
C VAL C 361 -1.72 34.41 27.74
N GLU C 362 -2.68 33.59 28.14
CA GLU C 362 -3.87 33.43 27.30
C GLU C 362 -4.57 34.76 27.13
N ALA C 363 -4.73 35.49 28.24
CA ALA C 363 -5.37 36.80 28.18
C ALA C 363 -4.67 37.66 27.15
N TYR C 364 -3.34 37.81 27.30
CA TYR C 364 -2.61 38.70 26.42
C TYR C 364 -2.85 38.29 24.97
N LEU C 365 -2.76 36.98 24.68
CA LEU C 365 -2.92 36.50 23.32
C LEU C 365 -4.34 36.76 22.81
N ASP C 366 -5.33 36.44 23.63
CA ASP C 366 -6.69 36.67 23.19
C ASP C 366 -7.00 38.16 23.06
N ARG C 367 -6.24 39.00 23.78
CA ARG C 367 -6.43 40.46 23.71
C ARG C 367 -5.78 41.06 22.46
N GLU C 368 -4.46 40.96 22.32
CA GLU C 368 -3.77 41.62 21.22
C GLU C 368 -3.77 40.80 19.94
N GLY C 369 -3.90 39.48 20.01
CA GLY C 369 -4.06 38.66 18.83
C GLY C 369 -5.50 38.81 18.38
N SER C 370 -6.32 37.78 18.55
CA SER C 370 -7.76 37.91 18.35
C SER C 370 -8.11 38.29 16.91
N SER C 371 -7.76 39.51 16.52
CA SER C 371 -8.13 40.13 15.25
C SER C 371 -7.97 39.21 14.03
N SER C 372 -6.94 38.38 13.96
CA SER C 372 -6.86 37.39 12.87
C SER C 372 -6.38 36.06 13.43
N ALA C 373 -5.82 35.24 12.55
CA ALA C 373 -5.29 33.91 12.88
C ALA C 373 -3.78 33.84 12.79
N ASP C 374 -3.22 34.44 11.75
CA ASP C 374 -1.78 34.64 11.64
C ASP C 374 -1.31 35.90 12.36
N LYS C 375 -2.22 36.84 12.64
CA LYS C 375 -1.88 37.84 13.63
C LYS C 375 -1.72 37.17 14.99
N ARG C 376 -2.55 36.16 15.27
CA ARG C 376 -2.42 35.41 16.52
C ARG C 376 -1.08 34.67 16.61
N GLN C 377 -0.64 34.06 15.51
CA GLN C 377 0.66 33.41 15.56
C GLN C 377 1.81 34.42 15.55
N THR C 378 1.66 35.54 14.84
CA THR C 378 2.74 36.51 14.87
C THR C 378 2.84 37.21 16.24
N VAL C 379 1.71 37.41 16.93
CA VAL C 379 1.74 37.90 18.31
C VAL C 379 2.41 36.88 19.20
N THR C 380 2.07 35.59 19.02
CA THR C 380 2.61 34.53 19.86
C THR C 380 4.13 34.45 19.71
N SER C 381 4.62 34.68 18.49
CA SER C 381 6.07 34.80 18.29
C SER C 381 6.60 36.05 18.98
N SER C 382 5.81 37.13 18.98
CA SER C 382 6.24 38.36 19.65
C SER C 382 6.50 38.10 21.13
N VAL C 383 5.66 37.28 21.76
CA VAL C 383 5.88 36.97 23.18
C VAL C 383 6.77 35.75 23.36
N LEU C 384 7.01 34.98 22.30
CA LEU C 384 7.79 33.75 22.41
C LEU C 384 9.30 33.97 22.20
N LEU C 385 9.71 34.89 21.30
CA LEU C 385 11.15 35.12 21.08
C LEU C 385 11.83 35.76 22.28
N PRO C 386 11.30 36.84 22.87
CA PRO C 386 11.97 37.42 24.04
C PRO C 386 12.11 36.42 25.16
N PHE C 387 11.11 35.56 25.35
CA PHE C 387 11.21 34.51 26.37
C PHE C 387 12.42 33.62 26.13
N ALA C 388 12.65 33.22 24.88
CA ALA C 388 13.79 32.37 24.58
C ALA C 388 15.07 33.06 25.01
N MET C 389 15.14 34.37 24.80
CA MET C 389 16.26 35.09 25.39
C MET C 389 16.25 34.90 26.90
N PHE C 390 15.18 35.36 27.53
CA PHE C 390 14.94 35.35 28.97
C PHE C 390 15.43 34.06 29.61
N GLN C 391 14.75 32.96 29.37
CA GLN C 391 15.00 31.79 30.21
C GLN C 391 16.22 31.00 29.79
N ASP C 392 16.98 31.40 28.79
CA ASP C 392 17.84 30.37 28.26
C ASP C 392 19.07 30.94 27.57
N GLY C 393 18.87 31.95 26.74
CA GLY C 393 19.97 32.55 26.02
C GLY C 393 20.16 31.97 24.64
N THR C 394 19.07 31.56 24.01
CA THR C 394 19.10 30.90 22.72
C THR C 394 18.27 31.63 21.68
N LYS C 395 18.64 31.38 20.43
CA LYS C 395 17.96 31.97 19.28
C LYS C 395 16.73 31.13 18.91
N LEU C 396 15.54 31.67 19.20
CA LEU C 396 14.25 31.12 18.76
C LEU C 396 13.85 31.65 17.38
N THR C 397 13.32 30.77 16.52
CA THR C 397 12.96 31.14 15.14
C THR C 397 11.50 31.59 15.08
N LYS C 398 11.06 32.07 13.91
CA LYS C 398 9.64 32.35 13.72
C LYS C 398 8.85 31.15 13.16
N ARG C 399 9.48 29.96 13.07
CA ARG C 399 8.83 28.77 12.49
C ARG C 399 8.29 27.83 13.58
N LEU C 400 7.14 27.23 13.26
CA LEU C 400 6.26 26.61 14.25
C LEU C 400 6.89 25.45 15.00
N ASN C 401 7.37 24.44 14.26
CA ASN C 401 7.96 23.28 14.91
C ASN C 401 9.13 23.66 15.79
N ASP C 402 9.89 24.67 15.40
CA ASP C 402 11.00 25.11 16.25
C ASP C 402 10.49 25.64 17.58
N GLN C 403 9.47 26.51 17.54
CA GLN C 403 8.92 27.05 18.77
C GLN C 403 8.37 25.94 19.64
N ARG C 404 7.59 25.05 19.04
CA ARG C 404 6.98 23.94 19.73
C ARG C 404 8.03 23.09 20.44
N ARG C 405 9.09 22.76 19.70
CA ARG C 405 10.17 21.95 20.22
C ARG C 405 10.87 22.65 21.38
N TYR C 406 11.12 23.95 21.24
CA TYR C 406 11.82 24.70 22.29
C TYR C 406 11.02 24.74 23.58
N LEU C 407 9.71 25.03 23.48
CA LEU C 407 8.88 25.04 24.68
C LEU C 407 8.87 23.68 25.37
N ARG C 408 8.77 22.58 24.61
CA ARG C 408 8.83 21.28 25.28
C ARG C 408 10.20 21.07 25.93
N THR C 409 11.27 21.47 25.23
CA THR C 409 12.64 21.30 25.72
C THR C 409 12.84 22.02 27.04
N VAL C 410 12.62 23.33 27.03
CA VAL C 410 12.82 24.15 28.21
C VAL C 410 11.92 23.68 29.34
N PHE C 411 10.66 23.39 29.02
CA PHE C 411 9.72 23.00 30.07
C PHE C 411 10.14 21.72 30.75
N ASP C 412 10.73 20.77 30.02
CA ASP C 412 11.08 19.49 30.64
C ASP C 412 12.54 19.44 31.05
N LYS C 413 13.10 20.55 31.54
CA LYS C 413 14.47 20.47 32.04
C LYS C 413 14.45 19.93 33.45
N ASP C 414 13.99 20.73 34.39
CA ASP C 414 13.91 20.38 35.80
C ASP C 414 12.63 19.55 36.02
N PRO C 415 12.71 18.19 35.85
CA PRO C 415 11.51 17.40 35.50
C PRO C 415 10.57 17.13 36.65
N ASP C 416 10.64 17.96 37.67
CA ASP C 416 9.76 17.77 38.81
C ASP C 416 8.50 18.56 38.51
N ILE C 417 8.49 19.75 39.08
CA ILE C 417 7.41 20.72 39.04
C ILE C 417 8.06 21.76 39.93
N VAL C 418 7.37 22.85 40.25
CA VAL C 418 7.96 23.95 41.03
C VAL C 418 9.08 24.59 40.24
N ALA C 419 9.96 23.76 39.71
CA ALA C 419 10.89 24.20 38.68
C ALA C 419 10.20 24.43 37.35
N ARG C 420 9.36 23.47 36.94
CA ARG C 420 8.63 23.64 35.69
C ARG C 420 7.74 24.87 35.77
N ARG C 421 7.01 25.03 36.85
CA ARG C 421 6.09 26.16 36.84
C ARG C 421 6.84 27.48 37.00
N LYS C 422 8.12 27.45 37.41
CA LYS C 422 8.99 28.63 37.27
C LYS C 422 9.25 28.93 35.79
N VAL C 423 9.54 27.87 35.02
CA VAL C 423 9.70 28.05 33.56
C VAL C 423 8.46 28.75 32.97
N LEU C 424 7.26 28.31 33.35
CA LEU C 424 6.05 28.97 32.84
C LEU C 424 5.93 30.40 33.37
N ALA C 425 6.30 30.60 34.63
CA ALA C 425 6.30 31.94 35.19
C ALA C 425 7.02 32.88 34.25
N GLY C 426 8.05 32.39 33.61
CA GLY C 426 8.71 33.22 32.61
C GLY C 426 7.76 33.84 31.57
N LEU C 427 7.00 32.99 30.87
CA LEU C 427 6.08 33.50 29.86
C LEU C 427 5.10 34.47 30.47
N ALA C 428 4.58 34.13 31.65
CA ALA C 428 3.67 35.05 32.32
C ALA C 428 4.29 36.45 32.41
N GLN C 429 5.55 36.50 32.85
CA GLN C 429 6.21 37.79 33.07
C GLN C 429 6.42 38.54 31.76
N VAL C 430 6.79 37.84 30.68
CA VAL C 430 6.95 38.52 29.39
C VAL C 430 5.62 39.14 28.93
N ALA C 431 4.52 38.40 29.08
CA ALA C 431 3.24 38.97 28.68
C ALA C 431 3.01 40.28 29.41
N ARG C 432 3.30 40.28 30.71
CA ARG C 432 3.03 41.46 31.52
C ARG C 432 3.97 42.61 31.15
N PHE C 433 5.25 42.30 30.87
CA PHE C 433 6.15 43.33 30.36
C PHE C 433 5.57 43.99 29.12
N TYR C 434 5.01 43.19 28.21
CA TYR C 434 4.39 43.73 27.00
C TYR C 434 3.14 44.56 27.30
N GLU C 435 2.45 44.30 28.41
CA GLU C 435 1.23 45.06 28.72
C GLU C 435 1.52 46.40 29.38
N GLY C 436 2.57 46.48 30.20
CA GLY C 436 2.90 47.66 30.96
C GLY C 436 3.65 48.72 30.17
N PRO C 437 4.99 48.68 30.25
CA PRO C 437 5.80 49.75 29.64
C PRO C 437 5.83 49.77 28.13
N TRP C 438 5.28 48.78 27.42
CA TRP C 438 5.31 48.83 25.96
C TRP C 438 4.02 49.31 25.35
N GLY C 439 2.92 49.31 26.10
CA GLY C 439 1.67 49.88 25.65
C GLY C 439 1.76 51.39 25.56
N SER C 440 2.05 52.04 26.70
CA SER C 440 2.40 53.45 26.75
C SER C 440 3.67 53.61 27.58
N PRO C 441 4.74 54.20 27.03
CA PRO C 441 6.05 54.17 27.72
C PRO C 441 6.04 54.86 29.07
N THR C 442 5.01 55.63 29.38
CA THR C 442 4.97 56.48 30.58
C THR C 442 4.79 55.70 31.88
N LYS C 443 4.40 54.43 31.83
CA LYS C 443 4.11 53.66 33.06
C LYS C 443 5.36 53.43 33.91
N VAL C 444 6.46 52.97 33.30
CA VAL C 444 7.76 52.70 33.95
C VAL C 444 7.54 51.93 35.26
N PRO C 445 8.41 51.99 36.34
CA PRO C 445 7.95 51.46 37.63
C PRO C 445 7.55 52.50 38.66
N SER C 446 7.91 52.26 39.92
CA SER C 446 7.61 53.19 41.01
C SER C 446 8.77 54.15 41.16
N CYS C 447 9.46 54.09 42.30
CA CYS C 447 10.69 54.86 42.54
C CYS C 447 10.46 56.37 42.56
N ASP C 448 11.38 57.12 43.20
CA ASP C 448 11.37 58.58 43.12
C ASP C 448 12.21 59.02 41.93
N ASP C 449 13.40 59.57 42.18
CA ASP C 449 14.44 59.72 41.15
C ASP C 449 13.89 60.29 39.85
N ALA C 450 12.78 61.03 39.93
CA ALA C 450 11.86 61.28 38.81
C ALA C 450 12.51 61.73 37.51
N THR C 451 13.84 61.98 37.50
CA THR C 451 14.57 62.08 36.23
C THR C 451 14.86 60.71 35.62
N LEU C 452 15.25 59.74 36.47
CA LEU C 452 15.46 58.37 36.02
C LEU C 452 14.22 57.80 35.35
N ARG C 453 13.03 58.17 35.85
CA ARG C 453 11.79 57.62 35.31
C ARG C 453 11.61 57.98 33.84
N THR C 454 11.63 59.28 33.52
CA THR C 454 11.47 59.66 32.12
C THR C 454 12.71 59.35 31.30
N GLN C 455 13.87 59.12 31.93
CA GLN C 455 15.04 58.74 31.15
C GLN C 455 14.95 57.29 30.68
N ALA C 456 14.66 56.36 31.60
CA ALA C 456 14.41 54.99 31.19
C ALA C 456 13.18 54.89 30.30
N GLY C 457 12.22 55.79 30.47
CA GLY C 457 11.08 55.81 29.57
C GLY C 457 11.47 56.19 28.15
N ILE C 458 12.39 57.15 28.01
CA ILE C 458 12.87 57.48 26.68
C ILE C 458 13.73 56.33 26.13
N ALA C 459 14.53 55.69 26.98
CA ALA C 459 15.31 54.52 26.58
C ALA C 459 14.42 53.47 25.94
N LEU C 460 13.31 53.17 26.62
CA LEU C 460 12.37 52.15 26.16
C LEU C 460 11.66 52.58 24.88
N ALA C 461 10.99 53.75 24.91
CA ALA C 461 10.27 54.23 23.73
C ALA C 461 11.16 54.32 22.50
N ALA C 462 12.48 54.40 22.69
CA ALA C 462 13.41 54.38 21.56
C ALA C 462 13.77 52.97 21.11
N LEU C 463 14.04 52.05 22.05
CA LEU C 463 14.36 50.68 21.65
C LEU C 463 13.17 49.96 21.00
N ARG C 464 11.93 50.35 21.35
CA ARG C 464 10.75 49.74 20.73
C ARG C 464 10.74 50.04 19.23
N GLU C 465 10.43 51.28 18.86
CA GLU C 465 10.40 51.65 17.46
C GLU C 465 11.78 51.44 16.83
N GLY C 466 11.80 50.80 15.67
CA GLY C 466 13.07 50.37 15.11
C GLY C 466 13.57 49.22 15.96
N GLY C 467 14.05 48.15 15.32
CA GLY C 467 14.11 46.84 15.92
C GLY C 467 14.77 46.68 17.28
N HIS C 468 15.75 45.79 17.33
CA HIS C 468 16.53 45.58 18.54
C HIS C 468 15.62 45.36 19.76
N ASP C 469 14.65 44.47 19.59
CA ASP C 469 13.95 43.88 20.73
C ASP C 469 14.81 42.82 21.40
N ILE C 470 15.93 42.42 20.78
CA ILE C 470 16.75 41.33 21.27
C ILE C 470 16.98 41.52 22.77
N VAL C 471 16.89 42.79 23.20
CA VAL C 471 17.09 43.25 24.56
C VAL C 471 15.91 42.87 25.47
N VAL C 472 14.68 42.78 24.92
CA VAL C 472 13.47 42.59 25.73
C VAL C 472 13.58 41.37 26.62
N GLY C 473 14.37 40.37 26.21
CA GLY C 473 14.71 39.29 27.12
C GLY C 473 15.25 39.87 28.42
N LEU C 474 16.50 40.38 28.38
CA LEU C 474 17.12 41.09 29.50
C LEU C 474 16.15 41.94 30.31
N LEU C 475 15.46 42.89 29.65
CA LEU C 475 14.62 43.82 30.41
C LEU C 475 13.57 43.09 31.22
N THR C 476 12.90 42.09 30.61
CA THR C 476 11.95 41.31 31.39
C THR C 476 12.66 40.58 32.50
N ARG C 477 13.81 39.99 32.18
CA ARG C 477 14.71 39.38 33.14
C ARG C 477 14.79 40.22 34.41
N TYR C 478 14.85 41.55 34.25
CA TYR C 478 14.86 42.49 35.36
C TYR C 478 13.46 42.88 35.83
N PHE C 479 12.56 43.21 34.90
CA PHE C 479 11.20 43.61 35.23
C PHE C 479 10.53 42.65 36.21
N ALA C 480 10.91 41.37 36.18
CA ALA C 480 10.36 40.40 37.13
C ALA C 480 10.68 40.79 38.56
N ALA C 481 11.96 41.04 38.82
CA ALA C 481 12.43 41.34 40.16
C ALA C 481 11.71 42.52 40.80
N HIS C 482 11.15 43.45 40.03
CA HIS C 482 10.45 44.57 40.66
C HIS C 482 9.16 44.12 41.33
N ARG C 483 8.55 43.07 40.80
CA ARG C 483 7.33 42.55 41.37
C ARG C 483 7.54 41.33 42.27
N LEU C 484 8.76 40.81 42.35
CA LEU C 484 9.08 39.69 43.22
C LEU C 484 10.15 40.22 44.16
N SER C 485 9.73 40.77 45.29
CA SER C 485 10.67 41.39 46.20
C SER C 485 10.03 41.56 47.56
N SER C 486 10.80 41.30 48.61
CA SER C 486 10.35 41.64 49.94
C SER C 486 9.88 43.09 49.95
N PRO C 487 8.62 43.38 50.38
CA PRO C 487 8.02 44.69 50.13
C PRO C 487 8.93 45.89 50.37
N GLU C 488 10.03 45.69 51.11
CA GLU C 488 11.00 46.77 51.30
C GLU C 488 11.83 46.99 50.03
N THR C 489 12.27 45.91 49.38
CA THR C 489 13.18 46.01 48.24
C THR C 489 12.43 46.23 46.93
N VAL C 490 11.24 46.82 46.97
CA VAL C 490 10.66 47.39 45.75
C VAL C 490 11.60 48.49 45.22
N GLU C 491 12.01 49.40 46.10
CA GLU C 491 12.81 50.56 45.69
C GLU C 491 14.13 50.13 45.07
N SER C 492 14.81 49.15 45.67
CA SER C 492 16.04 48.67 45.06
C SER C 492 15.77 48.18 43.64
N SER C 493 14.76 47.31 43.49
CA SER C 493 14.38 46.76 42.19
C SER C 493 14.14 47.87 41.17
N ALA C 494 13.15 48.71 41.44
CA ALA C 494 12.77 49.84 40.60
C ALA C 494 14.01 50.55 40.04
N ARG C 495 15.08 50.65 40.83
CA ARG C 495 16.25 51.37 40.32
C ARG C 495 17.05 50.54 39.31
N GLN C 496 17.42 49.30 39.66
CA GLN C 496 18.19 48.47 38.72
C GLN C 496 17.57 48.51 37.34
N PHE C 497 16.27 48.22 37.30
CA PHE C 497 15.51 48.25 36.05
C PHE C 497 15.77 49.55 35.30
N LEU C 498 15.48 50.68 35.96
CA LEU C 498 15.67 51.98 35.31
C LEU C 498 17.09 52.11 34.74
N LEU C 499 18.10 51.77 35.56
CA LEU C 499 19.48 51.94 35.09
C LEU C 499 19.75 50.99 33.93
N ALA C 500 19.30 49.74 34.08
CA ALA C 500 19.37 48.77 32.99
C ALA C 500 18.87 49.37 31.69
N ALA C 501 17.66 49.98 31.74
CA ALA C 501 17.07 50.53 30.53
C ALA C 501 18.04 51.47 29.85
N ARG C 502 18.56 52.43 30.61
CA ARG C 502 19.50 53.40 30.05
C ARG C 502 20.67 52.69 29.39
N SER C 503 21.34 51.78 30.11
CA SER C 503 22.53 51.16 29.54
C SER C 503 22.20 50.41 28.24
N CYS C 504 21.04 49.75 28.19
CA CYS C 504 20.73 48.99 26.97
C CYS C 504 20.43 49.93 25.81
N ALA C 505 19.73 51.04 26.06
CA ALA C 505 19.60 52.01 24.97
C ALA C 505 20.95 52.60 24.63
N ALA C 506 21.78 52.83 25.67
CA ALA C 506 23.09 53.43 25.46
C ALA C 506 23.96 52.52 24.60
N PHE C 507 24.16 51.28 25.06
CA PHE C 507 24.89 50.32 24.25
C PHE C 507 24.26 50.16 22.87
N TYR C 508 22.95 50.42 22.77
CA TYR C 508 22.31 50.50 21.47
C TYR C 508 22.91 51.62 20.63
N ALA C 509 22.80 52.87 21.13
CA ALA C 509 23.23 54.05 20.36
C ALA C 509 24.66 53.90 19.85
N LEU C 510 25.54 53.30 20.66
CA LEU C 510 26.92 53.08 20.26
C LEU C 510 27.04 52.08 19.11
N TRP C 511 26.45 50.88 19.29
CA TRP C 511 26.79 49.76 18.42
C TRP C 511 26.29 49.98 16.99
N ARG C 512 25.05 50.43 16.83
CA ARG C 512 24.62 50.78 15.49
C ARG C 512 25.07 52.19 15.08
N GLY C 513 25.56 52.99 16.04
CA GLY C 513 26.16 54.27 15.66
C GLY C 513 27.51 54.09 14.99
N SER C 514 28.40 53.29 15.61
CA SER C 514 29.78 53.15 15.16
C SER C 514 29.90 52.17 13.99
N PHE C 515 29.40 50.95 14.16
CA PHE C 515 29.27 50.02 13.05
C PHE C 515 28.14 50.46 12.12
N GLY C 516 28.01 49.74 11.02
CA GLY C 516 26.93 49.99 10.11
C GLY C 516 25.70 49.12 10.34
N SER C 517 25.62 48.41 11.46
CA SER C 517 24.62 47.34 11.56
C SER C 517 24.57 46.78 12.97
N THR C 518 23.49 46.02 13.23
CA THR C 518 23.38 45.12 14.39
C THR C 518 24.23 43.88 14.21
N ALA C 519 25.43 44.03 13.66
CA ALA C 519 26.26 42.89 13.27
C ALA C 519 26.31 41.86 14.40
N GLY C 520 26.91 42.24 15.52
CA GLY C 520 27.04 41.37 16.67
C GLY C 520 25.99 41.54 17.75
N ILE C 521 25.33 42.71 17.82
CA ILE C 521 24.60 43.08 19.04
C ILE C 521 23.74 41.94 19.55
N ASP C 522 23.06 41.24 18.64
CA ASP C 522 22.27 40.08 19.07
C ASP C 522 23.16 38.97 19.61
N GLY C 523 24.25 38.67 18.93
CA GLY C 523 25.25 37.80 19.52
C GLY C 523 25.80 38.35 20.82
N VAL C 524 25.90 39.69 20.93
CA VAL C 524 26.40 40.30 22.17
C VAL C 524 25.45 40.00 23.32
N TYR C 525 24.16 40.26 23.11
CA TYR C 525 23.19 40.00 24.16
C TYR C 525 23.06 38.51 24.44
N ARG C 526 23.17 37.66 23.41
CA ARG C 526 23.06 36.22 23.62
C ARG C 526 24.21 35.69 24.47
N SER C 527 25.45 36.06 24.12
CA SER C 527 26.59 35.75 24.97
C SER C 527 26.40 36.33 26.37
N LEU C 528 25.90 37.56 26.46
CA LEU C 528 25.65 38.14 27.78
C LEU C 528 24.72 37.24 28.58
N MET C 529 23.62 36.79 27.98
CA MET C 529 22.61 36.00 28.68
C MET C 529 23.10 34.61 29.02
N THR C 530 24.07 34.07 28.29
CA THR C 530 24.63 32.78 28.66
C THR C 530 25.94 32.92 29.42
N HIS C 531 26.73 33.98 29.19
CA HIS C 531 28.02 34.14 29.86
C HIS C 531 27.90 34.03 31.37
N VAL C 532 28.91 33.40 31.98
CA VAL C 532 28.98 33.27 33.43
C VAL C 532 29.37 34.59 34.05
N VAL C 533 28.70 34.96 35.15
CA VAL C 533 28.93 36.20 35.88
C VAL C 533 29.13 35.87 37.35
N GLU C 534 30.27 36.32 37.91
CA GLU C 534 30.57 36.24 39.34
C GLU C 534 30.53 34.80 39.87
N GLU C 535 31.47 34.00 39.35
CA GLU C 535 31.75 32.63 39.78
C GLU C 535 30.47 31.80 39.78
N GLY C 536 30.01 31.38 40.97
CA GLY C 536 28.84 30.56 41.10
C GLY C 536 27.62 31.24 41.67
N MET C 537 27.65 32.56 41.85
CA MET C 537 26.47 33.22 42.36
C MET C 537 25.29 33.18 41.37
N PRO C 538 25.26 33.98 40.27
CA PRO C 538 24.07 33.94 39.43
C PRO C 538 24.36 33.43 38.03
N ARG C 539 23.41 33.73 37.14
CA ARG C 539 23.58 33.55 35.70
C ARG C 539 22.71 34.59 35.01
N PHE C 540 23.27 35.23 33.98
CA PHE C 540 22.81 36.57 33.59
C PHE C 540 21.32 36.59 33.30
N ALA C 541 20.86 35.81 32.31
CA ALA C 541 19.45 35.63 32.01
C ALA C 541 19.00 34.33 32.65
N ARG C 542 18.15 34.44 33.69
CA ARG C 542 17.69 33.33 34.50
C ARG C 542 17.63 32.04 33.71
N PHE C 543 18.34 31.05 34.21
CA PHE C 543 18.63 29.77 33.58
C PHE C 543 18.53 28.81 34.76
N GLU C 544 17.36 28.19 34.91
CA GLU C 544 16.96 27.69 36.22
C GLU C 544 16.98 28.85 37.21
N ARG C 545 17.93 28.83 38.13
CA ARG C 545 18.04 29.83 39.18
C ARG C 545 16.65 30.16 39.71
N ASP C 546 16.27 31.44 39.84
CA ASP C 546 15.09 31.63 40.68
C ASP C 546 14.27 32.90 40.39
N LEU C 547 14.37 33.48 39.20
CA LEU C 547 13.45 34.52 38.75
C LEU C 547 13.54 35.83 39.54
N THR C 548 13.38 35.79 40.86
CA THR C 548 13.57 37.00 41.66
C THR C 548 15.02 37.48 41.59
N GLU C 549 15.96 36.59 41.90
CA GLU C 549 17.38 36.90 41.96
C GLU C 549 17.94 37.20 40.57
N VAL C 550 19.17 37.73 40.57
CA VAL C 550 20.10 37.74 39.44
C VAL C 550 19.89 38.93 38.51
N PRO C 551 20.96 39.56 37.98
CA PRO C 551 22.39 39.31 38.20
C PRO C 551 22.94 40.30 39.26
N PRO C 552 23.36 41.57 38.94
CA PRO C 552 23.29 42.59 39.99
C PRO C 552 22.43 43.76 39.57
N VAL C 553 23.08 44.83 39.14
CA VAL C 553 22.42 46.05 38.74
C VAL C 553 23.13 46.59 37.51
N GLU C 554 24.42 46.26 37.41
CA GLU C 554 25.38 47.06 36.67
C GLU C 554 26.47 46.20 36.04
N ALA C 555 26.48 44.89 36.30
CA ALA C 555 27.33 44.01 35.51
C ALA C 555 26.94 44.10 34.04
N LEU C 556 25.67 44.47 33.79
CA LEU C 556 25.24 44.94 32.48
C LEU C 556 26.22 45.94 31.89
N GLN C 557 26.39 47.04 32.62
CA GLN C 557 27.15 48.19 32.15
C GLN C 557 28.60 47.81 31.91
N SER C 558 29.23 47.20 32.91
CA SER C 558 30.63 46.79 32.79
C SER C 558 30.82 45.79 31.65
N TYR C 559 29.88 44.87 31.45
CA TYR C 559 30.05 43.90 30.37
C TYR C 559 29.86 44.55 28.99
N LEU C 560 28.81 45.36 28.84
CA LEU C 560 28.62 46.11 27.61
C LEU C 560 29.87 46.91 27.26
N LYS C 561 30.54 47.43 28.29
CA LYS C 561 31.82 48.12 28.12
C LYS C 561 32.91 47.15 27.68
N GLU C 562 33.08 46.04 28.41
CA GLU C 562 34.05 45.00 28.06
C GLU C 562 33.93 44.57 26.60
N GLN C 563 32.71 44.65 26.05
CA GLN C 563 32.49 44.33 24.64
C GLN C 563 32.84 45.50 23.74
N LEU C 564 32.43 46.71 24.16
CA LEU C 564 32.65 47.93 23.41
C LEU C 564 34.11 48.10 22.98
N ARG C 565 35.05 47.40 23.64
CA ARG C 565 36.43 47.30 23.17
C ARG C 565 36.51 46.44 21.91
N SER C 566 37.58 45.64 21.80
CA SER C 566 37.76 44.65 20.74
C SER C 566 37.29 45.12 19.36
N GLU C 567 36.29 44.44 18.79
CA GLU C 567 35.65 44.90 17.55
C GLU C 567 34.43 45.75 17.85
N GLY C 568 34.64 46.80 18.65
CA GLY C 568 33.55 47.67 19.02
C GLY C 568 33.93 49.12 18.99
N ILE C 569 35.08 49.42 19.60
CA ILE C 569 35.64 50.76 19.72
C ILE C 569 34.71 51.64 20.55
N TYR C 570 35.23 52.18 21.66
CA TYR C 570 34.43 52.91 22.63
C TYR C 570 35.11 54.12 23.22
N ASP C 571 36.43 54.29 23.03
CA ASP C 571 37.11 55.50 23.43
C ASP C 571 36.52 56.68 22.67
N LYS C 572 36.19 57.75 23.40
CA LYS C 572 35.62 58.94 22.78
C LYS C 572 36.35 59.24 21.47
N GLN C 573 37.69 59.13 21.49
CA GLN C 573 38.49 59.27 20.27
C GLN C 573 38.11 58.19 19.26
N GLN C 574 38.36 56.92 19.61
CA GLN C 574 38.09 55.80 18.70
C GLN C 574 36.62 55.73 18.31
N TRP C 575 35.72 55.94 19.28
CA TRP C 575 34.30 55.77 18.98
C TRP C 575 33.77 56.87 18.09
N VAL C 576 34.14 58.13 18.37
CA VAL C 576 33.71 59.19 17.47
C VAL C 576 34.37 59.02 16.11
N ALA C 577 35.56 58.40 16.07
CA ALA C 577 36.18 58.06 14.79
C ALA C 577 35.31 57.10 13.99
N ARG C 578 34.93 55.96 14.58
CA ARG C 578 34.07 55.03 13.85
C ARG C 578 32.72 55.65 13.51
N ALA C 579 32.14 56.44 14.42
CA ALA C 579 30.76 56.90 14.30
C ALA C 579 30.57 58.12 13.42
N ALA C 580 31.57 59.00 13.27
CA ALA C 580 31.42 60.16 12.39
C ALA C 580 31.22 59.75 10.93
N MET C 581 31.70 58.57 10.55
CA MET C 581 31.69 58.09 9.16
C MET C 581 30.71 56.94 8.97
N THR C 582 29.57 57.00 9.65
CA THR C 582 28.51 56.03 9.48
C THR C 582 27.21 56.79 9.19
N PRO C 583 26.56 56.52 8.08
CA PRO C 583 25.28 57.17 7.80
C PRO C 583 24.20 56.70 8.75
N VAL C 584 23.96 57.44 9.83
CA VAL C 584 23.04 56.96 10.84
C VAL C 584 21.59 57.14 10.39
N TYR C 585 21.30 58.14 9.53
CA TYR C 585 19.93 58.26 9.04
C TYR C 585 19.52 57.07 8.17
N GLN C 586 20.48 56.42 7.52
CA GLN C 586 20.16 55.29 6.66
C GLN C 586 19.53 54.15 7.44
N HIS C 587 19.99 53.93 8.67
CA HIS C 587 19.54 52.80 9.49
C HIS C 587 18.14 53.04 10.06
N SER C 588 18.08 53.19 11.38
CA SER C 588 16.83 53.42 12.10
C SER C 588 16.75 54.89 12.49
N LYS C 589 15.62 55.53 12.17
CA LYS C 589 15.41 56.93 12.51
C LYS C 589 15.48 57.21 14.02
N PRO C 590 14.96 56.37 14.91
CA PRO C 590 15.24 56.58 16.34
C PRO C 590 16.72 56.53 16.74
N LEU C 591 17.61 55.84 16.02
CA LEU C 591 19.03 55.94 16.35
C LEU C 591 19.51 57.38 16.20
N THR C 592 19.13 58.03 15.10
CA THR C 592 19.47 59.43 14.89
C THR C 592 18.79 60.31 15.93
N ARG C 593 17.54 59.98 16.32
CA ARG C 593 16.92 60.76 17.39
C ARG C 593 17.73 60.64 18.68
N LEU C 594 18.21 59.43 19.01
CA LEU C 594 19.06 59.24 20.18
C LEU C 594 20.31 60.11 20.13
N LEU C 595 21.02 60.10 18.99
CA LEU C 595 22.30 60.81 18.94
C LEU C 595 22.13 62.33 18.95
N LEU C 596 21.12 62.86 18.24
CA LEU C 596 20.89 64.30 18.26
C LEU C 596 20.34 64.79 19.60
N LEU C 597 19.36 64.09 20.19
CA LEU C 597 18.89 64.53 21.51
C LEU C 597 19.96 64.41 22.58
N ALA C 598 20.96 63.51 22.44
CA ALA C 598 22.04 63.52 23.40
C ALA C 598 23.13 64.52 23.08
N ALA C 599 23.28 64.91 21.82
CA ALA C 599 24.26 65.92 21.48
C ALA C 599 23.74 67.33 21.71
N SER C 600 22.42 67.49 21.86
CA SER C 600 21.84 68.79 22.20
C SER C 600 21.34 68.81 23.64
N GLN C 601 21.90 67.95 24.49
CA GLN C 601 21.53 67.94 25.91
C GLN C 601 22.03 69.21 26.58
N ASN C 602 21.10 70.03 27.07
CA ASN C 602 21.34 71.38 27.56
C ASN C 602 22.48 72.07 26.79
N SER C 603 22.31 72.20 25.48
CA SER C 603 23.36 72.69 24.60
C SER C 603 23.13 74.16 24.26
N THR C 604 24.16 74.77 23.68
CA THR C 604 24.18 76.19 23.38
C THR C 604 24.85 76.44 22.03
N PRO C 605 24.41 77.48 21.31
CA PRO C 605 25.07 77.83 20.06
C PRO C 605 26.54 78.20 20.29
N ASP C 606 27.41 77.69 19.42
CA ASP C 606 28.85 77.88 19.57
C ASP C 606 29.36 79.08 18.81
N SER C 607 30.25 79.84 19.45
CA SER C 607 30.86 81.04 18.89
C SER C 607 32.23 80.82 18.25
N ALA C 608 33.05 79.90 18.78
CA ALA C 608 34.44 79.77 18.33
C ALA C 608 34.55 79.35 16.86
N THR C 609 33.78 78.33 16.45
CA THR C 609 33.75 77.88 15.06
C THR C 609 32.30 77.92 14.58
N PRO C 610 31.98 78.64 13.49
CA PRO C 610 30.57 78.90 13.19
C PRO C 610 29.83 77.67 12.70
N GLY C 611 28.98 77.10 13.55
CA GLY C 611 28.17 75.95 13.20
C GLY C 611 28.27 74.73 14.09
N LEU C 612 29.30 74.66 14.93
CA LEU C 612 29.40 73.60 15.92
C LEU C 612 28.56 73.96 17.16
N VAL C 613 28.70 73.17 18.23
CA VAL C 613 27.94 73.35 19.46
C VAL C 613 28.81 72.84 20.60
N VAL C 614 28.62 73.43 21.79
CA VAL C 614 29.39 73.03 22.97
C VAL C 614 28.45 72.98 24.17
N ARG C 615 28.89 72.26 25.20
CA ARG C 615 28.07 72.00 26.37
C ARG C 615 28.65 72.70 27.60
N GLY C 616 27.91 72.60 28.70
CA GLY C 616 28.40 73.03 29.99
C GLY C 616 27.36 73.78 30.80
N LYS C 617 26.12 73.86 30.31
CA LYS C 617 25.05 74.62 30.94
C LYS C 617 24.14 73.73 31.78
N SER C 618 24.75 72.72 32.42
CA SER C 618 24.16 71.68 33.26
C SER C 618 22.66 71.50 33.13
N GLY C 619 21.85 72.52 33.45
CA GLY C 619 20.42 72.36 33.29
C GLY C 619 19.65 73.46 32.59
N LEU C 620 20.12 73.88 31.41
CA LEU C 620 19.44 74.88 30.60
C LEU C 620 18.06 74.37 30.20
N LEU C 621 18.01 73.49 29.19
CA LEU C 621 16.81 72.73 28.83
C LEU C 621 17.30 71.35 28.39
N GLU C 622 17.17 70.37 29.28
CA GLU C 622 17.75 69.05 29.09
C GLU C 622 16.81 68.13 28.32
N THR C 623 17.35 67.48 27.29
CA THR C 623 16.53 66.83 26.27
C THR C 623 16.28 65.34 26.52
N LEU C 624 17.15 64.65 27.26
CA LEU C 624 17.03 63.22 27.52
C LEU C 624 15.89 62.86 28.49
N GLU C 625 14.65 63.22 28.15
CA GLU C 625 13.50 62.95 28.99
C GLU C 625 12.35 62.49 28.10
N LEU C 626 11.69 61.39 28.49
CA LEU C 626 10.64 60.78 27.67
C LEU C 626 9.60 61.80 27.21
N GLU C 627 9.36 62.83 28.02
CA GLU C 627 8.46 63.90 27.62
C GLU C 627 9.03 64.77 26.50
N ARG C 628 10.34 64.70 26.22
CA ARG C 628 10.95 65.47 25.15
C ARG C 628 11.30 64.66 23.91
N TRP C 629 11.12 63.34 23.95
CA TRP C 629 11.05 62.51 22.75
C TRP C 629 9.75 62.77 22.02
N ASN C 630 8.65 62.37 22.66
CA ASN C 630 7.31 62.60 22.15
C ASN C 630 6.96 64.08 22.07
N ASP C 631 7.79 64.95 22.66
CA ASP C 631 7.61 66.40 22.60
C ASP C 631 7.53 66.85 21.16
N GLU C 632 6.30 67.01 20.64
CA GLU C 632 6.14 67.45 19.26
C GLU C 632 6.49 68.93 19.15
N ALA C 633 7.30 69.41 20.09
CA ALA C 633 8.19 70.53 19.84
C ALA C 633 9.18 70.13 18.75
N PHE C 634 10.39 69.72 19.15
CA PHE C 634 11.47 69.38 18.23
C PHE C 634 11.61 67.86 18.13
N ALA C 635 10.99 67.27 17.12
CA ALA C 635 11.07 65.84 16.92
C ALA C 635 10.86 65.52 15.44
N THR C 636 11.76 66.05 14.60
CA THR C 636 11.83 65.74 13.17
C THR C 636 13.28 65.83 12.71
N ILE C 637 13.75 64.79 12.03
CA ILE C 637 15.11 64.75 11.51
C ILE C 637 15.16 65.53 10.19
N GLU C 638 15.77 66.73 10.21
CA GLU C 638 15.95 67.51 9.00
C GLU C 638 17.40 67.42 8.56
N HIS C 639 17.59 67.04 7.30
CA HIS C 639 18.88 67.20 6.64
C HIS C 639 19.15 68.66 6.29
N VAL C 640 20.35 69.15 6.59
CA VAL C 640 20.80 70.41 6.03
C VAL C 640 20.96 70.17 4.54
N ALA C 641 21.95 69.36 4.16
CA ALA C 641 22.11 68.96 2.77
C ALA C 641 21.04 67.92 2.40
N PRO C 642 20.27 68.14 1.33
CA PRO C 642 19.17 67.24 1.04
C PRO C 642 19.68 65.95 0.45
N GLN C 643 18.88 64.91 0.60
CA GLN C 643 19.17 63.70 -0.16
C GLN C 643 18.93 63.91 -1.65
N ALA C 644 17.90 64.68 -2.01
CA ALA C 644 17.52 64.95 -3.40
C ALA C 644 17.92 66.36 -3.87
N PRO C 645 18.96 66.51 -4.67
CA PRO C 645 19.05 67.68 -5.55
C PRO C 645 19.22 67.23 -7.00
N SER C 646 18.11 66.97 -7.70
CA SER C 646 18.19 66.18 -8.93
C SER C 646 18.99 66.86 -10.02
N SER C 647 18.80 68.17 -10.20
CA SER C 647 19.66 68.97 -11.05
C SER C 647 20.56 69.87 -10.23
N ASN C 648 20.66 69.64 -8.92
CA ASN C 648 21.34 70.50 -7.96
C ASN C 648 20.59 71.83 -7.85
N GLY C 649 19.71 71.94 -6.85
CA GLY C 649 19.01 73.18 -6.53
C GLY C 649 19.93 74.36 -6.30
N SER C 650 21.18 74.04 -5.98
CA SER C 650 22.34 74.94 -6.00
C SER C 650 23.48 74.08 -5.50
N TRP C 651 23.73 74.19 -4.20
CA TRP C 651 24.51 73.22 -3.46
C TRP C 651 25.93 73.06 -3.96
N ASN C 652 26.64 72.09 -3.39
CA ASN C 652 28.03 71.81 -3.69
C ASN C 652 28.15 70.32 -3.90
N ALA C 653 28.63 69.90 -5.08
CA ALA C 653 28.77 68.47 -5.29
C ALA C 653 29.82 67.82 -4.38
N ASP C 654 30.52 68.62 -3.57
CA ASP C 654 31.44 68.09 -2.57
C ASP C 654 30.79 67.06 -1.64
N LEU C 655 29.50 67.25 -1.32
CA LEU C 655 28.80 66.33 -0.42
C LEU C 655 28.32 65.06 -1.10
N TYR C 656 28.47 64.93 -2.42
CA TYR C 656 27.89 63.81 -3.15
C TYR C 656 28.96 62.91 -3.77
N GLU C 657 30.22 63.10 -3.37
CA GLU C 657 31.26 62.13 -3.68
C GLU C 657 30.91 60.75 -3.11
N ASP C 658 30.50 60.72 -1.85
CA ASP C 658 30.20 59.50 -1.10
C ASP C 658 28.77 59.48 -0.61
N PRO C 659 27.95 58.49 -0.98
CA PRO C 659 26.51 58.53 -0.64
C PRO C 659 26.21 58.44 0.85
N GLU C 660 27.21 58.16 1.69
CA GLU C 660 27.02 58.07 3.13
C GLU C 660 27.15 59.41 3.85
N LEU C 661 27.70 60.44 3.19
CA LEU C 661 27.89 61.73 3.84
C LEU C 661 26.55 62.36 4.22
N ILE C 662 25.64 62.47 3.25
CA ILE C 662 24.38 63.20 3.39
C ILE C 662 23.57 62.69 4.59
N ASN C 663 23.95 61.53 5.14
CA ASN C 663 23.15 60.89 6.18
C ASN C 663 23.91 60.70 7.48
N ARG C 664 24.99 61.43 7.69
CA ARG C 664 25.69 61.34 8.95
C ARG C 664 25.15 62.36 9.94
N ILE C 665 25.62 62.25 11.18
CA ILE C 665 25.15 63.13 12.26
C ILE C 665 25.31 64.59 11.88
N GLY C 666 26.48 64.94 11.34
CA GLY C 666 26.81 66.30 11.00
C GLY C 666 25.95 66.94 9.93
N ASN C 667 25.06 66.16 9.32
CA ASN C 667 24.20 66.67 8.27
C ASN C 667 22.74 66.77 8.71
N LEU C 668 22.46 66.50 9.98
CA LEU C 668 21.09 66.42 10.49
C LEU C 668 20.95 67.27 11.75
N THR C 669 19.76 67.84 11.94
CA THR C 669 19.34 68.37 13.23
C THR C 669 17.88 68.02 13.46
N LEU C 670 17.36 68.44 14.63
CA LEU C 670 15.96 68.24 15.00
C LEU C 670 15.18 69.53 14.76
N LEU C 671 14.28 69.51 13.78
CA LEU C 671 13.44 70.63 13.41
C LEU C 671 12.00 70.37 13.86
N PRO C 672 11.36 71.27 14.60
CA PRO C 672 9.91 71.15 14.80
C PRO C 672 9.08 71.28 13.52
N ALA C 673 7.76 71.38 13.72
CA ALA C 673 6.78 71.68 12.67
C ALA C 673 7.04 70.94 11.36
N VAL C 674 7.55 71.64 10.33
CA VAL C 674 7.49 71.12 8.97
C VAL C 674 8.70 70.25 8.66
N GLU C 675 8.43 69.16 7.94
CA GLU C 675 9.42 68.27 7.33
C GLU C 675 9.61 68.57 5.84
N ASN C 676 8.76 67.92 5.04
CA ASN C 676 8.65 68.11 3.59
C ASN C 676 7.18 68.11 3.18
N ALA C 677 6.31 68.72 3.97
CA ALA C 677 4.87 68.61 3.74
C ALA C 677 4.18 69.96 3.56
N SER C 678 4.31 70.87 4.53
CA SER C 678 3.68 72.19 4.43
C SER C 678 4.58 73.20 3.72
N ALA C 679 5.53 73.79 4.45
CA ALA C 679 6.50 74.74 3.90
C ALA C 679 7.90 74.39 4.38
N SER C 680 8.77 74.01 3.47
CA SER C 680 10.08 73.50 3.85
C SER C 680 11.03 73.48 2.67
N ASN C 681 12.33 73.47 3.00
CA ASN C 681 13.41 72.99 2.14
C ASN C 681 13.69 73.95 0.99
N ARG C 682 14.81 73.71 0.28
CA ARG C 682 15.12 74.19 -1.08
C ARG C 682 16.60 73.98 -1.35
N ALA C 683 17.35 75.08 -1.49
CA ALA C 683 18.79 75.07 -1.67
C ALA C 683 19.48 75.76 -0.48
N TRP C 684 20.78 75.49 -0.31
CA TRP C 684 21.53 75.94 0.88
C TRP C 684 21.67 77.46 0.84
N HIS C 685 20.62 78.13 1.31
CA HIS C 685 20.54 79.58 1.39
C HIS C 685 19.15 79.92 1.92
N LEU C 686 18.13 79.44 1.22
CA LEU C 686 16.80 79.38 1.82
C LEU C 686 16.82 78.55 3.09
N LYS C 687 17.69 77.55 3.16
CA LYS C 687 17.86 76.80 4.39
C LYS C 687 18.47 77.66 5.49
N ARG C 688 19.45 78.50 5.14
CA ARG C 688 19.98 79.48 6.09
C ARG C 688 18.88 80.38 6.65
N LEU C 689 18.05 80.95 5.76
CA LEU C 689 17.00 81.85 6.20
C LEU C 689 15.96 81.11 7.05
N MET C 690 15.65 79.86 6.68
CA MET C 690 14.73 79.03 7.46
C MET C 690 15.25 78.76 8.88
N PHE C 691 16.55 78.46 9.02
CA PHE C 691 17.10 78.27 10.37
C PHE C 691 17.23 79.59 11.11
N ARG C 692 17.45 80.70 10.39
CA ARG C 692 17.52 82.03 11.01
C ARG C 692 16.17 82.46 11.56
N ALA C 693 15.08 82.03 10.91
CA ALA C 693 13.75 82.32 11.42
C ALA C 693 13.58 81.80 12.85
N LEU C 694 13.68 80.49 13.03
CA LEU C 694 13.52 79.86 14.34
C LEU C 694 14.85 79.76 15.05
N SER C 695 15.22 80.84 15.75
CA SER C 695 16.38 80.86 16.63
C SER C 695 16.48 82.23 17.31
N ALA C 696 15.53 83.11 17.00
CA ALA C 696 15.57 84.47 17.49
C ALA C 696 15.10 84.54 18.94
N ALA C 697 15.81 85.30 19.76
CA ALA C 697 15.48 85.45 21.17
C ALA C 697 14.53 86.62 21.43
N THR C 698 13.94 87.21 20.38
CA THR C 698 12.96 88.28 20.51
C THR C 698 11.98 88.19 19.34
N VAL C 699 10.78 88.76 19.54
CA VAL C 699 9.76 88.72 18.49
C VAL C 699 10.05 89.69 17.34
N GLU C 700 10.73 90.83 17.62
CA GLU C 700 11.20 91.71 16.55
C GLU C 700 12.44 91.18 15.86
N GLU C 701 12.75 89.91 16.04
CA GLU C 701 13.52 89.17 15.06
C GLU C 701 12.78 87.93 14.56
N ALA C 702 11.79 87.43 15.30
CA ALA C 702 10.97 86.32 14.81
C ALA C 702 10.18 86.73 13.56
N GLU C 703 9.31 87.75 13.70
CA GLU C 703 8.55 88.21 12.53
C GLU C 703 9.47 88.79 11.46
N LYS C 704 10.57 89.45 11.88
CA LYS C 704 11.49 90.05 10.93
C LYS C 704 12.17 89.01 10.04
N THR C 705 12.65 87.90 10.60
CA THR C 705 13.32 86.90 9.76
C THR C 705 12.33 85.98 9.03
N LEU C 706 11.13 85.79 9.57
CA LEU C 706 10.06 85.19 8.75
C LEU C 706 9.88 85.99 7.46
N ALA C 707 9.79 87.33 7.58
CA ALA C 707 9.65 88.17 6.39
C ALA C 707 10.93 88.21 5.54
N ASP C 708 12.11 88.15 6.17
CA ASP C 708 13.36 88.00 5.43
C ASP C 708 13.31 86.85 4.46
N ALA C 709 12.88 85.67 4.94
CA ALA C 709 12.89 84.48 4.10
C ALA C 709 11.69 84.37 3.16
N GLU C 710 10.61 85.12 3.39
CA GLU C 710 9.50 85.09 2.44
C GLU C 710 9.78 85.78 1.11
N ALA C 711 10.80 86.64 1.04
CA ALA C 711 11.16 87.25 -0.24
C ALA C 711 11.52 86.19 -1.26
N GLN C 712 12.48 85.32 -0.91
CA GLN C 712 12.74 84.13 -1.70
C GLN C 712 11.56 83.16 -1.66
N GLY C 713 10.70 83.29 -0.66
CA GLY C 713 9.58 82.40 -0.48
C GLY C 713 9.82 81.42 0.63
N LEU C 714 9.73 81.87 1.88
CA LEU C 714 9.69 80.91 2.99
C LEU C 714 8.30 80.33 3.13
N ARG C 715 7.27 81.12 2.78
CA ARG C 715 5.90 80.65 2.69
C ARG C 715 5.73 79.87 1.38
N LEU C 716 6.33 78.67 1.34
CA LEU C 716 6.29 77.78 0.19
C LEU C 716 5.22 76.71 0.39
N GLY C 717 4.30 76.58 -0.58
CA GLY C 717 3.21 75.64 -0.51
C GLY C 717 1.88 76.28 -0.21
N SER C 718 1.88 77.35 0.59
CA SER C 718 0.69 78.12 0.92
C SER C 718 1.08 79.47 1.51
N GLY C 719 1.35 79.50 2.82
CA GLY C 719 1.79 80.69 3.50
C GLY C 719 2.56 80.40 4.78
N ALA C 720 3.54 79.50 4.71
CA ALA C 720 4.32 79.01 5.84
C ALA C 720 3.45 78.25 6.84
N GLY C 721 3.95 77.14 7.37
CA GLY C 721 3.14 76.26 8.21
C GLY C 721 2.63 76.89 9.49
N GLU C 722 3.28 76.59 10.61
CA GLU C 722 3.03 77.26 11.89
C GLU C 722 4.09 78.33 12.15
N ILE C 723 4.18 79.33 11.27
CA ILE C 723 5.34 80.22 11.19
C ILE C 723 4.83 81.67 11.20
N VAL C 724 4.62 82.24 12.38
CA VAL C 724 4.36 83.67 12.54
C VAL C 724 5.14 84.22 13.73
N ARG C 725 4.82 83.73 14.94
CA ARG C 725 5.41 84.20 16.20
C ARG C 725 5.78 82.98 17.05
N GLN C 726 6.80 82.25 16.60
CA GLN C 726 7.23 80.99 17.22
C GLN C 726 8.15 81.22 18.41
N ALA C 727 7.78 80.64 19.56
CA ALA C 727 8.70 80.54 20.70
C ALA C 727 9.70 79.39 20.53
N ARG C 728 10.01 78.70 21.63
CA ARG C 728 10.81 77.47 21.67
C ARG C 728 12.31 77.75 21.63
N TYR C 729 13.09 76.93 22.34
CA TYR C 729 14.55 77.06 22.42
C TYR C 729 15.21 75.83 21.78
N LEU C 730 16.01 76.06 20.74
CA LEU C 730 16.58 75.00 19.89
C LEU C 730 18.08 75.17 19.76
N PRO C 731 18.87 74.59 20.67
CA PRO C 731 20.34 74.82 20.67
C PRO C 731 21.05 74.55 19.34
N LEU C 732 20.65 73.50 18.62
CA LEU C 732 21.31 73.17 17.35
C LEU C 732 20.94 74.12 16.21
N VAL C 733 19.72 74.67 16.22
CA VAL C 733 19.27 75.47 15.08
C VAL C 733 19.85 76.88 15.10
N ALA C 734 20.04 77.43 16.29
CA ALA C 734 20.73 78.72 16.39
C ALA C 734 22.13 78.63 15.78
N ALA C 735 22.99 77.80 16.35
CA ALA C 735 24.28 77.54 15.72
C ALA C 735 24.16 76.66 14.48
N LEU C 736 23.39 77.13 13.49
CA LEU C 736 23.23 76.58 12.15
C LEU C 736 22.70 77.73 11.33
N ALA C 737 21.98 78.63 12.01
CA ALA C 737 21.78 79.98 11.52
C ALA C 737 23.03 80.84 11.64
N GLN C 738 24.04 80.36 12.37
CA GLN C 738 25.24 81.13 12.66
C GLN C 738 26.41 80.82 11.72
N ARG C 739 26.26 79.85 10.81
CA ARG C 739 27.26 79.60 9.78
C ARG C 739 26.82 80.16 8.45
N GLU C 740 27.61 81.09 7.91
CA GLU C 740 27.49 81.44 6.50
C GLU C 740 28.52 80.59 5.75
N GLU C 741 29.57 81.21 5.22
CA GLU C 741 30.60 80.50 4.47
C GLU C 741 29.99 79.65 3.37
N GLU C 742 30.00 78.33 3.56
CA GLU C 742 29.39 77.39 2.62
C GLU C 742 29.20 76.08 3.37
N TRP C 743 28.38 75.20 2.80
CA TRP C 743 28.16 73.89 3.41
C TRP C 743 29.12 72.91 2.72
N THR C 744 30.36 72.92 3.20
CA THR C 744 31.40 72.07 2.64
C THR C 744 31.35 70.67 3.26
N ALA C 745 31.98 69.71 2.57
CA ALA C 745 32.03 68.34 3.08
C ALA C 745 32.91 68.22 4.33
N GLU C 746 34.05 68.92 4.36
CA GLU C 746 34.90 68.92 5.54
C GLU C 746 34.13 69.40 6.76
N PHE C 747 33.26 70.40 6.59
CA PHE C 747 32.51 70.88 7.74
C PHE C 747 31.47 69.88 8.20
N VAL C 748 30.84 69.14 7.27
CA VAL C 748 29.91 68.10 7.69
C VAL C 748 30.64 67.02 8.46
N GLU C 749 31.85 66.68 8.03
CA GLU C 749 32.67 65.71 8.76
C GLU C 749 33.02 66.23 10.16
N ALA C 750 33.48 67.50 10.25
CA ALA C 750 33.82 68.09 11.54
C ALA C 750 32.61 68.19 12.45
N ARG C 751 31.44 68.48 11.88
CA ARG C 751 30.24 68.66 12.67
C ARG C 751 29.73 67.32 13.19
N SER C 752 29.76 66.26 12.35
CA SER C 752 29.43 64.92 12.84
C SER C 752 30.42 64.47 13.90
N GLN C 753 31.71 64.83 13.76
CA GLN C 753 32.68 64.52 14.81
C GLN C 753 32.33 65.22 16.12
N ARG C 754 32.03 66.51 16.06
CA ARG C 754 31.70 67.22 17.29
C ARG C 754 30.40 66.70 17.90
N LEU C 755 29.37 66.47 17.09
CA LEU C 755 28.12 65.92 17.60
C LEU C 755 28.33 64.51 18.16
N CYS C 756 29.17 63.68 17.51
CA CYS C 756 29.45 62.35 18.03
C CYS C 756 30.14 62.42 19.39
N SER C 757 31.14 63.31 19.52
CA SER C 757 31.77 63.55 20.81
C SER C 757 30.75 64.00 21.84
N LEU C 758 29.86 64.92 21.46
CA LEU C 758 28.85 65.46 22.39
C LEU C 758 27.89 64.37 22.85
N ALA C 759 27.35 63.60 21.92
CA ALA C 759 26.45 62.51 22.30
C ALA C 759 27.18 61.49 23.16
N TRP C 760 28.41 61.14 22.77
CA TRP C 760 29.19 60.18 23.54
C TRP C 760 29.38 60.66 24.97
N ASP C 761 29.72 61.94 25.16
CA ASP C 761 29.80 62.52 26.49
C ASP C 761 28.46 62.43 27.22
N ALA C 762 27.37 62.75 26.52
CA ALA C 762 26.06 62.83 27.17
C ALA C 762 25.60 61.48 27.67
N LEU C 763 26.03 60.42 27.01
CA LEU C 763 25.49 59.11 27.33
C LEU C 763 26.41 58.27 28.21
N THR C 764 27.74 58.26 27.97
CA THR C 764 28.62 57.30 28.65
C THR C 764 28.49 57.23 30.18
N PRO C 765 27.96 58.25 30.87
CA PRO C 765 27.59 58.04 32.29
C PRO C 765 26.46 57.00 32.53
N TRP C 766 25.74 56.52 31.51
CA TRP C 766 24.66 55.54 31.72
C TRP C 766 25.15 54.10 31.82
N LEU C 767 26.24 53.76 31.13
CA LEU C 767 26.96 52.51 31.32
C LEU C 767 27.94 52.57 32.48
N GLY C 768 27.94 53.65 33.27
CA GLY C 768 28.85 53.78 34.39
C GLY C 768 30.30 53.67 33.98
N PHE C 769 30.75 54.56 33.11
CA PHE C 769 31.99 54.35 32.36
C PHE C 769 33.20 54.57 33.28
N GLU C 770 34.13 53.61 33.25
CA GLU C 770 35.51 53.71 33.73
C GLU C 770 36.38 52.77 32.90
N PRO C 771 35.83 51.62 32.44
CA PRO C 771 36.34 50.95 31.23
C PRO C 771 36.18 51.80 29.97
N MET D 1 14.44 4.70 6.95
CA MET D 1 13.75 5.96 7.21
C MET D 1 13.96 6.90 6.03
N GLU D 2 13.02 6.88 5.08
CA GLU D 2 13.00 7.78 3.91
C GLU D 2 11.56 8.09 3.50
N THR D 3 10.76 7.03 3.36
CA THR D 3 9.31 7.10 3.49
C THR D 3 8.84 6.24 4.63
N LYS D 4 9.76 5.75 5.47
CA LYS D 4 9.48 4.78 6.53
C LYS D 4 8.21 5.16 7.28
N GLU D 5 7.05 4.94 6.65
CA GLU D 5 5.73 5.49 6.92
C GLU D 5 5.68 7.01 6.73
N ILE D 6 6.38 7.79 7.55
CA ILE D 6 6.14 9.22 7.69
C ILE D 6 4.65 9.46 7.74
N PHE D 7 3.95 9.17 6.65
CA PHE D 7 2.52 9.40 6.58
C PHE D 7 1.87 8.35 5.70
N ASP D 8 0.56 8.42 5.61
CA ASP D 8 -0.12 7.28 5.04
C ASP D 8 -1.56 7.60 4.71
N ALA D 9 -1.87 7.79 3.44
CA ALA D 9 -3.14 8.38 3.06
C ALA D 9 -4.00 7.44 2.22
N ALA D 10 -5.30 7.51 2.42
CA ALA D 10 -6.21 6.65 1.67
C ALA D 10 -7.60 7.26 1.71
N PRO D 11 -8.42 7.02 0.69
CA PRO D 11 -9.77 7.58 0.68
C PRO D 11 -10.76 6.60 1.29
N LEU D 12 -11.77 7.15 1.97
CA LEU D 12 -12.83 6.32 2.55
C LEU D 12 -14.16 7.03 2.42
N SER D 13 -15.20 6.27 2.10
CA SER D 13 -16.56 6.78 2.17
C SER D 13 -16.88 7.18 3.58
N VAL D 14 -17.88 8.07 3.77
CA VAL D 14 -18.15 8.42 5.15
C VAL D 14 -18.55 7.18 5.90
N SER D 15 -19.16 6.20 5.20
CA SER D 15 -19.49 4.93 5.86
C SER D 15 -18.26 4.14 6.30
N GLN D 16 -17.38 3.82 5.38
CA GLN D 16 -16.28 3.01 5.81
C GLN D 16 -15.29 3.77 6.71
N PHE D 17 -15.30 5.10 6.67
CA PHE D 17 -14.47 5.85 7.60
C PHE D 17 -15.03 5.79 8.99
N LEU D 18 -16.32 6.12 9.14
CA LEU D 18 -16.84 6.25 10.50
C LEU D 18 -17.06 4.91 11.17
N SER D 19 -17.61 3.94 10.44
CA SER D 19 -18.15 2.75 11.10
C SER D 19 -17.14 1.63 11.23
N GLU D 20 -15.83 1.90 11.13
CA GLU D 20 -14.88 0.79 11.26
C GLU D 20 -15.15 0.09 12.57
N THR D 21 -15.14 -1.24 12.56
CA THR D 21 -15.76 -1.89 13.71
C THR D 21 -14.97 -1.61 14.96
N GLY D 22 -13.68 -1.29 14.86
CA GLY D 22 -13.05 -1.12 16.14
C GLY D 22 -12.47 0.22 16.54
N GLN D 23 -12.95 1.31 15.97
CA GLN D 23 -12.27 2.60 15.98
C GLN D 23 -12.95 3.59 16.92
N GLY D 24 -12.14 4.50 17.41
CA GLY D 24 -12.62 5.66 18.17
C GLY D 24 -12.01 6.95 17.65
N LEU D 25 -12.80 7.99 17.37
CA LEU D 25 -12.23 9.24 16.92
C LEU D 25 -12.10 10.17 18.10
N TYR D 26 -10.92 10.77 18.34
CA TYR D 26 -10.62 11.43 19.62
C TYR D 26 -10.09 12.81 19.36
N ILE D 27 -10.77 13.84 19.88
CA ILE D 27 -10.32 15.21 19.64
C ILE D 27 -9.24 15.59 20.65
N PRO D 28 -8.00 15.82 20.22
CA PRO D 28 -6.93 16.06 21.16
C PRO D 28 -7.26 17.29 21.98
N PRO D 29 -6.51 17.55 23.04
CA PRO D 29 -6.92 18.59 23.99
C PRO D 29 -6.52 20.01 23.59
N TYR D 30 -5.89 20.25 22.43
CA TYR D 30 -5.61 21.59 21.95
C TYR D 30 -6.56 22.07 20.87
N GLN D 31 -7.51 21.26 20.41
CA GLN D 31 -8.43 21.73 19.38
C GLN D 31 -9.39 22.78 19.94
N ARG D 32 -9.74 23.76 19.10
CA ARG D 32 -10.79 24.69 19.46
C ARG D 32 -12.10 23.93 19.65
N ALA D 33 -13.11 24.58 20.20
CA ALA D 33 -14.38 23.92 20.40
C ALA D 33 -15.16 23.92 19.11
N TYR D 34 -16.45 23.54 19.13
CA TYR D 34 -17.15 23.48 17.85
C TYR D 34 -17.51 24.87 17.41
N SER D 35 -16.93 25.32 16.30
CA SER D 35 -17.13 26.67 15.82
C SER D 35 -18.16 26.66 14.70
N TRP D 36 -17.74 26.30 13.47
CA TRP D 36 -18.54 26.29 12.25
C TRP D 36 -19.91 26.94 12.34
N GLU D 37 -19.98 28.19 11.87
CA GLU D 37 -21.23 28.90 11.71
C GLU D 37 -22.05 28.26 10.58
N LEU D 38 -23.39 28.40 10.67
CA LEU D 38 -24.38 27.68 9.85
C LEU D 38 -24.13 27.71 8.35
N PRO D 39 -23.63 28.77 7.79
CA PRO D 39 -23.20 28.74 6.40
C PRO D 39 -22.21 27.66 6.03
N LYS D 40 -21.15 27.36 6.82
CA LYS D 40 -20.25 26.26 6.44
C LYS D 40 -21.01 24.95 6.41
N ILE D 41 -21.93 24.78 7.34
CA ILE D 41 -22.80 23.61 7.32
C ILE D 41 -23.63 23.61 6.05
N ARG D 42 -24.17 24.75 5.67
CA ARG D 42 -24.99 24.81 4.48
C ARG D 42 -24.17 24.47 3.26
N ARG D 43 -22.96 24.99 3.14
CA ARG D 43 -22.13 24.52 2.05
C ARG D 43 -21.91 23.00 2.11
N LEU D 44 -21.67 22.44 3.29
CA LEU D 44 -21.46 20.99 3.39
C LEU D 44 -22.61 20.25 2.76
N LEU D 45 -23.80 20.48 3.27
CA LEU D 45 -24.93 19.76 2.71
C LEU D 45 -25.08 20.10 1.24
N SER D 46 -24.86 21.34 0.85
CA SER D 46 -25.15 21.67 -0.56
C SER D 46 -24.19 20.97 -1.52
N ASP D 47 -22.95 20.76 -1.08
CA ASP D 47 -21.97 20.03 -1.85
C ASP D 47 -22.36 18.57 -1.94
N VAL D 48 -22.72 17.97 -0.82
CA VAL D 48 -23.03 16.54 -0.90
C VAL D 48 -24.26 16.36 -1.75
N ALA D 49 -25.23 17.27 -1.61
CA ALA D 49 -26.42 17.19 -2.44
C ALA D 49 -26.13 17.42 -3.91
N HIS D 50 -25.18 18.31 -4.21
CA HIS D 50 -24.82 18.56 -5.60
C HIS D 50 -24.17 17.33 -6.20
N GLY D 51 -23.21 16.73 -5.49
CA GLY D 51 -22.65 15.47 -5.96
C GLY D 51 -23.72 14.40 -6.17
N LEU D 52 -24.69 14.36 -5.28
CA LEU D 52 -25.78 13.44 -5.45
C LEU D 52 -26.51 13.74 -6.74
N ASP D 53 -26.92 14.98 -6.94
CA ASP D 53 -27.67 15.31 -8.15
C ASP D 53 -26.85 15.04 -9.41
N GLN D 54 -25.56 15.23 -9.33
CA GLN D 54 -24.74 15.01 -10.49
C GLN D 54 -24.45 13.54 -10.73
N LEU D 55 -24.76 12.66 -9.77
CA LEU D 55 -24.61 11.19 -9.96
C LEU D 55 -25.63 10.61 -10.92
N ALA D 56 -26.86 11.14 -10.93
CA ALA D 56 -27.88 10.66 -11.86
C ALA D 56 -27.36 10.67 -13.29
N GLU D 57 -26.74 11.77 -13.68
CA GLU D 57 -26.05 11.97 -14.95
C GLU D 57 -24.81 11.08 -15.11
N PHE D 58 -23.72 11.38 -14.40
CA PHE D 58 -22.48 10.62 -14.47
C PHE D 58 -22.48 9.56 -13.38
N GLU D 59 -22.56 8.28 -13.76
CA GLU D 59 -22.60 7.18 -12.81
C GLU D 59 -21.29 6.99 -12.07
N ASP D 60 -20.23 7.70 -12.46
CA ASP D 60 -18.96 7.58 -11.77
C ASP D 60 -18.68 8.79 -10.88
N SER D 61 -19.44 9.88 -11.05
CA SER D 61 -19.30 11.06 -10.21
C SER D 61 -19.20 10.75 -8.73
N ILE D 62 -18.01 10.94 -8.17
CA ILE D 62 -17.78 10.80 -6.74
C ILE D 62 -17.59 12.18 -6.14
N CYS D 63 -18.18 12.37 -4.96
CA CYS D 63 -18.12 13.64 -4.25
C CYS D 63 -17.13 13.59 -3.06
N PHE D 64 -16.26 14.58 -2.99
CA PHE D 64 -15.20 14.67 -1.97
C PHE D 64 -15.66 15.50 -0.79
N LEU D 65 -14.93 15.42 0.31
CA LEU D 65 -15.32 16.20 1.48
C LEU D 65 -14.13 16.79 2.21
N GLY D 66 -12.95 16.72 1.61
CA GLY D 66 -11.70 17.16 2.18
C GLY D 66 -10.89 16.06 2.85
N THR D 67 -10.02 16.53 3.72
CA THR D 67 -8.99 15.72 4.33
C THR D 67 -9.18 15.77 5.82
N VAL D 68 -8.90 14.66 6.49
CA VAL D 68 -8.70 14.68 7.92
C VAL D 68 -7.38 14.02 8.23
N ILE D 69 -6.57 14.70 9.01
CA ILE D 69 -5.25 14.25 9.41
C ILE D 69 -5.40 13.75 10.82
N ALA D 70 -4.96 12.52 11.07
CA ALA D 70 -5.11 11.94 12.39
C ALA D 70 -3.84 11.18 12.73
N LEU D 71 -3.58 11.09 14.02
CA LEU D 71 -2.49 10.33 14.56
C LEU D 71 -3.09 9.02 15.03
N ARG D 72 -2.57 7.89 14.52
CA ARG D 72 -3.05 6.56 14.93
C ARG D 72 -2.38 6.30 16.24
N ASP D 73 -3.07 6.64 17.31
CA ASP D 73 -2.40 6.60 18.59
C ASP D 73 -2.36 5.16 19.06
N ILE D 74 -1.16 4.60 19.07
CA ILE D 74 -1.06 3.17 19.12
C ILE D 74 -0.98 2.66 20.54
N ASN D 75 -0.28 3.37 21.44
CA ASN D 75 -0.25 3.05 22.88
C ASN D 75 -1.04 4.04 23.73
N TYR D 76 -2.03 4.71 23.15
CA TYR D 76 -2.97 5.53 23.89
C TYR D 76 -2.28 6.63 24.71
N THR D 77 -1.30 7.27 24.13
CA THR D 77 -0.61 8.30 24.87
C THR D 77 -1.29 9.67 24.79
N THR D 78 -2.33 9.85 23.99
CA THR D 78 -2.98 11.15 23.88
C THR D 78 -4.39 11.15 24.44
N VAL D 79 -4.89 10.00 24.90
CA VAL D 79 -6.20 9.88 25.56
C VAL D 79 -6.03 10.22 27.03
N GLU D 80 -6.43 11.42 27.41
CA GLU D 80 -5.75 12.05 28.51
C GLU D 80 -6.37 11.69 29.83
N PRO D 81 -7.68 11.40 29.90
CA PRO D 81 -8.20 10.62 31.06
C PRO D 81 -8.72 9.25 30.69
N LYS D 82 -7.93 8.16 30.78
CA LYS D 82 -8.27 6.89 30.12
C LYS D 82 -8.40 5.71 31.06
N TYR D 83 -9.22 4.77 30.66
CA TYR D 83 -9.35 3.48 31.32
C TYR D 83 -8.79 2.46 30.33
N ARG D 84 -7.50 2.08 30.51
CA ARG D 84 -6.84 1.22 29.52
C ARG D 84 -7.57 -0.09 29.41
N SER D 85 -8.07 -0.55 30.55
CA SER D 85 -8.95 -1.70 30.68
C SER D 85 -9.78 -1.82 29.42
N GLN D 86 -10.41 -0.72 29.00
CA GLN D 86 -11.17 -0.79 27.76
C GLN D 86 -11.32 0.56 27.05
N VAL D 87 -10.18 1.15 26.73
CA VAL D 87 -10.04 2.17 25.72
C VAL D 87 -10.44 1.46 24.44
N PRO D 88 -10.96 2.10 23.39
CA PRO D 88 -11.19 1.36 22.15
C PRO D 88 -9.88 0.89 21.59
N SER D 89 -9.97 -0.08 20.68
CA SER D 89 -8.76 -0.78 20.27
C SER D 89 -7.93 0.02 19.32
N LYS D 90 -8.54 0.94 18.61
CA LYS D 90 -7.84 1.80 17.68
C LYS D 90 -8.43 3.19 17.81
N VAL D 91 -7.67 4.14 18.46
CA VAL D 91 -8.07 5.54 18.48
C VAL D 91 -7.29 6.29 17.43
N MET D 92 -7.94 7.30 16.87
CA MET D 92 -7.35 8.17 15.84
C MET D 92 -7.58 9.58 16.41
N THR D 93 -6.52 10.20 16.96
CA THR D 93 -6.64 11.59 17.42
C THR D 93 -6.59 12.52 16.23
N ILE D 94 -7.56 13.40 16.12
CA ILE D 94 -7.74 14.15 14.88
C ILE D 94 -6.90 15.42 14.92
N ILE D 95 -5.80 15.44 14.16
CA ILE D 95 -4.99 16.66 14.15
C ILE D 95 -5.65 17.76 13.33
N ASP D 96 -6.25 17.42 12.19
CA ASP D 96 -6.97 18.41 11.40
C ASP D 96 -8.26 17.82 10.85
N GLY D 97 -9.34 18.61 10.87
CA GLY D 97 -10.62 18.18 10.37
C GLY D 97 -11.73 17.94 11.41
N GLN D 98 -11.46 17.99 12.72
CA GLN D 98 -12.54 17.74 13.68
C GLN D 98 -13.78 18.60 13.47
N GLN D 99 -13.69 19.69 12.73
CA GLN D 99 -14.92 20.43 12.53
C GLN D 99 -15.86 19.73 11.52
N ARG D 100 -15.33 19.31 10.36
CA ARG D 100 -16.04 18.41 9.46
C ARG D 100 -16.57 17.20 10.19
N MET D 101 -15.71 16.54 10.93
CA MET D 101 -16.09 15.30 11.57
C MET D 101 -17.23 15.52 12.57
N THR D 102 -17.18 16.61 13.36
CA THR D 102 -18.30 16.90 14.23
C THR D 102 -19.54 17.14 13.39
N THR D 103 -19.41 17.93 12.32
CA THR D 103 -20.58 18.19 11.49
C THR D 103 -21.16 16.89 10.96
N LEU D 104 -20.29 16.04 10.46
CA LEU D 104 -20.69 14.77 9.87
C LEU D 104 -21.47 13.93 10.87
N LEU D 105 -20.86 13.69 12.03
CA LEU D 105 -21.54 12.86 13.01
C LEU D 105 -22.90 13.43 13.33
N LEU D 106 -22.96 14.75 13.49
CA LEU D 106 -24.25 15.38 13.74
C LEU D 106 -25.21 15.08 12.60
N LEU D 107 -24.72 15.19 11.36
CA LEU D 107 -25.53 14.94 10.17
C LEU D 107 -26.08 13.52 10.15
N THR D 108 -25.23 12.55 10.42
CA THR D 108 -25.73 11.21 10.46
C THR D 108 -26.82 11.10 11.50
N THR D 109 -26.66 11.82 12.61
CA THR D 109 -27.68 11.76 13.65
C THR D 109 -29.03 12.29 13.17
N VAL D 110 -29.00 13.38 12.37
CA VAL D 110 -30.26 14.02 11.93
C VAL D 110 -30.92 13.20 10.82
N LEU D 111 -30.11 12.64 9.91
CA LEU D 111 -30.66 11.78 8.88
C LEU D 111 -31.29 10.56 9.51
N HIS D 112 -30.64 10.02 10.53
CA HIS D 112 -31.19 8.87 11.22
C HIS D 112 -32.51 9.20 11.87
N GLU D 113 -32.58 10.36 12.51
CA GLU D 113 -33.83 10.79 13.13
C GLU D 113 -34.93 10.91 12.10
N GLU D 114 -34.68 11.66 11.03
CA GLU D 114 -35.75 11.87 10.08
C GLU D 114 -36.23 10.55 9.48
N ILE D 115 -35.29 9.72 9.01
CA ILE D 115 -35.68 8.50 8.29
C ILE D 115 -36.45 7.59 9.21
N ARG D 116 -36.00 7.47 10.45
CA ARG D 116 -36.69 6.66 11.44
C ARG D 116 -38.11 7.11 11.60
N VAL D 117 -38.29 8.36 11.98
CA VAL D 117 -39.59 8.72 12.47
C VAL D 117 -40.55 8.80 11.30
N ARG D 118 -40.07 9.21 10.10
CA ARG D 118 -40.92 9.17 8.91
C ARG D 118 -41.29 7.74 8.53
N ALA D 119 -40.41 6.78 8.75
CA ALA D 119 -40.77 5.41 8.39
C ALA D 119 -41.77 4.82 9.36
N GLU D 120 -41.76 5.23 10.62
CA GLU D 120 -42.79 4.68 11.47
C GLU D 120 -44.16 5.20 11.06
N LYS D 121 -44.21 6.33 10.34
CA LYS D 121 -45.44 6.81 9.73
C LYS D 121 -45.83 6.00 8.55
N LEU D 122 -45.12 4.92 8.24
CA LEU D 122 -45.43 4.16 7.08
C LEU D 122 -46.52 3.13 7.40
N THR D 123 -47.51 3.05 6.50
CA THR D 123 -48.51 2.00 6.43
C THR D 123 -47.83 0.80 5.82
N ARG D 124 -47.48 -0.17 6.63
CA ARG D 124 -46.57 -1.22 6.21
C ARG D 124 -47.35 -2.33 5.53
N ASP D 125 -48.00 -1.98 4.41
CA ASP D 125 -48.94 -2.89 3.75
C ASP D 125 -49.26 -2.52 2.31
N ASP D 126 -48.28 -2.36 1.47
CA ASP D 126 -48.58 -1.63 0.26
C ASP D 126 -47.53 -1.98 -0.75
N GLU D 127 -46.69 -2.92 -0.43
CA GLU D 127 -45.60 -3.43 -1.26
C GLU D 127 -44.51 -2.41 -1.53
N PRO D 128 -44.65 -1.33 -2.34
CA PRO D 128 -43.61 -0.29 -2.29
C PRO D 128 -43.43 0.24 -0.90
N SER D 129 -44.53 0.37 -0.17
CA SER D 129 -44.39 0.89 1.17
C SER D 129 -43.51 -0.02 1.99
N VAL D 130 -43.71 -1.34 1.91
CA VAL D 130 -42.82 -2.17 2.73
C VAL D 130 -41.42 -2.13 2.13
N TRP D 131 -41.32 -1.96 0.81
CA TRP D 131 -40.00 -1.76 0.20
C TRP D 131 -39.30 -0.63 0.92
N CYS D 132 -40.07 0.43 1.18
CA CYS D 132 -39.54 1.66 1.73
C CYS D 132 -39.21 1.46 3.17
N TYR D 133 -40.07 0.78 3.91
CA TYR D 133 -39.81 0.55 5.31
C TYR D 133 -38.51 -0.25 5.49
N ASN D 134 -38.35 -1.33 4.74
CA ASN D 134 -37.11 -2.09 4.83
C ASN D 134 -35.93 -1.20 4.51
N GLN D 135 -36.00 -0.51 3.37
CA GLN D 135 -34.91 0.38 3.00
C GLN D 135 -34.60 1.33 4.14
N ALA D 136 -35.63 1.78 4.83
CA ALA D 136 -35.41 2.63 5.99
C ALA D 136 -34.58 1.89 7.00
N LEU D 137 -35.00 0.69 7.37
CA LEU D 137 -34.25 -0.12 8.33
C LEU D 137 -32.80 -0.28 7.93
N ASP D 138 -32.54 -0.62 6.66
CA ASP D 138 -31.17 -0.78 6.23
C ASP D 138 -30.35 0.49 6.44
N VAL D 139 -30.82 1.62 5.90
CA VAL D 139 -30.06 2.88 6.10
C VAL D 139 -30.05 3.32 7.55
N THR D 140 -31.12 3.06 8.24
CA THR D 140 -31.20 3.52 9.59
C THR D 140 -30.13 2.84 10.39
N GLY D 141 -30.04 1.53 10.31
CA GLY D 141 -28.99 0.86 11.03
C GLY D 141 -27.62 1.28 10.53
N ARG D 142 -27.47 1.45 9.23
CA ARG D 142 -26.12 1.72 8.81
C ARG D 142 -25.65 3.10 9.23
N LEU D 143 -26.59 3.98 9.63
CA LEU D 143 -26.22 5.23 10.29
C LEU D 143 -25.97 5.04 11.78
N SER D 144 -26.83 4.28 12.44
CA SER D 144 -26.63 4.00 13.85
C SER D 144 -25.22 3.50 14.06
N ASN D 145 -24.83 2.40 13.36
CA ASN D 145 -23.48 1.95 13.69
C ASN D 145 -22.37 2.87 13.04
N CYS D 146 -22.85 3.99 12.53
CA CYS D 146 -21.94 5.05 12.13
C CYS D 146 -21.61 6.04 13.27
N PHE D 147 -22.61 6.47 14.07
CA PHE D 147 -22.24 7.47 15.07
C PHE D 147 -21.79 6.90 16.41
N GLU D 148 -22.36 5.78 16.81
CA GLU D 148 -21.94 5.02 18.00
C GLU D 148 -21.45 3.63 17.61
N GLU D 149 -20.95 2.90 18.61
CA GLU D 149 -20.51 1.53 18.38
C GLU D 149 -20.77 0.66 19.59
N ASP D 150 -21.30 -0.51 19.35
CA ASP D 150 -21.77 -1.40 20.41
C ASP D 150 -20.60 -2.18 20.97
N MET D 151 -19.81 -1.60 21.89
CA MET D 151 -18.99 -2.43 22.79
C MET D 151 -19.95 -3.31 23.60
N ARG D 152 -19.54 -4.46 24.12
CA ARG D 152 -20.66 -5.40 24.16
C ARG D 152 -21.42 -5.59 25.47
N TYR D 153 -20.93 -5.06 26.61
CA TYR D 153 -21.53 -5.30 27.93
C TYR D 153 -21.41 -4.04 28.80
N GLY D 154 -22.18 -4.05 29.87
CA GLY D 154 -22.16 -3.02 30.89
C GLY D 154 -23.24 -1.98 30.66
N GLU D 155 -23.39 -1.10 31.64
CA GLU D 155 -24.09 0.13 31.31
C GLU D 155 -23.14 1.07 30.58
N HIS D 156 -23.69 1.98 29.83
CA HIS D 156 -22.85 2.69 28.87
C HIS D 156 -22.13 1.67 27.99
N ARG D 157 -22.92 0.72 27.49
CA ARG D 157 -22.46 -0.34 26.61
C ARG D 157 -22.07 0.21 25.26
N TYR D 158 -22.58 1.37 24.90
CA TYR D 158 -22.36 1.91 23.59
C TYR D 158 -21.40 3.09 23.69
N TYR D 159 -20.45 3.13 22.77
CA TYR D 159 -19.46 4.17 22.65
C TYR D 159 -19.91 5.19 21.63
N PRO D 160 -19.75 6.49 21.85
CA PRO D 160 -19.88 7.46 20.77
C PRO D 160 -18.79 7.22 19.71
N ARG D 161 -18.52 8.00 18.70
CA ARG D 161 -17.17 8.13 18.18
C ARG D 161 -16.93 9.62 18.35
N LEU D 162 -15.68 10.07 18.28
CA LEU D 162 -15.53 11.50 18.66
C LEU D 162 -15.72 11.74 20.16
N ILE D 163 -14.72 12.32 20.78
CA ILE D 163 -14.95 12.35 22.19
C ILE D 163 -14.29 13.51 22.93
N ARG D 164 -13.26 14.16 22.36
CA ARG D 164 -12.62 15.28 23.07
C ARG D 164 -11.83 14.81 24.29
N SER D 165 -10.64 15.33 24.49
CA SER D 165 -9.95 14.83 25.66
C SER D 165 -10.48 15.54 26.89
N TYR D 166 -9.96 15.11 28.04
CA TYR D 166 -10.27 15.78 29.28
C TYR D 166 -11.71 15.58 29.72
N TYR D 167 -12.65 16.29 29.14
CA TYR D 167 -14.04 15.87 29.28
C TYR D 167 -14.22 14.65 28.44
N ASP D 168 -14.97 13.65 28.91
CA ASP D 168 -15.21 12.39 28.17
C ASP D 168 -14.10 11.34 28.25
N VAL D 169 -14.49 10.23 28.88
CA VAL D 169 -13.68 9.04 28.88
C VAL D 169 -14.50 7.95 28.28
N TRP D 170 -14.01 7.36 27.21
CA TRP D 170 -14.59 6.10 26.79
C TRP D 170 -14.40 5.12 27.93
N SER D 171 -15.51 4.52 28.35
CA SER D 171 -15.47 3.18 28.95
C SER D 171 -16.90 2.61 28.97
N ARG D 172 -16.99 1.30 29.21
CA ARG D 172 -18.29 0.68 29.23
C ARG D 172 -18.80 0.44 30.63
N ASN D 173 -18.09 0.91 31.66
CA ASN D 173 -18.46 0.62 33.04
C ASN D 173 -19.14 1.76 33.74
N LYS D 174 -19.70 1.45 34.91
CA LYS D 174 -20.86 2.14 35.45
C LYS D 174 -20.49 3.43 36.17
N GLY D 175 -19.43 3.42 36.96
CA GLY D 175 -18.71 4.65 37.19
C GLY D 175 -17.85 4.88 35.97
N GLU D 176 -17.00 5.88 36.05
CA GLU D 176 -15.81 5.88 35.20
C GLU D 176 -16.04 6.17 33.72
N ALA D 177 -17.25 6.08 33.17
CA ALA D 177 -17.49 6.49 31.79
C ALA D 177 -18.17 7.85 31.79
N ARG D 178 -17.48 8.86 31.26
CA ARG D 178 -18.10 10.18 31.15
C ARG D 178 -18.22 10.55 29.70
N TYR D 179 -19.31 11.26 29.32
CA TYR D 179 -19.37 12.00 28.04
C TYR D 179 -20.04 13.36 28.31
N ARG D 180 -19.21 14.42 28.48
CA ARG D 180 -19.71 15.75 28.85
C ARG D 180 -19.28 16.87 27.89
N SER D 181 -18.37 16.63 26.97
CA SER D 181 -18.06 17.61 25.96
C SER D 181 -19.29 17.78 25.09
N PRO D 182 -19.37 18.88 24.31
CA PRO D 182 -20.55 19.11 23.48
C PRO D 182 -20.89 17.95 22.53
N ILE D 183 -19.94 17.46 21.71
CA ILE D 183 -20.27 16.35 20.81
C ILE D 183 -20.46 15.10 21.59
N GLY D 184 -19.54 14.81 22.52
CA GLY D 184 -19.67 13.58 23.29
C GLY D 184 -21.08 13.42 23.82
N TYR D 185 -21.50 14.40 24.59
CA TYR D 185 -22.83 14.37 25.16
C TYR D 185 -23.91 14.32 24.07
N TYR D 186 -23.75 15.06 22.97
CA TYR D 186 -24.80 15.00 21.95
C TYR D 186 -24.92 13.60 21.38
N LEU D 187 -23.81 12.99 20.98
CA LEU D 187 -23.85 11.65 20.41
C LEU D 187 -24.35 10.66 21.43
N GLU D 188 -23.87 10.75 22.67
CA GLU D 188 -24.35 9.82 23.69
C GLU D 188 -25.85 9.91 23.82
N SER D 189 -26.36 11.13 23.92
CA SER D 189 -27.79 11.31 24.12
C SER D 189 -28.55 10.94 22.87
N TYR D 190 -28.04 11.29 21.71
CA TYR D 190 -28.73 10.82 20.53
C TYR D 190 -28.74 9.31 20.52
N GLY D 191 -27.63 8.70 20.89
CA GLY D 191 -27.56 7.25 20.89
C GLY D 191 -28.60 6.63 21.79
N ALA D 192 -28.68 7.11 23.00
CA ALA D 192 -29.69 6.61 23.89
C ALA D 192 -31.07 6.73 23.29
N TYR D 193 -31.36 7.87 22.67
CA TYR D 193 -32.69 8.03 22.05
C TYR D 193 -32.88 7.07 20.91
N ALA D 194 -31.82 6.82 20.17
CA ALA D 194 -31.94 5.90 19.06
C ALA D 194 -32.48 4.58 19.54
N ARG D 195 -31.90 4.08 20.62
CA ARG D 195 -32.18 2.77 21.20
C ARG D 195 -33.38 2.75 22.15
N ASP D 196 -34.11 3.82 22.29
CA ASP D 196 -35.30 3.73 23.05
C ASP D 196 -36.28 2.96 22.22
N PRO D 197 -36.70 1.79 22.66
CA PRO D 197 -37.87 1.19 22.04
C PRO D 197 -39.05 2.11 22.31
N ASP D 198 -40.13 1.88 21.59
CA ASP D 198 -41.39 2.54 21.88
C ASP D 198 -41.23 4.04 22.05
N ALA D 199 -40.43 4.64 21.18
CA ALA D 199 -40.24 6.09 21.17
C ALA D 199 -40.98 6.50 19.92
N VAL D 200 -40.21 6.91 18.91
CA VAL D 200 -40.68 6.94 17.54
C VAL D 200 -41.55 8.17 17.40
N LYS D 201 -41.35 9.05 18.28
CA LYS D 201 -41.50 10.48 18.47
C LYS D 201 -40.26 11.14 17.89
N PRO D 202 -40.30 12.33 17.32
CA PRO D 202 -39.05 12.97 16.88
C PRO D 202 -38.18 13.34 18.08
N TYR D 203 -36.93 13.69 17.82
CA TYR D 203 -36.01 13.86 18.95
C TYR D 203 -36.21 15.17 19.66
N ARG D 204 -36.35 15.14 21.00
CA ARG D 204 -36.37 16.43 21.70
C ARG D 204 -34.96 16.93 21.95
N HIS D 205 -34.33 16.53 23.03
CA HIS D 205 -32.93 16.84 23.37
C HIS D 205 -32.82 17.74 24.58
N VAL D 206 -32.22 17.20 25.62
CA VAL D 206 -32.32 17.67 27.00
C VAL D 206 -30.93 18.02 27.49
N PRO D 207 -30.52 19.22 27.26
CA PRO D 207 -29.09 19.58 27.23
C PRO D 207 -28.32 19.61 28.55
N ILE D 208 -27.65 18.54 28.99
CA ILE D 208 -26.48 18.65 29.89
C ILE D 208 -26.83 19.42 31.14
N ASP D 209 -25.82 19.75 31.93
CA ASP D 209 -25.81 20.57 33.14
C ASP D 209 -27.07 20.37 33.95
N PRO D 210 -27.36 19.17 34.44
CA PRO D 210 -28.41 19.10 35.46
C PRO D 210 -27.93 19.91 36.63
N ASP D 211 -26.60 20.04 36.73
CA ASP D 211 -25.86 20.98 37.57
C ASP D 211 -24.36 21.04 37.38
N LYS D 212 -23.85 20.67 36.22
CA LYS D 212 -22.42 20.42 36.26
C LYS D 212 -21.76 20.85 35.01
N THR D 213 -20.67 20.15 34.69
CA THR D 213 -19.97 20.27 33.42
C THR D 213 -19.77 21.73 33.03
N ASP D 214 -19.10 22.44 33.93
CA ASP D 214 -18.54 23.74 33.58
C ASP D 214 -17.04 23.58 33.45
N GLY D 215 -16.61 22.36 33.17
CA GLY D 215 -15.28 22.28 32.63
C GLY D 215 -15.19 22.92 31.26
N VAL D 216 -16.34 23.27 30.65
CA VAL D 216 -16.41 24.02 29.39
C VAL D 216 -17.24 25.29 29.54
N ASP D 217 -17.69 25.79 28.40
CA ASP D 217 -18.20 27.13 28.27
C ASP D 217 -19.71 27.28 28.35
N LEU D 218 -20.50 26.23 28.13
CA LEU D 218 -21.96 26.37 28.03
C LEU D 218 -22.40 27.15 26.83
N GLU D 219 -21.54 27.94 26.22
CA GLU D 219 -21.98 28.57 24.98
C GLU D 219 -21.73 27.61 23.85
N ALA D 220 -20.64 26.87 23.94
CA ALA D 220 -20.36 25.83 22.96
C ALA D 220 -21.50 24.82 22.90
N TYR D 221 -22.05 24.47 24.05
CA TYR D 221 -23.19 23.59 24.07
C TYR D 221 -24.32 24.19 23.28
N ARG D 222 -24.71 25.41 23.62
CA ARG D 222 -25.80 26.02 22.89
C ARG D 222 -25.53 25.99 21.39
N HIS D 223 -24.33 26.40 20.98
CA HIS D 223 -24.03 26.46 19.56
C HIS D 223 -24.22 25.11 18.88
N LEU D 224 -23.58 24.05 19.41
CA LEU D 224 -23.63 22.74 18.77
C LEU D 224 -25.01 22.18 18.81
N ASP D 225 -25.65 22.22 19.97
CA ASP D 225 -27.04 21.78 19.99
C ASP D 225 -27.81 22.45 18.85
N ARG D 226 -27.58 23.77 18.65
CA ARG D 226 -28.27 24.52 17.61
C ARG D 226 -27.89 24.04 16.21
N MET D 227 -26.60 23.95 15.90
CA MET D 227 -26.25 23.55 14.55
C MET D 227 -26.86 22.20 14.22
N ARG D 228 -26.87 21.26 15.18
CA ARG D 228 -27.54 20.00 14.88
C ARG D 228 -28.98 20.29 14.48
N ASP D 229 -29.75 20.95 15.38
CA ASP D 229 -31.15 21.22 15.04
C ASP D 229 -31.32 22.02 13.77
N GLN D 230 -30.32 22.71 13.33
CA GLN D 230 -30.58 23.41 12.10
C GLN D 230 -30.22 22.60 10.88
N MET D 231 -29.29 21.66 11.01
CA MET D 231 -29.15 20.64 10.01
C MET D 231 -30.48 19.89 9.84
N ARG D 232 -31.08 19.56 10.98
CA ARG D 232 -32.32 18.84 10.91
C ARG D 232 -33.35 19.66 10.21
N SER D 233 -33.42 20.95 10.54
CA SER D 233 -34.42 21.74 9.84
C SER D 233 -34.12 21.89 8.35
N MET D 234 -32.86 22.13 7.98
CA MET D 234 -32.50 22.24 6.57
C MET D 234 -33.07 21.04 5.81
N LEU D 235 -32.72 19.80 6.24
CA LEU D 235 -33.20 18.62 5.51
C LEU D 235 -34.70 18.54 5.58
N ARG D 236 -35.26 18.72 6.78
CA ARG D 236 -36.70 18.59 6.94
C ARG D 236 -37.41 19.37 5.85
N LYS D 237 -36.96 20.60 5.61
CA LYS D 237 -37.66 21.44 4.66
C LYS D 237 -37.28 21.07 3.25
N ALA D 238 -36.10 20.51 3.06
CA ALA D 238 -35.61 20.27 1.71
C ALA D 238 -36.33 19.15 1.00
N VAL D 239 -37.18 18.43 1.71
CA VAL D 239 -38.07 17.43 1.18
C VAL D 239 -39.50 17.84 1.37
N GLY D 240 -39.72 19.02 1.91
CA GLY D 240 -41.02 19.29 2.46
C GLY D 240 -42.05 20.03 1.65
N ALA D 241 -42.38 21.25 2.08
CA ALA D 241 -43.58 21.92 1.62
C ALA D 241 -43.35 22.44 0.23
N GLY D 242 -43.57 23.72 0.00
CA GLY D 242 -43.37 24.23 -1.33
C GLY D 242 -42.77 25.61 -1.33
N VAL D 243 -42.41 26.06 -0.13
CA VAL D 243 -41.93 27.42 0.02
C VAL D 243 -40.65 27.65 -0.81
N LYS D 244 -39.79 26.64 -0.92
CA LYS D 244 -38.66 26.53 -1.85
C LYS D 244 -37.90 27.83 -2.14
N ARG D 245 -37.23 28.34 -1.11
CA ARG D 245 -36.39 29.55 -1.14
C ARG D 245 -35.01 29.29 -1.78
N GLU D 246 -34.32 30.38 -2.09
CA GLU D 246 -33.25 30.33 -3.09
C GLU D 246 -32.04 29.50 -2.67
N ASP D 247 -31.63 29.60 -1.42
CA ASP D 247 -30.49 28.78 -1.04
C ASP D 247 -30.98 27.34 -0.94
N ASP D 248 -31.54 26.97 0.20
CA ASP D 248 -32.02 25.62 0.46
C ASP D 248 -30.99 24.57 0.09
N ILE D 249 -31.43 23.31 0.05
CA ILE D 249 -30.54 22.19 -0.26
C ILE D 249 -31.42 21.35 -1.16
N GLN D 250 -31.07 21.29 -2.42
CA GLN D 250 -31.95 20.62 -3.38
C GLN D 250 -31.62 19.13 -3.44
N LEU D 251 -32.55 18.28 -2.98
CA LEU D 251 -32.25 16.90 -3.36
C LEU D 251 -33.29 16.41 -4.36
N PRO D 252 -32.87 15.48 -5.26
CA PRO D 252 -33.69 15.06 -6.41
C PRO D 252 -35.08 14.64 -6.10
N THR D 253 -35.89 14.67 -7.11
CA THR D 253 -37.30 14.51 -6.84
C THR D 253 -37.69 13.09 -7.03
N GLY D 254 -38.84 12.75 -6.47
CA GLY D 254 -39.36 11.43 -6.63
C GLY D 254 -39.24 10.90 -8.05
N THR D 255 -39.66 11.71 -9.01
CA THR D 255 -39.55 11.30 -10.39
C THR D 255 -38.09 11.09 -10.75
N ASP D 256 -37.23 12.07 -10.46
CA ASP D 256 -35.81 11.94 -10.69
C ASP D 256 -35.31 10.59 -10.22
N ILE D 257 -35.54 10.28 -8.95
CA ILE D 257 -35.07 9.05 -8.35
C ILE D 257 -35.64 7.87 -9.11
N GLY D 258 -36.95 7.69 -9.00
CA GLY D 258 -37.59 6.55 -9.61
C GLY D 258 -37.15 6.25 -11.05
N GLN D 259 -36.71 7.27 -11.78
CA GLN D 259 -36.40 7.06 -13.17
C GLN D 259 -34.92 7.05 -13.47
N SER D 260 -34.05 7.24 -12.50
CA SER D 260 -32.62 7.16 -12.81
C SER D 260 -32.08 5.80 -12.42
N GLN D 261 -32.10 4.86 -13.36
CA GLN D 261 -31.64 3.50 -13.04
C GLN D 261 -30.21 3.54 -12.50
N ASN D 262 -29.36 4.37 -13.10
CA ASN D 262 -27.97 4.39 -12.68
C ASN D 262 -27.86 4.76 -11.21
N LEU D 263 -28.66 5.70 -10.74
CA LEU D 263 -28.70 6.04 -9.33
C LEU D 263 -29.17 4.88 -8.47
N GLN D 264 -30.23 4.20 -8.89
CA GLN D 264 -30.73 3.06 -8.15
C GLN D 264 -29.63 2.02 -7.98
N PHE D 265 -28.93 1.68 -9.04
CA PHE D 265 -27.83 0.73 -8.91
C PHE D 265 -26.76 1.24 -7.98
N ALA D 266 -26.40 2.51 -8.10
CA ALA D 266 -25.21 2.92 -7.38
C ALA D 266 -25.46 3.11 -5.90
N LEU D 267 -26.71 3.27 -5.46
CA LEU D 267 -27.00 3.44 -4.05
C LEU D 267 -27.79 2.31 -3.39
N PHE D 268 -28.44 1.47 -4.18
CA PHE D 268 -29.24 0.33 -3.76
C PHE D 268 -28.87 -0.97 -4.48
N ASN D 269 -27.71 -1.00 -5.14
CA ASN D 269 -27.12 -2.18 -5.74
C ASN D 269 -28.13 -2.96 -6.55
N SER D 270 -29.18 -2.27 -7.01
CA SER D 270 -30.35 -2.94 -7.58
C SER D 270 -31.29 -1.91 -8.19
N GLU D 271 -32.19 -2.38 -9.04
CA GLU D 271 -33.22 -1.54 -9.66
C GLU D 271 -34.49 -1.51 -8.82
N PHE D 272 -35.15 -0.39 -8.79
CA PHE D 272 -36.34 -0.33 -7.96
C PHE D 272 -37.43 -1.22 -8.54
N PRO D 273 -38.29 -1.76 -7.69
CA PRO D 273 -39.52 -2.37 -8.20
C PRO D 273 -40.40 -1.36 -8.90
N PRO D 274 -41.15 -1.80 -9.91
CA PRO D 274 -42.00 -0.86 -10.67
C PRO D 274 -43.05 -0.25 -9.80
N SER D 275 -43.57 -1.01 -8.85
CA SER D 275 -44.53 -0.46 -7.91
C SER D 275 -43.95 0.77 -7.25
N VAL D 276 -42.64 0.77 -7.06
CA VAL D 276 -41.95 1.83 -6.35
C VAL D 276 -41.76 3.02 -7.24
N VAL D 277 -41.20 2.81 -8.43
CA VAL D 277 -41.00 3.95 -9.32
C VAL D 277 -42.32 4.57 -9.68
N GLU D 278 -43.39 3.78 -9.76
CA GLU D 278 -44.72 4.36 -9.97
C GLU D 278 -45.13 5.22 -8.80
N GLN D 279 -45.11 4.66 -7.58
CA GLN D 279 -45.43 5.43 -6.39
C GLN D 279 -44.59 6.71 -6.24
N LEU D 280 -43.38 6.73 -6.79
CA LEU D 280 -42.51 7.89 -6.65
C LEU D 280 -42.85 8.93 -7.69
N GLU D 281 -43.08 8.49 -8.93
CA GLU D 281 -43.39 9.30 -10.12
C GLU D 281 -44.40 10.38 -9.74
N ASP D 282 -45.15 10.14 -8.64
CA ASP D 282 -46.06 11.11 -8.00
C ASP D 282 -45.98 11.01 -6.46
N ASP D 283 -45.15 11.85 -5.84
CA ASP D 283 -44.80 11.86 -4.40
C ASP D 283 -45.55 10.94 -3.44
N ALA D 284 -46.89 11.03 -3.44
CA ALA D 284 -47.75 10.03 -2.77
C ALA D 284 -47.23 9.62 -1.40
N LYS D 285 -46.97 10.59 -0.56
CA LYS D 285 -46.77 10.31 0.85
C LYS D 285 -45.48 9.55 1.12
N MET D 286 -44.99 8.76 0.19
CA MET D 286 -43.76 8.04 0.50
C MET D 286 -42.54 8.66 -0.16
N THR D 287 -42.71 9.81 -0.80
CA THR D 287 -41.52 10.30 -1.49
C THR D 287 -40.50 11.07 -0.64
N PRO D 288 -40.90 11.91 0.32
CA PRO D 288 -39.87 12.57 1.12
C PRO D 288 -38.99 11.59 1.86
N LEU D 289 -39.58 10.56 2.49
CA LEU D 289 -38.75 9.55 3.14
C LEU D 289 -37.78 8.94 2.16
N THR D 290 -38.25 8.58 0.98
CA THR D 290 -37.38 7.94 0.03
C THR D 290 -36.25 8.86 -0.42
N ARG D 291 -36.54 10.13 -0.68
CA ARG D 291 -35.48 11.03 -1.07
C ARG D 291 -34.46 11.15 0.05
N LEU D 292 -34.97 11.18 1.30
CA LEU D 292 -34.14 11.28 2.49
C LEU D 292 -33.22 10.08 2.58
N ILE D 293 -33.76 8.90 2.26
CA ILE D 293 -33.00 7.66 2.21
C ILE D 293 -31.94 7.72 1.10
N VAL D 294 -32.31 8.18 -0.11
CA VAL D 294 -31.36 8.28 -1.21
C VAL D 294 -30.23 9.22 -0.84
N PHE D 295 -30.59 10.37 -0.25
CA PHE D 295 -29.55 11.29 0.17
C PHE D 295 -28.65 10.65 1.23
N ALA D 296 -29.26 9.97 2.21
CA ALA D 296 -28.47 9.31 3.25
C ALA D 296 -27.54 8.25 2.65
N ASN D 297 -28.04 7.43 1.74
CA ASN D 297 -27.22 6.40 1.12
C ASN D 297 -26.09 7.02 0.34
N TYR D 298 -26.37 8.12 -0.38
CA TYR D 298 -25.31 8.82 -1.07
C TYR D 298 -24.23 9.24 -0.10
N LEU D 299 -24.65 9.83 1.03
CA LEU D 299 -23.70 10.23 2.07
C LEU D 299 -22.87 9.05 2.51
N LEU D 300 -23.54 7.93 2.81
CA LEU D 300 -22.82 6.81 3.42
C LEU D 300 -21.78 6.27 2.49
N HIS D 301 -22.14 6.07 1.20
CA HIS D 301 -21.31 5.28 0.29
C HIS D 301 -20.63 6.08 -0.79
N ARG D 302 -21.03 7.33 -1.08
CA ARG D 302 -20.45 7.99 -2.24
C ARG D 302 -19.76 9.30 -1.94
N VAL D 303 -19.95 9.87 -0.75
CA VAL D 303 -19.08 10.96 -0.29
C VAL D 303 -17.81 10.36 0.29
N THR D 304 -16.65 10.85 -0.12
CA THR D 304 -15.43 10.20 0.35
C THR D 304 -14.49 11.23 0.91
N VAL D 305 -13.96 10.96 2.10
CA VAL D 305 -12.98 11.85 2.77
C VAL D 305 -11.61 11.23 2.58
N ALA D 306 -10.60 12.10 2.45
CA ALA D 306 -9.23 11.63 2.29
C ALA D 306 -8.65 11.55 3.68
N VAL D 307 -8.28 10.36 4.13
CA VAL D 307 -7.84 10.19 5.52
C VAL D 307 -6.33 9.97 5.53
N VAL D 308 -5.62 10.87 6.19
CA VAL D 308 -4.17 10.81 6.29
C VAL D 308 -3.77 10.44 7.70
N THR D 309 -3.00 9.38 7.85
CA THR D 309 -2.64 8.87 9.16
C THR D 309 -1.16 9.08 9.42
N ALA D 310 -0.85 9.78 10.46
CA ALA D 310 0.53 9.89 10.85
C ALA D 310 0.77 9.00 12.05
N LYS D 311 2.03 8.56 12.18
CA LYS D 311 2.42 7.71 13.29
C LYS D 311 3.05 8.46 14.45
N ARG D 312 3.62 9.65 14.24
CA ARG D 312 4.06 10.53 15.33
C ARG D 312 3.26 11.84 15.33
N GLU D 313 3.09 12.44 16.50
CA GLU D 313 2.27 13.66 16.53
C GLU D 313 2.92 14.80 15.78
N ASP D 314 4.23 14.98 15.91
CA ASP D 314 4.88 16.12 15.26
C ASP D 314 4.95 15.95 13.75
N TYR D 315 5.22 14.72 13.26
CA TYR D 315 5.10 14.50 11.83
C TYR D 315 3.73 14.92 11.35
N GLY D 316 2.71 14.64 12.16
CA GLY D 316 1.36 15.03 11.80
C GLY D 316 1.20 16.53 11.73
N PHE D 317 1.83 17.25 12.66
CA PHE D 317 1.74 18.70 12.62
C PHE D 317 2.39 19.25 11.37
N ASP D 318 3.60 18.78 11.07
CA ASP D 318 4.32 19.29 9.91
C ASP D 318 3.58 18.95 8.61
N MET D 319 2.85 17.85 8.60
CA MET D 319 1.98 17.55 7.48
C MET D 319 0.85 18.59 7.36
N PHE D 320 0.13 18.82 8.44
CA PHE D 320 -0.87 19.90 8.44
C PHE D 320 -0.29 21.17 7.83
N GLU D 321 0.87 21.58 8.35
CA GLU D 321 1.60 22.73 7.82
C GLU D 321 1.77 22.60 6.31
N ALA D 322 2.29 21.46 5.87
CA ALA D 322 2.58 21.23 4.47
C ALA D 322 1.33 21.22 3.58
N LEU D 323 0.16 20.95 4.12
CA LEU D 323 -1.01 20.94 3.26
C LEU D 323 -1.76 22.25 3.31
N ASN D 324 -1.48 23.10 4.30
CA ASN D 324 -2.02 24.45 4.19
C ASN D 324 -1.31 25.28 3.11
N THR D 325 -0.24 24.76 2.53
CA THR D 325 0.50 25.50 1.51
C THR D 325 0.34 24.69 0.21
N THR D 326 -0.83 24.87 -0.44
CA THR D 326 -1.30 23.99 -1.54
C THR D 326 -2.01 24.77 -2.63
N GLY D 327 -1.29 25.69 -3.28
CA GLY D 327 -1.77 26.34 -4.49
C GLY D 327 -3.10 27.06 -4.50
N GLN D 328 -3.48 27.54 -5.68
CA GLN D 328 -4.49 28.59 -5.81
C GLN D 328 -5.26 28.30 -7.09
N PRO D 329 -6.37 27.57 -7.00
CA PRO D 329 -6.87 26.84 -8.16
C PRO D 329 -7.33 27.77 -9.27
N LEU D 330 -7.50 27.19 -10.45
CA LEU D 330 -7.69 27.97 -11.66
C LEU D 330 -9.13 27.95 -12.14
N THR D 331 -9.56 29.08 -12.67
CA THR D 331 -10.92 29.27 -13.17
C THR D 331 -11.23 28.39 -14.38
N ALA D 332 -12.53 28.16 -14.56
CA ALA D 332 -12.97 27.34 -15.69
C ALA D 332 -12.49 27.90 -17.02
N ILE D 333 -12.24 29.19 -17.11
CA ILE D 333 -11.73 29.74 -18.35
C ILE D 333 -10.29 29.32 -18.56
N GLU D 334 -9.48 29.41 -17.51
CA GLU D 334 -8.08 29.05 -17.65
C GLU D 334 -7.92 27.60 -18.10
N THR D 335 -8.68 26.68 -17.48
CA THR D 335 -8.55 25.27 -17.78
C THR D 335 -9.19 24.91 -19.09
N PHE D 336 -9.91 25.83 -19.69
CA PHE D 336 -10.64 25.53 -20.90
C PHE D 336 -9.96 26.06 -22.15
N LYS D 337 -9.22 27.17 -22.04
CA LYS D 337 -8.41 27.67 -23.13
C LYS D 337 -7.77 26.55 -23.93
N PRO D 338 -7.09 25.57 -23.33
CA PRO D 338 -6.45 24.55 -24.16
C PRO D 338 -7.42 23.82 -25.07
N ARG D 339 -8.62 23.56 -24.61
CA ARG D 339 -9.52 22.75 -25.41
C ARG D 339 -10.13 23.55 -26.54
N ALA D 340 -9.78 24.83 -26.63
CA ALA D 340 -10.07 25.64 -27.81
C ALA D 340 -8.85 26.03 -28.58
N ILE D 341 -7.67 26.05 -27.95
CA ILE D 341 -6.44 26.04 -28.70
C ILE D 341 -6.41 24.81 -29.57
N LYS D 342 -6.99 23.72 -29.10
CA LYS D 342 -6.90 22.52 -29.89
C LYS D 342 -8.09 22.30 -30.78
N GLU D 343 -8.73 23.38 -31.22
CA GLU D 343 -9.62 23.31 -32.36
C GLU D 343 -9.30 24.43 -33.34
N GLU D 344 -8.15 25.06 -33.19
CA GLU D 344 -7.77 26.25 -33.95
C GLU D 344 -6.37 26.10 -34.52
N GLY D 345 -6.27 25.45 -35.67
CA GLY D 345 -7.26 24.47 -36.08
C GLY D 345 -6.55 23.35 -35.36
N LEU D 346 -5.24 23.34 -35.60
CA LEU D 346 -4.27 22.59 -34.83
C LEU D 346 -3.66 23.53 -33.76
N ASP D 347 -2.35 23.69 -33.70
CA ASP D 347 -1.70 24.58 -32.77
C ASP D 347 -1.21 25.85 -33.42
N GLU D 348 -1.42 26.03 -34.72
CA GLU D 348 -1.08 27.29 -35.39
C GLU D 348 -2.27 28.23 -35.21
N TRP D 349 -2.38 28.74 -33.99
CA TRP D 349 -3.36 29.70 -33.52
C TRP D 349 -2.52 30.81 -32.96
N GLN D 350 -2.96 32.05 -33.10
CA GLN D 350 -2.22 33.23 -32.67
C GLN D 350 -2.70 34.38 -33.51
N GLU D 351 -3.06 34.02 -34.71
CA GLU D 351 -3.52 34.88 -35.71
C GLU D 351 -4.68 34.04 -36.19
N SER D 352 -5.64 33.94 -35.29
CA SER D 352 -6.71 32.96 -35.38
C SER D 352 -7.87 33.44 -34.51
N GLU D 353 -8.86 34.09 -35.14
CA GLU D 353 -10.10 34.59 -34.51
C GLU D 353 -10.23 34.33 -33.02
N SER D 354 -10.10 33.03 -32.69
CA SER D 354 -10.33 32.55 -31.34
C SER D 354 -9.40 33.22 -30.36
N LYS D 355 -8.11 33.23 -30.69
CA LYS D 355 -7.14 34.00 -29.92
C LYS D 355 -7.65 35.44 -29.65
N LEU D 356 -8.20 36.10 -30.68
CA LEU D 356 -8.74 37.44 -30.51
C LEU D 356 -9.77 37.48 -29.39
N HIS D 357 -10.79 36.64 -29.51
CA HIS D 357 -11.84 36.53 -28.49
C HIS D 357 -11.26 36.27 -27.11
N PHE D 358 -10.37 35.31 -27.03
CA PHE D 358 -9.79 34.99 -25.74
C PHE D 358 -9.04 36.18 -25.20
N ASP D 359 -8.34 36.91 -26.07
CA ASP D 359 -7.64 38.10 -25.64
C ASP D 359 -8.60 39.09 -25.03
N VAL D 360 -9.77 39.26 -25.63
CA VAL D 360 -10.79 40.12 -25.07
C VAL D 360 -11.07 39.68 -23.63
N VAL D 361 -11.44 38.42 -23.46
CA VAL D 361 -11.87 37.93 -22.14
C VAL D 361 -10.71 37.97 -21.15
N GLU D 362 -9.52 37.54 -21.57
CA GLU D 362 -8.33 37.56 -20.72
C GLU D 362 -7.96 38.98 -20.29
N ALA D 363 -8.01 39.93 -21.22
CA ALA D 363 -7.81 41.33 -20.86
C ALA D 363 -8.76 41.75 -19.75
N TYR D 364 -10.07 41.52 -19.96
CA TYR D 364 -11.07 41.91 -18.96
C TYR D 364 -10.81 41.30 -17.60
N LEU D 365 -10.51 40.02 -17.58
CA LEU D 365 -10.26 39.37 -16.30
C LEU D 365 -9.00 39.92 -15.65
N ASP D 366 -7.88 39.92 -16.37
CA ASP D 366 -6.63 40.35 -15.76
C ASP D 366 -6.74 41.78 -15.27
N ARG D 367 -7.62 42.58 -15.88
CA ARG D 367 -7.82 43.96 -15.45
C ARG D 367 -8.60 44.00 -14.16
N GLU D 368 -9.80 43.43 -14.18
CA GLU D 368 -10.72 43.47 -13.04
C GLU D 368 -10.44 42.37 -12.03
N GLY D 369 -9.77 41.29 -12.45
CA GLY D 369 -9.31 40.27 -11.53
C GLY D 369 -8.10 40.84 -10.86
N SER D 370 -6.92 40.34 -11.21
CA SER D 370 -5.70 40.99 -10.79
C SER D 370 -5.52 41.02 -9.28
N SER D 371 -6.37 41.83 -8.65
CA SER D 371 -6.22 42.17 -7.24
C SER D 371 -5.92 40.96 -6.36
N SER D 372 -6.64 39.87 -6.54
CA SER D 372 -6.31 38.68 -5.77
C SER D 372 -6.43 37.41 -6.61
N ALA D 373 -6.74 36.31 -5.94
CA ALA D 373 -6.89 35.01 -6.59
C ALA D 373 -8.33 34.52 -6.60
N ASP D 374 -9.05 34.63 -5.50
CA ASP D 374 -10.48 34.35 -5.48
C ASP D 374 -11.32 35.55 -5.88
N LYS D 375 -10.75 36.75 -5.87
CA LYS D 375 -11.40 37.80 -6.65
C LYS D 375 -11.40 37.39 -8.12
N ARG D 376 -10.33 36.76 -8.57
CA ARG D 376 -10.26 36.33 -9.96
C ARG D 376 -11.38 35.35 -10.31
N GLN D 377 -11.66 34.38 -9.45
CA GLN D 377 -12.73 33.46 -9.76
C GLN D 377 -14.09 34.12 -9.58
N THR D 378 -14.23 35.07 -8.65
CA THR D 378 -15.55 35.68 -8.54
C THR D 378 -15.88 36.52 -9.78
N VAL D 379 -14.84 37.11 -10.38
CA VAL D 379 -15.00 37.80 -11.66
C VAL D 379 -15.31 36.82 -12.79
N THR D 380 -14.53 35.76 -12.90
CA THR D 380 -14.76 34.84 -13.99
C THR D 380 -16.19 34.30 -13.93
N SER D 381 -16.67 34.01 -12.72
CA SER D 381 -18.06 33.60 -12.59
C SER D 381 -18.97 34.72 -13.07
N SER D 382 -18.58 35.97 -12.82
CA SER D 382 -19.42 37.09 -13.27
C SER D 382 -19.57 37.15 -14.78
N VAL D 383 -18.53 36.82 -15.55
CA VAL D 383 -18.82 36.88 -16.98
C VAL D 383 -19.38 35.55 -17.47
N LEU D 384 -19.25 34.47 -16.68
CA LEU D 384 -19.70 33.17 -17.17
C LEU D 384 -21.17 32.96 -16.95
N LEU D 385 -21.73 33.51 -15.89
CA LEU D 385 -23.17 33.27 -15.72
C LEU D 385 -24.00 33.93 -16.79
N PRO D 386 -23.86 35.24 -17.03
CA PRO D 386 -24.68 35.83 -18.10
C PRO D 386 -24.39 35.19 -19.43
N PHE D 387 -23.12 34.83 -19.70
CA PHE D 387 -22.81 34.13 -20.93
C PHE D 387 -23.66 32.90 -21.06
N ALA D 388 -23.84 32.18 -19.95
CA ALA D 388 -24.68 30.99 -19.96
C ALA D 388 -26.10 31.36 -20.35
N MET D 389 -26.58 32.53 -19.90
CA MET D 389 -27.86 33.04 -20.40
C MET D 389 -27.79 33.29 -21.91
N PHE D 390 -26.93 34.24 -22.31
CA PHE D 390 -26.66 34.60 -23.70
C PHE D 390 -26.58 33.37 -24.60
N GLN D 391 -25.64 32.48 -24.36
CA GLN D 391 -25.45 31.52 -25.44
C GLN D 391 -26.47 30.43 -25.42
N ASP D 392 -27.36 30.42 -24.45
CA ASP D 392 -28.05 29.16 -24.25
C ASP D 392 -29.28 29.33 -23.40
N GLY D 393 -29.14 30.13 -22.34
CA GLY D 393 -30.20 30.43 -21.41
C GLY D 393 -30.20 29.60 -20.16
N THR D 394 -29.03 29.20 -19.68
CA THR D 394 -28.98 28.23 -18.60
C THR D 394 -28.39 28.86 -17.34
N LYS D 395 -28.86 28.39 -16.18
CA LYS D 395 -28.37 28.99 -14.97
C LYS D 395 -27.09 28.22 -14.63
N LEU D 396 -25.96 28.85 -14.90
CA LEU D 396 -24.69 28.31 -14.49
C LEU D 396 -24.54 28.55 -13.00
N THR D 397 -23.93 27.62 -12.29
CA THR D 397 -23.71 27.91 -10.89
C THR D 397 -22.32 28.48 -10.67
N LYS D 398 -22.08 28.96 -9.47
CA LYS D 398 -20.79 29.60 -9.25
C LYS D 398 -19.70 28.58 -8.94
N ARG D 399 -20.02 27.26 -9.11
CA ARG D 399 -19.09 26.19 -8.76
C ARG D 399 -18.30 25.66 -9.95
N LEU D 400 -17.02 25.44 -9.66
CA LEU D 400 -15.95 25.31 -10.63
C LEU D 400 -16.19 24.18 -11.60
N ASN D 401 -16.44 22.98 -11.09
CA ASN D 401 -16.68 21.83 -11.96
C ASN D 401 -17.85 22.11 -12.87
N ASP D 402 -18.86 22.79 -12.36
CA ASP D 402 -20.01 23.05 -13.20
C ASP D 402 -19.65 23.98 -14.36
N GLN D 403 -18.88 25.03 -14.09
CA GLN D 403 -18.49 25.94 -15.14
C GLN D 403 -17.59 25.26 -16.15
N ARG D 404 -16.62 24.51 -15.67
CA ARG D 404 -15.74 23.77 -16.56
C ARG D 404 -16.55 22.89 -17.49
N ARG D 405 -17.57 22.21 -16.93
CA ARG D 405 -18.38 21.32 -17.74
C ARG D 405 -19.14 22.10 -18.79
N TYR D 406 -19.77 23.21 -18.39
CA TYR D 406 -20.60 23.96 -19.34
C TYR D 406 -19.78 24.53 -20.49
N LEU D 407 -18.64 25.14 -20.19
CA LEU D 407 -17.82 25.65 -21.28
C LEU D 407 -17.45 24.52 -22.24
N ARG D 408 -17.04 23.34 -21.72
CA ARG D 408 -16.71 22.29 -22.69
C ARG D 408 -17.94 21.85 -23.45
N THR D 409 -19.08 21.75 -22.77
CA THR D 409 -20.30 21.29 -23.42
C THR D 409 -20.70 22.21 -24.57
N VAL D 410 -20.83 23.49 -24.27
CA VAL D 410 -21.24 24.50 -25.23
C VAL D 410 -20.24 24.61 -26.36
N PHE D 411 -18.95 24.64 -26.06
CA PHE D 411 -17.93 24.73 -27.10
C PHE D 411 -17.91 23.47 -28.01
N ASP D 412 -18.21 22.30 -27.45
CA ASP D 412 -18.24 21.07 -28.24
C ASP D 412 -19.66 20.69 -28.65
N LYS D 413 -20.53 21.62 -29.01
CA LYS D 413 -21.83 21.17 -29.52
C LYS D 413 -21.62 21.08 -31.01
N ASP D 414 -21.43 22.22 -31.65
CA ASP D 414 -21.22 22.32 -33.09
C ASP D 414 -19.78 21.97 -33.45
N PRO D 415 -19.50 20.73 -33.76
CA PRO D 415 -18.13 20.25 -33.61
C PRO D 415 -17.21 20.73 -34.70
N ASP D 416 -17.60 21.78 -35.40
CA ASP D 416 -16.75 22.23 -36.48
C ASP D 416 -15.74 23.22 -35.94
N ILE D 417 -16.06 24.47 -36.19
CA ILE D 417 -15.27 25.67 -35.97
C ILE D 417 -16.23 26.66 -36.57
N VAL D 418 -15.94 27.96 -36.50
CA VAL D 418 -16.84 28.99 -37.03
C VAL D 418 -18.12 28.98 -36.22
N ALA D 419 -18.62 27.78 -35.94
CA ALA D 419 -19.60 27.61 -34.89
C ALA D 419 -18.94 27.78 -33.53
N ARG D 420 -17.81 27.10 -33.35
CA ARG D 420 -17.11 27.22 -32.09
C ARG D 420 -16.62 28.64 -31.88
N ARG D 421 -15.98 29.22 -32.89
CA ARG D 421 -15.37 30.51 -32.59
C ARG D 421 -16.45 31.60 -32.47
N LYS D 422 -17.64 31.32 -32.93
CA LYS D 422 -18.76 32.16 -32.56
C LYS D 422 -19.05 32.01 -31.08
N VAL D 423 -18.99 30.77 -30.57
CA VAL D 423 -19.18 30.54 -29.12
C VAL D 423 -18.24 31.39 -28.30
N LEU D 424 -16.95 31.38 -28.66
CA LEU D 424 -15.99 32.21 -27.93
C LEU D 424 -16.30 33.70 -28.10
N ALA D 425 -16.69 34.09 -29.31
CA ALA D 425 -17.12 35.46 -29.54
C ALA D 425 -18.20 35.89 -28.55
N GLY D 426 -19.09 34.97 -28.18
CA GLY D 426 -20.09 35.24 -27.17
C GLY D 426 -19.42 35.83 -25.95
N LEU D 427 -18.44 35.11 -25.42
CA LEU D 427 -17.76 35.58 -24.22
C LEU D 427 -17.13 36.92 -24.44
N ALA D 428 -16.45 37.07 -25.57
CA ALA D 428 -15.80 38.36 -25.80
C ALA D 428 -16.81 39.48 -25.62
N GLN D 429 -18.01 39.29 -26.16
CA GLN D 429 -19.03 40.34 -26.13
C GLN D 429 -19.49 40.58 -24.70
N VAL D 430 -19.65 39.53 -23.92
CA VAL D 430 -19.99 39.77 -22.52
C VAL D 430 -18.94 40.67 -21.90
N ALA D 431 -17.68 40.37 -22.14
CA ALA D 431 -16.61 41.18 -21.55
C ALA D 431 -16.78 42.63 -21.93
N ARG D 432 -17.00 42.88 -23.22
CA ARG D 432 -16.99 44.25 -23.68
C ARG D 432 -18.18 45.00 -23.12
N PHE D 433 -19.32 44.34 -23.04
CA PHE D 433 -20.47 44.92 -22.36
C PHE D 433 -20.11 45.36 -20.95
N TYR D 434 -19.33 44.56 -20.27
CA TYR D 434 -18.94 45.04 -18.96
C TYR D 434 -18.05 46.26 -19.08
N GLU D 435 -17.33 46.39 -20.19
CA GLU D 435 -16.36 47.48 -20.29
C GLU D 435 -17.05 48.79 -20.67
N GLY D 436 -18.05 48.72 -21.55
CA GLY D 436 -18.73 49.88 -22.06
C GLY D 436 -19.81 50.38 -21.12
N PRO D 437 -21.06 49.99 -21.41
CA PRO D 437 -22.20 50.53 -20.67
C PRO D 437 -22.22 50.16 -19.22
N TRP D 438 -21.26 49.39 -18.73
CA TRP D 438 -21.30 49.10 -17.32
C TRP D 438 -20.28 49.86 -16.47
N GLY D 439 -19.09 50.19 -16.97
CA GLY D 439 -18.14 50.83 -16.06
C GLY D 439 -18.62 52.19 -15.59
N SER D 440 -18.83 53.08 -16.55
CA SER D 440 -19.52 54.35 -16.33
C SER D 440 -20.61 54.28 -17.39
N PRO D 441 -21.89 54.30 -17.01
CA PRO D 441 -22.93 54.01 -17.99
C PRO D 441 -22.89 54.95 -19.14
N THR D 442 -22.10 56.03 -19.03
CA THR D 442 -22.08 57.14 -19.97
C THR D 442 -21.53 56.74 -21.32
N LYS D 443 -20.84 55.60 -21.43
CA LYS D 443 -20.38 55.19 -22.74
C LYS D 443 -21.59 54.87 -23.63
N VAL D 444 -22.51 54.05 -23.12
CA VAL D 444 -23.70 53.60 -23.85
C VAL D 444 -23.22 53.25 -25.25
N PRO D 445 -23.98 53.40 -26.31
CA PRO D 445 -23.29 53.57 -27.59
C PRO D 445 -23.38 55.02 -28.03
N SER D 446 -23.49 55.27 -29.33
CA SER D 446 -23.61 56.62 -29.88
C SER D 446 -25.06 57.04 -30.07
N CYS D 447 -25.52 57.11 -31.32
CA CYS D 447 -26.88 57.50 -31.69
C CYS D 447 -27.14 58.97 -31.38
N ASP D 448 -28.12 59.58 -32.06
CA ASP D 448 -28.50 60.95 -31.75
C ASP D 448 -29.46 60.88 -30.58
N ASP D 449 -30.75 61.16 -30.77
CA ASP D 449 -31.79 60.83 -29.80
C ASP D 449 -31.40 61.12 -28.35
N ALA D 450 -30.44 62.03 -28.12
CA ALA D 450 -29.65 62.12 -26.88
C ALA D 450 -30.46 62.23 -25.61
N THR D 451 -31.79 62.14 -25.69
CA THR D 451 -32.56 61.75 -24.52
C THR D 451 -32.49 60.24 -24.30
N LEU D 452 -32.56 59.43 -25.39
CA LEU D 452 -32.36 57.99 -25.26
C LEU D 452 -31.03 57.67 -24.64
N ARG D 453 -29.98 58.42 -24.98
CA ARG D 453 -28.67 58.12 -24.44
C ARG D 453 -28.65 58.26 -22.91
N THR D 454 -29.02 59.42 -22.37
CA THR D 454 -29.02 59.48 -20.92
C THR D 454 -30.19 58.74 -20.28
N GLN D 455 -31.25 58.43 -21.03
CA GLN D 455 -32.36 57.67 -20.44
C GLN D 455 -32.03 56.18 -20.30
N ALA D 456 -31.60 55.53 -21.38
CA ALA D 456 -31.08 54.19 -21.27
C ALA D 456 -29.84 54.16 -20.39
N GLY D 457 -29.09 55.27 -20.31
CA GLY D 457 -27.98 55.32 -19.40
C GLY D 457 -28.40 55.24 -17.95
N ILE D 458 -29.51 55.90 -17.58
CA ILE D 458 -30.01 55.72 -16.21
C ILE D 458 -30.60 54.32 -16.03
N ALA D 459 -31.24 53.78 -17.07
CA ALA D 459 -31.69 52.39 -17.01
C ALA D 459 -30.54 51.50 -16.55
N LEU D 460 -29.37 51.66 -17.18
CA LEU D 460 -28.21 50.84 -16.82
C LEU D 460 -27.66 51.18 -15.45
N ALA D 461 -27.35 52.44 -15.19
CA ALA D 461 -26.82 52.79 -13.87
C ALA D 461 -27.71 52.33 -12.72
N ALA D 462 -29.01 52.13 -12.98
CA ALA D 462 -29.88 51.58 -11.95
C ALA D 462 -29.82 50.07 -11.93
N LEU D 463 -29.78 49.42 -13.09
CA LEU D 463 -29.68 47.97 -13.09
C LEU D 463 -28.34 47.49 -12.52
N ARG D 464 -27.26 48.21 -12.69
CA ARG D 464 -26.04 47.83 -12.00
C ARG D 464 -26.24 48.03 -10.48
N GLU D 465 -26.34 49.27 -9.95
CA GLU D 465 -26.55 49.39 -8.50
C GLU D 465 -27.80 48.65 -8.07
N GLY D 466 -27.68 47.81 -7.05
CA GLY D 466 -28.80 46.92 -6.71
C GLY D 466 -28.98 45.86 -7.79
N GLY D 467 -29.10 44.62 -7.39
CA GLY D 467 -28.73 43.50 -8.23
C GLY D 467 -29.05 43.44 -9.71
N HIS D 468 -30.08 42.65 -10.03
CA HIS D 468 -30.65 42.45 -11.36
C HIS D 468 -29.57 42.28 -12.41
N ASP D 469 -28.65 41.39 -12.17
CA ASP D 469 -27.77 40.97 -13.25
C ASP D 469 -28.44 40.03 -14.22
N ILE D 470 -29.62 39.48 -13.91
CA ILE D 470 -30.23 38.47 -14.79
C ILE D 470 -30.30 39.02 -16.19
N VAL D 471 -30.42 40.33 -16.29
CA VAL D 471 -30.57 41.08 -17.53
C VAL D 471 -29.29 41.07 -18.36
N VAL D 472 -28.11 40.94 -17.73
CA VAL D 472 -26.86 41.11 -18.46
C VAL D 472 -26.82 40.22 -19.69
N GLY D 473 -27.53 39.10 -19.66
CA GLY D 473 -27.73 38.27 -20.84
C GLY D 473 -28.28 39.03 -22.02
N LEU D 474 -29.60 39.29 -21.98
CA LEU D 474 -30.30 40.06 -23.01
C LEU D 474 -29.45 41.17 -23.57
N LEU D 475 -29.05 42.09 -22.70
CA LEU D 475 -28.41 43.31 -23.15
C LEU D 475 -27.14 43.05 -23.93
N THR D 476 -26.26 42.14 -23.49
CA THR D 476 -25.06 41.92 -24.32
C THR D 476 -25.46 41.34 -25.67
N ARG D 477 -26.40 40.40 -25.66
CA ARG D 477 -27.07 39.83 -26.81
C ARG D 477 -27.36 40.91 -27.85
N TYR D 478 -27.79 42.10 -27.38
CA TYR D 478 -28.06 43.26 -28.23
C TYR D 478 -26.81 44.08 -28.47
N PHE D 479 -26.08 44.41 -27.41
CA PHE D 479 -24.83 45.16 -27.56
C PHE D 479 -23.95 44.51 -28.61
N ALA D 480 -23.99 43.17 -28.70
CA ALA D 480 -23.24 42.45 -29.72
C ALA D 480 -23.67 42.87 -31.10
N ALA D 481 -24.97 42.80 -31.37
CA ALA D 481 -25.50 43.21 -32.66
C ALA D 481 -25.13 44.64 -32.98
N HIS D 482 -24.91 45.48 -31.97
CA HIS D 482 -24.52 46.86 -32.27
C HIS D 482 -23.09 46.95 -32.77
N ARG D 483 -22.23 46.03 -32.31
CA ARG D 483 -20.85 46.02 -32.76
C ARG D 483 -20.62 45.10 -33.93
N LEU D 484 -21.64 44.34 -34.32
CA LEU D 484 -21.62 43.50 -35.51
C LEU D 484 -22.85 43.90 -36.32
N SER D 485 -22.64 44.82 -37.26
CA SER D 485 -23.75 45.29 -38.08
C SER D 485 -23.15 45.97 -39.30
N SER D 486 -23.78 45.77 -40.46
CA SER D 486 -23.41 46.52 -41.66
C SER D 486 -23.41 48.02 -41.34
N PRO D 487 -22.25 48.75 -41.55
CA PRO D 487 -22.10 50.11 -41.03
C PRO D 487 -23.29 51.03 -41.26
N GLU D 488 -24.22 50.62 -42.14
CA GLU D 488 -25.44 51.40 -42.33
C GLU D 488 -26.43 51.21 -41.17
N THR D 489 -26.62 49.96 -40.74
CA THR D 489 -27.60 49.63 -39.69
C THR D 489 -27.04 49.71 -38.30
N VAL D 490 -25.90 50.38 -38.13
CA VAL D 490 -25.45 50.71 -36.79
C VAL D 490 -26.56 51.42 -36.05
N GLU D 491 -27.15 52.41 -36.70
CA GLU D 491 -28.20 53.20 -36.07
C GLU D 491 -29.40 52.32 -35.72
N SER D 492 -29.73 51.32 -36.56
CA SER D 492 -30.80 50.40 -36.16
C SER D 492 -30.45 49.77 -34.83
N SER D 493 -29.26 49.14 -34.79
CA SER D 493 -28.74 48.45 -33.62
C SER D 493 -28.76 49.39 -32.43
N ALA D 494 -27.95 50.45 -32.47
CA ALA D 494 -27.89 51.43 -31.40
C ALA D 494 -29.27 51.77 -30.85
N ARG D 495 -30.29 51.83 -31.70
CA ARG D 495 -31.58 52.16 -31.10
C ARG D 495 -32.17 50.98 -30.38
N GLN D 496 -32.28 49.82 -31.04
CA GLN D 496 -32.85 48.63 -30.41
C GLN D 496 -32.32 48.43 -29.00
N PHE D 497 -30.98 48.33 -28.93
CA PHE D 497 -30.27 48.16 -27.67
C PHE D 497 -30.70 49.18 -26.64
N LEU D 498 -30.58 50.46 -26.99
CA LEU D 498 -30.97 51.52 -26.06
C LEU D 498 -32.38 51.29 -25.57
N LEU D 499 -33.27 50.93 -26.49
CA LEU D 499 -34.65 50.72 -26.10
C LEU D 499 -34.75 49.53 -25.17
N ALA D 500 -34.05 48.43 -25.54
CA ALA D 500 -33.90 47.27 -24.67
C ALA D 500 -33.47 47.67 -23.26
N ALA D 501 -32.36 48.41 -23.15
CA ALA D 501 -31.91 48.80 -21.82
C ALA D 501 -33.01 49.55 -21.08
N ARG D 502 -33.60 50.56 -21.71
CA ARG D 502 -34.68 51.28 -21.07
C ARG D 502 -35.76 50.30 -20.62
N SER D 503 -36.23 49.46 -21.53
CA SER D 503 -37.34 48.57 -21.19
C SER D 503 -36.97 47.64 -20.03
N CYS D 504 -35.69 47.25 -19.95
CA CYS D 504 -35.27 46.33 -18.89
C CYS D 504 -35.44 46.98 -17.54
N ALA D 505 -35.14 48.27 -17.45
CA ALA D 505 -35.40 48.98 -16.21
C ALA D 505 -36.90 49.03 -15.93
N ALA D 506 -37.71 49.23 -16.96
CA ALA D 506 -39.14 49.32 -16.73
C ALA D 506 -39.64 48.03 -16.12
N PHE D 507 -39.42 46.93 -16.82
CA PHE D 507 -39.83 45.63 -16.29
C PHE D 507 -39.23 45.35 -14.92
N TYR D 508 -38.01 45.83 -14.64
CA TYR D 508 -37.45 45.70 -13.29
C TYR D 508 -38.32 46.48 -12.30
N ALA D 509 -38.45 47.78 -12.51
CA ALA D 509 -39.16 48.65 -11.58
C ALA D 509 -40.57 48.16 -11.34
N LEU D 510 -41.20 47.60 -12.37
CA LEU D 510 -42.54 47.04 -12.20
C LEU D 510 -42.50 45.79 -11.34
N TRP D 511 -41.64 44.82 -11.70
CA TRP D 511 -41.75 43.50 -11.09
C TRP D 511 -41.38 43.53 -9.62
N ARG D 512 -40.26 44.18 -9.27
CA ARG D 512 -39.93 44.37 -7.86
C ARG D 512 -40.68 45.54 -7.23
N GLY D 513 -41.38 46.36 -8.01
CA GLY D 513 -42.22 47.37 -7.39
C GLY D 513 -43.43 46.75 -6.72
N SER D 514 -44.15 45.87 -7.43
CA SER D 514 -45.40 45.32 -6.93
C SER D 514 -45.16 44.15 -5.99
N PHE D 515 -44.43 43.15 -6.48
CA PHE D 515 -44.05 42.03 -5.64
C PHE D 515 -43.00 42.46 -4.61
N GLY D 516 -42.72 41.58 -3.67
CA GLY D 516 -41.69 41.86 -2.69
C GLY D 516 -40.33 41.29 -3.02
N SER D 517 -40.13 40.79 -4.24
CA SER D 517 -38.97 39.94 -4.44
C SER D 517 -38.79 39.61 -5.92
N THR D 518 -37.55 39.22 -6.25
CA THR D 518 -37.12 38.62 -7.52
C THR D 518 -37.66 37.20 -7.66
N ALA D 519 -38.92 37.02 -7.24
CA ALA D 519 -39.54 35.72 -7.13
C ALA D 519 -39.29 34.99 -8.43
N GLY D 520 -39.95 35.46 -9.48
CA GLY D 520 -39.85 34.87 -10.79
C GLY D 520 -38.91 35.55 -11.75
N ILE D 521 -38.62 36.85 -11.58
CA ILE D 521 -38.03 37.66 -12.66
C ILE D 521 -36.98 36.86 -13.38
N ASP D 522 -36.15 36.15 -12.60
CA ASP D 522 -35.10 35.34 -13.21
C ASP D 522 -35.69 34.22 -14.04
N GLY D 523 -36.69 33.52 -13.50
CA GLY D 523 -37.39 32.56 -14.31
C GLY D 523 -38.03 33.20 -15.52
N VAL D 524 -38.48 34.45 -15.39
CA VAL D 524 -39.11 35.13 -16.50
C VAL D 524 -38.10 35.36 -17.62
N TYR D 525 -36.95 35.95 -17.29
CA TYR D 525 -35.92 36.19 -18.29
C TYR D 525 -35.39 34.89 -18.89
N ARG D 526 -35.36 33.80 -18.10
CA ARG D 526 -34.92 32.51 -18.61
C ARG D 526 -35.91 31.95 -19.65
N SER D 527 -37.20 31.97 -19.31
CA SER D 527 -38.22 31.62 -20.29
C SER D 527 -38.11 32.47 -21.54
N LEU D 528 -37.90 33.78 -21.38
CA LEU D 528 -37.70 34.62 -22.56
C LEU D 528 -36.55 34.10 -23.42
N MET D 529 -35.40 33.78 -22.80
CA MET D 529 -34.23 33.36 -23.59
C MET D 529 -34.43 31.99 -24.26
N THR D 530 -35.39 31.16 -23.82
CA THR D 530 -35.60 29.92 -24.57
C THR D 530 -36.79 29.93 -25.55
N HIS D 531 -37.89 30.62 -25.20
CA HIS D 531 -39.16 30.51 -25.93
C HIS D 531 -38.99 30.71 -27.43
N VAL D 532 -39.83 30.01 -28.19
CA VAL D 532 -39.83 30.11 -29.67
C VAL D 532 -40.39 31.46 -30.11
N VAL D 533 -39.71 32.07 -31.08
CA VAL D 533 -40.07 33.41 -31.56
C VAL D 533 -40.24 33.37 -33.06
N GLU D 534 -41.43 33.77 -33.54
CA GLU D 534 -41.73 33.94 -34.96
C GLU D 534 -41.41 32.68 -35.75
N GLU D 535 -42.09 31.61 -35.39
CA GLU D 535 -41.88 30.30 -36.01
C GLU D 535 -40.40 29.92 -35.96
N GLY D 536 -39.75 29.88 -37.12
CA GLY D 536 -38.37 29.51 -37.20
C GLY D 536 -37.39 30.63 -37.49
N MET D 537 -37.83 31.89 -37.43
CA MET D 537 -36.88 32.95 -37.73
C MET D 537 -35.73 33.01 -36.72
N PRO D 538 -35.87 33.58 -35.51
CA PRO D 538 -34.70 33.59 -34.65
C PRO D 538 -34.94 32.72 -33.44
N ARG D 539 -34.13 32.97 -32.44
CA ARG D 539 -34.29 32.43 -31.11
C ARG D 539 -33.66 33.42 -30.16
N PHE D 540 -34.36 33.70 -29.04
CA PHE D 540 -34.15 34.97 -28.32
C PHE D 540 -32.73 35.15 -27.82
N ALA D 541 -32.22 34.21 -27.06
CA ALA D 541 -30.82 34.25 -26.68
C ALA D 541 -30.09 33.44 -27.72
N ARG D 542 -29.32 34.13 -28.60
CA ARG D 542 -28.62 33.52 -29.73
C ARG D 542 -28.24 32.08 -29.41
N PHE D 543 -28.61 31.16 -30.27
CA PHE D 543 -28.52 29.76 -29.92
C PHE D 543 -27.90 29.11 -31.15
N GLU D 544 -26.59 28.92 -31.10
CA GLU D 544 -25.82 28.75 -32.32
C GLU D 544 -26.12 30.03 -33.09
N ARG D 545 -26.98 29.94 -34.11
CA ARG D 545 -27.40 31.10 -34.91
C ARG D 545 -26.25 32.06 -35.20
N ASP D 546 -26.38 33.37 -35.00
CA ASP D 546 -25.34 34.13 -35.69
C ASP D 546 -24.99 35.48 -35.05
N LEU D 547 -25.18 35.65 -33.76
CA LEU D 547 -24.56 36.77 -33.04
C LEU D 547 -25.10 38.14 -33.40
N THR D 548 -24.90 38.53 -34.67
CA THR D 548 -25.49 39.77 -35.18
C THR D 548 -27.00 39.67 -35.21
N GLU D 549 -27.51 38.57 -35.75
CA GLU D 549 -28.94 38.44 -35.91
C GLU D 549 -29.62 38.30 -34.57
N VAL D 550 -30.94 38.50 -34.59
CA VAL D 550 -31.88 38.08 -33.55
C VAL D 550 -31.96 39.12 -32.42
N PRO D 551 -33.17 39.42 -31.90
CA PRO D 551 -34.50 38.87 -32.23
C PRO D 551 -35.27 39.94 -33.00
N PRO D 552 -35.96 40.92 -32.36
CA PRO D 552 -36.06 42.21 -33.03
C PRO D 552 -35.54 43.34 -32.16
N VAL D 553 -36.47 44.10 -31.57
CA VAL D 553 -36.18 45.31 -30.80
C VAL D 553 -37.14 45.35 -29.63
N GLU D 554 -38.26 44.68 -29.84
CA GLU D 554 -39.48 45.09 -29.22
C GLU D 554 -40.34 43.87 -29.00
N ALA D 555 -39.96 42.73 -29.59
CA ALA D 555 -40.61 41.51 -29.10
C ALA D 555 -40.29 41.31 -27.63
N LEU D 556 -39.16 41.87 -27.17
CA LEU D 556 -38.94 42.10 -25.74
C LEU D 556 -40.15 42.74 -25.10
N GLN D 557 -40.50 43.94 -25.59
CA GLN D 557 -41.56 44.72 -24.96
C GLN D 557 -42.86 43.94 -24.97
N SER D 558 -43.19 43.35 -26.13
CA SER D 558 -44.44 42.60 -26.23
C SER D 558 -44.47 41.40 -25.29
N TYR D 559 -43.35 40.67 -25.13
CA TYR D 559 -43.37 39.50 -24.23
C TYR D 559 -43.37 39.92 -22.76
N LEU D 560 -42.51 40.86 -22.39
CA LEU D 560 -42.54 41.39 -21.03
C LEU D 560 -43.92 41.86 -20.68
N LYS D 561 -44.64 42.48 -21.62
CA LYS D 561 -46.02 42.88 -21.39
C LYS D 561 -46.95 41.67 -21.31
N GLU D 562 -46.88 40.76 -22.28
CA GLU D 562 -47.66 39.51 -22.25
C GLU D 562 -47.52 38.77 -20.93
N GLN D 563 -46.39 38.97 -20.25
CA GLN D 563 -46.07 38.43 -18.93
C GLN D 563 -46.57 39.30 -17.79
N LEU D 564 -46.42 40.62 -17.92
CA LEU D 564 -46.96 41.57 -16.99
C LEU D 564 -48.43 41.31 -16.72
N ARG D 565 -49.10 40.61 -17.61
CA ARG D 565 -50.45 40.09 -17.35
C ARG D 565 -50.31 38.86 -16.47
N SER D 566 -50.94 37.75 -16.87
CA SER D 566 -50.80 36.44 -16.24
C SER D 566 -50.64 36.61 -14.73
N GLU D 567 -49.45 36.36 -14.24
CA GLU D 567 -49.10 36.62 -12.84
C GLU D 567 -48.41 37.97 -12.67
N GLY D 568 -49.10 39.04 -13.10
CA GLY D 568 -48.45 40.33 -13.04
C GLY D 568 -49.15 41.58 -12.56
N ILE D 569 -50.34 41.88 -13.06
CA ILE D 569 -50.99 43.15 -12.74
C ILE D 569 -50.13 44.30 -13.29
N TYR D 570 -50.67 44.99 -14.28
CA TYR D 570 -50.00 45.97 -15.15
C TYR D 570 -50.83 47.21 -15.47
N ASP D 571 -52.13 47.16 -15.22
CA ASP D 571 -52.98 48.34 -15.28
C ASP D 571 -52.54 49.31 -14.21
N LYS D 572 -52.32 50.56 -14.59
CA LYS D 572 -51.88 51.59 -13.65
C LYS D 572 -52.62 51.46 -12.31
N GLN D 573 -53.93 51.22 -12.37
CA GLN D 573 -54.73 51.04 -11.16
C GLN D 573 -54.23 49.84 -10.34
N GLN D 574 -54.27 48.65 -10.93
CA GLN D 574 -53.90 47.42 -10.21
C GLN D 574 -52.49 47.49 -9.65
N TRP D 575 -51.57 48.02 -10.45
CA TRP D 575 -50.17 48.05 -10.06
C TRP D 575 -49.95 49.04 -8.93
N VAL D 576 -50.56 50.23 -9.02
CA VAL D 576 -50.46 51.17 -7.92
C VAL D 576 -51.15 50.59 -6.69
N ALA D 577 -52.17 49.74 -6.87
CA ALA D 577 -52.81 49.06 -5.76
C ALA D 577 -51.80 48.18 -5.02
N ARG D 578 -51.12 47.29 -5.74
CA ARG D 578 -50.11 46.46 -5.10
C ARG D 578 -48.93 47.27 -4.56
N ALA D 579 -48.49 48.29 -5.30
CA ALA D 579 -47.24 48.99 -5.03
C ALA D 579 -47.37 50.01 -3.91
N ALA D 580 -48.57 50.53 -3.67
CA ALA D 580 -48.78 51.37 -2.51
C ALA D 580 -48.48 50.59 -1.24
N MET D 581 -48.52 49.26 -1.32
CA MET D 581 -48.40 48.36 -0.17
C MET D 581 -47.11 47.53 -0.18
N THR D 582 -45.99 48.04 -0.68
CA THR D 582 -44.72 47.29 -0.62
C THR D 582 -43.64 48.19 -0.05
N PRO D 583 -42.93 47.78 0.99
CA PRO D 583 -41.82 48.58 1.50
C PRO D 583 -40.61 48.54 0.59
N VAL D 584 -40.47 49.54 -0.29
CA VAL D 584 -39.42 49.51 -1.29
C VAL D 584 -38.06 49.82 -0.67
N TYR D 585 -38.02 50.62 0.40
CA TYR D 585 -36.73 50.93 0.99
C TYR D 585 -36.10 49.66 1.56
N GLN D 586 -36.95 48.70 1.97
CA GLN D 586 -36.46 47.46 2.59
C GLN D 586 -35.64 46.66 1.60
N HIS D 587 -36.10 46.56 0.37
CA HIS D 587 -35.48 45.67 -0.60
C HIS D 587 -34.19 46.32 -1.06
N SER D 588 -34.22 46.93 -2.23
CA SER D 588 -33.08 47.66 -2.79
C SER D 588 -33.33 49.17 -2.73
N LYS D 589 -32.34 49.93 -2.22
CA LYS D 589 -32.44 51.38 -2.27
C LYS D 589 -32.46 51.90 -3.70
N PRO D 590 -31.68 51.40 -4.65
CA PRO D 590 -31.85 51.80 -6.04
C PRO D 590 -33.22 51.56 -6.65
N LEU D 591 -34.00 50.59 -6.20
CA LEU D 591 -35.37 50.56 -6.67
C LEU D 591 -36.11 51.82 -6.19
N THR D 592 -35.90 52.22 -4.93
CA THR D 592 -36.57 53.42 -4.46
C THR D 592 -36.09 54.65 -5.22
N ARG D 593 -34.79 54.71 -5.56
CA ARG D 593 -34.30 55.83 -6.35
C ARG D 593 -34.91 55.84 -7.74
N LEU D 594 -34.94 54.70 -8.42
CA LEU D 594 -35.58 54.64 -9.74
C LEU D 594 -37.02 55.08 -9.64
N LEU D 595 -37.72 54.66 -8.59
CA LEU D 595 -39.14 54.97 -8.46
C LEU D 595 -39.39 56.42 -8.10
N LEU D 596 -38.58 57.02 -7.22
CA LEU D 596 -38.75 58.42 -6.89
C LEU D 596 -38.35 59.31 -8.06
N LEU D 597 -37.17 59.06 -8.63
CA LEU D 597 -36.73 59.83 -9.80
C LEU D 597 -37.65 59.59 -10.98
N ALA D 598 -38.38 58.48 -11.00
CA ALA D 598 -39.40 58.26 -12.00
C ALA D 598 -40.73 58.88 -11.64
N ALA D 599 -41.00 59.10 -10.37
CA ALA D 599 -42.23 59.78 -9.98
C ALA D 599 -42.09 61.28 -9.93
N SER D 600 -40.87 61.81 -9.84
CA SER D 600 -40.65 63.25 -9.85
C SER D 600 -40.00 63.74 -11.15
N GLN D 601 -40.26 63.07 -12.27
CA GLN D 601 -39.77 63.54 -13.57
C GLN D 601 -40.45 64.86 -13.93
N ASN D 602 -39.64 65.92 -14.06
CA ASN D 602 -40.09 67.31 -14.20
C ASN D 602 -41.38 67.57 -13.41
N SER D 603 -41.34 67.39 -12.09
CA SER D 603 -42.51 67.48 -11.23
C SER D 603 -42.60 68.83 -10.54
N THR D 604 -43.76 69.10 -9.94
CA THR D 604 -44.10 70.37 -9.33
C THR D 604 -44.90 70.17 -8.05
N PRO D 605 -44.70 71.01 -7.05
CA PRO D 605 -45.50 70.90 -5.81
C PRO D 605 -46.98 71.12 -6.08
N ASP D 606 -47.82 70.30 -5.45
CA ASP D 606 -49.26 70.41 -5.64
C ASP D 606 -49.93 71.26 -4.56
N SER D 607 -50.84 72.13 -4.98
CA SER D 607 -51.59 72.99 -4.06
C SER D 607 -52.94 72.40 -3.67
N ALA D 608 -53.57 71.62 -4.56
CA ALA D 608 -54.94 71.16 -4.30
C ALA D 608 -55.04 70.40 -2.99
N THR D 609 -54.10 69.52 -2.72
CA THR D 609 -53.98 68.85 -1.44
C THR D 609 -52.54 69.14 -0.99
N PRO D 610 -52.34 69.73 0.18
CA PRO D 610 -51.03 70.32 0.49
C PRO D 610 -49.95 69.29 0.77
N GLY D 611 -49.01 69.08 -0.16
CA GLY D 611 -47.91 68.16 0.07
C GLY D 611 -47.75 67.04 -0.96
N LEU D 612 -48.73 66.77 -1.82
CA LEU D 612 -48.53 65.81 -2.89
C LEU D 612 -47.74 66.50 -3.99
N VAL D 613 -47.63 65.90 -5.17
CA VAL D 613 -46.86 66.50 -6.26
C VAL D 613 -47.54 66.11 -7.58
N VAL D 614 -47.44 66.99 -8.60
CA VAL D 614 -48.08 66.80 -9.89
C VAL D 614 -47.16 67.23 -11.03
N ARG D 615 -47.44 66.71 -12.23
CA ARG D 615 -46.57 66.90 -13.40
C ARG D 615 -47.26 67.78 -14.43
N GLY D 616 -46.54 68.03 -15.52
CA GLY D 616 -47.08 68.65 -16.72
C GLY D 616 -46.17 69.66 -17.39
N LYS D 617 -44.94 69.81 -16.89
CA LYS D 617 -43.97 70.77 -17.40
C LYS D 617 -42.95 70.12 -18.32
N SER D 618 -43.39 69.24 -19.21
CA SER D 618 -42.58 68.51 -20.20
C SER D 618 -41.07 68.67 -20.03
N GLY D 619 -40.55 69.90 -20.01
CA GLY D 619 -39.11 70.01 -19.80
C GLY D 619 -38.61 70.98 -18.75
N LEU D 620 -39.19 70.95 -17.54
CA LEU D 620 -38.70 71.77 -16.45
C LEU D 620 -37.28 71.38 -16.07
N LEU D 621 -37.15 70.32 -15.26
CA LEU D 621 -35.86 69.73 -14.89
C LEU D 621 -36.10 68.22 -14.79
N GLU D 622 -35.72 67.48 -15.85
CA GLU D 622 -36.04 66.06 -16.01
C GLU D 622 -34.98 65.14 -15.42
N THR D 623 -35.45 64.17 -14.62
CA THR D 623 -34.62 63.39 -13.72
C THR D 623 -34.09 62.06 -14.27
N LEU D 624 -34.79 61.41 -15.22
CA LEU D 624 -34.33 60.16 -15.82
C LEU D 624 -33.17 60.37 -16.79
N GLU D 625 -32.08 60.94 -16.30
CA GLU D 625 -30.88 61.20 -17.09
C GLU D 625 -29.72 60.78 -16.22
N LEU D 626 -28.86 59.94 -16.78
CA LEU D 626 -27.73 59.35 -16.06
C LEU D 626 -26.94 60.40 -15.29
N GLU D 627 -26.94 61.63 -15.80
CA GLU D 627 -26.30 62.73 -15.10
C GLU D 627 -27.00 63.03 -13.78
N ARG D 628 -28.23 62.56 -13.61
CA ARG D 628 -29.00 62.86 -12.42
C ARG D 628 -29.18 61.70 -11.47
N TRP D 629 -28.70 60.50 -11.81
CA TRP D 629 -28.63 59.44 -10.82
C TRP D 629 -27.54 59.72 -9.79
N ASN D 630 -26.29 59.61 -10.23
CA ASN D 630 -25.18 59.98 -9.36
C ASN D 630 -25.20 61.46 -9.01
N ASP D 631 -26.12 62.25 -9.60
CA ASP D 631 -26.28 63.67 -9.30
C ASP D 631 -26.31 63.89 -7.79
N GLU D 632 -25.13 64.07 -7.21
CA GLU D 632 -24.95 64.26 -5.78
C GLU D 632 -25.49 65.62 -5.35
N ALA D 633 -26.40 66.14 -6.17
CA ALA D 633 -27.42 67.09 -5.76
C ALA D 633 -28.37 66.40 -4.79
N PHE D 634 -29.49 65.90 -5.30
CA PHE D 634 -30.53 65.26 -4.49
C PHE D 634 -30.37 63.74 -4.64
N ALA D 635 -29.61 63.14 -3.73
CA ALA D 635 -29.32 61.73 -3.73
C ALA D 635 -29.08 61.28 -2.28
N THR D 636 -30.13 61.40 -1.49
CA THR D 636 -30.22 60.79 -0.17
C THR D 636 -31.68 60.41 -0.05
N ILE D 637 -31.97 59.14 0.19
CA ILE D 637 -33.36 58.74 0.35
C ILE D 637 -33.66 59.09 1.80
N GLU D 638 -34.47 60.10 2.01
CA GLU D 638 -34.85 60.50 3.36
C GLU D 638 -36.24 59.97 3.66
N HIS D 639 -36.36 59.29 4.78
CA HIS D 639 -37.68 59.05 5.35
C HIS D 639 -38.22 60.35 5.94
N VAL D 640 -39.49 60.63 5.68
CA VAL D 640 -40.16 61.68 6.43
C VAL D 640 -40.18 61.19 7.87
N ALA D 641 -40.99 60.17 8.16
CA ALA D 641 -41.00 59.56 9.49
C ALA D 641 -39.76 58.69 9.67
N PRO D 642 -39.00 58.87 10.75
CA PRO D 642 -37.73 58.16 10.87
C PRO D 642 -37.99 56.70 11.17
N GLN D 643 -37.05 55.84 10.76
CA GLN D 643 -37.18 54.44 11.13
C GLN D 643 -37.04 54.26 12.63
N ALA D 644 -36.19 55.06 13.28
CA ALA D 644 -35.93 54.96 14.70
C ALA D 644 -36.66 56.04 15.50
N PRO D 645 -37.75 55.72 16.20
CA PRO D 645 -38.14 56.54 17.35
C PRO D 645 -38.49 55.69 18.56
N SER D 646 -37.48 55.29 19.35
CA SER D 646 -37.65 54.20 20.31
C SER D 646 -38.57 54.55 21.47
N SER D 647 -38.44 55.77 22.03
CA SER D 647 -39.40 56.28 23.01
C SER D 647 -40.31 57.34 22.43
N ASN D 648 -40.31 57.50 21.11
CA ASN D 648 -41.08 58.48 20.36
C ASN D 648 -40.65 59.90 20.73
N GLY D 649 -39.77 60.48 19.92
CA GLY D 649 -39.42 61.88 20.06
C GLY D 649 -40.67 62.76 20.03
N SER D 650 -41.73 62.22 19.43
CA SER D 650 -43.09 62.72 19.50
C SER D 650 -43.95 61.83 18.60
N TRP D 651 -44.12 62.27 17.34
CA TRP D 651 -44.62 61.48 16.21
C TRP D 651 -45.98 60.85 16.46
N ASN D 652 -46.43 60.02 15.52
CA ASN D 652 -47.74 59.39 15.57
C ASN D 652 -47.54 57.90 15.37
N ALA D 653 -47.91 57.09 16.37
CA ALA D 653 -47.75 55.64 16.22
C ALA D 653 -48.72 55.02 15.21
N ASP D 654 -49.63 55.80 14.60
CA ASP D 654 -50.44 55.29 13.49
C ASP D 654 -49.57 54.71 12.38
N LEU D 655 -48.39 55.27 12.18
CA LEU D 655 -47.51 54.82 11.12
C LEU D 655 -46.76 53.57 11.49
N TYR D 656 -46.94 53.07 12.71
CA TYR D 656 -46.12 51.97 13.22
C TYR D 656 -46.92 50.72 13.60
N GLU D 657 -48.24 50.70 13.36
CA GLU D 657 -49.01 49.46 13.51
C GLU D 657 -48.49 48.37 12.59
N ASP D 658 -48.17 48.74 11.35
CA ASP D 658 -47.70 47.82 10.33
C ASP D 658 -46.28 48.22 10.02
N PRO D 659 -45.28 47.37 10.28
CA PRO D 659 -43.89 47.81 10.17
C PRO D 659 -43.47 48.15 8.76
N GLU D 660 -44.33 47.87 7.78
CA GLU D 660 -44.12 48.14 6.37
C GLU D 660 -44.50 49.56 5.95
N LEU D 661 -45.23 50.31 6.78
CA LEU D 661 -45.64 51.65 6.40
C LEU D 661 -44.45 52.58 6.22
N ILE D 662 -43.59 52.68 7.24
CA ILE D 662 -42.49 53.63 7.24
C ILE D 662 -41.56 53.48 6.05
N ASN D 663 -41.66 52.38 5.30
CA ASN D 663 -40.71 52.11 4.23
C ASN D 663 -41.36 52.09 2.86
N ARG D 664 -42.55 52.68 2.71
CA ARG D 664 -43.17 52.82 1.39
C ARG D 664 -42.80 54.17 0.79
N ILE D 665 -43.15 54.37 -0.49
CA ILE D 665 -42.81 55.61 -1.17
C ILE D 665 -43.31 56.80 -0.38
N GLY D 666 -44.54 56.69 0.13
CA GLY D 666 -45.21 57.78 0.78
C GLY D 666 -44.47 58.37 1.95
N ASN D 667 -43.35 57.77 2.36
CA ASN D 667 -42.57 58.32 3.45
C ASN D 667 -41.17 58.78 3.02
N LEU D 668 -40.86 58.76 1.73
CA LEU D 668 -39.49 58.96 1.27
C LEU D 668 -39.43 60.12 0.30
N THR D 669 -38.28 60.82 0.30
CA THR D 669 -37.92 61.75 -0.77
C THR D 669 -36.43 61.63 -1.07
N LEU D 670 -35.99 62.43 -2.03
CA LEU D 670 -34.57 62.59 -2.34
C LEU D 670 -34.10 63.96 -1.84
N LEU D 671 -33.24 63.95 -0.83
CA LEU D 671 -32.68 65.12 -0.18
C LEU D 671 -31.24 65.34 -0.56
N PRO D 672 -30.86 66.51 -0.91
CA PRO D 672 -29.44 66.81 -0.96
C PRO D 672 -28.75 66.72 0.40
N ALA D 673 -27.50 67.16 0.42
CA ALA D 673 -26.69 67.26 1.63
C ALA D 673 -26.74 66.06 2.55
N VAL D 674 -27.42 66.21 3.63
CA VAL D 674 -27.29 65.31 4.77
C VAL D 674 -28.24 64.12 4.71
N GLU D 675 -27.78 62.97 5.23
CA GLU D 675 -28.67 61.85 5.62
C GLU D 675 -28.97 61.90 7.12
N ASN D 676 -28.12 61.25 7.92
CA ASN D 676 -28.15 61.23 9.38
C ASN D 676 -26.73 61.35 9.94
N ALA D 677 -25.89 62.16 9.28
CA ALA D 677 -24.46 62.23 9.61
C ALA D 677 -24.01 63.66 9.91
N SER D 678 -24.33 64.61 9.04
CA SER D 678 -23.98 66.03 9.22
C SER D 678 -24.99 66.83 10.04
N ALA D 679 -26.06 67.30 9.40
CA ALA D 679 -27.14 68.02 10.09
C ALA D 679 -28.48 67.49 9.59
N SER D 680 -29.28 66.86 10.47
CA SER D 680 -30.45 66.17 9.97
C SER D 680 -31.47 65.85 11.05
N ASN D 681 -32.73 65.69 10.62
CA ASN D 681 -33.78 64.87 11.28
C ASN D 681 -34.34 65.50 12.55
N ARG D 682 -35.30 64.77 13.16
CA ARG D 682 -35.65 64.72 14.59
C ARG D 682 -37.04 64.06 14.78
N ALA D 683 -38.04 64.89 15.12
CA ALA D 683 -39.46 64.57 15.19
C ALA D 683 -40.21 65.43 14.18
N TRP D 684 -41.48 65.09 13.88
CA TRP D 684 -42.20 65.71 12.75
C TRP D 684 -42.48 67.18 13.01
N HIS D 685 -41.47 68.01 12.74
CA HIS D 685 -41.52 69.44 12.97
C HIS D 685 -40.13 70.00 12.66
N LEU D 686 -39.13 69.54 13.39
CA LEU D 686 -37.75 69.74 12.97
C LEU D 686 -37.49 69.13 11.59
N LYS D 687 -38.19 68.04 11.26
CA LYS D 687 -38.15 67.56 9.88
C LYS D 687 -38.85 68.54 8.94
N ARG D 688 -39.99 69.11 9.38
CA ARG D 688 -40.63 70.18 8.61
C ARG D 688 -39.66 71.34 8.35
N LEU D 689 -38.95 71.77 9.41
CA LEU D 689 -38.00 72.88 9.27
C LEU D 689 -36.86 72.52 8.32
N MET D 690 -36.36 71.28 8.40
CA MET D 690 -35.33 70.86 7.45
C MET D 690 -35.84 70.91 6.01
N PHE D 691 -37.09 70.49 5.79
CA PHE D 691 -37.64 70.54 4.44
C PHE D 691 -38.01 71.93 3.97
N ARG D 692 -38.41 72.81 4.88
CA ARG D 692 -38.70 74.20 4.51
C ARG D 692 -37.43 75.00 4.21
N ALA D 693 -36.33 74.72 4.93
CA ALA D 693 -35.08 75.44 4.67
C ALA D 693 -34.66 75.29 3.22
N LEU D 694 -34.42 74.06 2.78
CA LEU D 694 -34.02 73.75 1.42
C LEU D 694 -35.26 73.52 0.55
N SER D 695 -35.82 74.60 0.02
CA SER D 695 -36.89 74.57 -0.98
C SER D 695 -37.06 75.98 -1.55
N ALA D 696 -36.22 76.90 -1.12
CA ALA D 696 -36.40 78.32 -1.38
C ALA D 696 -35.99 78.77 -2.78
N ALA D 697 -36.84 79.58 -3.40
CA ALA D 697 -36.57 80.22 -4.68
C ALA D 697 -35.97 81.62 -4.51
N THR D 698 -35.65 82.01 -3.28
CA THR D 698 -34.89 83.23 -2.97
C THR D 698 -34.11 82.94 -1.70
N VAL D 699 -32.94 83.58 -1.57
CA VAL D 699 -32.11 83.40 -0.38
C VAL D 699 -32.60 84.25 0.80
N GLU D 700 -33.32 85.34 0.54
CA GLU D 700 -33.94 86.13 1.61
C GLU D 700 -35.14 85.39 2.18
N GLU D 701 -35.24 84.09 1.90
CA GLU D 701 -35.92 83.14 2.77
C GLU D 701 -35.09 81.93 3.14
N ALA D 702 -34.04 81.60 2.37
CA ALA D 702 -33.15 80.50 2.73
C ALA D 702 -32.44 80.79 4.04
N GLU D 703 -31.74 81.94 4.12
CA GLU D 703 -31.09 82.31 5.37
C GLU D 703 -32.10 82.59 6.47
N LYS D 704 -33.28 83.12 6.11
CA LYS D 704 -34.34 83.37 7.09
C LYS D 704 -34.76 82.08 7.77
N THR D 705 -34.98 81.01 6.98
CA THR D 705 -35.46 79.75 7.53
C THR D 705 -34.34 78.88 8.11
N LEU D 706 -33.10 79.03 7.63
CA LEU D 706 -31.96 78.45 8.34
C LEU D 706 -31.90 79.00 9.77
N ALA D 707 -31.99 80.33 9.91
CA ALA D 707 -31.99 80.93 11.26
C ALA D 707 -33.28 80.61 12.02
N ASP D 708 -34.41 80.51 11.30
CA ASP D 708 -35.67 80.05 11.89
C ASP D 708 -35.47 78.75 12.64
N ALA D 709 -34.91 77.76 11.96
CA ALA D 709 -34.72 76.44 12.52
C ALA D 709 -33.51 76.35 13.43
N GLU D 710 -32.60 77.33 13.40
CA GLU D 710 -31.48 77.34 14.35
C GLU D 710 -31.92 77.62 15.78
N ALA D 711 -33.11 78.20 15.98
CA ALA D 711 -33.64 78.36 17.32
C ALA D 711 -33.88 76.99 17.97
N GLN D 712 -34.66 76.13 17.32
CA GLN D 712 -34.76 74.74 17.74
C GLN D 712 -33.47 73.96 17.47
N GLY D 713 -32.67 74.40 16.49
CA GLY D 713 -31.45 73.72 16.11
C GLY D 713 -31.49 72.92 14.81
N LEU D 714 -31.48 73.62 13.66
CA LEU D 714 -31.22 72.95 12.39
C LEU D 714 -29.73 72.77 12.18
N ARG D 715 -28.93 73.66 12.75
CA ARG D 715 -27.49 73.50 12.78
C ARG D 715 -27.17 72.42 13.81
N LEU D 716 -27.49 71.16 13.47
CA LEU D 716 -27.31 70.00 14.33
C LEU D 716 -26.01 69.26 14.00
N GLY D 717 -25.19 69.03 15.02
CA GLY D 717 -23.93 68.33 14.84
C GLY D 717 -22.74 69.27 14.87
N SER D 718 -22.93 70.47 14.32
CA SER D 718 -21.92 71.52 14.32
C SER D 718 -22.58 72.87 14.05
N GLY D 719 -22.82 73.16 12.78
CA GLY D 719 -23.50 74.38 12.39
C GLY D 719 -24.15 74.23 11.02
N ALA D 720 -24.89 73.13 10.84
CA ALA D 720 -25.55 72.75 9.58
C ALA D 720 -24.53 72.47 8.48
N GLY D 721 -24.66 71.31 7.83
CA GLY D 721 -23.65 70.79 6.91
C GLY D 721 -23.17 71.69 5.79
N GLU D 722 -23.57 71.39 4.56
CA GLU D 722 -23.30 72.30 3.45
C GLU D 722 -24.52 73.20 3.27
N ILE D 723 -24.83 73.90 4.37
CA ILE D 723 -26.14 74.50 4.60
C ILE D 723 -25.92 75.93 5.10
N VAL D 724 -25.78 76.89 4.17
CA VAL D 724 -25.81 78.31 4.49
C VAL D 724 -26.65 79.03 3.44
N ARG D 725 -26.24 78.94 2.18
CA ARG D 725 -26.92 79.60 1.06
C ARG D 725 -27.09 78.62 -0.10
N GLN D 726 -27.90 77.60 0.13
CA GLN D 726 -28.14 76.58 -0.88
C GLN D 726 -29.23 77.07 -1.82
N ALA D 727 -28.94 77.17 -3.11
CA ALA D 727 -29.99 77.35 -4.09
C ALA D 727 -30.86 76.10 -4.17
N ARG D 728 -30.96 75.53 -5.38
CA ARG D 728 -31.52 74.21 -5.65
C ARG D 728 -33.04 74.16 -5.66
N TYR D 729 -33.54 73.41 -6.63
CA TYR D 729 -34.95 73.19 -6.89
C TYR D 729 -35.24 71.69 -6.74
N LEU D 730 -36.14 71.35 -5.80
CA LEU D 730 -36.48 69.97 -5.44
C LEU D 730 -37.99 69.78 -5.42
N PRO D 731 -38.59 69.35 -6.52
CA PRO D 731 -40.06 69.30 -6.60
C PRO D 731 -40.76 68.60 -5.43
N LEU D 732 -40.14 67.57 -4.84
CA LEU D 732 -40.77 66.82 -3.77
C LEU D 732 -40.76 67.59 -2.44
N VAL D 733 -39.68 68.33 -2.16
CA VAL D 733 -39.48 68.93 -0.84
C VAL D 733 -40.27 70.24 -0.68
N ALA D 734 -40.51 70.99 -1.76
CA ALA D 734 -41.38 72.15 -1.67
C ALA D 734 -42.77 71.72 -1.20
N ALA D 735 -43.48 70.90 -1.98
CA ALA D 735 -44.73 70.33 -1.48
C ALA D 735 -44.47 69.23 -0.45
N LEU D 736 -43.79 69.61 0.62
CA LEU D 736 -43.48 68.77 1.77
C LEU D 736 -43.21 69.77 2.87
N ALA D 737 -42.70 70.93 2.44
CA ALA D 737 -42.80 72.13 3.24
C ALA D 737 -44.21 72.68 3.22
N GLN D 738 -45.07 72.18 2.33
CA GLN D 738 -46.42 72.71 2.14
C GLN D 738 -47.53 71.94 2.84
N ARG D 739 -47.25 70.83 3.53
CA ARG D 739 -48.27 70.16 4.31
C ARG D 739 -48.13 70.57 5.76
N GLU D 740 -49.18 71.15 6.33
CA GLU D 740 -49.22 71.22 7.77
C GLU D 740 -50.01 70.03 8.29
N GLU D 741 -51.16 70.28 8.92
CA GLU D 741 -51.97 69.20 9.49
C GLU D 741 -51.09 68.36 10.39
N GLU D 742 -50.77 67.14 9.95
CA GLU D 742 -49.83 66.28 10.68
C GLU D 742 -49.47 65.14 9.72
N TRP D 743 -48.48 64.33 10.13
CA TRP D 743 -48.05 63.20 9.30
C TRP D 743 -48.86 61.98 9.71
N THR D 744 -50.05 61.88 9.12
CA THR D 744 -50.98 60.81 9.39
C THR D 744 -50.66 59.58 8.55
N ALA D 745 -51.21 58.45 8.95
CA ALA D 745 -51.02 57.21 8.21
C ALA D 745 -51.80 57.22 6.89
N GLU D 746 -53.04 57.70 6.90
CA GLU D 746 -53.82 57.77 5.67
C GLU D 746 -53.18 58.68 4.63
N PHE D 747 -52.58 59.79 5.06
CA PHE D 747 -52.00 60.68 4.06
C PHE D 747 -50.77 60.05 3.41
N VAL D 748 -49.99 59.28 4.17
CA VAL D 748 -48.87 58.54 3.58
C VAL D 748 -49.37 57.47 2.61
N GLU D 749 -50.47 56.80 2.93
CA GLU D 749 -51.06 55.89 1.94
C GLU D 749 -51.43 56.63 0.65
N ALA D 750 -52.11 57.77 0.80
CA ALA D 750 -52.48 58.55 -0.37
C ALA D 750 -51.26 59.05 -1.13
N ARG D 751 -50.19 59.41 -0.42
CA ARG D 751 -49.00 59.97 -1.04
C ARG D 751 -48.21 58.90 -1.79
N SER D 752 -48.03 57.74 -1.17
CA SER D 752 -47.40 56.63 -1.86
C SER D 752 -48.23 56.20 -3.07
N GLN D 753 -49.56 56.24 -2.95
CA GLN D 753 -50.40 55.92 -4.10
C GLN D 753 -50.17 56.90 -5.25
N ARG D 754 -50.12 58.20 -4.92
CA ARG D 754 -49.89 59.22 -5.95
C ARG D 754 -48.52 59.03 -6.59
N LEU D 755 -47.49 58.79 -5.79
CA LEU D 755 -46.16 58.59 -6.33
C LEU D 755 -46.11 57.36 -7.21
N CYS D 756 -46.80 56.29 -6.84
CA CYS D 756 -46.81 55.08 -7.66
C CYS D 756 -47.45 55.35 -9.01
N SER D 757 -48.62 56.00 -9.03
CA SER D 757 -49.21 56.37 -10.32
C SER D 757 -48.28 57.25 -11.15
N LEU D 758 -47.64 58.26 -10.54
CA LEU D 758 -46.77 59.15 -11.30
C LEU D 758 -45.57 58.43 -11.90
N ALA D 759 -44.86 57.64 -11.10
CA ALA D 759 -43.73 56.90 -11.65
C ALA D 759 -44.20 55.93 -12.72
N TRP D 760 -45.34 55.26 -12.50
CA TRP D 760 -45.89 54.35 -13.50
C TRP D 760 -46.08 55.05 -14.82
N ASP D 761 -46.63 56.27 -14.78
CA ASP D 761 -46.77 57.08 -15.99
C ASP D 761 -45.43 57.32 -16.65
N ALA D 762 -44.42 57.69 -15.86
CA ALA D 762 -43.15 58.04 -16.47
C ALA D 762 -42.46 56.83 -17.09
N LEU D 763 -42.74 55.63 -16.57
CA LEU D 763 -41.99 54.44 -16.94
C LEU D 763 -42.66 53.53 -17.96
N THR D 764 -43.97 53.26 -17.84
CA THR D 764 -44.57 52.30 -18.75
C THR D 764 -44.38 52.64 -20.22
N PRO D 765 -44.25 53.91 -20.63
CA PRO D 765 -43.80 54.19 -22.00
C PRO D 765 -42.43 53.66 -22.33
N TRP D 766 -41.68 53.12 -21.38
CA TRP D 766 -40.39 52.58 -21.79
C TRP D 766 -40.55 51.21 -22.40
N LEU D 767 -41.59 50.48 -22.00
CA LEU D 767 -42.03 49.23 -22.60
C LEU D 767 -42.92 49.42 -23.82
N GLY D 768 -43.05 50.65 -24.31
CA GLY D 768 -43.92 50.92 -25.44
C GLY D 768 -45.33 50.52 -25.08
N PHE D 769 -45.84 51.13 -24.02
CA PHE D 769 -47.00 50.59 -23.34
C PHE D 769 -48.27 50.89 -24.11
N GLU D 770 -49.10 49.87 -24.25
CA GLU D 770 -50.53 49.88 -24.55
C GLU D 770 -51.12 48.60 -23.98
N PRO D 771 -50.38 47.46 -23.98
CA PRO D 771 -50.62 46.36 -23.01
C PRO D 771 -50.38 46.72 -21.55
#